data_8HKU
#
_entry.id   8HKU
#
_cell.length_a   1.00
_cell.length_b   1.00
_cell.length_c   1.00
_cell.angle_alpha   90.00
_cell.angle_beta   90.00
_cell.angle_gamma   90.00
#
_symmetry.space_group_name_H-M   'P 1'
#
loop_
_entity.id
_entity.type
_entity.pdbx_description
1 polymer '23s rRNA (2996-MER)'
2 polymer '5s rRNA (122-MER)'
3 polymer '50S ribosomal protein L1'
4 polymer '50S ribosomal protein L2'
5 polymer '50S ribosomal protein L3'
6 polymer '50S ribosomal protein L4'
7 polymer '50S ribosomal protein L5'
8 polymer '50S ribosomal protein L6'
9 polymer '50S ribosomal protein L18Ae'
10 polymer '50S ribosomal protein L10e'
11 polymer '50S ribosomal protein L13'
12 polymer '50S ribosomal protein L14e'
13 polymer '50S ribosomal protein L14'
14 polymer '50S ribosomal protein L15e'
15 polymer '50S ribosomal protein L18e'
16 polymer '50S ribosomal protein L18'
17 polymer '50S ribosomal protein L19e'
18 polymer '50S ribosomal protein L22'
19 polymer '50S ribosomal protein L23'
20 polymer '50S ribosomal protein L24e'
21 polymer '50S ribosomal protein L24'
22 polymer '50S ribosomal protein L29'
23 polymer '50S ribosomal protein L30e'
24 polymer '50S ribosomal protein L30'
25 polymer '50S ribosomal protein L31e'
26 polymer '50S ribosomal protein L32e'
27 polymer '50S ribosomal protein L34e'
28 polymer '50S ribosomal protein L37Ae'
29 polymer '50S ribosomal protein L37e'
30 polymer '50S ribosomal protein L39e'
31 polymer '50S ribosomal protein L40E'
32 polymer '50S ribosomal protein L44e'
33 polymer '50S ribosomal protein L7Ae'
34 polymer '50S ribosomal protein L15'
35 polymer '50S ribosomal protein L21e'
36 polymer 'Peptide chain release factor subunit 1'
37 polymer 'DUF2280 domain-containing protein'
38 polymer 'Conserved protein'
39 polymer '50S ribosomal protein L47A'
40 polymer 'E-site tRNA'
#
loop_
_entity_poly.entity_id
_entity_poly.type
_entity_poly.pdbx_seq_one_letter_code
_entity_poly.pdbx_strand_id
1 'polyribonucleotide'
;GCCGAAGCCUCCCGGUGGAUGGCUCGGCUCGGGCACCGAAGAAGGGCGCGGCAAGCAGCGAAAUGCUCGGGUGAGGCGCA
AGCAGCCGUUGACCCCGAGGUCCCCUAAUGGGAUAUCCUGCCGGGUUUCCGGCGCUCCCGGUUUAUAACUGGGAGUGGGA
ACCCCCCGAACGGAAACAUCUUAGUAGGGGGAGGAAAAGAAAUCAAUUGAGAUCCCCUGAGUAGGGGCGACCGAAAGGGG
GACAGCCCAAACUAAACCUGCCGAUGAUAAGUCGGUGGGGAUGUGGUGUUACGACCUCUAGCCUGAGGUUCGACCUCGGC
UUUCCUAACCUAUCUAGCCGAACUCCCCUGGAACGGGGGGCCAUAGAGGGUGAAAGCCCCGUAGGCUAAAGAUAGGUGGA
AAGUGGCUAGAGGUAGAGUACCAUCCCCUGGUUUGGGGGUGGGAAGUUAGGGGACACGUGCCUCUAAGGCUAAAUAUGUC
CCGAGACCGAUAGCAAACUAAGUACCGUGAGGGAAAGCUGAAAAGAACCCCGGAAGGGGGAGUGCAAAGAGCCUGAAACC
GGGUGGUUAUACAGGGUGUGGCUCGAAAGAAGUGAACCCUUCCGAAGGAAAGGGGCGCAAGCCCUUAGUACGAGGAAGGG
CGAUCGGGGUCACGCCUUUCGUCUUGAAACACGGGCCGGGGAGUUCACAUCAGUGGCGAGCUUAAGGAGAUUAUCUCCGA
AGGCAUAGGGAAACCAAGUGCCCGCAGCCUAGUUUCUAGGCGAGGGGCAGGGUCUGUCAGGGCCUGAAGCCACUGAUGUG
AGGCUAGAAACCGGGCGAUCUAGUCCGGGGCAGGCUGAAGGUGGGGGAAACCCCACUGGAGGGCCGAAUAGGGGUUCUGA
CGUGCAAUUCGUUCCCUUGACCUCGGACUAGGGGCAAAAGACCAAUCUAGCCCGGUGAUAGCUAGUUCCCCCCGAAAUGC
GUCCUAGCGCAGCCUCCCUAAAGGCAGCUCGCGGGGUAGAGUGACAGAUCGGGGGCUCCAGGCGAAAGCCUGGGGCUUCC
GGUCUAACUCCGAACCCACGAGCGCCGAAGAAGGGGGGAGUGGGUCACUCGGCGUAAGGUUGGGUGGCAAAAGGGGAACA
ACCCAGACCUGGGUUAAGGCCCCAAAGUCCCGGCUAAGUGCCAACGAAAAGGCGUCUCCAGCCUUAGACAGCGGGAAGGU
GGGCCCAGCAGCAGCCAUCCUCUAAGGAGUGCGUAACAGCUCACCCGCCGAGGCUGGAGGCCCUAAAGAUUGGUCGGGGC
UCAAGCCGGGCGCCGAGACCCAGGAGGGGGUCUCUACUAGAGAUCCUCUGGUAGGGGGGCGCUGUGAUGGGGUAGAAGGU
GGGUCGUGAGAUCCACUGGACCCGUCACAGGUGCAGAUCCCGGCGGUAGUAACAGCGAAGGGGGGUGAGAAUCCCCCUCG
CCGGAAGGGCAAGGGUUUCCCGGCAACGUUCGUCAGCCGGGAGUUAGCCGGUCCUAAGGUAGGGCCUAAUAGGUACCUAC
CGAAAGGGAAAGGGGUUAACAUUCCCCUGCCUCCCGGGUAGGUGCGGUAACGCAAGCCAGACUCCUGACGGAUUGGGGUA
GGGAGAGUAGGACCACCGUCCUACCCAAGCACUCAAGCCCUUGGAGAGCCGUAACGGUGAGAAGAGGGCGAAGGUGUGAU
GGGCCUUCCGUUAGGAGGGUUCUCCUGAUCCCUAGUCCCCAUGAAAAGGGAGUCUGGAACGAUCCCGGGAGACCGUACCU
AGAACCGACACUGGUGCCCCUGGGUGAGAAGCCCAAGGCGUCUGAGGGGUAACCCAGGCUAGGGAACUCGGCAAAUUAGC
CCCGUAACUUCGGGAGAAGGGGUGCCUAUCGUGGUUUAACAAAGCCACGAUAGGUCGCAGUGACCAGAGGGACCUGACUG
UUUAAUAAAAACAUAGGUCCCCGCUAGCCCGAAAGGGUGUGUACGGGGGCUAAAUCCUGGCCACUGGUGGUUGGUUAAAU
CCGGGUUCAACCGGGCGAAGCCCCACCGAAGGCCGGGGGUAACUCUGACCCUCUUAAGGUAGCCAAAUGCCUUGCCGGGU
AAGUUCCGGCGCGCAUGAAUGGAUCAACGCGGUCCCUACUGUCCCAGCCUGGGGCCUCGUGAACGCCCUGAGCCGGUGCA
CAGUCCGGCAUCUCCCUACACCGAGAGAAGACCCCGUGGAGCUUCACCGCAGCCUGGCGUUGUCCCUCGGGCGUUUAUGC
GUAGAGUAGGUGGGAGGGGUCGAACCUGUCCUUUCGGGGGCAGGGGACCCGAAAGUGAAACACCACCCAUGGACGCUCGA
GGGACUAACCUCUCGAAAGAGAGGAACAACGUCAGGUGGGCGGUUCGGCUGGGGCGGCACUCCCGCGAAAAGAUAACACG
GGAGCCCAAAGGUCGGCUCAGGCGGUACAGAACGCCGCCGUAGAGCGCAAGGGCAAAAGCCGGCCUGACGUGACCCUUCC
AAGUACGGGGUCACGACGCGAAAGCGGGGCCUAGCGAACGCUCGUGCCCCCACACGUGGGGGCCGGGCAUGACAGAAAAG
UUACCCCGGGGAUAACAGGGUCGUCGCGGGCGAGAGCUCACAUCGACCCCGCGGUUUGCUACAUCGAUGUCGGCUCUUCC
CACCCUGGAGGUGCAGCUGCCUCCAAGGGUAGGGCUGCCCGCCCGUUAAAGGGGAGCGUGAGCUGGGUUUAGACCGUCGC
GAGACAGGUCGGACUCUAAGGGUAGGGAGUGCGGACCGCUUGAGGGGAAGGAACCCCUAGUACGAGAGGAACAGGGUUCC
GGGGCCUCCAGUUUACCGGUUGUCCGGUAGGGCAAUGCCGGGCAGCCGCGCCCUGAGGGGUAACCGCUGAAAGCAUCUAA
GCGGGAACCCCUCCCCUAAAAGAGGCGGUCAGGCGUUAGCCGGGGCCUUCCCCUAGAAGAGGGGGUUGAUGGGGUGGGGA
UGUAAGCUCCAAGGUUGUAAGACCGAGGAGUUUAGUCCGCCACUCCCAAUCAGGCUCCCCCC
;
A23S
2 'polyribonucleotide'
;UGCCCACCCGGUCAUAGUGAGCGGGUAACACCCGGACUCGUUUCGAACCCGGAAGUUAAGCCGCUCACGUCAGAGGGGCC
GUGGGAUCCGAGAGGGCCCGCAGCCUCUCUGAGCUGGGAUGG
;
A5S
3 'polypeptide(L)'
;LADKESLIEALKLALSTEYNVKRNFTQSVEIILTFKGIDMKKGDLKLREIVPLPKQPSKAKRVLVVPSFEQLEYAKKASP
NVVITREELQKLQGQKRPVKKLARQNEWFLINQESMALAGRILGPALGPRGKFPTPLPNTADISEYINRFKRSVLVKTKD
QPQVQVFIGTEDMKPEDLAENAIAVLNAIENKAKVETNLRNIYVKTTMGKAVKVKR
;
AL1P
4 'polypeptide(L)'
;GKKLLQQRAGRGGINFRSPSWRRVGPARYPNIEGDHKGKIIDILHNPGVTAPVVKVKLDNGLQFYIPAVQGVAVGQEISI
GKNATISNGNIVEVGQLPEGTVICNVEKLKGDGGKFARAAGSYAVISGKAGNKVLIKLSSEKIVEVSQNARATVGIIAGG
GFVEKPLLKAGNNYWKYRVRAVKWPVVRGVAMNAVSHPHGGGLHQSVSRPSTVSRNAPPGRKVGHIASRRTGRR
;
AL2P
5 'polypeptide(L)'
;RKLSSPRRGSAGLRPRKRADEILPTPKNWPLVNLKEPKLLGFIGYKAGMTHVYMIDDKPTSPNYGKEVYTPVTIVESPPI
LGLALRAYHIDSKGELSVLVDYWANFEEGSLKYLKRKITSLKVDSSKMKEKLDLIQKNLNNITYMRLLVSTQPWLVPSLG
KKRPEIVEIQIGGGSIQDQLNYGLSLLGKQIPVRDVFREGQLTDIIGVTKGKGFQGVIKRYSVVEFPRWHKHRKGSRKIG
ARGPSISTPSYVPQPGQLGFHRRTEYNKRIIKIGDNVNEINPAGGIVNYGLVKNTYLVIEGSVLGSRKRPLFLRYPIRPS
WSPESAPKITYVNLASQQG
;
AL3P
6 'polypeptide(L)'
;KVSVLDLKGNQLEEIELPLFFSYPVRKDLIRRVFLSEFTKSLQPKGRDPLAGKRTSALSFGINLGIARVPRVKGSGEAAL
APNTVGGRLAFPPTTEKRLVEEVNLKEKKLGIISALAATADPNFVKARGHRFTSNNVPIILVDDFENISKAKEIMDILKS
IGVVDDIKRVKESKGVRAGKGKMRGRRYQIAKGPLIVVSNHKSPVVESASNIPGVNVVSANLVSVIHLAPGGHPGRLTIY
TKSSINILRQR
;
AL4P
7 'polypeptide(L)'
;KENVMRRVVLDKVTVNIGVGESGERLQKAYQLVQELTGVKPVYTKGRKSIREFGVRKGAPIGVKATLRRQAAVEFLKKVL
PAVNFRLKQSSFDNYGNVSFGIAEHVLIPGTRYDPEIGIFGMDVAITLVRPGYRTMKRKRKKASIPRRHRVTKEEAINFM
KENFNVTI
;
AL5P
8 'polypeptide(L)'
;LKAAYIREEIQIPDKVKVSLENNVLKVKGPKGEVIKDFSYAKGIRIQLNEGKIILETTFADRRKKALLYSIIAHIKNMIT
GTINGYRYYLKVISTHFPISVKVSGDEVQVSNLIGEKNIRRAKILPGVKVTVKGEDIVVEGSDIYNVAQTAANIESSTKI
VGYDRRIFSDGIYIYKKEVIG
;
AL6P
9 'polypeptide(L)' VKIFMVRGTAIFSASRFPTSQKFTKYVRALNEKQAIEYIYSQLGGKNKIKRYNIHIQEIKEVKEDEITDKTIRDLA ALX0
10 'polypeptide(L)'
;RPGRCYRKFSGPAYTRREYIPGIPMPKITKFVMGNVNGDYDYELRLITTEKGQIRHNALEAARVIALKYLSKKLASEQNF
ALVVTKYPHHVIRENKMMAFAGADRLQDGMRLSFGKPIGTAARLEKLGELVMYVRVKKEHLEAAKEALKIASSKLPIRTK
IEIS
;
L10E
11 'polypeptide(L)'
;VIVDATNQILGRMSTHIAKLLKSGKKVYVVNAEKAIISGPRSRVLEGYSLLFTVKTMQNPYRQGIRRPRNPINIVKRTVR
GMLPKNKLGKQIYRNLKAYIGIPKELEGKSMIRFDDADVSRLKGKYITVAELSRLLGGLK
;
L13P
12 'polypeptide(L)'
;AIEIGRICVKTRGREAGKKCVIVDIIDSNFVLVTGPKEINGVKRRRVNILHIEPTDKKVEINKGATDQEVKQAIEQSGLT
DFIKEA
;
L141,L142
13 'polypeptide(L)'
;MNVLGSRKGFTPALQHNSSVVVADNSGAKEAVIIGIYGYRGVLRRVPFANIADLVMVSVRKGSPDVRKQKFKAVIVRQRM
PFRRPDGTWISFEDNAVVIINPDGTPKGTEVRGPIAREAAERWPKIASVATMVI
;
L14P
14 'polypeptide(L)'
;SMYHYIEQTWQNKDWRRSILRKRLIEWRRQPAITRIDRPTRLNRARALGYKAKQGFVMVRVRVRRGGLNKPRPNSGRRPK
RMGVYGYGPSKGYRWIAEERAARKFPNLEVLGSYYVAEDGMYKYYEVIMVDYSHPVIRSDPELKWLQDSVNRKRVFRGLT
SAGQKSRGL
;
L15E
15 'polypeptide(L)'
;TNIMLRKLITSLKKQDKAIWVRVAEELEAPRRKRAYINIYKINRYSKANDIIVVPGKVLGVGNLDHPVTVVALSFSKPAK
EKILRSGGKVMSLYKAIQELNDFKGKTVRLMK
;
L18E
16 'polypeptide(L)'
;TQGPNYRIKFRRRREGKTDYYTRYTYVINNAIRFVPRLTNKYVIVSVSKFDQKGDIMIAYAHSIELVKKYGWKGDTNNTP
AAYLTGYLAGLRAVKSGVKAAVSDIGLFVPVKGGRIFAVIKGAIDAGLKVPVGDLGKLKDRVNGSHISAYAQKLKNENQE
LYNKLFSSYIQRGLDPVLLPQHFEEVLNKIKEN
;
L18P
17 'polypeptide(L)'
;PEFQLQRRLAADIAGVGLNNIKFNPERLEEVEEALTREDIKKLIKERAVIVNPKRGISSGRLKERKHKRRSKGEGRKHGS
RKGKSGARTGDKEIWINKIRKIRRYIRWLRDNNVIDKHTYRLLYKRAKGNYFKNLSDVKSYLRQ
;
L19E
18 'polypeptide(L)'
;YPILSIPEDKLAKAVIKNIDASVRDLYNVCKAIRGMNLKEAREFLNNVLEEKEALPFWRYSHGTSHRSNISRKWKVKSGR
YPKKAIKYVLKLLDNAENNANSKGLDIDNLKIVHIAAHKGLVLKRYMTRAFGRSTRKYKYLSHIEVILGE
;
L22P
19 'polypeptide(L)'
;IIKEFLATEKAVKLIESQNTLTIIVNRNTTKKDIKNEVEKLFSVKVEKINTLITPKGEKKAYVKLKQEYKASDVAHKLGM
L
;
L23P
20 'polypeptide(L)' RQCSFCGKDILPGTGLMYVRNDGSLLWFCSSKCRKSMLKLHRDPKKLKWTKSYL L24E
21 'polypeptide(L)'
;MISSKPSKQRKLVYNLPNHLRYKLLTARLSEDLEKQYGIKRISIRKGDSVKLMRGSQVGYEGKVVEVDRKRGRVAIEGLT
KKKADGTPVYVWVHASKVIITKLDTGDKERMDAIERKRKMRE
;
L24P
22 'polypeptide(L)' PLEVDELRKMDLKQLKERLNELEMQLLKLRVESRMGTLKNTASIKNTRKDIARILTVIGEKSK L29P
23 'polypeptide(L)'
;FEGELKTLLRSGKVILGTRKTLKLLKTGKVKGVVVSSTLRQDLKDDIMTFSKFSDIPIYLYKGSGYELGTLCGKPFMVSV
IGIVDEGESKILEF
;
L30E
24 'polypeptide(L)'
;MNELIGVIRIRGWAATPWYIQDTLSMLRLKNAFNAMIYPKDSSIQGMLNLVSSYVTWGELNDEGLRLLVSKLEISRGKKV
NEEYVKDKLNVDFQSFVESIKDGKLRLNKLDEIFSLPIRLHPPKGGFKGKVSRPFRAGGEFGYRGDKINELIRRM
;
L30P
25 'polypeptide(L)' KPEKENFEMVINFRRVIMGRKTTRTKRAIKYVRYMVKRHFGAEKVIIDPLLAKAITMNGRDKIVRRVRIAVKRIG L31E
26 'polypeptide(L)'
;KPAKKNMKSPGKAIKFLRFDWDKYYRIGRQERWRKPRGIDNAIRLELKGYQPKVKIGYRTDKQIRGLHPSGLRPILVKSV
KDLEAFAKGKQDVIIIISSTIGLRKRIELIKKAEELGLKIANR
;
L32E
27 'polypeptide(L)' SPQQRSGSFRKVFVKLPSGKSTIHYERRKDNIARCGMCKKPLNGVKNNYTYKYSKTEKRPERVYGGYLCHKCLESLI L34E
28 'polypeptide(L)' TGIAGRFGARYGSSTRKKWKEVMERRYMPHQCPYCKTTGKVVRIASGIWYCRKCETKWAGLAYTP L37A
29 'polypeptide(L)' MKGTPSFGKMNKTPTHVRCRRCGRNSFNARKGYCAACGFGRSKKIRRYSWQNKK L37E
30 'polypeptide(L)' KHKSLGKKLRLGKALKRNSPIPAWVIIKTQAEIRFNPLRRNWRRNNLKV L39E
31 'polypeptide(L)' MPLTDPVKLQIVQQRVFLKKICRDCGALNSIRATKCRRCHSSNLRAKKKELPAKK L40E
32 'polypeptide(L)'
;MKVPKVIKTYCPKCKTHTEHSVSLYKGGKRRSLAEGQRRYERKNVGYGSKRKPEQKRFAKTTKKQTLVLKCQKCSYTIVK
EGMRLKKLELVE
;
L44E
33 'polypeptide(L)'
;PSYVKFEVPQELADKVLEAVKKAKDSGKIKKGTNETTKAVERSQAKLVVIAEDVQPEEIVAHLPLLCEEKKIPYVYVPSK
KSLGEACGLQVAAASVALMDPGEAKDLVDEIVKRVNEIKGKSS
;
L7A1,L7A2
34 'polypeptide(L)'
;MVVRKEKKSRKYRGYRTHGWGTKGQHRDRGAQGGRQIGMHKEKWSWTVKFGEGWYGKHGFRNPTSKLVNAIGLRKLQEYI
DNDKIKIEEENGKKVVDLAKYGYDKLLGGGNLRLPLVIKVAKATEKAKERVKEIGGEIILTSSE
;
L15P
35 'polypeptide(L)'
;VARSKGYRSKTRKLLEKKVREKGAIPKLSLLMHDYSQGEYVVVKINPSIHKGMPHRRYHGKVGLVVGKRGKAYEVKVNIG
DKERVLIVRPEHLIPFN
;
L21E
36 'polypeptide(L)'
;EVFGLVIVERDYATIGVLKGTKVEVLDEFEGFVPGKHMMGGQSQRRIERIIEEMYHNFLKEVGEKVNQYFLPYIEMKKMK
GILIGGPGFAKKDLYESDLLDYRVKKLVLQPLFDIPDQGEPGLKELIMKAQDILKNQKYIEVENLMEEIKYHLAKDDGMV
VYGLEEIRKALQLGAIDALIVYEEPGSELEKLSQEAENYGTKVYVIGDELPDGEWVKKTFGGAIGKLRFKIY
;
ARF1
37 'polypeptide(L)'
;MKVVKYVLTAKIDYDGKEIEIKRSFRHRKNIFEFLKNADSNLKGALSEYAKQNKVKSSDLPLNEFITCGEIEEEQGVMRT
ECKGKEKVSVKIEVQTQKIAK
;
L45A
38 'polypeptide(L)' MLKHQKYVYVDIGDQKKFLKVRFLKSRSENNNPEAYVILDKISIKLPRNAKVIKYEDLPAEVKDKLKLKL L46A
39 'polypeptide(L)' MKISNVESKYSMKVRGQELLIEEARNEKGEKIIIFQSLTSAKLLNNEEWKENTTDAKNVEKREDLPQDVRKITGKILSLI L47A
40 'polyribonucleotide' GCCCGGAUUCCGGGCACCA AETN
#
loop_
_chem_comp.id
_chem_comp.type
_chem_comp.name
_chem_comp.formula
A RNA linking ADENOSINE-5'-MONOPHOSPHATE 'C10 H14 N5 O7 P'
C RNA linking CYTIDINE-5'-MONOPHOSPHATE 'C9 H14 N3 O8 P'
G RNA linking GUANOSINE-5'-MONOPHOSPHATE 'C10 H14 N5 O8 P'
U RNA linking URIDINE-5'-MONOPHOSPHATE 'C9 H13 N2 O9 P'
#
# COMPACT_ATOMS: atom_id res chain seq x y z
N LEU C 1 88.14 29.66 31.81
CA LEU C 1 88.52 28.51 31.00
C LEU C 1 89.77 28.78 30.18
N ALA C 2 90.93 28.43 30.73
CA ALA C 2 92.20 28.64 30.06
C ALA C 2 93.17 27.54 30.47
N ASP C 3 94.18 27.32 29.63
CA ASP C 3 95.14 26.25 29.87
C ASP C 3 96.09 26.61 31.01
N LYS C 4 96.85 25.60 31.46
CA LYS C 4 97.82 25.82 32.53
C LYS C 4 98.97 26.71 32.06
N GLU C 5 99.50 26.44 30.87
CA GLU C 5 100.58 27.24 30.30
C GLU C 5 100.07 28.43 29.50
N SER C 6 98.75 28.54 29.30
CA SER C 6 98.20 29.67 28.57
C SER C 6 98.43 30.97 29.32
N LEU C 7 98.31 30.94 30.65
CA LEU C 7 98.48 32.15 31.44
C LEU C 7 99.90 32.69 31.34
N ILE C 8 100.90 31.80 31.35
CA ILE C 8 102.28 32.24 31.19
C ILE C 8 102.48 32.84 29.81
N GLU C 9 101.91 32.22 28.77
CA GLU C 9 101.92 32.82 27.45
C GLU C 9 101.13 34.12 27.43
N ALA C 10 100.05 34.18 28.21
CA ALA C 10 99.28 35.41 28.32
C ALA C 10 100.11 36.54 28.91
N LEU C 11 100.88 36.24 29.97
CA LEU C 11 101.74 37.26 30.55
C LEU C 11 102.96 37.53 29.68
N LYS C 12 103.38 36.55 28.89
CA LYS C 12 104.51 36.77 27.99
C LYS C 12 104.22 37.89 26.99
N LEU C 13 103.00 37.92 26.45
CA LEU C 13 102.60 39.04 25.62
C LEU C 13 102.58 40.34 26.42
N ALA C 14 102.07 40.28 27.65
CA ALA C 14 101.97 41.49 28.48
C ALA C 14 103.34 42.04 28.85
N LEU C 15 104.25 41.17 29.28
CA LEU C 15 105.57 41.64 29.70
C LEU C 15 106.39 42.10 28.49
N SER C 16 106.42 41.31 27.43
CA SER C 16 107.24 41.64 26.28
C SER C 16 106.68 42.84 25.53
N THR C 17 107.58 43.56 24.86
CA THR C 17 107.21 44.77 24.13
C THR C 17 106.39 44.46 22.88
N GLU C 18 106.27 43.20 22.49
CA GLU C 18 105.45 42.84 21.33
C GLU C 18 103.99 43.20 21.53
N TYR C 19 103.53 43.23 22.80
CA TYR C 19 102.18 43.70 23.13
C TYR C 19 102.22 44.67 24.30
N ASN C 20 103.26 45.48 24.39
CA ASN C 20 103.40 46.44 25.47
C ASN C 20 104.34 47.55 25.03
N VAL C 21 104.23 48.69 25.72
CA VAL C 21 105.12 49.84 25.52
C VAL C 21 105.64 50.27 26.88
N LYS C 22 106.96 50.48 26.98
CA LYS C 22 107.58 50.85 28.23
C LYS C 22 107.68 52.37 28.33
N ARG C 23 106.83 52.96 29.16
CA ARG C 23 106.85 54.38 29.44
C ARG C 23 107.63 54.66 30.72
N ASN C 24 107.52 55.89 31.22
CA ASN C 24 108.30 56.31 32.38
C ASN C 24 107.93 55.55 33.65
N PHE C 25 106.79 54.88 33.68
CA PHE C 25 106.34 54.18 34.87
C PHE C 25 106.14 52.71 34.56
N THR C 26 106.20 51.89 35.61
CA THR C 26 106.05 50.45 35.45
C THR C 26 104.63 50.09 35.01
N GLN C 27 104.54 49.15 34.08
CA GLN C 27 103.27 48.76 33.50
C GLN C 27 102.44 47.95 34.49
N SER C 28 101.12 48.00 34.30
CA SER C 28 100.18 47.21 35.08
C SER C 28 99.31 46.40 34.14
N VAL C 29 99.09 45.13 34.46
CA VAL C 29 98.31 44.22 33.63
C VAL C 29 96.84 44.30 34.02
N GLU C 30 95.96 44.38 33.03
CA GLU C 30 94.54 44.45 33.25
C GLU C 30 93.83 43.51 32.29
N ILE C 31 92.63 43.06 32.68
CA ILE C 31 91.83 42.15 31.87
C ILE C 31 90.47 42.79 31.64
N ILE C 32 90.00 42.73 30.40
CA ILE C 32 88.67 43.19 30.02
C ILE C 32 87.87 41.98 29.55
N LEU C 33 86.57 42.00 29.83
CA LEU C 33 85.71 40.86 29.55
C LEU C 33 84.92 41.10 28.28
N THR C 34 84.90 40.10 27.40
CA THR C 34 84.15 40.15 26.15
C THR C 34 83.45 38.81 25.98
N PHE C 35 82.13 38.80 26.13
CA PHE C 35 81.33 37.58 26.11
C PHE C 35 80.17 37.75 25.14
N LYS C 36 79.38 36.68 24.99
CA LYS C 36 78.23 36.69 24.09
C LYS C 36 77.10 35.90 24.72
N GLY C 37 75.88 36.44 24.63
CA GLY C 37 74.69 35.73 25.06
C GLY C 37 74.48 35.64 26.55
N ILE C 38 74.40 36.78 27.23
CA ILE C 38 74.10 36.85 28.66
C ILE C 38 73.09 37.98 28.87
N ASP C 39 72.07 37.72 29.69
CA ASP C 39 71.06 38.71 30.03
C ASP C 39 70.97 38.87 31.53
N MET C 40 70.57 40.07 31.97
CA MET C 40 70.48 40.36 33.39
C MET C 40 69.37 39.58 34.07
N LYS C 41 68.26 39.32 33.36
CA LYS C 41 67.09 38.72 34.00
C LYS C 41 67.34 37.29 34.45
N LYS C 42 68.17 36.54 33.73
CA LYS C 42 68.30 35.11 34.00
C LYS C 42 68.92 34.81 35.37
N GLY C 43 69.50 35.81 36.04
CA GLY C 43 70.00 35.62 37.38
C GLY C 43 71.18 34.67 37.50
N ASP C 44 72.16 34.79 36.59
CA ASP C 44 73.39 34.01 36.67
C ASP C 44 74.64 34.87 36.77
N LEU C 45 74.60 36.12 36.33
CA LEU C 45 75.74 37.02 36.40
C LEU C 45 75.80 37.75 37.75
N LYS C 46 75.70 36.98 38.83
CA LYS C 46 75.76 37.54 40.18
C LYS C 46 77.20 37.53 40.69
N LEU C 47 78.07 38.19 39.93
CA LEU C 47 79.50 38.24 40.22
C LEU C 47 79.74 39.24 41.33
N ARG C 48 79.84 38.75 42.57
CA ARG C 48 80.12 39.59 43.73
C ARG C 48 81.14 38.90 44.63
N GLU C 49 82.16 38.29 44.03
CA GLU C 49 83.12 37.47 44.75
C GLU C 49 84.44 38.22 44.97
N ILE C 50 85.29 37.64 45.81
CA ILE C 50 86.60 38.19 46.14
C ILE C 50 87.63 37.07 45.93
N VAL C 51 88.88 37.48 45.67
CA VAL C 51 89.94 36.55 45.33
C VAL C 51 91.12 36.78 46.27
N PRO C 52 91.56 35.75 47.02
CA PRO C 52 92.76 35.90 47.84
C PRO C 52 94.04 35.69 47.04
N LEU C 53 94.52 36.72 46.37
CA LEU C 53 95.69 36.59 45.50
C LEU C 53 96.95 36.36 46.33
N PRO C 54 97.69 35.26 46.11
CA PRO C 54 98.90 35.04 46.90
C PRO C 54 100.06 35.92 46.49
N LYS C 55 100.23 36.17 45.19
CA LYS C 55 101.30 37.01 44.70
C LYS C 55 100.89 38.48 44.80
N GLN C 56 101.74 39.28 45.44
CA GLN C 56 101.44 40.69 45.69
C GLN C 56 102.27 41.58 44.80
N PRO C 57 101.66 42.28 43.83
CA PRO C 57 102.43 43.25 43.04
C PRO C 57 102.96 44.39 43.90
N SER C 58 104.09 44.95 43.47
CA SER C 58 104.77 45.97 44.25
C SER C 58 103.93 47.23 44.46
N LYS C 59 103.06 47.56 43.52
CA LYS C 59 102.23 48.76 43.62
C LYS C 59 100.93 48.42 44.34
N ALA C 60 100.78 48.94 45.55
CA ALA C 60 99.61 48.67 46.38
C ALA C 60 98.45 49.56 45.97
N LYS C 61 97.25 49.05 46.16
CA LYS C 61 96.04 49.75 45.74
C LYS C 61 95.51 50.63 46.87
N ARG C 62 94.53 51.47 46.52
CA ARG C 62 93.84 52.30 47.50
C ARG C 62 92.88 51.42 48.29
N VAL C 63 93.32 50.98 49.47
CA VAL C 63 92.54 50.07 50.31
C VAL C 63 92.18 50.81 51.59
N LEU C 64 90.89 50.89 51.88
CA LEU C 64 90.37 51.61 53.03
C LEU C 64 89.74 50.62 54.00
N VAL C 65 90.09 50.73 55.28
CA VAL C 65 89.58 49.87 56.32
C VAL C 65 89.22 50.74 57.53
N VAL C 66 88.13 50.39 58.20
CA VAL C 66 87.64 51.12 59.36
C VAL C 66 87.70 50.20 60.57
N PRO C 67 88.75 50.26 61.35
CA PRO C 67 88.84 49.45 62.58
C PRO C 67 88.11 50.15 63.73
N SER C 68 88.18 49.53 64.90
CA SER C 68 87.58 50.05 66.11
C SER C 68 88.67 50.30 67.14
N PHE C 69 88.26 50.69 68.36
CA PHE C 69 89.22 50.92 69.42
C PHE C 69 89.94 49.65 69.86
N GLU C 70 89.42 48.48 69.47
CA GLU C 70 90.05 47.21 69.86
C GLU C 70 91.42 47.05 69.23
N GLN C 71 91.56 47.44 67.96
CA GLN C 71 92.78 47.22 67.19
C GLN C 71 93.22 48.51 66.49
N LEU C 72 93.25 49.59 67.26
CA LEU C 72 93.67 50.87 66.70
C LEU C 72 95.14 50.90 66.33
N GLU C 73 95.94 49.98 66.86
CA GLU C 73 97.37 49.91 66.58
C GLU C 73 97.75 48.64 65.81
N TYR C 74 96.87 48.18 64.92
CA TYR C 74 97.15 46.97 64.14
C TYR C 74 96.99 47.22 62.64
N ALA C 75 96.11 48.14 62.27
CA ALA C 75 95.84 48.43 60.87
C ALA C 75 96.81 49.41 60.25
N LYS C 76 97.67 50.05 61.05
CA LYS C 76 98.60 51.03 60.52
C LYS C 76 99.87 50.40 59.95
N LYS C 77 100.08 49.10 60.17
CA LYS C 77 101.29 48.43 59.69
C LYS C 77 101.18 47.98 58.25
N ALA C 78 99.98 47.95 57.67
CA ALA C 78 99.78 47.50 56.30
C ALA C 78 99.86 48.63 55.28
N SER C 79 100.14 49.85 55.72
CA SER C 79 100.26 51.01 54.84
C SER C 79 99.03 51.21 53.94
N PRO C 80 97.86 51.46 54.51
CA PRO C 80 96.70 51.79 53.69
C PRO C 80 96.79 53.21 53.16
N ASN C 81 96.08 53.46 52.07
CA ASN C 81 96.08 54.78 51.47
C ASN C 81 95.41 55.80 52.39
N VAL C 82 94.14 55.59 52.70
CA VAL C 82 93.37 56.47 53.59
C VAL C 82 92.52 55.62 54.52
N VAL C 83 92.52 55.98 55.80
CA VAL C 83 91.77 55.26 56.83
C VAL C 83 91.03 56.27 57.68
N ILE C 84 89.75 56.00 57.95
CA ILE C 84 88.92 56.85 58.80
C ILE C 84 88.43 56.03 59.99
N THR C 85 88.49 56.63 61.17
CA THR C 85 88.16 55.97 62.43
C THR C 85 86.65 55.83 62.59
N ARG C 86 86.25 54.76 63.27
CA ARG C 86 84.83 54.54 63.55
C ARG C 86 84.25 55.67 64.38
N GLU C 87 85.02 56.18 65.34
CA GLU C 87 84.54 57.24 66.23
C GLU C 87 84.26 58.55 65.52
N GLU C 88 84.78 58.73 64.30
CA GLU C 88 84.60 60.00 63.58
C GLU C 88 84.16 59.81 62.13
N LEU C 89 83.68 58.62 61.75
CA LEU C 89 83.13 58.45 60.41
C LEU C 89 81.76 59.07 60.25
N GLN C 90 81.00 59.23 61.33
CA GLN C 90 79.67 59.82 61.26
C GLN C 90 79.72 61.31 60.91
N LYS C 91 80.90 61.92 60.93
CA LYS C 91 81.05 63.33 60.63
C LYS C 91 80.81 63.67 59.18
N LEU C 92 80.70 62.67 58.31
CA LEU C 92 80.51 62.88 56.88
C LEU C 92 79.08 63.31 56.52
N GLN C 93 78.20 63.45 57.50
CA GLN C 93 76.82 63.85 57.23
C GLN C 93 76.79 65.21 56.54
N GLY C 94 76.01 65.31 55.47
CA GLY C 94 75.95 66.51 54.65
C GLY C 94 76.92 66.50 53.49
N GLN C 95 78.16 66.07 53.73
CA GLN C 95 79.14 65.98 52.67
C GLN C 95 78.74 64.92 51.66
N LYS C 96 78.91 65.23 50.38
CA LYS C 96 78.58 64.29 49.31
C LYS C 96 79.79 63.88 48.49
N ARG C 97 80.52 64.83 47.91
CA ARG C 97 81.69 64.47 47.12
C ARG C 97 82.77 63.75 47.92
N PRO C 98 83.13 64.16 49.14
CA PRO C 98 84.06 63.33 49.94
C PRO C 98 83.55 61.92 50.16
N VAL C 99 82.23 61.73 50.24
CA VAL C 99 81.68 60.39 50.31
C VAL C 99 81.88 59.67 48.97
N LYS C 100 81.66 60.37 47.86
CA LYS C 100 81.78 59.74 46.55
C LYS C 100 83.24 59.48 46.18
N LYS C 101 84.12 60.44 46.42
CA LYS C 101 85.50 60.33 45.93
C LYS C 101 86.25 59.21 46.62
N LEU C 102 86.23 59.17 47.95
CA LEU C 102 86.95 58.12 48.68
C LEU C 102 86.05 56.93 48.97
N ALA C 103 85.30 56.51 47.95
CA ALA C 103 84.60 55.23 47.96
C ALA C 103 84.68 54.48 46.65
N ARG C 104 84.92 55.16 45.52
CA ARG C 104 85.05 54.57 44.20
C ARG C 104 86.48 54.33 43.80
N GLN C 105 87.38 55.29 44.07
CA GLN C 105 88.80 55.07 43.86
C GLN C 105 89.31 53.95 44.75
N ASN C 106 88.89 53.93 46.01
CA ASN C 106 89.30 52.88 46.93
C ASN C 106 88.71 51.54 46.53
N GLU C 107 89.45 50.47 46.83
CA GLU C 107 88.99 49.13 46.47
C GLU C 107 87.87 48.67 47.40
N TRP C 108 88.00 48.91 48.70
CA TRP C 108 87.05 48.43 49.68
C TRP C 108 86.80 49.52 50.72
N PHE C 109 85.72 49.33 51.49
CA PHE C 109 85.32 50.23 52.57
C PHE C 109 84.95 49.44 53.82
N LEU C 110 85.84 48.54 54.24
CA LEU C 110 85.55 47.59 55.31
C LEU C 110 85.11 48.31 56.59
N ILE C 111 84.00 47.82 57.16
CA ILE C 111 83.41 48.38 58.36
C ILE C 111 83.11 47.24 59.33
N ASN C 112 83.31 47.48 60.62
CA ASN C 112 83.15 46.44 61.63
C ASN C 112 81.69 45.99 61.74
N GLN C 113 81.50 44.84 62.37
CA GLN C 113 80.16 44.28 62.53
C GLN C 113 79.29 45.15 63.44
N GLU C 114 79.90 45.85 64.39
CA GLU C 114 79.13 46.72 65.27
C GLU C 114 78.45 47.84 64.49
N SER C 115 79.17 48.42 63.52
CA SER C 115 78.63 49.48 62.68
C SER C 115 78.12 48.95 61.35
N MET C 116 77.73 47.68 61.30
CA MET C 116 77.24 47.10 60.06
C MET C 116 75.93 47.74 59.61
N ALA C 117 75.02 47.96 60.56
CA ALA C 117 73.76 48.62 60.23
C ALA C 117 73.94 50.06 59.81
N LEU C 118 75.08 50.66 60.16
CA LEU C 118 75.43 52.01 59.74
C LEU C 118 76.15 52.03 58.39
N ALA C 119 76.42 50.86 57.81
CA ALA C 119 77.13 50.74 56.54
C ALA C 119 76.19 50.62 55.35
N GLY C 120 74.94 51.07 55.49
CA GLY C 120 74.01 51.02 54.39
C GLY C 120 73.13 52.26 54.29
N ARG C 121 73.35 53.21 55.20
CA ARG C 121 72.58 54.45 55.22
C ARG C 121 73.34 55.67 54.73
N ILE C 122 74.67 55.66 54.81
CA ILE C 122 75.50 56.77 54.37
C ILE C 122 76.12 56.49 53.01
N LEU C 123 76.74 55.32 52.86
CA LEU C 123 77.32 54.91 51.59
C LEU C 123 76.36 54.09 50.73
N GLY C 124 75.11 53.93 51.16
CA GLY C 124 74.14 53.17 50.42
C GLY C 124 73.72 53.85 49.13
N PRO C 125 73.00 54.98 49.24
CA PRO C 125 72.62 55.71 48.03
C PRO C 125 73.81 56.24 47.24
N ALA C 126 74.90 56.60 47.92
CA ALA C 126 76.05 57.18 47.23
C ALA C 126 76.77 56.15 46.36
N LEU C 127 76.58 54.87 46.64
CA LEU C 127 77.25 53.80 45.92
C LEU C 127 76.24 52.76 45.41
N GLY C 128 75.07 53.24 44.99
CA GLY C 128 74.04 52.35 44.52
C GLY C 128 74.40 51.69 43.21
N PRO C 129 74.45 52.48 42.13
CA PRO C 129 74.90 51.94 40.84
C PRO C 129 76.40 51.70 40.78
N ARG C 130 77.19 52.31 41.69
CA ARG C 130 78.63 52.13 41.65
C ARG C 130 79.04 50.71 42.02
N GLY C 131 78.44 50.15 43.07
CA GLY C 131 78.67 48.76 43.40
C GLY C 131 79.77 48.48 44.39
N LYS C 132 79.72 49.09 45.58
CA LYS C 132 80.68 48.86 46.63
C LYS C 132 80.05 48.04 47.74
N PHE C 133 80.72 46.97 48.16
CA PHE C 133 80.22 46.06 49.19
C PHE C 133 81.17 46.03 50.37
N PRO C 134 80.78 46.53 51.55
CA PRO C 134 81.66 46.50 52.72
C PRO C 134 81.69 45.11 53.35
N THR C 135 82.89 44.51 53.40
CA THR C 135 83.06 43.17 53.95
C THR C 135 83.37 43.26 55.44
N PRO C 136 82.60 42.60 56.31
CA PRO C 136 82.88 42.67 57.75
C PRO C 136 84.22 42.03 58.09
N LEU C 137 84.85 42.55 59.14
CA LEU C 137 86.17 42.16 59.57
C LEU C 137 86.12 41.32 60.84
N PRO C 138 87.05 40.37 61.01
CA PRO C 138 87.08 39.58 62.24
C PRO C 138 87.34 40.46 63.45
N ASN C 139 86.68 40.13 64.56
CA ASN C 139 86.77 40.91 65.79
C ASN C 139 88.00 40.56 66.63
N THR C 140 88.97 39.85 66.07
CA THR C 140 90.18 39.53 66.81
C THR C 140 91.13 40.72 66.81
N ALA C 141 92.19 40.61 67.60
CA ALA C 141 93.17 41.68 67.71
C ALA C 141 93.90 41.90 66.39
N ASP C 142 94.21 40.82 65.68
CA ASP C 142 94.98 40.92 64.45
C ASP C 142 94.08 41.30 63.29
N ILE C 143 94.45 42.35 62.56
CA ILE C 143 93.70 42.77 61.38
C ILE C 143 94.58 42.89 60.15
N SER C 144 95.91 42.98 60.30
CA SER C 144 96.79 43.14 59.16
C SER C 144 96.71 41.95 58.21
N GLU C 145 96.59 40.75 58.77
CA GLU C 145 96.39 39.56 57.93
C GLU C 145 95.09 39.65 57.15
N TYR C 146 94.03 40.16 57.79
CA TYR C 146 92.78 40.40 57.07
C TYR C 146 92.95 41.51 56.03
N ILE C 147 93.69 42.56 56.37
CA ILE C 147 93.96 43.63 55.41
C ILE C 147 94.83 43.11 54.27
N ASN C 148 95.77 42.21 54.57
CA ASN C 148 96.60 41.62 53.53
C ASN C 148 95.75 40.89 52.49
N ARG C 149 94.60 40.35 52.90
CA ARG C 149 93.67 39.78 51.94
C ARG C 149 93.11 40.85 51.00
N PHE C 150 92.97 42.07 51.48
CA PHE C 150 92.35 43.15 50.72
C PHE C 150 93.34 44.14 50.14
N LYS C 151 94.65 43.96 50.38
CA LYS C 151 95.64 44.86 49.81
C LYS C 151 95.61 44.79 48.29
N ARG C 152 95.48 43.58 47.73
CA ARG C 152 95.50 43.38 46.29
C ARG C 152 94.26 42.65 45.79
N SER C 153 93.24 42.53 46.63
CA SER C 153 91.96 41.98 46.19
C SER C 153 91.19 43.02 45.37
N VAL C 154 90.30 42.53 44.52
CA VAL C 154 89.50 43.38 43.64
C VAL C 154 88.03 43.07 43.88
N LEU C 155 87.23 44.13 44.02
CA LEU C 155 85.79 44.00 44.21
C LEU C 155 85.11 43.98 42.84
N VAL C 156 84.49 42.86 42.48
CA VAL C 156 83.84 42.68 41.20
C VAL C 156 82.33 42.71 41.38
N LYS C 157 81.65 43.49 40.53
CA LYS C 157 80.20 43.55 40.55
C LYS C 157 79.70 44.03 39.20
N THR C 158 78.58 43.46 38.75
CA THR C 158 77.92 43.87 37.53
C THR C 158 76.44 44.05 37.78
N LYS C 159 75.83 45.01 37.08
CA LYS C 159 74.40 45.26 37.20
C LYS C 159 73.66 45.07 35.90
N ASP C 160 74.16 45.65 34.79
CA ASP C 160 73.46 45.59 33.52
C ASP C 160 74.32 45.13 32.36
N GLN C 161 75.64 45.02 32.53
CA GLN C 161 76.54 44.55 31.49
C GLN C 161 77.19 43.23 31.91
N PRO C 162 77.55 42.38 30.96
CA PRO C 162 78.25 41.13 31.29
C PRO C 162 79.76 41.24 31.42
N GLN C 163 80.31 42.45 31.53
CA GLN C 163 81.75 42.67 31.58
C GLN C 163 82.13 43.47 32.81
N VAL C 164 83.32 43.21 33.33
CA VAL C 164 83.92 43.98 34.41
C VAL C 164 85.38 44.22 34.08
N GLN C 165 85.85 45.46 34.26
CA GLN C 165 87.25 45.80 34.09
C GLN C 165 87.90 45.85 35.47
N VAL C 166 88.94 45.03 35.67
CA VAL C 166 89.55 44.83 36.97
C VAL C 166 91.07 44.81 36.84
N PHE C 167 91.73 45.00 37.97
CA PHE C 167 93.17 44.90 38.06
C PHE C 167 93.57 43.45 38.36
N ILE C 168 94.62 42.98 37.69
CA ILE C 168 95.07 41.60 37.89
C ILE C 168 96.55 41.56 38.26
N GLY C 169 97.33 42.54 37.83
CA GLY C 169 98.75 42.50 38.08
C GLY C 169 99.48 43.61 37.37
N THR C 170 100.81 43.48 37.34
CA THR C 170 101.70 44.53 36.86
C THR C 170 102.80 43.87 36.04
N GLU C 171 103.87 44.62 35.79
CA GLU C 171 105.02 44.13 35.05
C GLU C 171 106.14 43.60 35.94
N ASP C 172 105.93 43.58 37.27
CA ASP C 172 107.01 43.38 38.21
C ASP C 172 107.10 41.96 38.77
N MET C 173 106.31 41.01 38.28
CA MET C 173 106.40 39.64 38.77
C MET C 173 107.07 38.75 37.72
N LYS C 174 107.24 37.48 38.08
CA LYS C 174 107.77 36.49 37.16
C LYS C 174 106.76 36.23 36.04
N PRO C 175 107.24 35.79 34.87
CA PRO C 175 106.30 35.43 33.79
C PRO C 175 105.32 34.33 34.17
N GLU C 176 105.72 33.42 35.06
CA GLU C 176 104.84 32.35 35.51
C GLU C 176 104.01 32.73 36.73
N ASP C 177 104.23 33.92 37.31
CA ASP C 177 103.51 34.31 38.50
C ASP C 177 102.05 34.68 38.22
N LEU C 178 101.75 35.14 36.99
CA LEU C 178 100.37 35.42 36.64
C LEU C 178 99.52 34.16 36.65
N ALA C 179 100.14 32.98 36.53
CA ALA C 179 99.43 31.73 36.72
C ALA C 179 99.00 31.53 38.17
N GLU C 180 99.53 32.33 39.10
CA GLU C 180 99.07 32.33 40.48
C GLU C 180 98.20 33.53 40.81
N ASN C 181 98.36 34.65 40.09
CA ASN C 181 97.50 35.80 40.29
C ASN C 181 96.10 35.55 39.74
N ALA C 182 96.01 34.96 38.55
CA ALA C 182 94.73 34.72 37.89
C ALA C 182 94.09 33.39 38.29
N ILE C 183 94.83 32.50 38.95
CA ILE C 183 94.26 31.20 39.32
C ILE C 183 93.17 31.38 40.38
N ALA C 184 93.33 32.35 41.28
CA ALA C 184 92.29 32.62 42.26
C ALA C 184 91.00 33.09 41.59
N VAL C 185 91.13 33.96 40.58
CA VAL C 185 89.97 34.39 39.83
C VAL C 185 89.41 33.24 39.01
N LEU C 186 90.29 32.45 38.39
CA LEU C 186 89.83 31.30 37.59
C LEU C 186 89.14 30.27 38.47
N ASN C 187 89.68 30.00 39.66
CA ASN C 187 89.05 29.05 40.56
C ASN C 187 87.73 29.59 41.11
N ALA C 188 87.67 30.89 41.37
CA ALA C 188 86.45 31.48 41.93
C ALA C 188 85.30 31.38 40.94
N ILE C 189 85.53 31.74 39.68
CA ILE C 189 84.49 31.63 38.67
C ILE C 189 84.19 30.17 38.36
N GLU C 190 85.20 29.29 38.50
CA GLU C 190 84.97 27.86 38.30
C GLU C 190 84.04 27.29 39.35
N ASN C 191 84.18 27.73 40.60
CA ASN C 191 83.46 27.15 41.73
C ASN C 191 82.10 27.78 41.97
N LYS C 192 81.69 28.75 41.15
CA LYS C 192 80.39 29.40 41.33
C LYS C 192 79.42 29.16 40.17
N ALA C 193 79.93 28.93 38.96
CA ALA C 193 79.09 28.63 37.80
C ALA C 193 80.00 28.07 36.71
N LYS C 194 79.44 27.90 35.51
CA LYS C 194 80.23 27.43 34.37
C LYS C 194 79.57 27.95 33.10
N VAL C 195 80.09 29.06 32.58
CA VAL C 195 79.53 29.70 31.39
C VAL C 195 80.59 29.79 30.30
N GLU C 196 81.49 28.80 30.27
CA GLU C 196 82.58 28.79 29.29
C GLU C 196 82.09 28.77 27.86
N THR C 197 80.85 28.33 27.62
CA THR C 197 80.29 28.36 26.27
C THR C 197 80.12 29.79 25.78
N ASN C 198 79.69 30.69 26.67
CA ASN C 198 79.44 32.07 26.28
C ASN C 198 80.71 32.84 25.94
N LEU C 199 81.88 32.32 26.31
CA LEU C 199 83.13 33.01 26.04
C LEU C 199 83.41 33.07 24.55
N ARG C 200 83.99 34.19 24.11
CA ARG C 200 84.45 34.35 22.73
C ARG C 200 85.93 34.68 22.62
N ASN C 201 86.44 35.55 23.49
CA ASN C 201 87.84 35.95 23.49
C ASN C 201 88.14 36.70 24.77
N ILE C 202 89.26 36.37 25.40
CA ILE C 202 89.68 36.98 26.66
C ILE C 202 90.89 37.84 26.38
N TYR C 203 90.79 39.13 26.71
CA TYR C 203 91.85 40.09 26.44
C TYR C 203 92.60 40.38 27.74
N VAL C 204 93.86 39.98 27.80
CA VAL C 204 94.72 40.21 28.96
C VAL C 204 95.84 41.12 28.50
N LYS C 205 95.63 42.42 28.63
CA LYS C 205 96.57 43.44 28.16
C LYS C 205 97.20 44.14 29.36
N THR C 206 98.08 45.10 29.07
CA THR C 206 98.66 45.92 30.10
C THR C 206 97.84 47.21 30.23
N THR C 207 98.35 48.17 31.01
CA THR C 207 97.68 49.46 31.13
C THR C 207 97.62 50.18 29.79
N MET C 208 98.71 50.13 29.03
CA MET C 208 98.81 50.88 27.78
C MET C 208 99.08 49.96 26.59
N GLY C 209 98.34 48.85 26.52
CA GLY C 209 98.48 47.92 25.41
C GLY C 209 97.23 47.83 24.55
N LYS C 210 97.15 46.79 23.72
CA LYS C 210 96.02 46.57 22.82
C LYS C 210 95.45 45.18 23.04
N ALA C 211 94.46 44.82 22.23
CA ALA C 211 93.80 43.53 22.38
C ALA C 211 94.75 42.39 22.04
N VAL C 212 94.81 41.40 22.92
CA VAL C 212 95.65 40.23 22.71
C VAL C 212 94.76 39.02 22.52
N LYS C 213 95.37 37.87 22.22
CA LYS C 213 94.64 36.63 21.99
C LYS C 213 95.03 35.61 23.03
N VAL C 214 94.03 34.96 23.64
CA VAL C 214 94.24 33.87 24.59
C VAL C 214 93.77 32.59 23.92
N LYS C 215 94.65 31.58 23.89
CA LYS C 215 94.33 30.31 23.27
C LYS C 215 93.12 29.66 23.95
N ARG C 216 92.17 29.21 23.15
CA ARG C 216 90.93 28.67 23.69
C ARG C 216 90.20 27.81 22.65
N GLY D 1 23.34 16.37 -11.04
CA GLY D 1 22.73 16.93 -12.23
C GLY D 1 23.24 16.30 -13.50
N LYS D 2 22.85 16.87 -14.64
CA LYS D 2 23.27 16.43 -15.96
C LYS D 2 24.22 17.47 -16.55
N LYS D 3 24.99 17.03 -17.56
CA LYS D 3 25.91 17.94 -18.22
C LYS D 3 25.16 19.05 -18.92
N LEU D 4 25.71 20.25 -18.85
CA LEU D 4 25.10 21.41 -19.48
C LEU D 4 25.21 21.29 -21.00
N LEU D 5 24.66 22.27 -21.70
CA LEU D 5 24.76 22.28 -23.16
C LEU D 5 26.17 22.64 -23.60
N GLN D 6 26.79 23.63 -22.96
CA GLN D 6 28.14 24.01 -23.30
C GLN D 6 29.14 22.92 -22.98
N GLN D 7 28.83 22.05 -22.03
CA GLN D 7 29.69 20.90 -21.77
C GLN D 7 29.49 19.81 -22.80
N ARG D 8 28.29 19.68 -23.36
CA ARG D 8 28.08 18.76 -24.47
C ARG D 8 28.68 19.31 -25.75
N ALA D 9 28.68 20.63 -25.92
CA ALA D 9 29.20 21.25 -27.12
C ALA D 9 30.71 21.12 -27.26
N GLY D 10 31.40 20.68 -26.23
CA GLY D 10 32.84 20.54 -26.28
C GLY D 10 33.33 19.17 -26.71
N ARG D 11 32.45 18.17 -26.66
CA ARG D 11 32.77 16.86 -27.20
C ARG D 11 32.83 16.86 -28.72
N GLY D 12 32.37 17.92 -29.36
CA GLY D 12 32.51 18.08 -30.79
C GLY D 12 31.73 17.09 -31.63
N GLY D 13 30.52 16.74 -31.20
CA GLY D 13 29.67 15.89 -32.02
C GLY D 13 29.11 16.64 -33.20
N ILE D 14 28.50 15.88 -34.12
CA ILE D 14 28.12 16.44 -35.40
C ILE D 14 27.12 17.58 -35.26
N ASN D 15 26.39 17.62 -34.15
CA ASN D 15 25.46 18.70 -33.86
C ASN D 15 26.17 20.02 -33.59
N PHE D 16 27.46 19.98 -33.29
CA PHE D 16 28.20 21.16 -32.87
C PHE D 16 29.40 21.47 -33.74
N ARG D 17 29.63 20.69 -34.80
CA ARG D 17 30.74 20.93 -35.71
C ARG D 17 30.30 21.84 -36.85
N SER D 18 31.28 22.43 -37.50
CA SER D 18 31.09 23.37 -38.60
C SER D 18 31.03 22.64 -39.93
N PRO D 19 30.08 22.96 -40.79
CA PRO D 19 30.01 22.31 -42.12
C PRO D 19 30.89 23.02 -43.13
N SER D 20 32.19 22.78 -43.03
CA SER D 20 33.17 23.61 -43.72
C SER D 20 33.37 23.22 -45.18
N TRP D 21 32.98 22.02 -45.58
CA TRP D 21 33.09 21.59 -46.97
C TRP D 21 32.31 22.47 -47.93
N ARG D 22 31.52 23.40 -47.43
CA ARG D 22 30.72 24.29 -48.26
C ARG D 22 31.38 25.61 -48.55
N ARG D 23 32.60 25.85 -48.06
CA ARG D 23 33.32 27.08 -48.30
C ARG D 23 34.37 26.89 -49.38
N VAL D 24 34.81 28.02 -49.95
CA VAL D 24 35.72 27.97 -51.09
C VAL D 24 37.07 27.37 -50.69
N GLY D 25 37.54 27.71 -49.50
CA GLY D 25 38.80 27.23 -49.01
C GLY D 25 39.28 28.16 -47.91
N PRO D 26 40.38 27.81 -47.26
CA PRO D 26 40.96 28.73 -46.28
C PRO D 26 41.40 30.02 -46.94
N ALA D 27 41.05 31.14 -46.32
CA ALA D 27 41.31 32.46 -46.91
C ALA D 27 42.52 33.07 -46.22
N ARG D 28 43.70 32.57 -46.58
CA ARG D 28 44.95 32.96 -45.97
C ARG D 28 45.97 33.35 -47.03
N TYR D 29 46.95 34.15 -46.61
CA TYR D 29 48.09 34.45 -47.46
C TYR D 29 48.91 33.18 -47.69
N PRO D 30 49.55 33.06 -48.84
CA PRO D 30 50.47 31.94 -49.06
C PRO D 30 51.89 32.32 -48.66
N ASN D 31 52.73 31.30 -48.57
CA ASN D 31 54.13 31.50 -48.21
C ASN D 31 54.93 31.78 -49.48
N ILE D 32 55.26 33.05 -49.70
CA ILE D 32 56.05 33.48 -50.84
C ILE D 32 57.16 34.41 -50.34
N GLU D 33 58.24 34.50 -51.11
CA GLU D 33 59.45 35.12 -50.61
C GLU D 33 60.07 36.11 -51.60
N GLY D 34 59.26 36.73 -52.44
CA GLY D 34 59.80 37.68 -53.39
C GLY D 34 59.05 38.99 -53.46
N ASP D 35 59.07 39.62 -54.64
CA ASP D 35 58.25 40.78 -54.95
C ASP D 35 57.46 40.43 -56.21
N HIS D 36 56.29 39.83 -56.01
CA HIS D 36 55.50 39.30 -57.12
C HIS D 36 54.42 40.29 -57.53
N LYS D 37 53.64 39.89 -58.53
CA LYS D 37 52.46 40.62 -58.95
C LYS D 37 51.32 39.63 -59.17
N GLY D 38 50.10 40.08 -58.91
CA GLY D 38 48.94 39.23 -59.02
C GLY D 38 47.84 39.91 -59.81
N LYS D 39 46.84 39.11 -60.17
CA LYS D 39 45.64 39.62 -60.83
C LYS D 39 44.44 38.98 -60.16
N ILE D 40 43.44 39.79 -59.84
CA ILE D 40 42.19 39.26 -59.30
C ILE D 40 41.40 38.64 -60.44
N ILE D 41 41.04 37.37 -60.26
CA ILE D 41 40.33 36.64 -61.30
C ILE D 41 38.87 36.36 -60.95
N ASP D 42 38.46 36.53 -59.69
CA ASP D 42 37.07 36.33 -59.31
C ASP D 42 36.82 36.90 -57.94
N ILE D 43 35.56 37.27 -57.68
CA ILE D 43 35.10 37.71 -56.38
C ILE D 43 33.92 36.81 -56.02
N LEU D 44 34.07 36.04 -54.95
CA LEU D 44 33.12 34.97 -54.64
C LEU D 44 32.43 35.22 -53.31
N HIS D 45 31.42 34.39 -53.05
CA HIS D 45 30.66 34.41 -51.81
C HIS D 45 31.11 33.22 -50.98
N ASN D 46 31.54 33.48 -49.76
CA ASN D 46 31.93 32.42 -48.84
C ASN D 46 30.77 32.18 -47.89
N PRO D 47 30.18 31.00 -47.86
CA PRO D 47 28.88 30.80 -47.20
C PRO D 47 28.72 31.29 -45.77
N GLY D 48 29.55 30.85 -44.83
CA GLY D 48 29.31 31.24 -43.46
C GLY D 48 30.36 32.14 -42.83
N VAL D 49 30.83 33.16 -43.55
CA VAL D 49 32.04 33.87 -43.14
C VAL D 49 31.86 35.39 -43.04
N THR D 50 30.82 35.92 -43.67
CA THR D 50 30.35 37.31 -43.65
C THR D 50 31.13 38.24 -44.57
N ALA D 51 32.23 37.81 -45.17
CA ALA D 51 32.96 38.69 -46.07
C ALA D 51 33.20 37.96 -47.39
N PRO D 52 33.00 38.62 -48.53
CA PRO D 52 33.37 38.00 -49.80
C PRO D 52 34.87 37.84 -49.91
N VAL D 53 35.29 36.85 -50.70
CA VAL D 53 36.71 36.58 -50.91
C VAL D 53 37.05 36.82 -52.37
N VAL D 54 38.31 37.19 -52.61
CA VAL D 54 38.85 37.33 -53.96
C VAL D 54 39.76 36.14 -54.23
N LYS D 55 39.87 35.79 -55.50
CA LYS D 55 40.80 34.77 -55.96
C LYS D 55 41.94 35.45 -56.70
N VAL D 56 43.16 35.12 -56.33
CA VAL D 56 44.35 35.79 -56.84
C VAL D 56 45.21 34.80 -57.60
N LYS D 57 45.77 35.24 -58.72
CA LYS D 57 46.69 34.47 -59.53
C LYS D 57 48.04 35.19 -59.55
N LEU D 58 49.09 34.51 -59.13
CA LEU D 58 50.43 35.11 -59.14
C LEU D 58 51.10 34.87 -60.48
N ASP D 59 52.13 35.67 -60.76
CA ASP D 59 52.82 35.60 -62.04
C ASP D 59 53.53 34.26 -62.24
N ASN D 60 53.80 33.52 -61.15
CA ASN D 60 54.37 32.19 -61.25
C ASN D 60 53.31 31.10 -61.21
N GLY D 61 52.04 31.46 -61.25
CA GLY D 61 50.98 30.49 -61.37
C GLY D 61 50.55 29.86 -60.06
N LEU D 62 50.25 30.69 -59.07
CA LEU D 62 49.83 30.23 -57.75
C LEU D 62 48.44 30.77 -57.46
N GLN D 63 47.57 29.90 -56.95
CA GLN D 63 46.18 30.23 -56.65
C GLN D 63 46.00 30.33 -55.14
N PHE D 64 45.29 31.35 -54.69
CA PHE D 64 44.90 31.42 -53.29
C PHE D 64 43.74 32.40 -53.13
N TYR D 65 43.08 32.31 -51.98
CA TYR D 65 41.95 33.15 -51.62
C TYR D 65 42.32 34.04 -50.44
N ILE D 66 41.91 35.30 -50.50
CA ILE D 66 41.99 36.20 -49.34
C ILE D 66 40.72 37.01 -49.23
N PRO D 67 40.38 37.47 -48.03
CA PRO D 67 39.19 38.30 -47.88
C PRO D 67 39.25 39.52 -48.78
N ALA D 68 38.13 39.83 -49.41
CA ALA D 68 38.06 40.93 -50.36
C ALA D 68 38.12 42.27 -49.64
N VAL D 69 38.70 43.25 -50.32
CA VAL D 69 38.80 44.61 -49.81
C VAL D 69 37.80 45.46 -50.58
N GLN D 70 37.18 46.39 -49.88
CA GLN D 70 36.16 47.24 -50.47
C GLN D 70 36.73 48.07 -51.60
N GLY D 71 36.17 47.90 -52.79
CA GLY D 71 36.57 48.71 -53.92
C GLY D 71 37.51 48.07 -54.90
N VAL D 72 37.69 46.76 -54.85
CA VAL D 72 38.59 46.05 -55.72
C VAL D 72 37.75 45.31 -56.77
N ALA D 73 38.18 45.37 -58.03
CA ALA D 73 37.44 44.82 -59.14
C ALA D 73 38.15 43.62 -59.72
N VAL D 74 37.43 42.86 -60.55
CA VAL D 74 37.99 41.70 -61.22
C VAL D 74 38.84 42.16 -62.39
N GLY D 75 39.98 41.50 -62.59
CA GLY D 75 40.92 41.90 -63.61
C GLY D 75 41.90 42.96 -63.18
N GLN D 76 41.85 43.39 -61.93
CA GLN D 76 42.76 44.38 -61.39
C GLN D 76 44.10 43.75 -61.03
N GLU D 77 45.16 44.54 -61.13
CA GLU D 77 46.52 44.07 -60.89
C GLU D 77 46.99 44.56 -59.52
N ILE D 78 47.49 43.65 -58.70
CA ILE D 78 47.98 43.99 -57.37
C ILE D 78 49.41 43.51 -57.25
N SER D 79 50.14 44.14 -56.33
CA SER D 79 51.54 43.81 -56.07
C SER D 79 51.69 43.28 -54.65
N ILE D 80 52.62 42.35 -54.48
CA ILE D 80 52.90 41.72 -53.20
C ILE D 80 54.37 41.89 -52.88
N GLY D 81 54.67 42.33 -51.67
CA GLY D 81 56.03 42.29 -51.20
C GLY D 81 56.41 43.54 -50.46
N LYS D 82 57.69 43.66 -50.17
CA LYS D 82 58.21 44.78 -49.40
C LYS D 82 58.24 46.07 -50.20
N ASN D 83 58.37 45.97 -51.53
CA ASN D 83 58.42 47.13 -52.39
C ASN D 83 57.06 47.55 -52.92
N ALA D 84 55.98 46.91 -52.45
CA ALA D 84 54.64 47.27 -52.88
C ALA D 84 54.29 48.68 -52.43
N THR D 85 53.48 49.36 -53.23
CA THR D 85 53.10 50.73 -52.95
C THR D 85 51.85 50.76 -52.06
N ILE D 86 51.35 51.96 -51.80
CA ILE D 86 50.22 52.15 -50.90
C ILE D 86 48.99 52.31 -51.78
N SER D 87 48.32 51.19 -52.05
CA SER D 87 47.09 51.20 -52.84
C SER D 87 46.17 50.12 -52.30
N ASN D 88 44.88 50.29 -52.56
CA ASN D 88 43.91 49.29 -52.13
C ASN D 88 44.24 47.92 -52.71
N GLY D 89 44.16 46.90 -51.87
CA GLY D 89 44.35 45.54 -52.28
C GLY D 89 45.76 45.04 -52.24
N ASN D 90 46.74 45.93 -52.19
CA ASN D 90 48.14 45.50 -52.19
C ASN D 90 48.51 44.90 -50.85
N ILE D 91 49.27 43.81 -50.89
CA ILE D 91 49.79 43.17 -49.70
C ILE D 91 51.16 43.75 -49.41
N VAL D 92 51.29 44.46 -48.30
CA VAL D 92 52.47 45.23 -47.95
C VAL D 92 53.06 44.68 -46.66
N GLU D 93 54.12 45.31 -46.16
CA GLU D 93 54.65 44.99 -44.84
C GLU D 93 54.47 46.18 -43.90
N VAL D 94 54.07 45.89 -42.67
CA VAL D 94 53.66 46.94 -41.74
C VAL D 94 54.83 47.78 -41.27
N GLY D 95 56.06 47.30 -41.40
CA GLY D 95 57.19 48.11 -41.05
C GLY D 95 57.41 49.30 -41.95
N GLN D 96 56.83 49.28 -43.15
CA GLN D 96 57.05 50.30 -44.16
C GLN D 96 55.95 51.33 -44.23
N LEU D 97 54.97 51.27 -43.34
CA LEU D 97 53.84 52.17 -43.56
C LEU D 97 53.87 53.33 -42.58
N PRO D 98 53.43 54.51 -42.99
CA PRO D 98 53.40 55.65 -42.08
C PRO D 98 52.31 55.54 -41.03
N GLU D 99 52.12 56.61 -40.26
CA GLU D 99 51.16 56.61 -39.17
C GLU D 99 49.76 56.83 -39.68
N GLY D 100 48.79 56.18 -39.03
CA GLY D 100 47.40 56.37 -39.38
C GLY D 100 46.97 55.73 -40.67
N THR D 101 47.67 54.68 -41.11
CA THR D 101 47.32 54.00 -42.35
C THR D 101 46.38 52.85 -42.04
N VAL D 102 45.26 52.79 -42.76
CA VAL D 102 44.20 51.82 -42.52
C VAL D 102 44.52 50.55 -43.29
N ILE D 103 44.59 49.43 -42.57
CA ILE D 103 44.92 48.13 -43.14
C ILE D 103 43.96 47.09 -42.59
N CYS D 104 44.08 45.86 -43.09
CA CYS D 104 43.19 44.77 -42.67
C CYS D 104 43.88 43.44 -42.95
N ASN D 105 43.35 42.39 -42.34
CA ASN D 105 43.93 41.06 -42.41
C ASN D 105 45.41 41.09 -42.04
N VAL D 106 45.66 41.54 -40.82
CA VAL D 106 47.02 41.77 -40.33
C VAL D 106 47.56 40.47 -39.75
N GLU D 107 48.80 40.14 -40.10
CA GLU D 107 49.47 39.01 -39.48
C GLU D 107 50.06 39.42 -38.14
N LYS D 108 50.36 38.42 -37.31
CA LYS D 108 51.16 38.67 -36.12
C LYS D 108 52.62 38.30 -36.30
N LEU D 109 52.88 37.18 -36.97
CA LEU D 109 54.21 36.77 -37.38
C LEU D 109 54.31 36.88 -38.89
N LYS D 110 55.43 36.43 -39.43
CA LYS D 110 55.63 36.38 -40.87
C LYS D 110 55.26 34.98 -41.35
N GLY D 111 54.09 34.86 -41.96
CA GLY D 111 53.70 33.59 -42.53
C GLY D 111 52.71 32.79 -41.70
N ASP D 112 51.71 33.45 -41.15
CA ASP D 112 50.62 32.75 -40.50
C ASP D 112 49.29 32.86 -41.25
N GLY D 113 49.19 33.75 -42.23
CA GLY D 113 48.01 33.86 -43.05
C GLY D 113 47.15 35.07 -42.77
N GLY D 114 47.36 35.77 -41.66
CA GLY D 114 46.50 36.86 -41.29
C GLY D 114 45.65 36.49 -40.10
N LYS D 115 45.59 37.35 -39.10
CA LYS D 115 44.83 37.08 -37.88
C LYS D 115 43.73 38.10 -37.64
N PHE D 116 44.05 39.39 -37.65
CA PHE D 116 43.15 40.41 -37.17
C PHE D 116 42.48 41.16 -38.31
N ALA D 117 41.32 41.74 -38.00
CA ALA D 117 40.55 42.56 -38.92
C ALA D 117 40.20 41.81 -40.20
N ARG D 118 39.48 40.70 -40.03
CA ARG D 118 39.06 39.87 -41.16
C ARG D 118 37.57 39.88 -41.41
N ALA D 119 36.75 40.14 -40.40
CA ALA D 119 35.30 40.12 -40.58
C ALA D 119 34.85 41.36 -41.35
N ALA D 120 33.61 41.34 -41.80
CA ALA D 120 33.14 42.32 -42.78
C ALA D 120 33.10 43.71 -42.19
N GLY D 121 33.72 44.66 -42.90
CA GLY D 121 33.72 46.04 -42.49
C GLY D 121 34.80 46.45 -41.53
N SER D 122 35.63 45.53 -41.07
CA SER D 122 36.59 45.82 -40.01
C SER D 122 37.93 46.22 -40.60
N TYR D 123 38.70 46.98 -39.81
CA TYR D 123 39.99 47.50 -40.23
C TYR D 123 40.82 47.83 -39.00
N ALA D 124 42.10 48.09 -39.22
CA ALA D 124 43.00 48.49 -38.16
C ALA D 124 43.85 49.65 -38.64
N VAL D 125 44.34 50.44 -37.69
CA VAL D 125 45.22 51.57 -38.01
C VAL D 125 46.57 51.34 -37.34
N ILE D 126 47.58 52.01 -37.87
CA ILE D 126 48.93 51.96 -37.33
C ILE D 126 49.07 53.07 -36.29
N SER D 127 49.44 52.68 -35.07
CA SER D 127 49.35 53.60 -33.94
C SER D 127 50.67 53.88 -33.24
N GLY D 128 51.80 53.45 -33.78
CA GLY D 128 53.06 53.73 -33.15
C GLY D 128 54.11 52.72 -33.54
N LYS D 129 55.11 52.60 -32.67
CA LYS D 129 56.27 51.76 -32.95
C LYS D 129 56.99 51.48 -31.64
N ALA D 130 57.20 50.21 -31.33
CA ALA D 130 58.04 49.83 -30.22
C ALA D 130 59.47 49.65 -30.74
N GLY D 131 60.35 49.09 -29.92
CA GLY D 131 61.73 48.96 -30.34
C GLY D 131 61.89 48.04 -31.55
N ASN D 132 61.24 46.88 -31.51
CA ASN D 132 61.39 45.88 -32.53
C ASN D 132 60.09 45.65 -33.29
N LYS D 133 59.00 46.28 -32.86
CA LYS D 133 57.67 45.91 -33.31
C LYS D 133 56.84 47.16 -33.52
N VAL D 134 55.77 47.02 -34.29
CA VAL D 134 54.87 48.14 -34.55
C VAL D 134 53.58 47.90 -33.77
N LEU D 135 52.94 49.00 -33.39
CA LEU D 135 51.73 48.95 -32.57
C LEU D 135 50.54 49.22 -33.46
N ILE D 136 49.54 48.33 -33.41
CA ILE D 136 48.37 48.41 -34.28
C ILE D 136 47.14 48.41 -33.39
N LYS D 137 46.23 49.33 -33.66
CA LYS D 137 44.99 49.48 -32.90
C LYS D 137 43.87 48.71 -33.60
N LEU D 138 43.30 47.73 -32.91
CA LEU D 138 42.30 46.86 -33.50
C LEU D 138 40.91 47.46 -33.34
N SER D 139 39.92 46.82 -33.97
CA SER D 139 38.55 47.34 -33.97
C SER D 139 37.88 47.24 -32.61
N SER D 140 38.46 46.51 -31.67
CA SER D 140 37.96 46.45 -30.30
C SER D 140 38.44 47.59 -29.44
N GLU D 141 39.26 48.49 -30.01
CA GLU D 141 39.90 49.65 -29.39
C GLU D 141 41.16 49.26 -28.62
N LYS D 142 41.51 47.97 -28.55
CA LYS D 142 42.72 47.55 -27.88
C LYS D 142 43.92 47.71 -28.81
N ILE D 143 45.11 47.53 -28.26
CA ILE D 143 46.35 47.68 -29.01
C ILE D 143 47.10 46.36 -28.99
N VAL D 144 47.56 45.92 -30.17
CA VAL D 144 48.30 44.69 -30.32
C VAL D 144 49.64 45.03 -30.96
N GLU D 145 50.62 44.15 -30.77
CA GLU D 145 51.99 44.39 -31.15
C GLU D 145 52.47 43.26 -32.06
N VAL D 146 52.94 43.61 -33.26
CA VAL D 146 53.26 42.63 -34.29
C VAL D 146 54.66 42.88 -34.83
N SER D 147 55.17 41.89 -35.58
CA SER D 147 56.51 41.93 -36.12
C SER D 147 56.71 43.10 -37.08
N GLN D 148 57.98 43.32 -37.42
CA GLN D 148 58.31 44.32 -38.44
C GLN D 148 57.82 43.89 -39.82
N ASN D 149 57.97 42.61 -40.14
CA ASN D 149 57.71 42.10 -41.48
C ASN D 149 56.39 41.34 -41.56
N ALA D 150 55.38 41.75 -40.82
CA ALA D 150 54.07 41.14 -40.93
C ALA D 150 53.30 41.75 -42.09
N ARG D 151 52.68 40.90 -42.89
CA ARG D 151 51.96 41.38 -44.07
C ARG D 151 50.54 41.81 -43.73
N ALA D 152 50.03 42.75 -44.50
CA ALA D 152 48.68 43.24 -44.34
C ALA D 152 48.19 43.77 -45.68
N THR D 153 46.88 43.89 -45.82
CA THR D 153 46.26 44.40 -47.03
C THR D 153 45.77 45.82 -46.76
N VAL D 154 45.88 46.68 -47.76
CA VAL D 154 45.55 48.09 -47.60
C VAL D 154 44.08 48.30 -47.97
N GLY D 155 43.27 48.72 -47.00
CA GLY D 155 41.87 49.03 -47.19
C GLY D 155 41.00 48.37 -46.15
N ILE D 156 39.70 48.36 -46.41
CA ILE D 156 38.68 47.91 -45.47
C ILE D 156 37.97 46.70 -46.03
N ILE D 157 37.65 45.73 -45.17
CA ILE D 157 36.99 44.50 -45.61
C ILE D 157 35.59 44.82 -46.12
N ALA D 158 35.22 44.23 -47.25
CA ALA D 158 33.95 44.53 -47.91
C ALA D 158 32.78 43.86 -47.19
N GLY D 159 31.64 44.56 -47.15
CA GLY D 159 30.45 44.03 -46.54
C GLY D 159 29.93 44.84 -45.37
N GLY D 160 30.27 46.13 -45.32
CA GLY D 160 29.81 46.96 -44.23
C GLY D 160 28.34 47.29 -44.31
N GLY D 161 27.80 47.77 -43.19
CA GLY D 161 26.38 47.96 -43.06
C GLY D 161 25.62 46.67 -42.94
N PHE D 162 26.35 45.57 -42.83
CA PHE D 162 25.81 44.23 -42.67
C PHE D 162 24.63 44.16 -41.70
N VAL D 163 24.66 44.91 -40.62
CA VAL D 163 23.77 44.67 -39.48
C VAL D 163 22.73 45.78 -39.33
N GLU D 164 22.54 46.61 -40.33
CA GLU D 164 21.59 47.71 -40.20
C GLU D 164 20.17 47.33 -40.61
N LYS D 165 19.96 46.12 -41.12
CA LYS D 165 18.64 45.67 -41.53
C LYS D 165 18.17 44.60 -40.56
N PRO D 166 17.04 44.76 -39.89
CA PRO D 166 16.57 43.74 -38.95
C PRO D 166 16.18 42.44 -39.65
N LEU D 167 16.47 41.33 -38.99
CA LEU D 167 16.20 40.02 -39.59
C LEU D 167 14.70 39.76 -39.65
N LEU D 168 13.93 40.35 -38.76
CA LEU D 168 12.50 40.60 -38.84
C LEU D 168 11.65 39.36 -38.58
N LYS D 169 12.22 38.16 -38.56
CA LYS D 169 11.41 36.99 -38.27
C LYS D 169 12.31 35.81 -37.96
N ALA D 170 11.75 34.82 -37.29
CA ALA D 170 12.53 33.69 -36.79
C ALA D 170 13.10 32.82 -37.89
N GLY D 171 12.56 32.90 -39.10
CA GLY D 171 13.03 32.05 -40.17
C GLY D 171 14.19 32.63 -40.94
N ASN D 172 14.33 33.95 -40.94
CA ASN D 172 15.50 34.58 -41.53
C ASN D 172 16.76 34.22 -40.77
N ASN D 173 16.61 33.85 -39.51
CA ASN D 173 17.73 33.47 -38.68
C ASN D 173 17.90 31.96 -38.65
N TYR D 174 16.96 31.23 -39.24
CA TYR D 174 17.06 29.78 -39.35
C TYR D 174 18.06 29.37 -40.43
N TRP D 175 18.08 30.04 -41.58
CA TRP D 175 19.11 29.70 -42.54
C TRP D 175 20.47 30.10 -42.01
N LYS D 176 20.60 31.35 -41.55
CA LYS D 176 21.87 31.93 -41.16
C LYS D 176 22.73 30.96 -40.37
N TYR D 177 22.12 30.15 -39.52
CA TYR D 177 22.85 29.22 -38.70
C TYR D 177 22.81 27.81 -39.24
N ARG D 178 22.28 27.60 -40.44
CA ARG D 178 22.39 26.29 -41.07
C ARG D 178 23.80 26.05 -41.61
N VAL D 179 24.47 27.11 -42.04
CA VAL D 179 25.82 27.02 -42.57
C VAL D 179 26.88 27.40 -41.56
N ARG D 180 26.49 27.68 -40.33
CA ARG D 180 27.41 27.98 -39.24
C ARG D 180 27.32 26.90 -38.18
N ALA D 181 28.20 26.97 -37.19
CA ALA D 181 28.24 26.02 -36.10
C ALA D 181 27.41 26.45 -34.90
N VAL D 182 26.89 27.67 -34.91
CA VAL D 182 26.14 28.21 -33.77
C VAL D 182 24.87 27.39 -33.56
N LYS D 183 24.55 27.14 -32.30
CA LYS D 183 23.34 26.42 -31.94
C LYS D 183 22.16 27.38 -31.83
N TRP D 184 21.06 27.04 -32.49
CA TRP D 184 19.89 27.89 -32.55
C TRP D 184 18.68 26.99 -32.71
N PRO D 185 17.57 27.28 -32.02
CA PRO D 185 17.33 28.39 -31.09
C PRO D 185 17.90 28.18 -29.68
N VAL D 186 17.83 29.23 -28.87
CA VAL D 186 18.50 29.29 -27.57
C VAL D 186 17.44 29.29 -26.47
N VAL D 187 17.49 28.30 -25.60
CA VAL D 187 16.55 28.19 -24.49
C VAL D 187 17.15 28.88 -23.27
N ARG D 188 16.35 29.73 -22.62
CA ARG D 188 16.77 30.39 -21.39
C ARG D 188 17.01 29.35 -20.31
N GLY D 189 18.01 29.61 -19.46
CA GLY D 189 18.35 28.69 -18.39
C GLY D 189 17.34 28.66 -17.26
N VAL D 190 16.60 29.75 -17.08
CA VAL D 190 15.55 29.77 -16.07
C VAL D 190 14.37 28.89 -16.45
N ALA D 191 14.21 28.57 -17.72
CA ALA D 191 13.13 27.72 -18.19
C ALA D 191 13.45 26.23 -18.06
N MET D 192 14.67 25.87 -17.67
CA MET D 192 15.03 24.48 -17.53
C MET D 192 14.70 24.00 -16.12
N ASN D 193 15.02 22.74 -15.83
CA ASN D 193 14.88 22.19 -14.50
C ASN D 193 16.19 22.31 -13.74
N ALA D 194 16.15 22.00 -12.46
CA ALA D 194 17.34 22.14 -11.61
C ALA D 194 18.42 21.14 -11.96
N VAL D 195 18.06 20.04 -12.64
CA VAL D 195 19.02 19.02 -13.02
C VAL D 195 19.84 19.43 -14.23
N SER D 196 19.42 20.45 -14.97
CA SER D 196 20.06 20.80 -16.23
C SER D 196 20.71 22.17 -16.23
N HIS D 197 20.54 22.99 -15.19
CA HIS D 197 21.10 24.32 -15.21
C HIS D 197 21.16 24.87 -13.80
N PRO D 198 22.21 25.59 -13.43
CA PRO D 198 22.22 26.27 -12.12
C PRO D 198 21.14 27.33 -11.95
N HIS D 199 20.55 27.82 -13.03
CA HIS D 199 19.47 28.80 -12.91
C HIS D 199 18.09 28.16 -12.85
N GLY D 200 17.97 26.86 -13.09
CA GLY D 200 16.67 26.24 -13.17
C GLY D 200 16.02 26.00 -11.82
N GLY D 201 14.74 25.66 -11.86
CA GLY D 201 13.96 25.35 -10.67
C GLY D 201 13.28 26.56 -10.07
N GLY D 202 12.25 26.29 -9.28
CA GLY D 202 11.53 27.31 -8.55
C GLY D 202 10.11 27.49 -9.08
N LEU D 203 9.28 28.10 -8.23
CA LEU D 203 7.92 28.46 -8.63
C LEU D 203 7.91 29.60 -9.63
N HIS D 204 8.68 30.65 -9.37
CA HIS D 204 8.79 31.79 -10.25
C HIS D 204 10.15 31.75 -10.93
N GLN D 205 10.16 31.97 -12.24
CA GLN D 205 11.42 31.94 -13.00
C GLN D 205 12.31 33.09 -12.59
N SER D 206 13.46 32.77 -12.03
CA SER D 206 14.39 33.82 -11.62
C SER D 206 15.77 33.21 -11.42
N VAL D 207 16.79 34.04 -11.65
CA VAL D 207 18.15 33.69 -11.25
C VAL D 207 18.19 33.74 -9.74
N SER D 208 18.41 32.59 -9.11
CA SER D 208 18.23 32.51 -7.67
C SER D 208 19.34 33.19 -6.89
N ARG D 209 20.52 33.33 -7.47
CA ARG D 209 21.67 34.00 -6.87
C ARG D 209 22.08 35.17 -7.76
N PRO D 210 23.03 35.99 -7.31
CA PRO D 210 23.64 36.96 -8.24
C PRO D 210 24.33 36.26 -9.39
N SER D 211 24.22 36.86 -10.58
CA SER D 211 24.68 36.18 -11.79
C SER D 211 26.20 36.20 -11.93
N THR D 212 26.86 37.24 -11.44
CA THR D 212 28.30 37.32 -11.55
C THR D 212 28.98 36.15 -10.85
N VAL D 213 29.94 35.53 -11.53
CA VAL D 213 30.67 34.39 -10.99
C VAL D 213 32.16 34.65 -11.19
N SER D 214 32.97 33.94 -10.39
CA SER D 214 34.40 34.15 -10.38
C SER D 214 35.08 33.47 -11.56
N ARG D 215 36.35 33.82 -11.76
CA ARG D 215 37.15 33.21 -12.81
C ARG D 215 37.61 31.80 -12.44
N ASN D 216 37.48 31.39 -11.18
CA ASN D 216 37.96 30.10 -10.72
C ASN D 216 36.86 29.06 -10.56
N ALA D 217 35.64 29.35 -10.99
CA ALA D 217 34.55 28.39 -10.83
C ALA D 217 34.78 27.18 -11.74
N PRO D 218 34.50 25.97 -11.27
CA PRO D 218 34.72 24.78 -12.09
C PRO D 218 33.75 24.73 -13.27
N PRO D 219 34.09 23.98 -14.33
CA PRO D 219 33.16 23.86 -15.46
C PRO D 219 31.85 23.21 -15.05
N GLY D 220 30.77 23.71 -15.63
CA GLY D 220 29.44 23.38 -15.18
C GLY D 220 28.82 24.44 -14.28
N ARG D 221 29.55 25.50 -14.00
CA ARG D 221 29.08 26.58 -13.14
C ARG D 221 29.26 27.96 -13.75
N LYS D 222 30.12 28.11 -14.76
CA LYS D 222 30.38 29.41 -15.38
C LYS D 222 29.23 29.76 -16.33
N VAL D 223 28.17 30.29 -15.75
CA VAL D 223 27.02 30.79 -16.51
C VAL D 223 26.67 32.16 -15.98
N GLY D 224 25.95 32.93 -16.78
CA GLY D 224 25.61 34.28 -16.41
C GLY D 224 26.68 35.25 -16.87
N HIS D 225 27.12 36.10 -15.96
CA HIS D 225 28.18 37.07 -16.23
C HIS D 225 29.49 36.53 -15.67
N ILE D 226 30.48 36.36 -16.54
CA ILE D 226 31.71 35.64 -16.23
C ILE D 226 32.76 36.66 -15.82
N ALA D 227 33.14 36.65 -14.54
CA ALA D 227 34.24 37.47 -14.03
C ALA D 227 34.06 38.94 -14.40
N SER D 228 32.82 39.40 -14.31
CA SER D 228 32.48 40.76 -14.71
C SER D 228 33.15 41.79 -13.81
N ARG D 229 33.63 42.88 -14.40
CA ARG D 229 34.10 44.03 -13.63
C ARG D 229 33.00 45.00 -13.28
N ARG D 230 31.85 44.92 -13.96
CA ARG D 230 30.78 45.88 -13.83
C ARG D 230 29.55 45.27 -14.49
N THR D 231 28.37 45.76 -14.13
CA THR D 231 27.13 45.41 -14.79
C THR D 231 26.29 46.67 -14.91
N GLY D 232 25.11 46.53 -15.52
CA GLY D 232 24.22 47.65 -15.70
C GLY D 232 24.47 48.38 -17.01
N ARG D 233 23.49 49.18 -17.42
CA ARG D 233 23.55 49.74 -18.76
C ARG D 233 24.49 50.94 -18.83
N ARG D 234 24.44 51.81 -17.83
CA ARG D 234 25.14 53.08 -17.89
C ARG D 234 26.66 52.91 -17.99
N ARG E 1 -32.77 19.54 -3.33
CA ARG E 1 -32.97 18.84 -2.07
C ARG E 1 -34.41 18.39 -1.92
N LYS E 2 -34.64 17.14 -2.30
CA LYS E 2 -35.86 16.40 -1.98
C LYS E 2 -37.08 17.31 -2.05
N LEU E 3 -37.38 17.84 -3.23
CA LEU E 3 -38.67 18.47 -3.44
C LEU E 3 -39.76 17.42 -3.34
N SER E 4 -41.00 17.84 -3.52
CA SER E 4 -42.13 16.92 -3.47
C SER E 4 -42.66 16.68 -4.87
N SER E 5 -42.92 15.42 -5.19
CA SER E 5 -43.54 15.06 -6.43
C SER E 5 -44.34 13.79 -6.14
N PRO E 6 -45.57 13.69 -6.63
CA PRO E 6 -46.35 12.47 -6.38
C PRO E 6 -45.78 11.27 -7.11
N ARG E 7 -46.06 10.09 -6.58
CA ARG E 7 -45.55 8.87 -7.19
C ARG E 7 -46.16 8.66 -8.57
N ARG E 8 -45.48 7.86 -9.37
CA ARG E 8 -45.89 7.59 -10.74
C ARG E 8 -46.76 6.35 -10.80
N GLY E 9 -48.03 6.53 -11.14
CA GLY E 9 -48.96 5.43 -11.21
C GLY E 9 -49.65 5.16 -9.89
N SER E 10 -50.58 4.22 -9.93
CA SER E 10 -51.38 3.84 -8.77
C SER E 10 -50.79 2.60 -8.14
N ALA E 11 -50.66 2.61 -6.82
CA ALA E 11 -50.19 1.44 -6.08
C ALA E 11 -51.29 0.43 -5.83
N GLY E 12 -52.55 0.76 -6.14
CA GLY E 12 -53.64 -0.16 -5.94
C GLY E 12 -53.94 -1.07 -7.09
N LEU E 13 -53.31 -0.85 -8.23
CA LEU E 13 -53.55 -1.65 -9.42
C LEU E 13 -52.52 -2.74 -9.61
N ARG E 14 -51.64 -2.93 -8.70
CA ARG E 14 -50.65 -3.96 -8.94
C ARG E 14 -51.17 -5.31 -8.43
N PRO E 15 -50.97 -6.40 -9.18
CA PRO E 15 -50.23 -6.56 -10.44
C PRO E 15 -50.94 -6.06 -11.69
N ARG E 16 -50.18 -5.47 -12.62
CA ARG E 16 -50.70 -5.15 -13.95
C ARG E 16 -50.51 -6.38 -14.81
N LYS E 17 -51.42 -7.33 -14.67
CA LYS E 17 -51.33 -8.60 -15.38
C LYS E 17 -52.38 -8.66 -16.48
N ARG E 18 -52.24 -9.66 -17.34
CA ARG E 18 -53.21 -9.90 -18.39
C ARG E 18 -54.51 -10.43 -17.80
N ALA E 19 -55.63 -9.95 -18.31
CA ALA E 19 -56.92 -10.44 -17.88
C ALA E 19 -57.09 -11.91 -18.24
N ASP E 20 -57.67 -12.68 -17.35
CA ASP E 20 -57.79 -14.12 -17.54
C ASP E 20 -59.05 -14.54 -18.31
N GLU E 21 -59.95 -13.61 -18.60
CA GLU E 21 -61.10 -13.88 -19.44
C GLU E 21 -61.45 -12.61 -20.21
N ILE E 22 -62.05 -12.77 -21.38
CA ILE E 22 -62.39 -11.59 -22.19
C ILE E 22 -63.69 -10.94 -21.75
N LEU E 23 -64.57 -11.65 -21.05
CA LEU E 23 -65.82 -11.08 -20.54
C LEU E 23 -65.86 -11.28 -19.03
N PRO E 24 -65.49 -10.27 -18.25
CA PRO E 24 -65.59 -10.38 -16.79
C PRO E 24 -67.01 -10.15 -16.30
N THR E 25 -67.26 -10.65 -15.11
CA THR E 25 -68.53 -10.45 -14.43
C THR E 25 -68.31 -9.55 -13.22
N PRO E 26 -69.25 -8.67 -12.89
CA PRO E 26 -69.12 -7.88 -11.66
C PRO E 26 -69.04 -8.77 -10.43
N LYS E 27 -68.27 -8.32 -9.45
CA LYS E 27 -68.25 -9.00 -8.16
C LYS E 27 -69.36 -8.50 -7.24
N ASN E 28 -69.75 -7.24 -7.39
CA ASN E 28 -70.74 -6.60 -6.54
C ASN E 28 -71.82 -5.99 -7.41
N TRP E 29 -73.03 -5.93 -6.86
CA TRP E 29 -74.18 -5.46 -7.60
C TRP E 29 -74.86 -4.35 -6.83
N PRO E 30 -75.51 -3.42 -7.52
CA PRO E 30 -76.23 -2.35 -6.82
C PRO E 30 -77.39 -2.91 -6.01
N LEU E 31 -77.78 -2.15 -5.00
CA LEU E 31 -78.84 -2.60 -4.11
C LEU E 31 -80.16 -2.68 -4.87
N VAL E 32 -81.22 -3.10 -4.17
CA VAL E 32 -82.50 -3.30 -4.81
C VAL E 32 -82.96 -2.03 -5.50
N ASN E 33 -82.72 -0.88 -4.87
CA ASN E 33 -83.07 0.43 -5.41
C ASN E 33 -84.57 0.55 -5.65
N LEU E 34 -85.36 -0.20 -4.88
CA LEU E 34 -86.80 -0.02 -4.79
C LEU E 34 -87.47 -0.17 -6.16
N LYS E 35 -87.39 -1.39 -6.68
CA LYS E 35 -88.00 -1.69 -7.96
C LYS E 35 -88.76 -3.00 -7.93
N GLU E 36 -89.21 -3.47 -9.10
CA GLU E 36 -89.91 -4.72 -9.30
C GLU E 36 -89.06 -5.62 -10.19
N PRO E 37 -89.27 -6.95 -10.14
CA PRO E 37 -88.26 -7.88 -10.67
C PRO E 37 -87.75 -7.52 -12.06
N LYS E 38 -86.43 -7.37 -12.18
CA LYS E 38 -85.81 -7.14 -13.48
C LYS E 38 -84.33 -7.44 -13.38
N LEU E 39 -83.71 -7.65 -14.53
CA LEU E 39 -82.27 -7.88 -14.58
C LEU E 39 -81.51 -6.59 -14.38
N LEU E 40 -80.30 -6.71 -13.85
CA LEU E 40 -79.48 -5.56 -13.51
C LEU E 40 -78.30 -5.37 -14.47
N GLY E 41 -78.36 -5.94 -15.66
CA GLY E 41 -77.28 -5.76 -16.61
C GLY E 41 -77.60 -6.36 -17.96
N PHE E 42 -76.71 -6.09 -18.92
CA PHE E 42 -76.83 -6.58 -20.28
C PHE E 42 -75.44 -6.72 -20.88
N ILE E 43 -75.38 -7.32 -22.07
CA ILE E 43 -74.12 -7.62 -22.74
C ILE E 43 -74.14 -7.01 -24.14
N GLY E 44 -73.04 -6.34 -24.51
CA GLY E 44 -72.96 -5.71 -25.81
C GLY E 44 -71.59 -5.89 -26.43
N TYR E 45 -71.46 -5.38 -27.65
CA TYR E 45 -70.20 -5.42 -28.41
C TYR E 45 -69.86 -4.02 -28.86
N LYS E 46 -68.62 -3.60 -28.63
CA LYS E 46 -68.19 -2.28 -29.06
C LYS E 46 -67.93 -2.27 -30.56
N ALA E 47 -68.52 -1.30 -31.25
CA ALA E 47 -68.39 -1.18 -32.69
C ALA E 47 -67.40 -0.10 -33.10
N GLY E 48 -67.69 1.14 -32.74
CA GLY E 48 -66.88 2.26 -33.18
C GLY E 48 -67.18 3.49 -32.37
N MET E 49 -67.12 4.66 -32.98
CA MET E 49 -67.36 5.88 -32.22
C MET E 49 -67.65 7.00 -33.22
N THR E 50 -68.52 7.92 -32.82
CA THR E 50 -68.84 9.09 -33.66
C THR E 50 -69.18 10.25 -32.74
N HIS E 51 -69.86 11.27 -33.26
CA HIS E 51 -70.30 12.38 -32.42
C HIS E 51 -71.65 12.91 -32.86
N VAL E 52 -72.47 13.29 -31.89
CA VAL E 52 -73.84 13.77 -32.11
C VAL E 52 -73.93 15.18 -31.55
N TYR E 53 -75.08 15.83 -31.78
CA TYR E 53 -75.36 17.16 -31.23
C TYR E 53 -76.66 17.06 -30.47
N MET E 54 -76.61 17.23 -29.16
CA MET E 54 -77.81 17.09 -28.37
C MET E 54 -78.08 18.38 -27.63
N ILE E 55 -79.30 18.50 -27.12
CA ILE E 55 -79.69 19.62 -26.28
C ILE E 55 -79.59 19.16 -24.83
N ASP E 56 -78.89 19.94 -24.01
CA ASP E 56 -78.48 19.49 -22.69
C ASP E 56 -79.68 19.27 -21.77
N ASP E 57 -79.60 18.21 -20.98
CA ASP E 57 -80.66 17.77 -20.07
C ASP E 57 -80.43 18.18 -18.63
N LYS E 58 -79.19 18.05 -18.15
CA LYS E 58 -78.79 18.38 -16.79
C LYS E 58 -79.30 19.73 -16.36
N PRO E 59 -80.28 19.80 -15.45
CA PRO E 59 -80.82 21.10 -15.05
C PRO E 59 -79.83 21.99 -14.34
N THR E 60 -78.74 21.44 -13.81
CA THR E 60 -77.72 22.23 -13.14
C THR E 60 -76.57 22.60 -14.07
N SER E 61 -76.58 22.12 -15.30
CA SER E 61 -75.47 22.33 -16.21
C SER E 61 -75.38 23.79 -16.63
N PRO E 62 -74.18 24.28 -16.93
CA PRO E 62 -74.05 25.65 -17.46
C PRO E 62 -74.61 25.80 -18.86
N ASN E 63 -74.73 24.72 -19.61
CA ASN E 63 -75.21 24.74 -20.98
C ASN E 63 -76.64 24.23 -21.09
N TYR E 64 -77.47 24.51 -20.10
CA TYR E 64 -78.79 23.91 -20.04
C TYR E 64 -79.67 24.46 -21.15
N GLY E 65 -80.34 23.55 -21.87
CA GLY E 65 -81.18 23.95 -22.98
C GLY E 65 -80.45 24.56 -24.14
N LYS E 66 -79.24 24.08 -24.42
CA LYS E 66 -78.42 24.59 -25.51
C LYS E 66 -77.83 23.42 -26.27
N GLU E 67 -77.54 23.67 -27.55
CA GLU E 67 -77.04 22.63 -28.45
C GLU E 67 -75.53 22.52 -28.28
N VAL E 68 -75.07 21.38 -27.74
CA VAL E 68 -73.66 21.17 -27.49
C VAL E 68 -73.21 19.91 -28.21
N TYR E 69 -71.91 19.83 -28.45
CA TYR E 69 -71.31 18.78 -29.26
C TYR E 69 -70.68 17.73 -28.35
N THR E 70 -71.07 16.47 -28.54
CA THR E 70 -70.64 15.40 -27.65
C THR E 70 -70.18 14.19 -28.45
N PRO E 71 -69.03 13.60 -28.12
CA PRO E 71 -68.68 12.30 -28.70
C PRO E 71 -69.50 11.17 -28.10
N VAL E 72 -69.65 10.10 -28.86
CA VAL E 72 -70.44 8.95 -28.46
C VAL E 72 -69.78 7.67 -28.95
N THR E 73 -70.05 6.58 -28.25
CA THR E 73 -69.60 5.25 -28.63
C THR E 73 -70.81 4.42 -29.05
N ILE E 74 -70.63 3.57 -30.05
CA ILE E 74 -71.70 2.76 -30.60
C ILE E 74 -71.51 1.32 -30.11
N VAL E 75 -72.54 0.76 -29.50
CA VAL E 75 -72.48 -0.58 -28.93
C VAL E 75 -73.61 -1.39 -29.54
N GLU E 76 -73.26 -2.49 -30.20
CA GLU E 76 -74.25 -3.33 -30.86
C GLU E 76 -74.72 -4.39 -29.88
N SER E 77 -76.05 -4.48 -29.68
CA SER E 77 -76.63 -5.32 -28.65
C SER E 77 -77.83 -6.09 -29.18
N PRO E 78 -77.60 -7.26 -29.78
CA PRO E 78 -78.71 -8.15 -30.12
C PRO E 78 -79.34 -8.71 -28.85
N PRO E 79 -80.45 -9.43 -28.96
CA PRO E 79 -80.98 -10.12 -27.78
C PRO E 79 -80.04 -11.20 -27.27
N ILE E 80 -80.11 -11.46 -25.98
CA ILE E 80 -79.38 -12.55 -25.36
C ILE E 80 -80.33 -13.72 -25.15
N LEU E 81 -79.78 -14.88 -24.83
CA LEU E 81 -80.57 -16.09 -24.62
C LEU E 81 -80.48 -16.49 -23.15
N GLY E 82 -81.64 -16.62 -22.51
CA GLY E 82 -81.70 -17.08 -21.13
C GLY E 82 -81.54 -18.58 -21.02
N LEU E 83 -80.54 -19.04 -20.28
CA LEU E 83 -80.16 -20.45 -20.26
C LEU E 83 -80.64 -21.19 -19.03
N ALA E 84 -80.32 -20.69 -17.83
CA ALA E 84 -80.59 -21.39 -16.60
C ALA E 84 -80.93 -20.39 -15.51
N LEU E 85 -81.39 -20.93 -14.38
CA LEU E 85 -81.71 -20.15 -13.20
C LEU E 85 -80.89 -20.68 -12.03
N ARG E 86 -80.26 -19.77 -11.30
CA ARG E 86 -79.27 -20.10 -10.28
C ARG E 86 -79.66 -19.49 -8.94
N ALA E 87 -79.60 -20.30 -7.88
CA ALA E 87 -79.98 -19.87 -6.54
C ALA E 87 -78.79 -19.99 -5.60
N TYR E 88 -78.59 -18.95 -4.79
CA TYR E 88 -77.50 -18.90 -3.83
C TYR E 88 -78.07 -18.99 -2.41
N HIS E 89 -77.29 -19.57 -1.50
CA HIS E 89 -77.70 -19.59 -0.09
C HIS E 89 -76.44 -19.58 0.75
N ILE E 90 -76.61 -19.32 2.04
CA ILE E 90 -75.53 -19.45 3.01
C ILE E 90 -75.49 -20.90 3.46
N ASP E 91 -74.52 -21.65 2.98
CA ASP E 91 -74.45 -23.09 3.25
C ASP E 91 -73.84 -23.32 4.62
N SER E 92 -73.57 -24.58 4.95
CA SER E 92 -72.70 -24.85 6.07
C SER E 92 -71.33 -24.24 5.77
N LYS E 93 -70.56 -24.00 6.83
CA LYS E 93 -69.35 -23.18 6.79
C LYS E 93 -69.72 -21.71 6.66
N GLY E 94 -70.99 -21.42 6.39
CA GLY E 94 -71.46 -20.05 6.31
C GLY E 94 -70.91 -19.26 5.14
N GLU E 95 -71.03 -19.82 3.94
CA GLU E 95 -70.46 -19.24 2.73
C GLU E 95 -71.58 -18.81 1.79
N LEU E 96 -71.20 -18.34 0.61
CA LEU E 96 -72.19 -17.94 -0.38
C LEU E 96 -72.15 -18.87 -1.58
N SER E 97 -72.10 -20.17 -1.32
CA SER E 97 -72.05 -21.14 -2.39
C SER E 97 -73.37 -21.18 -3.16
N VAL E 98 -73.39 -21.98 -4.22
CA VAL E 98 -74.54 -22.10 -5.10
C VAL E 98 -75.41 -23.25 -4.60
N LEU E 99 -76.73 -23.05 -4.55
CA LEU E 99 -77.61 -24.13 -4.14
C LEU E 99 -77.82 -25.13 -5.27
N VAL E 100 -78.34 -24.68 -6.40
CA VAL E 100 -78.59 -25.56 -7.55
C VAL E 100 -78.80 -24.67 -8.76
N ASP E 101 -78.61 -25.25 -9.95
CA ASP E 101 -78.88 -24.63 -11.24
C ASP E 101 -80.02 -25.37 -11.92
N TYR E 102 -80.96 -24.63 -12.49
CA TYR E 102 -82.12 -25.22 -13.16
C TYR E 102 -82.08 -24.85 -14.64
N TRP E 103 -81.69 -25.79 -15.49
CA TRP E 103 -81.53 -25.54 -16.90
C TRP E 103 -82.80 -25.88 -17.66
N ALA E 104 -83.08 -25.10 -18.70
CA ALA E 104 -84.26 -25.35 -19.52
C ALA E 104 -83.95 -24.92 -20.95
N ASN E 105 -83.68 -25.90 -21.81
CA ASN E 105 -83.50 -25.69 -23.24
C ASN E 105 -84.26 -26.69 -24.09
N PHE E 106 -84.73 -27.80 -23.52
CA PHE E 106 -85.21 -28.91 -24.32
C PHE E 106 -86.58 -28.64 -24.94
N GLU E 107 -87.48 -27.99 -24.19
CA GLU E 107 -88.83 -27.75 -24.70
C GLU E 107 -88.80 -26.88 -25.95
N GLU E 108 -87.98 -25.83 -25.93
CA GLU E 108 -87.73 -24.99 -27.10
C GLU E 108 -86.45 -24.23 -26.83
N GLY E 109 -85.51 -24.32 -27.76
CA GLY E 109 -84.15 -23.92 -27.42
C GLY E 109 -83.18 -25.08 -27.60
N SER E 110 -83.44 -25.90 -28.62
CA SER E 110 -82.48 -26.93 -29.04
C SER E 110 -81.43 -26.28 -29.93
N LEU E 111 -80.26 -25.94 -29.35
CA LEU E 111 -79.21 -25.27 -30.09
C LEU E 111 -77.90 -26.06 -30.05
N LYS E 112 -77.23 -26.10 -31.20
CA LYS E 112 -75.89 -26.61 -31.37
C LYS E 112 -74.83 -25.51 -31.40
N TYR E 113 -75.25 -24.26 -31.58
CA TYR E 113 -74.34 -23.15 -31.33
C TYR E 113 -73.85 -23.17 -29.90
N LEU E 114 -74.70 -23.64 -29.00
CA LEU E 114 -74.36 -23.72 -27.58
C LEU E 114 -73.38 -24.84 -27.30
N LYS E 115 -73.26 -25.81 -28.19
CA LYS E 115 -72.34 -26.91 -28.02
C LYS E 115 -70.93 -26.58 -28.48
N ARG E 116 -70.73 -25.41 -29.05
CA ARG E 116 -69.38 -24.96 -29.38
C ARG E 116 -68.62 -24.50 -28.15
N LYS E 117 -69.30 -24.26 -27.05
CA LYS E 117 -68.69 -23.92 -25.78
C LYS E 117 -68.83 -25.01 -24.72
N ILE E 118 -69.99 -25.66 -24.64
CA ILE E 118 -70.27 -26.70 -23.66
C ILE E 118 -70.87 -27.87 -24.41
N THR E 119 -70.35 -29.08 -24.18
CA THR E 119 -70.97 -30.28 -24.77
C THR E 119 -72.23 -30.66 -23.97
N SER E 120 -73.25 -29.82 -24.08
CA SER E 120 -74.27 -29.69 -23.06
C SER E 120 -75.20 -30.90 -23.04
N LEU E 121 -76.27 -30.82 -22.24
CA LEU E 121 -76.94 -31.99 -21.69
C LEU E 121 -77.47 -32.91 -22.77
N LYS E 122 -77.37 -34.21 -22.52
CA LYS E 122 -78.01 -35.20 -23.36
C LYS E 122 -79.50 -35.29 -23.03
N VAL E 123 -80.26 -35.90 -23.94
CA VAL E 123 -81.66 -36.15 -23.68
C VAL E 123 -81.82 -37.09 -22.49
N ASP E 124 -80.83 -37.96 -22.27
CA ASP E 124 -80.88 -38.88 -21.14
C ASP E 124 -80.88 -38.13 -19.81
N SER E 125 -80.09 -37.05 -19.72
CA SER E 125 -79.90 -36.33 -18.46
C SER E 125 -80.76 -35.07 -18.37
N SER E 126 -81.98 -35.10 -18.89
CA SER E 126 -82.90 -33.99 -18.69
C SER E 126 -83.78 -34.22 -17.45
N LYS E 127 -83.13 -34.55 -16.34
CA LYS E 127 -83.83 -34.71 -15.06
C LYS E 127 -83.81 -33.42 -14.26
N MET E 128 -84.19 -32.32 -14.91
CA MET E 128 -84.27 -31.02 -14.26
C MET E 128 -85.56 -30.85 -13.48
N LYS E 129 -86.42 -31.87 -13.48
CA LYS E 129 -87.69 -31.77 -12.78
C LYS E 129 -87.48 -31.61 -11.27
N GLU E 130 -86.54 -32.35 -10.71
CA GLU E 130 -86.27 -32.31 -9.28
C GLU E 130 -85.23 -31.27 -8.89
N LYS E 131 -84.65 -30.54 -9.84
CA LYS E 131 -83.86 -29.38 -9.47
C LYS E 131 -84.76 -28.22 -9.11
N LEU E 132 -85.95 -28.15 -9.70
CA LEU E 132 -86.85 -27.02 -9.45
C LEU E 132 -87.52 -27.12 -8.10
N ASP E 133 -87.92 -28.32 -7.67
CA ASP E 133 -88.55 -28.45 -6.37
C ASP E 133 -87.55 -28.28 -5.23
N LEU E 134 -86.26 -28.48 -5.50
CA LEU E 134 -85.24 -28.15 -4.51
C LEU E 134 -85.20 -26.65 -4.26
N ILE E 135 -85.37 -25.84 -5.29
CA ILE E 135 -85.43 -24.39 -5.11
C ILE E 135 -86.66 -24.02 -4.30
N GLN E 136 -87.79 -24.65 -4.57
CA GLN E 136 -89.03 -24.31 -3.86
C GLN E 136 -89.03 -24.87 -2.45
N LYS E 137 -88.41 -26.03 -2.24
CA LYS E 137 -88.27 -26.55 -0.88
C LYS E 137 -87.39 -25.62 -0.04
N ASN E 138 -86.23 -25.23 -0.59
CA ASN E 138 -85.27 -24.40 0.12
C ASN E 138 -85.51 -22.91 -0.09
N LEU E 139 -86.72 -22.52 -0.49
CA LEU E 139 -87.05 -21.11 -0.46
C LEU E 139 -87.05 -20.65 1.00
N ASN E 140 -87.06 -19.33 1.18
CA ASN E 140 -87.01 -18.62 2.46
C ASN E 140 -85.62 -18.63 3.07
N ASN E 141 -84.67 -19.40 2.56
CA ASN E 141 -83.27 -19.25 2.94
C ASN E 141 -82.38 -19.08 1.72
N ILE E 142 -82.94 -18.60 0.62
CA ILE E 142 -82.20 -18.21 -0.57
C ILE E 142 -82.00 -16.70 -0.54
N THR E 143 -80.77 -16.26 -0.82
CA THR E 143 -80.41 -14.86 -0.72
C THR E 143 -80.40 -14.15 -2.07
N TYR E 144 -79.92 -14.80 -3.13
CA TYR E 144 -79.80 -14.16 -4.44
C TYR E 144 -80.28 -15.11 -5.52
N MET E 145 -80.88 -14.52 -6.55
CA MET E 145 -81.28 -15.25 -7.75
C MET E 145 -80.52 -14.67 -8.94
N ARG E 146 -79.94 -15.54 -9.76
CA ARG E 146 -79.21 -15.09 -10.93
C ARG E 146 -79.60 -15.92 -12.15
N LEU E 147 -79.58 -15.27 -13.30
CA LEU E 147 -79.92 -15.90 -14.57
C LEU E 147 -78.68 -16.04 -15.43
N LEU E 148 -78.41 -17.26 -15.90
CA LEU E 148 -77.36 -17.48 -16.89
C LEU E 148 -77.86 -17.07 -18.27
N VAL E 149 -77.13 -16.19 -18.94
CA VAL E 149 -77.49 -15.74 -20.26
C VAL E 149 -76.36 -16.05 -21.22
N SER E 150 -76.69 -16.08 -22.50
CA SER E 150 -75.75 -16.38 -23.55
C SER E 150 -75.84 -15.33 -24.64
N THR E 151 -74.70 -14.88 -25.13
CA THR E 151 -74.73 -13.99 -26.27
C THR E 151 -74.98 -14.79 -27.55
N GLN E 152 -75.37 -14.08 -28.58
CA GLN E 152 -75.70 -14.67 -29.87
C GLN E 152 -74.83 -14.00 -30.93
N PRO E 153 -73.54 -14.36 -30.99
CA PRO E 153 -72.64 -13.69 -31.92
C PRO E 153 -72.93 -13.98 -33.37
N TRP E 154 -73.63 -15.07 -33.66
CA TRP E 154 -73.92 -15.42 -35.04
C TRP E 154 -74.85 -14.42 -35.71
N LEU E 155 -75.49 -13.55 -34.94
CA LEU E 155 -76.33 -12.49 -35.47
C LEU E 155 -75.55 -11.24 -35.83
N VAL E 156 -74.25 -11.21 -35.55
CA VAL E 156 -73.38 -10.09 -35.88
C VAL E 156 -72.34 -10.56 -36.88
N PRO E 157 -72.53 -10.24 -38.16
CA PRO E 157 -71.59 -10.77 -39.17
C PRO E 157 -70.20 -10.16 -39.09
N SER E 158 -70.11 -8.86 -38.77
CA SER E 158 -68.82 -8.20 -38.66
C SER E 158 -67.97 -8.81 -37.56
N LEU E 159 -68.58 -9.59 -36.69
CA LEU E 159 -67.94 -10.19 -35.53
C LEU E 159 -67.77 -11.67 -35.87
N GLY E 160 -66.69 -11.99 -36.58
CA GLY E 160 -66.61 -13.27 -37.24
C GLY E 160 -66.45 -14.49 -36.34
N LYS E 161 -67.42 -14.71 -35.46
CA LYS E 161 -67.40 -15.86 -34.55
C LYS E 161 -68.81 -16.37 -34.35
N LYS E 162 -68.91 -17.64 -33.97
CA LYS E 162 -70.19 -18.28 -33.70
C LYS E 162 -70.32 -18.89 -32.32
N ARG E 163 -69.22 -19.20 -31.64
CA ARG E 163 -69.44 -19.74 -30.30
C ARG E 163 -69.73 -18.59 -29.33
N PRO E 164 -70.62 -18.79 -28.36
CA PRO E 164 -71.08 -17.69 -27.52
C PRO E 164 -70.23 -17.45 -26.28
N GLU E 165 -70.63 -16.47 -25.48
CA GLU E 165 -70.06 -16.21 -24.16
C GLU E 165 -71.15 -16.38 -23.12
N ILE E 166 -70.80 -16.99 -21.99
CA ILE E 166 -71.76 -17.37 -20.95
C ILE E 166 -71.43 -16.57 -19.70
N VAL E 167 -72.40 -15.82 -19.19
CA VAL E 167 -72.25 -15.08 -17.94
C VAL E 167 -73.54 -15.22 -17.14
N GLU E 168 -73.52 -14.75 -15.90
CA GLU E 168 -74.71 -14.77 -15.07
C GLU E 168 -75.01 -13.37 -14.55
N ILE E 169 -76.28 -12.99 -14.59
CA ILE E 169 -76.74 -11.64 -14.29
C ILE E 169 -77.74 -11.72 -13.15
N GLN E 170 -77.68 -10.77 -12.24
CA GLN E 170 -78.50 -10.83 -11.05
C GLN E 170 -79.85 -10.16 -11.26
N ILE E 171 -80.85 -10.68 -10.53
CA ILE E 171 -82.21 -10.17 -10.55
C ILE E 171 -82.43 -9.36 -9.27
N GLY E 172 -82.97 -8.16 -9.42
CA GLY E 172 -83.32 -7.35 -8.28
C GLY E 172 -84.72 -6.78 -8.41
N GLY E 173 -85.52 -6.85 -7.36
CA GLY E 173 -86.92 -6.51 -7.49
C GLY E 173 -87.74 -6.73 -6.25
N GLY E 174 -88.86 -7.45 -6.38
CA GLY E 174 -89.73 -7.69 -5.26
C GLY E 174 -89.21 -8.77 -4.33
N SER E 175 -90.08 -9.68 -3.92
CA SER E 175 -89.70 -10.74 -3.01
C SER E 175 -88.92 -11.84 -3.74
N ILE E 176 -88.40 -12.79 -2.96
CA ILE E 176 -87.70 -13.93 -3.55
C ILE E 176 -88.64 -14.77 -4.38
N GLN E 177 -89.84 -15.05 -3.87
CA GLN E 177 -90.82 -15.81 -4.64
C GLN E 177 -91.20 -15.07 -5.90
N ASP E 178 -91.34 -13.76 -5.81
CA ASP E 178 -91.66 -12.96 -6.98
C ASP E 178 -90.55 -13.04 -8.01
N GLN E 179 -89.30 -13.05 -7.56
CA GLN E 179 -88.15 -13.13 -8.47
C GLN E 179 -88.01 -14.51 -9.10
N LEU E 180 -88.40 -15.56 -8.39
CA LEU E 180 -88.37 -16.89 -8.99
C LEU E 180 -89.37 -17.01 -10.13
N ASN E 181 -90.54 -16.39 -9.99
CA ASN E 181 -91.52 -16.42 -11.07
C ASN E 181 -91.03 -15.68 -12.30
N TYR E 182 -90.39 -14.53 -12.10
CA TYR E 182 -89.88 -13.75 -13.22
C TYR E 182 -88.75 -14.49 -13.93
N GLY E 183 -87.89 -15.16 -13.18
CA GLY E 183 -86.78 -15.86 -13.77
C GLY E 183 -87.16 -17.11 -14.54
N LEU E 184 -88.33 -17.67 -14.27
CA LEU E 184 -88.80 -18.82 -15.02
C LEU E 184 -89.47 -18.43 -16.32
N SER E 185 -89.88 -17.17 -16.47
CA SER E 185 -90.50 -16.73 -17.71
C SER E 185 -89.47 -16.35 -18.77
N LEU E 186 -88.27 -15.96 -18.35
CA LEU E 186 -87.19 -15.62 -19.27
C LEU E 186 -86.40 -16.83 -19.72
N LEU E 187 -86.74 -18.02 -19.24
CA LEU E 187 -85.87 -19.17 -19.36
C LEU E 187 -86.11 -19.83 -20.71
N GLY E 188 -85.10 -19.79 -21.58
CA GLY E 188 -85.21 -20.29 -22.94
C GLY E 188 -85.71 -19.26 -23.94
N LYS E 189 -85.99 -18.04 -23.51
CA LYS E 189 -86.52 -16.99 -24.36
C LYS E 189 -85.39 -16.08 -24.82
N GLN E 190 -85.75 -15.00 -25.49
CA GLN E 190 -84.79 -14.01 -25.98
C GLN E 190 -85.09 -12.68 -25.34
N ILE E 191 -84.07 -12.07 -24.73
CA ILE E 191 -84.24 -10.90 -23.88
C ILE E 191 -83.74 -9.68 -24.66
N PRO E 192 -84.63 -8.80 -25.11
CA PRO E 192 -84.17 -7.58 -25.78
C PRO E 192 -83.51 -6.62 -24.81
N VAL E 193 -82.77 -5.67 -25.36
CA VAL E 193 -82.11 -4.69 -24.51
C VAL E 193 -83.14 -3.77 -23.87
N ARG E 194 -84.28 -3.54 -24.52
CA ARG E 194 -85.26 -2.61 -23.99
C ARG E 194 -86.01 -3.19 -22.80
N ASP E 195 -85.89 -4.48 -22.53
CA ASP E 195 -86.44 -5.06 -21.32
C ASP E 195 -85.60 -4.76 -20.09
N VAL E 196 -84.41 -4.18 -20.26
CA VAL E 196 -83.48 -3.92 -19.18
C VAL E 196 -83.24 -2.43 -18.99
N PHE E 197 -82.82 -1.74 -20.05
CA PHE E 197 -82.45 -0.34 -19.96
C PHE E 197 -83.51 0.53 -20.63
N ARG E 198 -83.32 1.84 -20.49
CA ARG E 198 -84.16 2.82 -21.16
C ARG E 198 -83.29 4.04 -21.48
N GLU E 199 -83.73 4.82 -22.46
CA GLU E 199 -82.95 5.98 -22.87
C GLU E 199 -82.81 6.97 -21.73
N GLY E 200 -81.61 7.51 -21.56
CA GLY E 200 -81.32 8.47 -20.53
C GLY E 200 -80.67 7.91 -19.30
N GLN E 201 -80.63 6.60 -19.15
CA GLN E 201 -80.10 5.98 -17.94
C GLN E 201 -78.58 6.10 -17.87
N LEU E 202 -78.04 5.88 -16.67
CA LEU E 202 -76.62 5.72 -16.45
C LEU E 202 -76.28 4.24 -16.30
N THR E 203 -75.05 3.89 -16.64
CA THR E 203 -74.60 2.50 -16.58
C THR E 203 -73.16 2.47 -16.09
N ASP E 204 -72.71 1.26 -15.74
CA ASP E 204 -71.31 1.00 -15.46
C ASP E 204 -70.81 -0.04 -16.45
N ILE E 205 -69.64 0.19 -17.02
CA ILE E 205 -69.08 -0.69 -18.04
C ILE E 205 -67.93 -1.46 -17.44
N ILE E 206 -67.92 -2.77 -17.65
CA ILE E 206 -66.83 -3.65 -17.23
C ILE E 206 -66.32 -4.39 -18.45
N GLY E 207 -65.00 -4.39 -18.65
CA GLY E 207 -64.43 -5.09 -19.78
C GLY E 207 -62.92 -5.16 -19.71
N VAL E 208 -62.32 -5.52 -20.82
CA VAL E 208 -60.86 -5.62 -20.95
C VAL E 208 -60.40 -4.55 -21.93
N THR E 209 -59.34 -3.83 -21.56
CA THR E 209 -58.82 -2.72 -22.33
C THR E 209 -57.93 -3.23 -23.48
N LYS E 210 -57.58 -2.32 -24.39
CA LYS E 210 -56.77 -2.71 -25.54
C LYS E 210 -55.36 -3.12 -25.10
N GLY E 211 -54.90 -4.26 -25.59
CA GLY E 211 -53.59 -4.74 -25.22
C GLY E 211 -52.48 -4.04 -25.98
N LYS E 212 -51.29 -3.98 -25.35
CA LYS E 212 -50.17 -3.27 -25.92
C LYS E 212 -48.82 -3.98 -25.74
N GLY E 213 -48.78 -5.16 -25.14
CA GLY E 213 -47.57 -5.94 -25.03
C GLY E 213 -46.60 -5.43 -23.97
N PHE E 214 -45.43 -6.06 -23.97
CA PHE E 214 -44.33 -5.63 -23.12
C PHE E 214 -43.94 -4.19 -23.45
N GLN E 215 -43.83 -3.35 -22.43
CA GLN E 215 -43.58 -1.93 -22.62
C GLN E 215 -42.56 -1.45 -21.60
N GLY E 216 -42.09 -0.22 -21.80
CA GLY E 216 -41.10 0.36 -20.92
C GLY E 216 -41.75 1.02 -19.72
N VAL E 217 -40.97 1.84 -19.03
CA VAL E 217 -41.48 2.55 -17.88
C VAL E 217 -41.99 3.94 -18.21
N ILE E 218 -41.64 4.48 -19.38
CA ILE E 218 -42.13 5.80 -19.73
C ILE E 218 -43.56 5.71 -20.26
N LYS E 219 -43.96 4.56 -20.78
CA LYS E 219 -45.35 4.36 -21.20
C LYS E 219 -46.19 3.68 -20.13
N ARG E 220 -45.59 2.80 -19.34
CA ARG E 220 -46.34 2.07 -18.32
C ARG E 220 -46.66 2.94 -17.12
N TYR E 221 -45.72 3.78 -16.66
CA TYR E 221 -45.92 4.59 -15.48
C TYR E 221 -45.79 6.07 -15.73
N SER E 222 -45.39 6.50 -16.92
CA SER E 222 -45.16 7.91 -17.22
C SER E 222 -44.10 8.51 -16.31
N VAL E 223 -42.99 7.79 -16.13
CA VAL E 223 -41.86 8.37 -15.45
C VAL E 223 -41.22 9.42 -16.35
N VAL E 224 -40.38 10.25 -15.76
CA VAL E 224 -39.74 11.34 -16.46
C VAL E 224 -38.47 10.84 -17.13
N GLU E 225 -38.30 11.15 -18.41
CA GLU E 225 -37.07 10.84 -19.11
C GLU E 225 -35.93 11.76 -18.67
N PHE E 226 -34.73 11.20 -18.62
CA PHE E 226 -33.55 11.95 -18.20
C PHE E 226 -33.35 13.17 -19.08
N PRO E 227 -33.20 14.37 -18.50
CA PRO E 227 -33.01 15.58 -19.33
C PRO E 227 -31.61 15.75 -19.94
N ARG E 228 -31.37 16.90 -20.57
CA ARG E 228 -30.35 17.16 -21.59
C ARG E 228 -29.33 16.05 -21.83
N TRP E 229 -28.07 16.26 -21.40
CA TRP E 229 -26.95 15.37 -21.79
C TRP E 229 -27.38 13.93 -21.78
N HIS E 230 -28.15 13.56 -20.76
CA HIS E 230 -28.64 12.21 -20.59
C HIS E 230 -29.53 11.79 -21.74
N LYS E 231 -30.20 12.74 -22.40
CA LYS E 231 -30.83 12.42 -23.66
C LYS E 231 -29.77 11.95 -24.66
N HIS E 232 -28.50 12.26 -24.41
CA HIS E 232 -27.42 11.87 -25.30
C HIS E 232 -26.52 10.80 -24.69
N ARG E 233 -26.83 10.32 -23.48
CA ARG E 233 -25.80 9.94 -22.50
C ARG E 233 -26.17 8.65 -21.77
N LYS E 234 -25.84 7.51 -22.40
CA LYS E 234 -25.75 6.16 -21.85
C LYS E 234 -27.09 5.43 -21.67
N GLY E 235 -28.22 6.03 -22.08
CA GLY E 235 -29.56 5.52 -21.85
C GLY E 235 -30.37 6.51 -21.04
N SER E 236 -31.50 6.92 -21.60
CA SER E 236 -32.37 7.90 -20.98
C SER E 236 -33.71 7.36 -20.53
N ARG E 237 -34.22 6.34 -21.19
CA ARG E 237 -35.55 5.81 -20.89
C ARG E 237 -35.44 4.76 -19.79
N LYS E 238 -35.26 5.24 -18.57
CA LYS E 238 -35.14 4.38 -17.40
C LYS E 238 -35.21 5.23 -16.14
N ILE E 239 -35.39 4.56 -15.01
CA ILE E 239 -35.31 5.20 -13.70
C ILE E 239 -33.89 5.06 -13.20
N GLY E 240 -33.46 6.01 -12.38
CA GLY E 240 -32.12 5.94 -11.83
C GLY E 240 -31.92 4.83 -10.82
N ALA E 241 -32.59 4.93 -9.68
CA ALA E 241 -32.36 4.01 -8.57
C ALA E 241 -33.52 3.04 -8.42
N ARG E 242 -33.20 1.84 -7.96
CA ARG E 242 -34.17 0.77 -7.74
C ARG E 242 -34.38 0.52 -6.25
N GLY E 243 -34.48 1.57 -5.45
CA GLY E 243 -34.68 1.43 -4.04
C GLY E 243 -33.41 1.68 -3.26
N PRO E 244 -33.52 1.79 -1.94
CA PRO E 244 -32.30 1.89 -1.11
C PRO E 244 -31.76 0.59 -0.50
N SER E 245 -32.59 -0.44 -0.38
CA SER E 245 -32.42 -1.42 0.68
C SER E 245 -32.48 -2.86 0.17
N ILE E 246 -32.23 -3.76 1.11
CA ILE E 246 -32.22 -5.21 0.99
C ILE E 246 -33.42 -5.71 1.79
N SER E 247 -34.49 -4.92 1.76
CA SER E 247 -35.72 -5.17 2.48
C SER E 247 -36.76 -5.86 1.62
N THR E 248 -36.36 -6.82 0.76
CA THR E 248 -37.12 -7.08 -0.44
C THR E 248 -37.16 -5.75 -1.18
N PRO E 249 -36.04 -5.38 -1.88
CA PRO E 249 -36.07 -4.22 -2.77
C PRO E 249 -37.40 -4.06 -3.49
N SER E 250 -37.97 -2.88 -3.31
CA SER E 250 -39.40 -2.71 -3.07
C SER E 250 -40.19 -2.61 -4.37
N TYR E 251 -41.40 -2.05 -4.26
CA TYR E 251 -42.29 -1.75 -5.38
C TYR E 251 -41.96 -0.40 -6.03
N VAL E 252 -40.96 -0.45 -6.91
CA VAL E 252 -40.56 0.65 -7.78
C VAL E 252 -40.96 0.28 -9.21
N PRO E 253 -41.01 1.24 -10.15
CA PRO E 253 -41.42 0.90 -11.52
C PRO E 253 -40.47 -0.08 -12.21
N GLN E 254 -41.05 -0.99 -12.99
CA GLN E 254 -40.34 -1.95 -13.81
C GLN E 254 -41.05 -2.09 -15.15
N PRO E 255 -40.34 -2.46 -16.21
CA PRO E 255 -41.01 -2.74 -17.48
C PRO E 255 -41.80 -4.04 -17.49
N GLY E 256 -42.83 -4.09 -18.33
CA GLY E 256 -43.66 -5.28 -18.41
C GLY E 256 -44.93 -5.01 -19.19
N GLN E 257 -45.92 -5.89 -18.99
CA GLN E 257 -47.15 -5.88 -19.78
C GLN E 257 -47.96 -4.61 -19.60
N LEU E 258 -48.38 -4.02 -20.71
CA LEU E 258 -49.25 -2.84 -20.72
C LEU E 258 -50.50 -3.16 -21.53
N GLY E 259 -51.66 -2.84 -20.99
CA GLY E 259 -52.91 -3.10 -21.65
C GLY E 259 -53.40 -4.53 -21.47
N PHE E 260 -54.65 -4.74 -21.87
CA PHE E 260 -55.38 -5.99 -21.70
C PHE E 260 -55.63 -6.28 -20.21
N HIS E 261 -56.10 -5.27 -19.50
CA HIS E 261 -56.41 -5.35 -18.08
C HIS E 261 -57.92 -5.25 -17.88
N ARG E 262 -58.42 -5.95 -16.87
CA ARG E 262 -59.81 -5.80 -16.48
C ARG E 262 -59.99 -4.50 -15.70
N ARG E 263 -60.85 -3.62 -16.20
CA ARG E 263 -61.10 -2.32 -15.60
C ARG E 263 -62.60 -2.09 -15.50
N THR E 264 -62.99 -0.93 -14.96
CA THR E 264 -64.38 -0.58 -14.74
C THR E 264 -64.54 0.92 -14.91
N GLU E 265 -65.70 1.34 -15.44
CA GLU E 265 -66.04 2.74 -15.62
C GLU E 265 -67.32 3.06 -14.86
N TYR E 266 -67.53 4.32 -14.55
CA TYR E 266 -68.68 4.77 -13.78
C TYR E 266 -69.48 5.78 -14.58
N ASN E 267 -70.80 5.71 -14.45
CA ASN E 267 -71.71 6.79 -14.85
C ASN E 267 -71.54 7.16 -16.32
N LYS E 268 -71.79 6.18 -17.18
CA LYS E 268 -71.82 6.37 -18.63
C LYS E 268 -73.28 6.38 -19.07
N ARG E 269 -73.73 7.48 -19.64
CA ARG E 269 -75.14 7.66 -19.94
C ARG E 269 -75.51 7.10 -21.31
N ILE E 270 -76.70 6.52 -21.40
CA ILE E 270 -77.25 6.03 -22.66
C ILE E 270 -78.14 7.12 -23.25
N ILE E 271 -77.88 7.48 -24.50
CA ILE E 271 -78.51 8.63 -25.12
C ILE E 271 -79.62 8.19 -26.06
N LYS E 272 -79.48 7.00 -26.63
CA LYS E 272 -80.43 6.54 -27.63
C LYS E 272 -80.38 5.02 -27.71
N ILE E 273 -81.54 4.41 -27.97
CA ILE E 273 -81.63 3.01 -28.34
C ILE E 273 -82.35 2.96 -29.68
N GLY E 274 -81.67 2.45 -30.72
CA GLY E 274 -82.21 2.49 -32.05
C GLY E 274 -82.27 1.11 -32.68
N ASP E 275 -83.19 0.99 -33.63
CA ASP E 275 -83.29 -0.17 -34.51
C ASP E 275 -82.96 0.13 -35.96
N ASN E 276 -83.26 1.34 -36.43
CA ASN E 276 -82.99 1.73 -37.82
C ASN E 276 -81.51 2.05 -37.95
N VAL E 277 -80.74 1.11 -38.52
CA VAL E 277 -79.30 1.27 -38.60
C VAL E 277 -78.87 2.30 -39.62
N ASN E 278 -79.76 2.72 -40.51
CA ASN E 278 -79.43 3.76 -41.49
C ASN E 278 -79.16 5.11 -40.84
N GLU E 279 -79.54 5.28 -39.58
CA GLU E 279 -79.31 6.53 -38.86
C GLU E 279 -78.01 6.53 -38.09
N ILE E 280 -77.26 5.43 -38.09
CA ILE E 280 -76.02 5.38 -37.33
C ILE E 280 -74.81 4.97 -38.19
N ASN E 281 -75.01 4.27 -39.30
CA ASN E 281 -73.90 3.79 -40.11
C ASN E 281 -73.29 4.92 -40.92
N PRO E 282 -71.98 5.13 -40.86
CA PRO E 282 -71.35 6.16 -41.68
C PRO E 282 -71.09 5.66 -43.09
N ALA E 283 -70.74 6.60 -43.96
CA ALA E 283 -70.49 6.28 -45.35
C ALA E 283 -69.22 5.45 -45.48
N GLY E 284 -69.34 4.27 -46.07
CA GLY E 284 -68.21 3.38 -46.24
C GLY E 284 -67.99 2.40 -45.12
N GLY E 285 -68.88 2.35 -44.14
CA GLY E 285 -68.75 1.45 -43.01
C GLY E 285 -67.91 2.05 -41.90
N ILE E 286 -68.10 1.50 -40.70
CA ILE E 286 -67.23 1.83 -39.59
C ILE E 286 -65.86 1.24 -39.88
N VAL E 287 -64.82 2.08 -39.82
CA VAL E 287 -63.50 1.63 -40.24
C VAL E 287 -63.04 0.53 -39.31
N ASN E 288 -62.58 -0.57 -39.89
CA ASN E 288 -62.03 -1.73 -39.22
C ASN E 288 -63.06 -2.53 -38.44
N TYR E 289 -64.35 -2.18 -38.50
CA TYR E 289 -65.38 -3.00 -37.88
C TYR E 289 -66.35 -3.60 -38.88
N GLY E 290 -67.07 -2.78 -39.63
CA GLY E 290 -68.13 -3.29 -40.48
C GLY E 290 -69.36 -2.42 -40.46
N LEU E 291 -70.55 -3.03 -40.53
CA LEU E 291 -71.82 -2.31 -40.52
C LEU E 291 -72.68 -2.80 -39.37
N VAL E 292 -73.42 -1.90 -38.76
CA VAL E 292 -74.37 -2.27 -37.71
C VAL E 292 -75.65 -2.76 -38.37
N LYS E 293 -76.20 -3.86 -37.85
CA LYS E 293 -77.45 -4.37 -38.38
C LYS E 293 -78.41 -4.90 -37.32
N ASN E 294 -78.10 -4.72 -36.04
CA ASN E 294 -78.95 -5.14 -34.93
C ASN E 294 -79.36 -3.89 -34.15
N THR E 295 -79.97 -4.11 -33.00
CA THR E 295 -80.21 -3.00 -32.08
C THR E 295 -78.89 -2.47 -31.57
N TYR E 296 -78.82 -1.15 -31.39
CA TYR E 296 -77.58 -0.52 -30.95
C TYR E 296 -77.88 0.51 -29.85
N LEU E 297 -76.85 0.77 -29.05
CA LEU E 297 -76.88 1.79 -28.02
C LEU E 297 -75.93 2.91 -28.40
N VAL E 298 -76.32 4.14 -28.10
CA VAL E 298 -75.46 5.30 -28.25
C VAL E 298 -75.10 5.76 -26.84
N ILE E 299 -73.82 5.62 -26.49
CA ILE E 299 -73.32 5.88 -25.15
C ILE E 299 -72.35 7.04 -25.25
N GLU E 300 -72.61 8.11 -24.50
CA GLU E 300 -71.80 9.30 -24.65
C GLU E 300 -70.48 9.16 -23.90
N GLY E 301 -69.40 9.62 -24.54
CA GLY E 301 -68.06 9.46 -24.03
C GLY E 301 -67.31 8.30 -24.65
N SER E 302 -66.37 7.73 -23.90
CA SER E 302 -65.50 6.66 -24.35
C SER E 302 -65.80 5.39 -23.57
N VAL E 303 -65.36 4.27 -24.11
CA VAL E 303 -65.55 2.97 -23.49
C VAL E 303 -64.25 2.19 -23.64
N LEU E 304 -63.86 1.49 -22.58
CA LEU E 304 -62.67 0.66 -22.64
C LEU E 304 -62.84 -0.48 -23.61
N GLY E 305 -61.73 -0.93 -24.17
CA GLY E 305 -61.70 -2.04 -25.10
C GLY E 305 -61.43 -1.59 -26.51
N SER E 306 -61.19 -2.56 -27.38
CA SER E 306 -61.04 -2.34 -28.80
C SER E 306 -62.35 -2.66 -29.52
N ARG E 307 -62.35 -2.51 -30.82
CA ARG E 307 -63.50 -2.90 -31.63
C ARG E 307 -63.74 -4.39 -31.50
N LYS E 308 -65.02 -4.77 -31.47
CA LYS E 308 -65.46 -6.16 -31.32
C LYS E 308 -65.12 -6.71 -29.93
N ARG E 309 -65.13 -5.87 -28.93
CA ARG E 309 -64.83 -6.30 -27.57
C ARG E 309 -66.14 -6.57 -26.85
N PRO E 310 -66.35 -7.72 -26.21
CA PRO E 310 -67.56 -7.89 -25.39
C PRO E 310 -67.52 -7.03 -24.14
N LEU E 311 -68.59 -6.29 -23.89
CA LEU E 311 -68.69 -5.40 -22.76
C LEU E 311 -69.89 -5.78 -21.89
N PHE E 312 -69.70 -5.74 -20.57
CA PHE E 312 -70.78 -6.00 -19.63
C PHE E 312 -71.30 -4.65 -19.16
N LEU E 313 -72.59 -4.40 -19.33
CA LEU E 313 -73.21 -3.16 -18.90
C LEU E 313 -74.01 -3.42 -17.64
N ARG E 314 -73.79 -2.61 -16.60
CA ARG E 314 -74.37 -2.83 -15.28
C ARG E 314 -75.08 -1.57 -14.83
N TYR E 315 -76.03 -1.73 -13.90
CA TYR E 315 -76.67 -0.59 -13.28
C TYR E 315 -75.64 0.23 -12.50
N PRO E 316 -75.80 1.55 -12.43
CA PRO E 316 -74.80 2.38 -11.75
C PRO E 316 -74.76 2.10 -10.25
N ILE E 317 -73.56 1.88 -9.73
CA ILE E 317 -73.41 1.49 -8.33
C ILE E 317 -73.06 2.68 -7.43
N ARG E 318 -72.57 3.79 -8.00
CA ARG E 318 -72.47 5.07 -7.29
C ARG E 318 -72.96 6.18 -8.19
N PRO E 319 -74.25 6.21 -8.51
CA PRO E 319 -74.76 7.17 -9.50
C PRO E 319 -74.57 8.61 -9.04
N SER E 320 -74.31 9.48 -10.01
CA SER E 320 -74.11 10.90 -9.75
C SER E 320 -75.43 11.68 -9.71
N TRP E 321 -76.39 11.32 -10.56
CA TRP E 321 -77.70 11.94 -10.56
C TRP E 321 -78.71 10.95 -11.10
N SER E 322 -79.96 11.38 -11.20
CA SER E 322 -81.05 10.55 -11.72
C SER E 322 -81.69 11.24 -12.91
N PRO E 323 -81.35 10.84 -14.13
CA PRO E 323 -81.86 11.52 -15.31
C PRO E 323 -83.30 11.12 -15.63
N GLU E 324 -83.92 11.92 -16.47
CA GLU E 324 -85.22 11.61 -17.06
C GLU E 324 -85.03 11.32 -18.55
N SER E 325 -86.13 11.01 -19.23
CA SER E 325 -86.01 10.57 -20.60
C SER E 325 -85.62 11.73 -21.52
N ALA E 326 -85.39 11.38 -22.78
CA ALA E 326 -85.27 12.30 -23.91
C ALA E 326 -84.16 13.32 -23.80
N PRO E 327 -82.90 12.92 -23.97
CA PRO E 327 -81.87 13.88 -24.40
C PRO E 327 -81.91 14.06 -25.91
N LYS E 328 -82.71 15.02 -26.37
CA LYS E 328 -82.99 15.16 -27.80
C LYS E 328 -81.72 15.35 -28.63
N ILE E 329 -81.62 14.60 -29.72
CA ILE E 329 -80.46 14.61 -30.61
C ILE E 329 -80.86 15.32 -31.90
N THR E 330 -80.05 16.29 -32.32
CA THR E 330 -80.36 17.09 -33.50
C THR E 330 -79.49 16.76 -34.71
N TYR E 331 -78.29 16.23 -34.50
CA TYR E 331 -77.39 15.92 -35.60
C TYR E 331 -76.57 14.70 -35.23
N VAL E 332 -76.31 13.84 -36.21
CA VAL E 332 -75.44 12.69 -36.06
C VAL E 332 -74.44 12.70 -37.21
N ASN E 333 -73.16 12.53 -36.89
CA ASN E 333 -72.09 12.57 -37.88
C ASN E 333 -72.09 11.26 -38.64
N LEU E 334 -72.59 11.28 -39.88
CA LEU E 334 -72.59 10.11 -40.74
C LEU E 334 -71.53 10.17 -41.82
N ALA E 335 -70.60 11.12 -41.72
CA ALA E 335 -69.52 11.23 -42.70
C ALA E 335 -68.58 10.02 -42.60
N SER E 336 -67.81 9.82 -43.65
CA SER E 336 -66.85 8.73 -43.69
C SER E 336 -65.75 8.94 -42.66
N GLN E 337 -65.25 7.84 -42.12
CA GLN E 337 -64.20 7.89 -41.12
C GLN E 337 -62.80 7.76 -41.72
N GLN E 338 -62.71 7.59 -43.03
CA GLN E 338 -61.45 7.57 -43.74
C GLN E 338 -61.21 8.93 -44.36
N GLY E 339 -60.00 9.43 -44.23
CA GLY E 339 -59.65 10.70 -44.83
C GLY E 339 -60.20 11.90 -44.11
N LYS F 1 38.99 -74.75 28.57
CA LYS F 1 39.43 -76.10 28.25
C LYS F 1 38.69 -76.67 27.04
N VAL F 2 39.43 -76.84 25.94
CA VAL F 2 38.88 -77.38 24.69
C VAL F 2 39.82 -78.45 24.17
N SER F 3 39.33 -79.22 23.21
CA SER F 3 40.08 -80.30 22.60
C SER F 3 40.50 -79.92 21.18
N VAL F 4 41.62 -80.49 20.75
CA VAL F 4 42.15 -80.28 19.42
C VAL F 4 41.79 -81.48 18.56
N LEU F 5 41.45 -81.23 17.30
CA LEU F 5 40.99 -82.25 16.38
C LEU F 5 41.95 -82.39 15.22
N ASP F 6 42.00 -83.58 14.64
CA ASP F 6 42.74 -83.80 13.41
C ASP F 6 41.82 -83.60 12.21
N LEU F 7 42.36 -83.80 11.01
CA LEU F 7 41.59 -83.53 9.80
C LEU F 7 40.42 -84.48 9.63
N LYS F 8 40.39 -85.60 10.34
CA LYS F 8 39.27 -86.54 10.28
C LYS F 8 38.27 -86.33 11.39
N GLY F 9 38.44 -85.29 12.21
CA GLY F 9 37.53 -84.99 13.29
C GLY F 9 37.78 -85.73 14.59
N ASN F 10 38.81 -86.57 14.65
CA ASN F 10 39.12 -87.29 15.88
C ASN F 10 39.79 -86.36 16.88
N GLN F 11 39.52 -86.59 18.16
CA GLN F 11 40.16 -85.83 19.22
C GLN F 11 41.54 -86.39 19.50
N LEU F 12 42.52 -85.50 19.67
CA LEU F 12 43.88 -85.95 19.94
C LEU F 12 44.62 -85.14 21.00
N GLU F 13 44.03 -84.08 21.55
CA GLU F 13 44.72 -83.25 22.52
C GLU F 13 43.70 -82.60 23.44
N GLU F 14 44.18 -81.72 24.30
CA GLU F 14 43.35 -81.02 25.27
C GLU F 14 44.14 -79.80 25.72
N ILE F 15 43.70 -78.60 25.34
CA ILE F 15 44.40 -77.39 25.69
C ILE F 15 43.46 -76.46 26.44
N GLU F 16 44.04 -75.43 27.03
CA GLU F 16 43.30 -74.41 27.76
C GLU F 16 43.43 -73.08 27.03
N LEU F 17 42.30 -72.48 26.71
CA LEU F 17 42.30 -71.21 26.02
C LEU F 17 42.80 -70.11 26.96
N PRO F 18 43.36 -69.03 26.42
CA PRO F 18 43.74 -67.91 27.26
C PRO F 18 42.53 -67.33 27.97
N LEU F 19 42.80 -66.50 28.98
CA LEU F 19 41.73 -65.94 29.79
C LEU F 19 40.92 -64.88 29.05
N PHE F 20 41.31 -64.54 27.83
CA PHE F 20 40.51 -63.64 27.01
C PHE F 20 39.14 -64.22 26.75
N PHE F 21 39.08 -65.51 26.44
CA PHE F 21 37.85 -66.15 26.01
C PHE F 21 36.83 -66.31 27.13
N SER F 22 37.19 -65.98 28.36
CA SER F 22 36.26 -66.02 29.48
C SER F 22 35.67 -64.65 29.81
N TYR F 23 36.00 -63.63 29.04
CA TYR F 23 35.42 -62.31 29.26
C TYR F 23 33.93 -62.34 28.96
N PRO F 24 33.11 -61.58 29.70
CA PRO F 24 31.69 -61.52 29.38
C PRO F 24 31.43 -60.89 28.02
N VAL F 25 30.35 -61.31 27.38
CA VAL F 25 29.95 -60.79 26.08
C VAL F 25 29.15 -59.51 26.28
N ARG F 26 29.62 -58.42 25.69
CA ARG F 26 29.01 -57.11 25.90
C ARG F 26 28.50 -56.58 24.57
N LYS F 27 27.20 -56.78 24.31
CA LYS F 27 26.63 -56.41 23.03
C LYS F 27 26.66 -54.91 22.78
N ASP F 28 26.63 -54.11 23.85
CA ASP F 28 26.70 -52.66 23.69
C ASP F 28 28.09 -52.22 23.24
N LEU F 29 29.13 -52.91 23.70
CA LEU F 29 30.49 -52.58 23.33
C LEU F 29 30.81 -53.04 21.90
N ILE F 30 30.31 -54.21 21.52
CA ILE F 30 30.54 -54.74 20.18
C ILE F 30 29.84 -53.88 19.13
N ARG F 31 28.66 -53.36 19.46
CA ARG F 31 27.97 -52.47 18.54
C ARG F 31 28.72 -51.15 18.36
N ARG F 32 29.41 -50.67 19.39
CA ARG F 32 30.20 -49.45 19.26
C ARG F 32 31.34 -49.64 18.26
N VAL F 33 32.01 -50.77 18.32
CA VAL F 33 33.20 -51.00 17.50
C VAL F 33 32.81 -51.40 16.08
N PHE F 34 31.73 -52.18 15.92
CA PHE F 34 31.30 -52.55 14.58
C PHE F 34 30.88 -51.34 13.78
N LEU F 35 30.07 -50.46 14.37
CA LEU F 35 29.58 -49.29 13.66
C LEU F 35 30.67 -48.31 13.32
N SER F 36 31.80 -48.36 14.01
CA SER F 36 32.92 -47.48 13.68
C SER F 36 33.68 -47.99 12.47
N GLU F 37 33.92 -49.30 12.40
CA GLU F 37 34.62 -49.85 11.26
C GLU F 37 33.75 -49.85 10.02
N PHE F 38 32.44 -49.99 10.18
CA PHE F 38 31.54 -49.96 9.03
C PHE F 38 31.55 -48.61 8.34
N THR F 39 31.53 -47.52 9.09
CA THR F 39 31.44 -46.20 8.50
C THR F 39 32.75 -45.74 7.88
N LYS F 40 33.85 -46.47 8.09
CA LYS F 40 35.11 -46.12 7.47
C LYS F 40 35.17 -46.51 6.00
N SER F 41 34.26 -47.36 5.54
CA SER F 41 34.25 -47.83 4.17
C SER F 41 33.20 -47.15 3.32
N LEU F 42 32.56 -46.11 3.82
CA LEU F 42 31.55 -45.38 3.07
C LEU F 42 32.23 -44.30 2.23
N GLN F 43 31.68 -44.04 1.07
CA GLN F 43 32.20 -43.03 0.17
C GLN F 43 31.40 -41.74 0.29
N PRO F 44 32.00 -40.59 0.02
CA PRO F 44 31.24 -39.34 0.08
C PRO F 44 30.32 -39.18 -1.13
N LYS F 45 29.05 -38.92 -0.85
CA LYS F 45 28.08 -38.59 -1.87
C LYS F 45 27.79 -37.10 -1.86
N GLY F 46 27.08 -36.64 -2.88
CA GLY F 46 26.71 -35.26 -2.95
C GLY F 46 25.97 -35.01 -4.25
N ARG F 47 25.29 -33.88 -4.29
CA ARG F 47 24.56 -33.46 -5.47
C ARG F 47 25.36 -32.44 -6.25
N ASP F 48 24.88 -32.13 -7.44
CA ASP F 48 25.47 -31.09 -8.25
C ASP F 48 25.39 -29.77 -7.48
N PRO F 49 26.49 -29.08 -7.24
CA PRO F 49 26.41 -27.82 -6.49
C PRO F 49 25.57 -26.75 -7.14
N LEU F 50 25.35 -26.82 -8.45
CA LEU F 50 24.60 -25.79 -9.16
C LEU F 50 23.24 -26.28 -9.65
N ALA F 51 22.84 -27.49 -9.29
CA ALA F 51 21.58 -28.04 -9.76
C ALA F 51 20.42 -27.18 -9.32
N GLY F 52 19.62 -26.74 -10.29
CA GLY F 52 18.45 -25.93 -10.04
C GLY F 52 18.69 -24.45 -10.09
N LYS F 53 19.95 -24.01 -10.07
CA LYS F 53 20.30 -22.60 -10.04
C LYS F 53 20.80 -22.08 -11.37
N ARG F 54 20.86 -22.91 -12.41
CA ARG F 54 21.40 -22.50 -13.71
C ARG F 54 20.36 -21.68 -14.48
N THR F 55 19.98 -20.56 -13.89
CA THR F 55 18.90 -19.74 -14.41
C THR F 55 19.08 -18.33 -13.87
N SER F 56 18.38 -17.38 -14.48
CA SER F 56 18.39 -16.00 -14.02
C SER F 56 16.98 -15.53 -13.64
N ALA F 57 16.17 -16.45 -13.11
CA ALA F 57 14.79 -16.14 -12.78
C ALA F 57 14.70 -15.20 -11.58
N LEU F 58 13.69 -14.34 -11.59
CA LEU F 58 13.60 -13.25 -10.64
C LEU F 58 12.12 -13.01 -10.33
N SER F 59 11.86 -12.34 -9.21
CA SER F 59 10.49 -12.05 -8.82
C SER F 59 9.91 -10.92 -9.67
N PHE F 60 8.62 -11.03 -9.98
CA PHE F 60 7.97 -10.03 -10.81
C PHE F 60 7.46 -8.84 -10.01
N GLY F 61 7.34 -8.97 -8.71
CA GLY F 61 6.79 -7.92 -7.89
C GLY F 61 5.34 -8.15 -7.52
N ILE F 62 4.67 -7.04 -7.22
CA ILE F 62 3.27 -7.06 -6.83
C ILE F 62 2.45 -6.26 -7.82
N ASN F 63 1.14 -6.20 -7.60
CA ASN F 63 0.16 -5.48 -8.41
C ASN F 63 -0.09 -6.16 -9.75
N LEU F 64 0.61 -7.26 -10.01
CA LEU F 64 0.35 -8.01 -11.22
C LEU F 64 -0.80 -8.98 -11.02
N GLY F 65 -0.91 -9.54 -9.83
CA GLY F 65 -1.98 -10.49 -9.56
C GLY F 65 -1.74 -11.77 -10.32
N ILE F 66 -1.59 -11.63 -11.65
CA ILE F 66 -1.34 -12.77 -12.53
C ILE F 66 0.04 -13.35 -12.29
N ALA F 67 1.03 -12.49 -12.03
CA ALA F 67 2.25 -12.96 -11.37
C ALA F 67 1.73 -13.31 -9.98
N ARG F 68 1.25 -14.53 -9.86
CA ARG F 68 0.32 -14.85 -8.79
C ARG F 68 0.95 -14.64 -7.42
N VAL F 69 2.26 -14.77 -7.31
CA VAL F 69 2.93 -14.78 -6.03
C VAL F 69 4.27 -14.06 -6.16
N PRO F 70 4.93 -13.67 -5.06
CA PRO F 70 6.21 -12.98 -5.20
C PRO F 70 7.37 -13.92 -5.49
N ARG F 71 7.09 -15.19 -5.72
CA ARG F 71 8.07 -16.13 -6.28
C ARG F 71 8.86 -15.67 -7.49
N VAL F 72 10.03 -16.28 -7.68
CA VAL F 72 10.91 -16.00 -8.81
C VAL F 72 10.48 -16.80 -10.04
N LYS F 73 10.24 -16.09 -11.12
CA LYS F 73 9.80 -16.71 -12.36
C LYS F 73 10.46 -16.04 -13.55
N GLY F 74 10.96 -16.86 -14.49
CA GLY F 74 11.71 -16.36 -15.62
C GLY F 74 10.91 -16.15 -16.87
N SER F 75 10.48 -14.92 -17.10
CA SER F 75 9.56 -14.55 -18.18
C SER F 75 8.29 -15.41 -18.16
N GLY F 76 7.72 -15.59 -16.97
CA GLY F 76 6.41 -16.19 -16.83
C GLY F 76 6.32 -17.44 -15.99
N GLU F 77 7.34 -18.30 -16.08
CA GLU F 77 7.26 -19.66 -15.59
C GLU F 77 8.14 -19.83 -14.36
N ALA F 78 7.79 -20.79 -13.53
CA ALA F 78 8.45 -21.00 -12.24
C ALA F 78 9.89 -21.49 -12.39
N ALA F 79 10.73 -21.07 -11.46
CA ALA F 79 12.11 -21.53 -11.44
C ALA F 79 12.73 -21.26 -10.08
N LEU F 80 13.77 -22.04 -9.78
CA LEU F 80 14.77 -21.77 -8.73
C LEU F 80 14.29 -21.96 -7.30
N ALA F 81 13.06 -22.11 -7.08
CA ALA F 81 12.76 -22.14 -5.65
C ALA F 81 12.46 -23.55 -5.20
N PRO F 82 12.66 -23.87 -3.91
CA PRO F 82 12.51 -25.26 -3.47
C PRO F 82 11.13 -25.86 -3.67
N ASN F 83 10.06 -25.08 -3.74
CA ASN F 83 8.74 -25.66 -3.90
C ASN F 83 8.28 -25.76 -5.36
N THR F 84 9.06 -25.27 -6.30
CA THR F 84 8.70 -25.25 -7.71
C THR F 84 9.26 -26.46 -8.45
N VAL F 85 8.73 -26.71 -9.63
CA VAL F 85 9.11 -27.87 -10.42
C VAL F 85 10.35 -27.53 -11.23
N GLY F 86 11.39 -28.35 -11.09
CA GLY F 86 12.66 -28.04 -11.70
C GLY F 86 13.48 -27.04 -10.93
N GLY F 87 13.22 -26.87 -9.64
CA GLY F 87 13.95 -25.94 -8.81
C GLY F 87 15.04 -26.63 -8.02
N ARG F 88 15.64 -25.86 -7.11
CA ARG F 88 16.74 -26.35 -6.29
C ARG F 88 16.22 -27.10 -5.07
N LEU F 89 17.03 -28.03 -4.59
CA LEU F 89 16.78 -28.64 -3.30
C LEU F 89 17.01 -27.64 -2.18
N ALA F 90 16.22 -27.75 -1.12
CA ALA F 90 16.39 -26.86 0.02
C ALA F 90 17.67 -27.18 0.76
N PHE F 91 17.91 -28.46 1.03
CA PHE F 91 19.08 -28.91 1.78
C PHE F 91 19.67 -30.13 1.08
N PRO F 92 20.44 -29.92 0.01
CA PRO F 92 20.92 -31.05 -0.76
C PRO F 92 22.08 -31.74 -0.05
N PRO F 93 22.25 -33.04 -0.25
CA PRO F 93 23.40 -33.73 0.33
C PRO F 93 24.71 -33.16 -0.20
N THR F 94 25.73 -33.20 0.64
CA THR F 94 27.00 -32.59 0.29
C THR F 94 28.13 -33.50 0.73
N THR F 95 29.29 -33.30 0.13
CA THR F 95 30.46 -34.11 0.44
C THR F 95 31.14 -33.68 1.72
N GLU F 96 30.72 -32.55 2.30
CA GLU F 96 31.27 -32.05 3.55
C GLU F 96 30.78 -32.82 4.76
N LYS F 97 29.70 -33.58 4.63
CA LYS F 97 29.12 -34.27 5.77
C LYS F 97 30.13 -35.24 6.38
N ARG F 98 30.12 -35.31 7.70
CA ARG F 98 31.02 -36.19 8.44
C ARG F 98 30.41 -37.58 8.51
N LEU F 99 31.15 -38.58 8.05
CA LEU F 99 30.65 -39.95 7.96
C LEU F 99 31.23 -40.89 8.99
N VAL F 100 32.53 -40.78 9.29
CA VAL F 100 33.20 -41.76 10.12
C VAL F 100 32.87 -41.52 11.59
N GLU F 101 32.85 -42.61 12.35
CA GLU F 101 32.74 -42.58 13.80
C GLU F 101 34.03 -43.13 14.38
N GLU F 102 34.69 -42.34 15.21
CA GLU F 102 35.93 -42.76 15.82
C GLU F 102 35.68 -43.54 17.09
N VAL F 103 36.58 -44.46 17.40
CA VAL F 103 36.68 -45.05 18.72
C VAL F 103 38.13 -45.02 19.15
N ASN F 104 38.35 -45.00 20.46
CA ASN F 104 39.69 -45.09 21.00
C ASN F 104 40.29 -46.44 20.67
N LEU F 105 41.62 -46.49 20.58
CA LEU F 105 42.28 -47.75 20.27
C LEU F 105 42.14 -48.75 21.40
N LYS F 106 42.22 -48.28 22.65
CA LYS F 106 42.06 -49.18 23.79
C LYS F 106 40.63 -49.70 23.90
N GLU F 107 39.65 -48.84 23.61
CA GLU F 107 38.27 -49.27 23.59
C GLU F 107 37.99 -50.28 22.48
N LYS F 108 38.67 -50.12 21.35
CA LYS F 108 38.54 -51.03 20.23
C LYS F 108 39.08 -52.42 20.57
N LYS F 109 40.24 -52.48 21.24
CA LYS F 109 40.85 -53.77 21.51
C LYS F 109 40.07 -54.56 22.54
N LEU F 110 39.36 -53.87 23.43
CA LEU F 110 38.46 -54.55 24.35
C LEU F 110 37.25 -55.12 23.64
N GLY F 111 36.71 -54.38 22.67
CA GLY F 111 35.59 -54.86 21.89
C GLY F 111 35.92 -56.08 21.07
N ILE F 112 37.16 -56.20 20.61
CA ILE F 112 37.56 -57.39 19.87
C ILE F 112 37.68 -58.59 20.80
N ILE F 113 38.19 -58.37 22.03
CA ILE F 113 38.25 -59.45 23.02
C ILE F 113 36.86 -59.96 23.35
N SER F 114 35.90 -59.05 23.53
CA SER F 114 34.55 -59.46 23.87
C SER F 114 33.91 -60.28 22.78
N ALA F 115 34.23 -59.98 21.52
CA ALA F 115 33.71 -60.75 20.40
C ALA F 115 34.41 -62.10 20.26
N LEU F 116 35.68 -62.19 20.64
CA LEU F 116 36.38 -63.47 20.59
C LEU F 116 35.84 -64.45 21.63
N ALA F 117 35.33 -63.93 22.74
CA ALA F 117 34.72 -64.78 23.75
C ALA F 117 33.34 -65.27 23.33
N ALA F 118 32.62 -64.48 22.54
CA ALA F 118 31.29 -64.90 22.08
C ALA F 118 31.36 -66.06 21.12
N THR F 119 32.50 -66.31 20.50
CA THR F 119 32.66 -67.47 19.64
C THR F 119 33.06 -68.73 20.41
N ALA F 120 33.34 -68.61 21.70
CA ALA F 120 33.59 -69.76 22.55
C ALA F 120 32.40 -70.12 23.42
N ASP F 121 31.27 -69.41 23.26
CA ASP F 121 30.06 -69.69 24.02
C ASP F 121 29.06 -70.38 23.10
N PRO F 122 28.74 -71.65 23.32
CA PRO F 122 27.81 -72.32 22.40
C PRO F 122 26.42 -71.73 22.37
N ASN F 123 26.01 -70.99 23.40
CA ASN F 123 24.68 -70.40 23.39
C ASN F 123 24.59 -69.25 22.39
N PHE F 124 25.65 -68.45 22.28
CA PHE F 124 25.64 -67.34 21.34
C PHE F 124 25.78 -67.81 19.89
N VAL F 125 26.50 -68.91 19.68
CA VAL F 125 26.67 -69.42 18.33
C VAL F 125 25.37 -70.02 17.82
N LYS F 126 24.65 -70.74 18.67
CA LYS F 126 23.37 -71.30 18.24
C LYS F 126 22.30 -70.23 18.12
N ALA F 127 22.39 -69.17 18.90
CA ALA F 127 21.40 -68.10 18.84
C ALA F 127 21.64 -67.12 17.71
N ARG F 128 22.80 -67.18 17.05
CA ARG F 128 23.03 -66.32 15.90
C ARG F 128 22.45 -66.89 14.62
N GLY F 129 22.28 -68.20 14.54
CA GLY F 129 21.63 -68.80 13.40
C GLY F 129 22.32 -70.03 12.86
N HIS F 130 23.57 -70.23 13.25
CA HIS F 130 24.38 -71.27 12.65
C HIS F 130 23.90 -72.66 13.06
N ARG F 131 24.02 -73.60 12.13
CA ARG F 131 23.69 -75.00 12.38
C ARG F 131 24.96 -75.82 12.34
N PHE F 132 25.22 -76.56 13.41
CA PHE F 132 26.40 -77.41 13.50
C PHE F 132 26.11 -78.55 14.45
N THR F 133 26.68 -79.71 14.15
CA THR F 133 26.47 -80.91 14.94
C THR F 133 27.66 -81.26 15.82
N SER F 134 28.69 -80.43 15.84
CA SER F 134 29.84 -80.69 16.69
C SER F 134 29.52 -80.36 18.14
N ASN F 135 29.99 -81.20 19.05
CA ASN F 135 29.73 -81.01 20.46
C ASN F 135 30.72 -80.06 21.13
N ASN F 136 31.71 -79.57 20.41
CA ASN F 136 32.73 -78.69 20.96
C ASN F 136 32.82 -77.38 20.19
N VAL F 137 32.83 -76.28 20.92
CA VAL F 137 32.96 -74.94 20.36
C VAL F 137 33.99 -74.18 21.17
N PRO F 138 34.97 -73.51 20.54
CA PRO F 138 35.17 -73.46 19.09
C PRO F 138 35.94 -74.69 18.59
N ILE F 139 35.98 -74.88 17.28
CA ILE F 139 36.75 -75.98 16.72
C ILE F 139 38.21 -75.54 16.61
N ILE F 140 39.10 -76.36 17.15
CA ILE F 140 40.54 -76.11 17.10
C ILE F 140 41.14 -77.23 16.27
N LEU F 141 41.77 -76.89 15.15
CA LEU F 141 42.32 -77.85 14.22
C LEU F 141 43.84 -77.81 14.24
N VAL F 142 44.45 -78.94 13.91
CA VAL F 142 45.90 -78.98 13.83
C VAL F 142 46.38 -78.11 12.67
N ASP F 143 47.66 -77.75 12.71
CA ASP F 143 48.20 -76.78 11.76
C ASP F 143 48.37 -77.34 10.36
N ASP F 144 48.19 -78.64 10.16
CA ASP F 144 48.24 -79.18 8.81
C ASP F 144 47.10 -78.70 7.94
N PHE F 145 46.07 -78.10 8.53
CA PHE F 145 44.99 -77.48 7.80
C PHE F 145 45.44 -76.30 6.95
N GLU F 146 46.65 -75.77 7.21
CA GLU F 146 47.14 -74.63 6.47
C GLU F 146 47.46 -74.97 5.03
N ASN F 147 47.78 -76.24 4.75
CA ASN F 147 48.37 -76.63 3.47
C ASN F 147 47.35 -77.22 2.50
N ILE F 148 46.07 -77.17 2.80
CA ILE F 148 45.06 -77.69 1.89
C ILE F 148 44.89 -76.73 0.73
N SER F 149 44.92 -77.26 -0.49
CA SER F 149 45.03 -76.44 -1.69
C SER F 149 43.84 -76.50 -2.64
N LYS F 150 42.96 -77.49 -2.50
CA LYS F 150 41.82 -77.66 -3.39
C LYS F 150 40.53 -77.41 -2.63
N ALA F 151 39.64 -76.61 -3.23
CA ALA F 151 38.37 -76.31 -2.60
C ALA F 151 37.49 -77.53 -2.43
N LYS F 152 37.77 -78.61 -3.17
CA LYS F 152 36.99 -79.83 -3.01
C LYS F 152 37.31 -80.54 -1.70
N GLU F 153 38.57 -80.52 -1.28
CA GLU F 153 38.96 -81.21 -0.05
C GLU F 153 38.88 -80.33 1.19
N ILE F 154 38.61 -79.04 1.05
CA ILE F 154 38.13 -78.27 2.19
C ILE F 154 36.76 -78.75 2.61
N MET F 155 35.88 -79.00 1.64
CA MET F 155 34.53 -79.45 1.95
C MET F 155 34.53 -80.82 2.61
N ASP F 156 35.55 -81.64 2.32
CA ASP F 156 35.65 -82.93 3.01
C ASP F 156 36.01 -82.74 4.46
N ILE F 157 36.80 -81.71 4.78
CA ILE F 157 37.15 -81.45 6.16
C ILE F 157 35.94 -80.93 6.93
N LEU F 158 35.20 -79.98 6.35
CA LEU F 158 34.05 -79.42 7.04
C LEU F 158 32.97 -80.47 7.31
N LYS F 159 32.85 -81.47 6.45
CA LYS F 159 31.88 -82.53 6.70
C LYS F 159 32.26 -83.35 7.91
N SER F 160 33.55 -83.70 8.04
CA SER F 160 33.98 -84.56 9.12
C SER F 160 33.82 -83.87 10.47
N ILE F 161 34.18 -82.59 10.57
CA ILE F 161 34.10 -81.88 11.85
C ILE F 161 32.69 -81.41 12.17
N GLY F 162 31.77 -81.47 11.23
CA GLY F 162 30.38 -81.15 11.48
C GLY F 162 30.00 -79.70 11.29
N VAL F 163 30.24 -79.15 10.10
CA VAL F 163 29.99 -77.74 9.85
C VAL F 163 29.22 -77.55 8.54
N VAL F 164 29.16 -78.59 7.70
CA VAL F 164 28.56 -78.45 6.38
C VAL F 164 27.08 -78.09 6.43
N ASP F 165 26.40 -78.35 7.54
CA ASP F 165 25.03 -77.90 7.67
C ASP F 165 24.94 -76.38 7.60
N ASP F 166 26.00 -75.69 8.00
CA ASP F 166 26.04 -74.23 7.81
C ASP F 166 26.28 -73.86 6.37
N ILE F 167 26.91 -74.74 5.60
CA ILE F 167 27.09 -74.46 4.18
C ILE F 167 25.76 -74.58 3.45
N LYS F 168 24.95 -75.58 3.78
CA LYS F 168 23.63 -75.71 3.19
C LYS F 168 22.74 -74.53 3.57
N ARG F 169 22.81 -74.07 4.82
CA ARG F 169 22.04 -72.92 5.23
C ARG F 169 22.39 -71.69 4.40
N VAL F 170 23.68 -71.51 4.10
CA VAL F 170 24.10 -70.40 3.26
C VAL F 170 23.67 -70.63 1.81
N LYS F 171 23.81 -71.86 1.33
CA LYS F 171 23.57 -72.14 -0.09
C LYS F 171 22.11 -71.97 -0.48
N GLU F 172 21.21 -71.86 0.49
CA GLU F 172 19.86 -71.40 0.23
C GLU F 172 19.88 -69.87 0.19
N SER F 173 20.53 -69.37 -0.87
CA SER F 173 20.75 -67.93 -1.05
C SER F 173 19.43 -67.20 -0.94
N LYS F 174 19.41 -66.13 -0.16
CA LYS F 174 18.14 -65.45 -0.01
C LYS F 174 17.85 -64.65 -1.28
N GLY F 175 17.99 -65.30 -2.43
CA GLY F 175 17.56 -64.82 -3.71
C GLY F 175 17.77 -63.35 -3.93
N VAL F 176 16.82 -62.74 -4.60
CA VAL F 176 16.90 -61.34 -4.96
C VAL F 176 16.30 -60.53 -3.84
N ARG F 177 17.01 -59.48 -3.42
CA ARG F 177 16.53 -58.63 -2.36
C ARG F 177 15.37 -57.77 -2.86
N ALA F 178 14.87 -56.92 -1.97
CA ALA F 178 13.78 -56.01 -2.27
C ALA F 178 14.30 -54.60 -2.35
N GLY F 179 13.84 -53.85 -3.35
CA GLY F 179 14.12 -52.45 -3.41
C GLY F 179 14.88 -51.99 -4.63
N LYS F 180 15.44 -50.79 -4.56
CA LYS F 180 16.28 -50.24 -5.61
C LYS F 180 17.73 -50.65 -5.48
N GLY F 181 18.07 -51.47 -4.49
CA GLY F 181 19.43 -51.96 -4.39
C GLY F 181 19.82 -52.85 -5.55
N LYS F 182 18.90 -53.68 -6.02
CA LYS F 182 19.20 -54.59 -7.12
C LYS F 182 19.50 -53.83 -8.41
N MET F 183 19.02 -52.60 -8.52
CA MET F 183 19.32 -51.77 -9.68
C MET F 183 20.77 -51.35 -9.72
N ARG F 184 21.48 -51.47 -8.61
CA ARG F 184 22.80 -50.87 -8.42
C ARG F 184 23.86 -51.91 -8.14
N GLY F 185 23.66 -53.14 -8.60
CA GLY F 185 24.62 -54.20 -8.41
C GLY F 185 24.41 -55.02 -7.16
N ARG F 186 23.64 -54.54 -6.20
CA ARG F 186 23.31 -55.28 -4.99
C ARG F 186 22.10 -56.17 -5.25
N ARG F 187 22.33 -57.24 -6.00
CA ARG F 187 21.18 -58.04 -6.41
C ARG F 187 20.78 -59.08 -5.38
N TYR F 188 21.73 -59.84 -4.85
CA TYR F 188 21.45 -60.92 -3.93
C TYR F 188 21.71 -60.49 -2.49
N GLN F 189 21.34 -61.36 -1.56
CA GLN F 189 21.72 -61.21 -0.17
C GLN F 189 21.92 -62.60 0.40
N ILE F 190 23.13 -62.89 0.86
CA ILE F 190 23.55 -64.24 1.22
C ILE F 190 23.83 -64.27 2.72
N ALA F 191 23.56 -65.42 3.34
CA ALA F 191 23.90 -65.59 4.74
C ALA F 191 25.40 -65.70 4.93
N LYS F 192 25.85 -65.42 6.16
CA LYS F 192 27.24 -65.56 6.54
C LYS F 192 27.50 -66.97 7.04
N GLY F 193 28.66 -67.51 6.71
CA GLY F 193 29.01 -68.86 7.08
C GLY F 193 30.16 -68.94 8.05
N PRO F 194 30.82 -70.09 8.10
CA PRO F 194 31.93 -70.28 9.04
C PRO F 194 33.11 -69.38 8.72
N LEU F 195 33.84 -69.00 9.77
CA LEU F 195 35.03 -68.17 9.66
C LEU F 195 36.26 -68.99 10.00
N ILE F 196 37.32 -68.82 9.23
CA ILE F 196 38.56 -69.55 9.43
C ILE F 196 39.66 -68.55 9.78
N VAL F 197 40.34 -68.80 10.89
CA VAL F 197 41.44 -67.94 11.35
C VAL F 197 42.71 -68.76 11.27
N VAL F 198 43.70 -68.25 10.53
CA VAL F 198 44.92 -68.99 10.25
C VAL F 198 46.11 -68.21 10.79
N SER F 199 47.24 -68.91 10.92
CA SER F 199 48.42 -68.33 11.55
C SER F 199 48.96 -67.15 10.75
N ASN F 200 49.17 -67.35 9.45
CA ASN F 200 49.72 -66.30 8.61
C ASN F 200 48.96 -66.26 7.29
N HIS F 201 48.95 -65.09 6.67
CA HIS F 201 48.50 -64.98 5.31
C HIS F 201 49.46 -65.77 4.42
N LYS F 202 49.18 -65.78 3.11
CA LYS F 202 50.06 -66.42 2.13
C LYS F 202 50.05 -67.93 2.27
N SER F 203 49.33 -68.48 3.23
CA SER F 203 49.14 -69.92 3.28
C SER F 203 48.22 -70.36 2.15
N PRO F 204 48.33 -71.62 1.70
CA PRO F 204 47.49 -72.09 0.60
C PRO F 204 46.00 -72.03 0.90
N VAL F 205 45.59 -72.24 2.16
CA VAL F 205 44.17 -72.32 2.48
C VAL F 205 43.47 -70.97 2.33
N VAL F 206 44.22 -69.88 2.24
CA VAL F 206 43.58 -68.58 2.09
C VAL F 206 42.88 -68.48 0.74
N GLU F 207 43.48 -69.07 -0.30
CA GLU F 207 42.91 -69.00 -1.64
C GLU F 207 41.96 -70.16 -1.93
N SER F 208 42.28 -71.36 -1.46
CA SER F 208 41.49 -72.52 -1.81
C SER F 208 40.07 -72.42 -1.28
N ALA F 209 39.90 -71.92 -0.06
CA ALA F 209 38.60 -71.82 0.57
C ALA F 209 37.90 -70.50 0.29
N SER F 210 38.45 -69.66 -0.57
CA SER F 210 37.86 -68.35 -0.80
C SER F 210 36.58 -68.41 -1.62
N ASN F 211 36.30 -69.54 -2.28
CA ASN F 211 35.10 -69.66 -3.09
C ASN F 211 33.94 -70.34 -2.37
N ILE F 212 34.21 -71.05 -1.28
CA ILE F 212 33.14 -71.78 -0.58
C ILE F 212 32.10 -70.77 -0.13
N PRO F 213 30.81 -71.03 -0.36
CA PRO F 213 29.78 -70.00 -0.12
C PRO F 213 29.67 -69.66 1.37
N GLY F 214 29.86 -68.39 1.69
CA GLY F 214 29.66 -67.89 3.03
C GLY F 214 30.90 -67.80 3.90
N VAL F 215 31.96 -68.52 3.57
CA VAL F 215 33.11 -68.59 4.46
C VAL F 215 34.06 -67.43 4.16
N ASN F 216 34.84 -67.06 5.18
CA ASN F 216 35.88 -66.06 5.08
C ASN F 216 37.13 -66.59 5.76
N VAL F 217 38.29 -66.20 5.25
CA VAL F 217 39.57 -66.61 5.81
C VAL F 217 40.35 -65.36 6.17
N VAL F 218 40.89 -65.32 7.39
CA VAL F 218 41.62 -64.16 7.86
C VAL F 218 42.75 -64.63 8.77
N SER F 219 43.85 -63.89 8.76
CA SER F 219 45.00 -64.22 9.59
C SER F 219 44.73 -63.83 11.04
N ALA F 220 45.46 -64.49 11.95
CA ALA F 220 45.20 -64.32 13.37
C ALA F 220 45.57 -62.94 13.89
N ASN F 221 46.41 -62.20 13.18
CA ASN F 221 46.84 -60.89 13.64
C ASN F 221 46.13 -59.75 12.92
N LEU F 222 45.17 -60.05 12.06
CA LEU F 222 44.43 -59.04 11.33
C LEU F 222 42.96 -58.98 11.72
N VAL F 223 42.47 -59.98 12.45
CA VAL F 223 41.04 -60.15 12.62
C VAL F 223 40.47 -59.08 13.55
N SER F 224 39.24 -58.66 13.29
CA SER F 224 38.61 -57.56 14.01
C SER F 224 37.12 -57.89 14.19
N VAL F 225 36.34 -56.87 14.55
CA VAL F 225 34.94 -57.10 14.89
C VAL F 225 34.12 -57.41 13.63
N ILE F 226 34.40 -56.75 12.52
CA ILE F 226 33.66 -56.99 11.29
C ILE F 226 33.70 -58.45 10.84
N HIS F 227 34.71 -59.19 11.27
CA HIS F 227 34.77 -60.63 10.99
C HIS F 227 34.11 -61.45 12.07
N LEU F 228 34.31 -61.10 13.35
CA LEU F 228 33.77 -61.91 14.43
C LEU F 228 32.28 -61.69 14.63
N ALA F 229 31.81 -60.46 14.49
CA ALA F 229 30.41 -60.12 14.74
C ALA F 229 29.86 -59.33 13.58
N PRO F 230 29.61 -59.98 12.44
CA PRO F 230 29.07 -59.27 11.29
C PRO F 230 27.62 -58.84 11.53
N GLY F 231 27.32 -57.61 11.16
CA GLY F 231 26.02 -57.04 11.39
C GLY F 231 25.82 -56.45 12.76
N GLY F 232 26.78 -56.63 13.68
CA GLY F 232 26.61 -56.23 15.05
C GLY F 232 26.14 -57.33 15.97
N HIS F 233 26.02 -58.55 15.47
CA HIS F 233 25.51 -59.67 16.26
C HIS F 233 26.63 -60.65 16.55
N PRO F 234 27.06 -60.78 17.81
CA PRO F 234 28.20 -61.64 18.13
C PRO F 234 27.85 -63.11 18.02
N GLY F 235 28.89 -63.91 17.83
CA GLY F 235 28.75 -65.35 17.92
C GLY F 235 28.86 -66.09 16.61
N ARG F 236 29.64 -65.56 15.68
CA ARG F 236 29.83 -66.24 14.41
C ARG F 236 30.59 -67.54 14.62
N LEU F 237 30.19 -68.57 13.87
CA LEU F 237 30.87 -69.85 13.93
C LEU F 237 32.28 -69.70 13.39
N THR F 238 33.28 -70.10 14.17
CA THR F 238 34.67 -69.84 13.85
C THR F 238 35.49 -71.10 14.01
N ILE F 239 36.50 -71.25 13.16
CA ILE F 239 37.45 -72.36 13.20
C ILE F 239 38.84 -71.76 13.38
N TYR F 240 39.59 -72.29 14.35
CA TYR F 240 40.94 -71.84 14.62
C TYR F 240 41.91 -72.98 14.37
N THR F 241 43.16 -72.61 14.09
CA THR F 241 44.26 -73.56 14.09
C THR F 241 44.96 -73.54 15.44
N LYS F 242 45.84 -74.52 15.63
CA LYS F 242 46.57 -74.62 16.90
C LYS F 242 47.45 -73.40 17.12
N SER F 243 48.14 -72.94 16.07
CA SER F 243 49.09 -71.85 16.20
C SER F 243 48.48 -70.48 15.98
N SER F 244 47.20 -70.40 15.65
CA SER F 244 46.55 -69.10 15.65
C SER F 244 46.17 -68.68 17.06
N ILE F 245 46.00 -69.64 17.97
CA ILE F 245 45.72 -69.31 19.36
C ILE F 245 46.92 -68.63 20.00
N ASN F 246 48.13 -69.13 19.71
CA ASN F 246 49.32 -68.53 20.30
C ASN F 246 49.54 -67.11 19.80
N ILE F 247 49.21 -66.84 18.54
CA ILE F 247 49.32 -65.48 18.02
C ILE F 247 48.30 -64.59 18.70
N LEU F 248 47.11 -65.12 18.99
CA LEU F 248 46.09 -64.34 19.68
C LEU F 248 46.47 -64.11 21.14
N ARG F 249 47.16 -65.07 21.76
CA ARG F 249 47.56 -64.94 23.16
C ARG F 249 48.48 -63.75 23.40
N GLN F 250 49.15 -63.26 22.37
CA GLN F 250 50.05 -62.14 22.50
C GLN F 250 49.38 -60.79 22.27
N ARG F 251 48.07 -60.76 22.10
CA ARG F 251 47.33 -59.51 22.06
C ARG F 251 46.31 -59.47 23.20
N LYS G 1 14.21 43.14 112.42
CA LYS G 1 13.41 43.98 111.54
C LYS G 1 13.65 43.67 110.07
N GLU G 2 12.72 42.95 109.45
CA GLU G 2 12.80 42.66 108.03
C GLU G 2 12.71 43.91 107.18
N ASN G 3 12.21 45.01 107.75
CA ASN G 3 12.12 46.26 107.00
C ASN G 3 13.48 46.74 106.54
N VAL G 4 14.57 46.30 107.18
CA VAL G 4 15.90 46.66 106.70
C VAL G 4 16.17 46.02 105.34
N MET G 5 15.57 44.89 105.04
CA MET G 5 15.74 44.22 103.77
C MET G 5 14.80 44.75 102.70
N ARG G 6 13.81 45.56 103.06
CA ARG G 6 12.93 46.19 102.10
C ARG G 6 13.33 47.63 101.81
N ARG G 7 14.50 48.05 102.29
CA ARG G 7 14.91 49.44 102.12
C ARG G 7 15.20 49.73 100.65
N VAL G 8 15.02 50.97 100.28
CA VAL G 8 15.32 51.43 98.93
C VAL G 8 16.75 51.94 98.91
N VAL G 9 17.50 51.54 97.89
CA VAL G 9 18.90 51.95 97.76
C VAL G 9 19.12 52.50 96.36
N LEU G 10 20.17 53.30 96.22
CA LEU G 10 20.56 53.85 94.93
C LEU G 10 21.50 52.89 94.23
N ASP G 11 21.35 52.80 92.91
CA ASP G 11 22.18 51.89 92.13
C ASP G 11 22.19 52.36 90.69
N LYS G 12 23.38 52.32 90.07
CA LYS G 12 23.52 52.40 88.62
C LYS G 12 22.89 53.68 88.06
N VAL G 13 23.49 54.81 88.40
CA VAL G 13 23.19 56.07 87.72
C VAL G 13 23.98 56.07 86.42
N THR G 14 23.28 55.98 85.29
CA THR G 14 23.89 55.85 83.98
C THR G 14 23.74 57.15 83.20
N VAL G 15 24.80 57.54 82.52
CA VAL G 15 24.83 58.76 81.70
C VAL G 15 24.98 58.33 80.25
N ASN G 16 24.12 58.86 79.39
CA ASN G 16 24.10 58.50 77.98
C ASN G 16 24.21 59.74 77.11
N ILE G 17 25.00 59.63 76.05
CA ILE G 17 25.13 60.69 75.06
C ILE G 17 24.87 60.06 73.70
N GLY G 18 23.81 60.49 73.03
CA GLY G 18 23.50 59.98 71.71
C GLY G 18 23.77 61.01 70.64
N VAL G 19 24.82 60.80 69.85
CA VAL G 19 25.22 61.77 68.83
C VAL G 19 24.57 61.40 67.51
N GLY G 20 24.28 60.12 67.31
CA GLY G 20 23.55 59.68 66.15
C GLY G 20 24.37 59.41 64.90
N GLU G 21 25.69 59.43 65.00
CA GLU G 21 26.55 59.10 63.86
C GLU G 21 27.87 58.56 64.40
N SER G 22 28.85 58.40 63.52
CA SER G 22 30.15 57.86 63.91
C SER G 22 31.26 58.68 63.26
N GLY G 23 32.14 59.24 64.08
CA GLY G 23 33.29 59.95 63.58
C GLY G 23 33.22 61.46 63.72
N GLU G 24 34.30 62.05 64.24
CA GLU G 24 34.50 63.50 64.39
C GLU G 24 33.59 64.13 65.42
N ARG G 25 32.74 63.37 66.10
CA ARG G 25 31.92 63.90 67.18
C ARG G 25 32.03 63.01 68.41
N LEU G 26 32.27 61.73 68.19
CA LEU G 26 32.34 60.79 69.30
C LEU G 26 33.49 61.13 70.23
N GLN G 27 34.66 61.44 69.67
CA GLN G 27 35.85 61.66 70.49
C GLN G 27 35.67 62.85 71.42
N LYS G 28 35.16 63.97 70.89
CA LYS G 28 34.91 65.11 71.77
C LYS G 28 33.77 64.82 72.74
N ALA G 29 32.76 64.07 72.30
CA ALA G 29 31.77 63.56 73.25
C ALA G 29 32.40 62.59 74.23
N TYR G 30 33.30 61.74 73.74
CA TYR G 30 34.07 60.87 74.62
C TYR G 30 34.88 61.67 75.62
N GLN G 31 35.52 62.75 75.17
CA GLN G 31 36.29 63.59 76.08
C GLN G 31 35.37 64.30 77.07
N LEU G 32 34.20 64.72 76.61
CA LEU G 32 33.30 65.49 77.47
C LEU G 32 32.89 64.69 78.70
N VAL G 33 32.36 63.48 78.49
CA VAL G 33 31.90 62.67 79.61
C VAL G 33 33.05 62.07 80.39
N GLN G 34 34.28 62.19 79.88
CA GLN G 34 35.43 61.69 80.61
C GLN G 34 35.64 62.42 81.93
N GLU G 35 35.44 63.75 81.93
CA GLU G 35 35.67 64.53 83.14
C GLU G 35 34.41 64.78 83.96
N LEU G 36 33.22 64.70 83.36
CA LEU G 36 32.00 64.80 84.15
C LEU G 36 31.89 63.64 85.13
N THR G 37 32.26 62.44 84.70
CA THR G 37 32.14 61.24 85.52
C THR G 37 33.44 60.84 86.20
N GLY G 38 34.57 61.05 85.54
CA GLY G 38 35.85 60.60 86.07
C GLY G 38 36.20 59.17 85.77
N VAL G 39 35.45 58.50 84.90
CA VAL G 39 35.70 57.10 84.55
C VAL G 39 35.72 56.98 83.04
N LYS G 40 36.34 55.91 82.56
CA LYS G 40 36.46 55.70 81.13
C LYS G 40 35.13 55.28 80.54
N PRO G 41 34.66 55.92 79.48
CA PRO G 41 33.37 55.59 78.88
C PRO G 41 33.50 54.41 77.92
N VAL G 42 32.39 54.08 77.27
CA VAL G 42 32.33 53.03 76.25
C VAL G 42 31.47 53.52 75.09
N TYR G 43 31.91 53.24 73.87
CA TYR G 43 31.06 53.45 72.71
C TYR G 43 29.95 52.40 72.67
N THR G 44 28.81 52.80 72.11
CA THR G 44 27.66 51.91 71.98
C THR G 44 27.36 51.64 70.52
N LYS G 45 27.37 50.37 70.14
CA LYS G 45 27.00 49.99 68.78
C LYS G 45 25.53 50.26 68.53
N GLY G 46 25.21 50.51 67.26
CA GLY G 46 23.83 50.63 66.86
C GLY G 46 23.17 49.28 66.68
N ARG G 47 21.85 49.29 66.77
CA ARG G 47 21.03 48.12 66.51
C ARG G 47 20.81 48.00 65.01
N LYS G 48 19.81 47.22 64.60
CA LYS G 48 19.56 46.98 63.18
C LYS G 48 19.61 48.27 62.38
N SER G 49 20.22 48.20 61.21
CA SER G 49 20.40 49.37 60.35
C SER G 49 19.05 49.86 59.85
N ILE G 50 19.01 51.15 59.52
CA ILE G 50 17.76 51.79 59.11
C ILE G 50 17.93 52.38 57.72
N ARG G 51 19.19 52.68 57.35
CA ARG G 51 19.56 53.28 56.07
C ARG G 51 19.09 54.72 55.97
N GLU G 52 18.29 55.15 56.94
CA GLU G 52 17.99 56.56 57.14
C GLU G 52 18.18 56.84 58.63
N PHE G 53 18.46 58.10 58.95
CA PHE G 53 19.04 58.56 60.20
C PHE G 53 20.53 58.26 60.26
N GLY G 54 21.07 57.52 59.29
CA GLY G 54 22.51 57.27 59.22
C GLY G 54 23.03 56.16 60.10
N VAL G 55 22.16 55.37 60.71
CA VAL G 55 22.60 54.33 61.65
C VAL G 55 22.75 53.02 60.90
N ARG G 56 23.76 52.24 61.29
CA ARG G 56 23.96 50.91 60.74
C ARG G 56 24.50 50.00 61.82
N LYS G 57 24.32 48.70 61.62
CA LYS G 57 24.73 47.72 62.63
C LYS G 57 26.23 47.77 62.87
N GLY G 58 26.63 47.71 64.13
CA GLY G 58 28.02 47.69 64.50
C GLY G 58 28.70 49.03 64.47
N ALA G 59 27.99 50.11 64.16
CA ALA G 59 28.60 51.43 64.09
C ALA G 59 28.44 52.13 65.43
N PRO G 60 29.53 52.49 66.10
CA PRO G 60 29.40 53.21 67.38
C PRO G 60 28.76 54.59 67.21
N ILE G 61 27.58 54.78 67.77
CA ILE G 61 26.82 56.02 67.61
C ILE G 61 26.56 56.71 68.93
N GLY G 62 27.04 56.17 70.05
CA GLY G 62 26.77 56.78 71.33
C GLY G 62 27.81 56.38 72.37
N VAL G 63 27.83 57.15 73.45
CA VAL G 63 28.80 56.96 74.54
C VAL G 63 28.03 56.94 75.84
N LYS G 64 28.33 55.96 76.69
CA LYS G 64 27.66 55.81 77.97
C LYS G 64 28.69 55.52 79.06
N ALA G 65 28.31 55.83 80.30
CA ALA G 65 29.16 55.55 81.45
C ALA G 65 28.27 55.23 82.64
N THR G 66 28.66 54.20 83.39
CA THR G 66 27.87 53.71 84.52
C THR G 66 28.58 54.05 85.82
N LEU G 67 27.84 54.62 86.77
CA LEU G 67 28.37 54.94 88.09
C LEU G 67 27.66 54.11 89.15
N ARG G 68 28.38 53.76 90.20
CA ARG G 68 27.90 52.90 91.26
C ARG G 68 28.08 53.59 92.61
N ARG G 69 27.94 52.81 93.67
CA ARG G 69 27.86 53.29 95.05
C ARG G 69 28.89 54.37 95.35
N GLN G 70 28.45 55.38 96.10
CA GLN G 70 29.29 56.39 96.74
C GLN G 70 29.99 57.29 95.74
N ALA G 71 29.85 56.99 94.45
CA ALA G 71 30.19 57.92 93.39
C ALA G 71 29.00 58.31 92.56
N ALA G 72 27.99 57.44 92.48
CA ALA G 72 26.73 57.80 91.85
C ALA G 72 26.03 58.91 92.60
N VAL G 73 26.04 58.85 93.93
CA VAL G 73 25.39 59.88 94.73
C VAL G 73 26.12 61.21 94.59
N GLU G 74 27.45 61.19 94.56
CA GLU G 74 28.20 62.43 94.39
C GLU G 74 27.95 63.06 93.03
N PHE G 75 27.93 62.25 91.98
CA PHE G 75 27.67 62.78 90.65
C PHE G 75 26.24 63.28 90.54
N LEU G 76 25.30 62.61 91.20
CA LEU G 76 23.92 63.07 91.18
C LEU G 76 23.76 64.40 91.90
N LYS G 77 24.60 64.66 92.91
CA LYS G 77 24.49 65.89 93.67
C LYS G 77 24.99 67.11 92.90
N LYS G 78 25.64 66.91 91.76
CA LYS G 78 26.16 68.02 90.97
C LYS G 78 25.40 68.26 89.68
N VAL G 79 24.58 67.31 89.23
CA VAL G 79 23.81 67.50 88.00
C VAL G 79 22.39 67.91 88.36
N LEU G 80 21.91 67.45 89.51
CA LEU G 80 20.57 67.81 89.95
C LEU G 80 20.34 69.31 90.10
N PRO G 81 21.27 70.12 90.64
CA PRO G 81 20.96 71.54 90.79
C PRO G 81 20.60 72.25 89.49
N ALA G 82 21.05 71.73 88.35
CA ALA G 82 20.68 72.34 87.08
C ALA G 82 19.18 72.24 86.82
N VAL G 83 18.59 71.08 87.13
CA VAL G 83 17.23 70.78 86.70
C VAL G 83 16.31 70.44 87.87
N ASN G 84 16.52 71.10 89.02
CA ASN G 84 15.75 70.75 90.22
C ASN G 84 14.25 70.77 89.97
N PHE G 85 13.77 71.69 89.15
CA PHE G 85 12.35 71.77 88.83
C PHE G 85 11.94 70.92 87.64
N ARG G 86 12.90 70.31 86.93
CA ARG G 86 12.56 69.50 85.76
C ARG G 86 11.99 68.14 86.16
N LEU G 87 12.29 67.66 87.35
CA LEU G 87 11.85 66.33 87.77
C LEU G 87 10.36 66.35 88.06
N LYS G 88 9.62 65.47 87.40
CA LYS G 88 8.17 65.44 87.44
C LYS G 88 7.67 64.09 87.92
N GLN G 89 6.46 64.08 88.47
CA GLN G 89 5.85 62.81 88.89
C GLN G 89 5.53 61.91 87.71
N SER G 90 5.34 62.48 86.52
CA SER G 90 5.04 61.67 85.35
C SER G 90 6.23 60.90 84.82
N SER G 91 7.44 61.32 85.16
CA SER G 91 8.66 60.67 84.67
C SER G 91 9.04 59.45 85.49
N PHE G 92 8.27 59.11 86.52
CA PHE G 92 8.54 57.92 87.32
C PHE G 92 7.70 56.76 86.81
N ASP G 93 8.34 55.64 86.53
CA ASP G 93 7.61 54.44 86.13
C ASP G 93 7.20 53.69 87.40
N ASN G 94 6.64 52.50 87.22
CA ASN G 94 6.08 51.74 88.33
C ASN G 94 7.03 50.67 88.85
N TYR G 95 8.32 50.76 88.50
CA TYR G 95 9.27 49.75 88.92
C TYR G 95 10.52 50.33 89.56
N GLY G 96 10.58 51.64 89.76
CA GLY G 96 11.71 52.23 90.45
C GLY G 96 12.75 52.85 89.54
N ASN G 97 12.30 53.47 88.46
CA ASN G 97 13.19 54.13 87.53
C ASN G 97 12.75 55.57 87.33
N VAL G 98 13.69 56.44 87.01
CA VAL G 98 13.40 57.82 86.66
C VAL G 98 14.53 58.33 85.79
N SER G 99 14.18 59.12 84.77
CA SER G 99 15.15 59.65 83.84
C SER G 99 14.82 61.11 83.53
N PHE G 100 15.85 61.87 83.22
CA PHE G 100 15.69 63.27 82.87
C PHE G 100 16.82 63.67 81.94
N GLY G 101 16.53 64.59 81.03
CA GLY G 101 17.48 65.03 80.05
C GLY G 101 18.03 66.42 80.32
N ILE G 102 19.25 66.64 79.86
CA ILE G 102 19.93 67.93 79.98
C ILE G 102 20.05 68.49 78.56
N ALA G 103 19.37 69.61 78.31
CA ALA G 103 19.40 70.19 76.97
C ALA G 103 20.78 70.70 76.61
N GLU G 104 21.45 71.38 77.55
CA GLU G 104 22.73 72.02 77.30
C GLU G 104 23.69 71.66 78.44
N HIS G 105 24.88 71.18 78.09
CA HIS G 105 25.78 70.63 79.10
C HIS G 105 26.35 71.72 79.99
N VAL G 106 26.67 72.89 79.42
CA VAL G 106 27.24 73.99 80.19
C VAL G 106 26.23 74.59 81.17
N LEU G 107 24.96 74.23 81.03
CA LEU G 107 23.94 74.68 81.97
C LEU G 107 24.18 74.12 83.37
N ILE G 108 25.01 73.09 83.50
CA ILE G 108 25.25 72.51 84.82
C ILE G 108 25.94 73.54 85.70
N PRO G 109 25.62 73.63 86.99
CA PRO G 109 26.40 74.49 87.89
C PRO G 109 27.75 73.90 88.19
N GLY G 110 28.64 73.90 87.20
CA GLY G 110 29.99 73.41 87.40
C GLY G 110 31.02 74.33 86.77
N THR G 111 32.22 73.81 86.54
CA THR G 111 33.29 74.56 85.92
C THR G 111 33.32 74.41 84.41
N ARG G 112 32.16 74.18 83.79
CA ARG G 112 32.10 73.99 82.35
C ARG G 112 32.46 75.27 81.62
N TYR G 113 33.17 75.12 80.51
CA TYR G 113 33.57 76.23 79.65
C TYR G 113 32.97 76.00 78.26
N ASP G 114 33.39 76.85 77.32
CA ASP G 114 32.95 76.74 75.93
C ASP G 114 34.17 76.73 75.02
N PRO G 115 34.91 75.62 75.01
CA PRO G 115 36.07 75.52 74.10
C PRO G 115 35.63 75.31 72.66
N GLU G 116 36.59 75.04 71.78
CA GLU G 116 36.31 74.78 70.39
C GLU G 116 35.62 73.44 70.16
N ILE G 117 35.52 72.60 71.19
CA ILE G 117 34.91 71.29 71.02
C ILE G 117 33.42 71.40 70.73
N GLY G 118 32.73 72.32 71.39
CA GLY G 118 31.32 72.53 71.17
C GLY G 118 30.49 72.13 72.38
N ILE G 119 29.21 71.91 72.13
CA ILE G 119 28.23 71.67 73.19
C ILE G 119 27.41 70.44 72.84
N PHE G 120 27.04 69.67 73.86
CA PHE G 120 26.19 68.49 73.70
C PHE G 120 25.12 68.49 74.78
N GLY G 121 24.15 67.60 74.63
CA GLY G 121 23.17 67.31 75.65
C GLY G 121 23.46 65.98 76.33
N MET G 122 22.78 65.76 77.44
CA MET G 122 23.05 64.60 78.28
C MET G 122 21.74 64.01 78.77
N ASP G 123 21.77 62.70 79.04
CA ASP G 123 20.65 61.98 79.61
C ASP G 123 21.14 61.18 80.81
N VAL G 124 20.35 61.18 81.88
CA VAL G 124 20.71 60.49 83.11
C VAL G 124 19.58 59.56 83.50
N ALA G 125 19.93 58.31 83.82
CA ALA G 125 18.97 57.30 84.24
C ALA G 125 19.29 56.86 85.66
N ILE G 126 18.28 56.80 86.52
CA ILE G 126 18.45 56.45 87.92
C ILE G 126 17.63 55.19 88.19
N THR G 127 18.29 54.19 88.77
CA THR G 127 17.67 52.89 89.01
C THR G 127 17.61 52.63 90.51
N LEU G 128 16.42 52.29 91.00
CA LEU G 128 16.18 52.07 92.42
C LEU G 128 15.99 50.57 92.66
N VAL G 129 16.68 50.04 93.66
CA VAL G 129 16.81 48.61 93.87
C VAL G 129 16.57 48.30 95.34
N ARG G 130 16.19 47.06 95.62
CA ARG G 130 16.07 46.51 96.95
C ARG G 130 17.05 45.35 97.13
N PRO G 131 17.47 45.04 98.35
CA PRO G 131 18.34 43.89 98.56
C PRO G 131 17.69 42.61 98.06
N GLY G 132 18.50 41.74 97.45
CA GLY G 132 18.03 40.49 96.93
C GLY G 132 17.81 40.46 95.43
N TYR G 133 18.10 41.54 94.72
CA TYR G 133 17.94 41.54 93.26
C TYR G 133 18.94 40.66 92.56
N ARG G 134 19.93 40.12 93.28
CA ARG G 134 20.92 39.26 92.67
C ARG G 134 20.30 38.02 92.03
N THR G 135 19.10 37.63 92.47
CA THR G 135 18.50 36.40 91.96
C THR G 135 18.14 36.51 90.48
N MET G 136 17.98 37.71 89.94
CA MET G 136 17.68 37.84 88.53
C MET G 136 18.92 37.91 87.64
N LYS G 137 20.09 38.23 88.21
CA LYS G 137 21.26 38.50 87.40
C LYS G 137 22.43 37.57 87.67
N ARG G 138 22.31 36.67 88.65
CA ARG G 138 23.38 35.71 88.87
C ARG G 138 23.37 34.64 87.77
N LYS G 139 24.43 33.85 87.74
CA LYS G 139 24.60 32.88 86.67
C LYS G 139 23.87 31.57 86.98
N ARG G 140 24.04 31.05 88.18
CA ARG G 140 23.48 29.76 88.56
C ARG G 140 22.21 29.94 89.37
N LYS G 141 21.22 29.09 89.08
CA LYS G 141 19.95 29.08 89.80
C LYS G 141 19.26 30.44 89.76
N LYS G 142 19.33 31.13 88.63
CA LYS G 142 18.69 32.43 88.54
C LYS G 142 17.19 32.26 88.47
N ALA G 143 16.48 33.24 89.02
CA ALA G 143 15.04 33.16 89.18
C ALA G 143 14.44 34.53 88.88
N SER G 144 13.20 34.73 89.28
CA SER G 144 12.51 36.00 89.10
C SER G 144 11.90 36.45 90.41
N ILE G 145 11.77 37.75 90.58
CA ILE G 145 11.21 38.31 91.81
C ILE G 145 9.80 38.80 91.54
N PRO G 146 8.89 38.69 92.50
CA PRO G 146 7.51 39.12 92.28
C PRO G 146 7.38 40.64 92.33
N ARG G 147 6.21 41.11 91.90
CA ARG G 147 5.89 42.53 92.02
C ARG G 147 5.82 42.98 93.47
N ARG G 148 5.67 42.02 94.38
CA ARG G 148 5.66 42.31 95.81
C ARG G 148 6.98 42.94 96.26
N HIS G 149 8.10 42.42 95.78
CA HIS G 149 9.43 42.87 96.17
C HIS G 149 9.95 44.02 95.33
N ARG G 150 9.29 44.37 94.24
CA ARG G 150 9.76 45.46 93.39
C ARG G 150 9.52 46.80 94.05
N VAL G 151 10.33 47.78 93.67
CA VAL G 151 10.15 49.14 94.14
C VAL G 151 8.96 49.77 93.42
N THR G 152 8.04 50.35 94.18
CA THR G 152 6.85 50.97 93.60
C THR G 152 7.11 52.44 93.31
N LYS G 153 6.26 53.02 92.46
CA LYS G 153 6.43 54.43 92.08
C LYS G 153 6.27 55.35 93.29
N GLU G 154 5.30 55.06 94.15
CA GLU G 154 5.01 55.96 95.27
C GLU G 154 6.19 56.06 96.22
N GLU G 155 6.82 54.92 96.54
CA GLU G 155 7.97 54.95 97.43
C GLU G 155 9.24 55.41 96.74
N ALA G 156 9.28 55.37 95.41
CA ALA G 156 10.43 55.90 94.70
C ALA G 156 10.48 57.42 94.77
N ILE G 157 9.31 58.07 94.84
CA ILE G 157 9.26 59.52 94.99
C ILE G 157 9.90 59.93 96.31
N ASN G 158 9.58 59.20 97.38
CA ASN G 158 10.11 59.54 98.70
C ASN G 158 11.63 59.49 98.71
N PHE G 159 12.22 58.49 98.06
CA PHE G 159 13.67 58.42 98.00
C PHE G 159 14.29 59.60 97.25
N MET G 160 13.51 60.30 96.44
CA MET G 160 14.03 61.52 95.81
C MET G 160 13.80 62.75 96.67
N LYS G 161 12.66 62.84 97.37
CA LYS G 161 12.44 63.96 98.27
C LYS G 161 13.42 63.91 99.45
N GLU G 162 13.72 62.72 99.94
CA GLU G 162 14.74 62.52 100.96
C GLU G 162 16.07 62.20 100.31
N ASN G 163 17.15 62.63 100.97
CA ASN G 163 18.54 62.42 100.54
C ASN G 163 18.89 63.28 99.34
N PHE G 164 17.90 63.92 98.72
CA PHE G 164 18.18 64.81 97.60
C PHE G 164 17.37 66.09 97.59
N ASN G 165 16.31 66.21 98.39
CA ASN G 165 15.46 67.40 98.47
C ASN G 165 15.15 67.98 97.10
N VAL G 166 14.48 67.16 96.29
CA VAL G 166 14.11 67.56 94.94
C VAL G 166 12.64 67.96 94.95
N THR G 167 12.28 68.84 94.02
CA THR G 167 10.93 69.39 93.93
C THR G 167 10.01 68.46 93.15
N ILE G 168 8.71 68.69 93.31
CA ILE G 168 7.64 67.93 92.66
C ILE G 168 7.71 66.45 93.01
N LEU H 1 -59.61 3.74 55.77
CA LEU H 1 -60.74 3.32 56.57
C LEU H 1 -61.68 2.42 55.78
N LYS H 2 -62.37 1.53 56.49
CA LYS H 2 -63.32 0.61 55.89
C LYS H 2 -64.56 0.58 56.77
N ALA H 3 -65.67 1.11 56.27
CA ALA H 3 -66.91 1.08 57.04
C ALA H 3 -67.39 -0.36 57.15
N ALA H 4 -67.47 -0.87 58.38
CA ALA H 4 -67.72 -2.29 58.58
C ALA H 4 -69.07 -2.72 58.04
N TYR H 5 -70.10 -1.91 58.28
CA TYR H 5 -71.46 -2.26 57.88
C TYR H 5 -72.20 -0.97 57.58
N ILE H 6 -72.96 -0.98 56.50
CA ILE H 6 -73.78 0.16 56.11
C ILE H 6 -75.05 -0.35 55.46
N ARG H 7 -76.18 0.22 55.88
CA ARG H 7 -77.50 -0.25 55.50
C ARG H 7 -78.42 0.94 55.31
N GLU H 8 -79.24 0.90 54.27
CA GLU H 8 -80.10 2.02 53.93
C GLU H 8 -81.49 1.50 53.59
N GLU H 9 -82.48 2.38 53.75
CA GLU H 9 -83.88 2.02 53.57
C GLU H 9 -84.56 3.04 52.67
N ILE H 10 -85.33 2.55 51.71
CA ILE H 10 -86.13 3.41 50.84
C ILE H 10 -87.58 3.00 50.99
N GLN H 11 -88.42 3.94 51.41
CA GLN H 11 -89.84 3.64 51.65
C GLN H 11 -90.62 3.69 50.35
N ILE H 12 -91.37 2.62 50.09
CA ILE H 12 -92.23 2.53 48.91
C ILE H 12 -93.57 3.14 49.27
N PRO H 13 -93.97 4.25 48.66
CA PRO H 13 -95.26 4.86 49.02
C PRO H 13 -96.44 4.06 48.45
N ASP H 14 -97.64 4.50 48.77
CA ASP H 14 -98.84 3.84 48.26
C ASP H 14 -98.99 4.12 46.76
N LYS H 15 -99.85 3.32 46.12
CA LYS H 15 -100.15 3.41 44.70
C LYS H 15 -98.93 3.07 43.84
N VAL H 16 -97.95 2.36 44.38
CA VAL H 16 -96.74 1.99 43.65
C VAL H 16 -96.53 0.50 43.80
N LYS H 17 -96.30 -0.19 42.69
CA LYS H 17 -96.01 -1.62 42.69
C LYS H 17 -94.56 -1.81 42.26
N VAL H 18 -93.73 -2.28 43.18
CA VAL H 18 -92.31 -2.47 42.93
C VAL H 18 -92.04 -3.95 42.77
N SER H 19 -91.40 -4.32 41.66
CA SER H 19 -91.04 -5.69 41.36
C SER H 19 -89.53 -5.79 41.20
N LEU H 20 -88.95 -6.86 41.76
CA LEU H 20 -87.52 -7.11 41.66
C LEU H 20 -87.31 -8.56 41.30
N GLU H 21 -86.55 -8.82 40.23
CA GLU H 21 -86.22 -10.18 39.85
C GLU H 21 -84.94 -10.16 39.04
N ASN H 22 -83.97 -10.99 39.43
CA ASN H 22 -82.67 -11.12 38.79
C ASN H 22 -82.10 -9.72 38.51
N ASN H 23 -81.86 -8.99 39.59
CA ASN H 23 -81.19 -7.70 39.59
C ASN H 23 -81.88 -6.65 38.73
N VAL H 24 -83.08 -6.91 38.24
CA VAL H 24 -83.84 -5.95 37.45
C VAL H 24 -84.99 -5.45 38.30
N LEU H 25 -85.08 -4.13 38.48
CA LEU H 25 -86.06 -3.52 39.35
C LEU H 25 -86.97 -2.63 38.50
N LYS H 26 -88.27 -2.91 38.53
CA LYS H 26 -89.24 -2.12 37.80
C LYS H 26 -90.30 -1.58 38.76
N VAL H 27 -90.66 -0.32 38.57
CA VAL H 27 -91.57 0.40 39.44
C VAL H 27 -92.76 0.84 38.62
N LYS H 28 -93.96 0.45 39.05
CA LYS H 28 -95.20 0.77 38.35
C LYS H 28 -96.01 1.76 39.18
N GLY H 29 -96.52 2.79 38.53
CA GLY H 29 -97.27 3.83 39.20
C GLY H 29 -98.29 4.49 38.31
N PRO H 30 -98.94 5.53 38.83
CA PRO H 30 -99.96 6.23 38.03
C PRO H 30 -99.43 6.87 36.77
N LYS H 31 -98.35 7.65 36.87
CA LYS H 31 -97.84 8.37 35.70
C LYS H 31 -97.24 7.43 34.67
N GLY H 32 -96.66 6.32 35.10
CA GLY H 32 -96.06 5.39 34.15
C GLY H 32 -95.29 4.31 34.88
N GLU H 33 -94.43 3.63 34.13
CA GLU H 33 -93.58 2.59 34.68
C GLU H 33 -92.15 2.77 34.18
N VAL H 34 -91.19 2.40 35.02
CA VAL H 34 -89.78 2.55 34.73
C VAL H 34 -89.08 1.22 34.99
N ILE H 35 -88.21 0.82 34.08
CA ILE H 35 -87.46 -0.42 34.20
C ILE H 35 -85.98 -0.08 34.15
N LYS H 36 -85.22 -0.59 35.11
CA LYS H 36 -83.80 -0.31 35.19
C LYS H 36 -83.06 -1.55 35.67
N ASP H 37 -81.91 -1.80 35.05
CA ASP H 37 -81.08 -2.95 35.38
C ASP H 37 -79.92 -2.51 36.26
N PHE H 38 -79.69 -3.24 37.35
CA PHE H 38 -78.64 -2.93 38.30
C PHE H 38 -77.66 -4.09 38.42
N SER H 39 -77.28 -4.66 37.28
CA SER H 39 -76.34 -5.78 37.29
C SER H 39 -74.92 -5.33 37.56
N TYR H 40 -74.61 -4.05 37.38
CA TYR H 40 -73.25 -3.55 37.59
C TYR H 40 -72.94 -3.27 39.05
N ALA H 41 -73.92 -3.37 39.94
CA ALA H 41 -73.71 -3.11 41.37
C ALA H 41 -73.17 -4.37 42.05
N LYS H 42 -71.90 -4.67 41.77
CA LYS H 42 -71.24 -5.78 42.42
C LYS H 42 -71.00 -5.48 43.90
N GLY H 43 -71.05 -6.52 44.72
CA GLY H 43 -70.79 -6.37 46.14
C GLY H 43 -71.89 -5.72 46.93
N ILE H 44 -73.07 -5.54 46.35
CA ILE H 44 -74.19 -4.89 47.01
C ILE H 44 -75.39 -5.83 46.94
N ARG H 45 -76.03 -6.07 48.09
CA ARG H 45 -77.21 -6.90 48.16
C ARG H 45 -78.45 -6.02 48.14
N ILE H 46 -79.37 -6.31 47.24
CA ILE H 46 -80.60 -5.54 47.09
C ILE H 46 -81.74 -6.43 47.57
N GLN H 47 -82.37 -6.04 48.67
CA GLN H 47 -83.45 -6.83 49.27
C GLN H 47 -84.78 -6.14 49.03
N LEU H 48 -85.77 -6.93 48.64
CA LEU H 48 -87.11 -6.43 48.38
C LEU H 48 -87.97 -6.77 49.59
N ASN H 49 -88.03 -5.86 50.54
CA ASN H 49 -88.87 -6.02 51.72
C ASN H 49 -90.32 -5.72 51.37
N GLU H 50 -91.21 -6.12 52.28
CA GLU H 50 -92.64 -6.00 52.02
C GLU H 50 -93.10 -4.56 51.87
N GLY H 51 -92.39 -3.60 52.43
CA GLY H 51 -92.82 -2.21 52.33
C GLY H 51 -91.71 -1.22 52.04
N LYS H 52 -90.49 -1.71 51.87
CA LYS H 52 -89.36 -0.82 51.64
C LYS H 52 -88.27 -1.55 50.88
N ILE H 53 -87.32 -0.78 50.38
CA ILE H 53 -86.16 -1.29 49.66
C ILE H 53 -84.97 -1.28 50.61
N ILE H 54 -84.22 -2.38 50.63
CA ILE H 54 -83.12 -2.55 51.57
C ILE H 54 -81.82 -2.75 50.79
N LEU H 55 -80.82 -1.93 51.08
CA LEU H 55 -79.52 -2.02 50.43
C LEU H 55 -78.43 -2.18 51.49
N GLU H 56 -77.63 -3.24 51.36
CA GLU H 56 -76.63 -3.57 52.36
C GLU H 56 -75.30 -3.92 51.72
N THR H 57 -74.21 -3.45 52.33
CA THR H 57 -72.86 -3.85 51.94
C THR H 57 -71.94 -3.71 53.14
N THR H 58 -70.90 -4.54 53.18
CA THR H 58 -69.97 -4.59 54.30
C THR H 58 -68.54 -4.33 53.82
N PHE H 59 -67.78 -3.61 54.64
CA PHE H 59 -66.37 -3.32 54.38
C PHE H 59 -66.20 -2.55 53.08
N ALA H 60 -66.90 -1.42 52.98
CA ALA H 60 -66.90 -0.62 51.77
C ALA H 60 -65.76 0.37 51.78
N ASP H 61 -64.95 0.34 50.72
CA ASP H 61 -63.89 1.33 50.55
C ASP H 61 -64.50 2.59 49.93
N ARG H 62 -63.65 3.52 49.53
CA ARG H 62 -64.15 4.79 49.01
C ARG H 62 -64.89 4.62 47.69
N ARG H 63 -64.70 3.51 46.99
CA ARG H 63 -65.34 3.28 45.71
C ARG H 63 -66.58 2.40 45.80
N LYS H 64 -66.63 1.48 46.77
CA LYS H 64 -67.84 0.69 46.95
C LYS H 64 -68.94 1.48 47.63
N LYS H 65 -68.58 2.39 48.53
CA LYS H 65 -69.60 3.20 49.18
C LYS H 65 -70.05 4.36 48.30
N ALA H 66 -69.22 4.78 47.35
CA ALA H 66 -69.68 5.76 46.37
C ALA H 66 -70.72 5.15 45.44
N LEU H 67 -70.53 3.90 45.06
CA LEU H 67 -71.49 3.20 44.21
C LEU H 67 -72.82 3.01 44.93
N LEU H 68 -72.78 2.65 46.21
CA LEU H 68 -74.01 2.33 46.93
C LEU H 68 -74.93 3.54 47.00
N TYR H 69 -74.38 4.73 47.19
CA TYR H 69 -75.20 5.91 47.35
C TYR H 69 -75.68 6.48 46.02
N SER H 70 -75.09 6.08 44.90
CA SER H 70 -75.66 6.43 43.61
C SER H 70 -76.85 5.54 43.27
N ILE H 71 -76.82 4.27 43.68
CA ILE H 71 -77.96 3.40 43.46
C ILE H 71 -79.16 3.91 44.25
N ILE H 72 -78.92 4.44 45.45
CA ILE H 72 -80.00 5.01 46.25
C ILE H 72 -80.66 6.17 45.50
N ALA H 73 -79.86 7.05 44.92
CA ALA H 73 -80.43 8.21 44.24
C ALA H 73 -81.17 7.80 42.98
N HIS H 74 -80.71 6.76 42.29
CA HIS H 74 -81.43 6.28 41.12
C HIS H 74 -82.79 5.71 41.49
N ILE H 75 -82.85 4.93 42.58
CA ILE H 75 -84.13 4.35 42.99
C ILE H 75 -85.11 5.43 43.38
N LYS H 76 -84.66 6.43 44.13
CA LYS H 76 -85.54 7.51 44.54
C LYS H 76 -85.98 8.38 43.36
N ASN H 77 -85.24 8.36 42.26
CA ASN H 77 -85.68 9.05 41.05
C ASN H 77 -86.75 8.26 40.31
N MET H 78 -86.65 6.92 40.34
CA MET H 78 -87.68 6.10 39.72
C MET H 78 -89.00 6.23 40.46
N ILE H 79 -88.97 6.22 41.79
CA ILE H 79 -90.19 6.38 42.57
C ILE H 79 -90.85 7.71 42.28
N THR H 80 -90.06 8.78 42.24
CA THR H 80 -90.62 10.10 42.01
C THR H 80 -91.23 10.20 40.61
N GLY H 81 -90.59 9.58 39.62
CA GLY H 81 -91.05 9.73 38.25
C GLY H 81 -92.41 9.12 38.00
N THR H 82 -92.70 8.00 38.65
CA THR H 82 -93.98 7.33 38.45
C THR H 82 -95.10 7.92 39.30
N ILE H 83 -94.80 8.81 40.23
CA ILE H 83 -95.82 9.53 40.98
C ILE H 83 -96.03 10.93 40.43
N ASN H 84 -94.96 11.70 40.34
CA ASN H 84 -94.97 13.00 39.69
C ASN H 84 -94.17 12.90 38.39
N GLY H 85 -94.58 13.65 37.39
CA GLY H 85 -93.79 13.68 36.19
C GLY H 85 -92.56 14.55 36.33
N TYR H 86 -91.76 14.56 35.28
CA TYR H 86 -90.63 15.47 35.13
C TYR H 86 -90.93 16.41 33.98
N ARG H 87 -90.65 17.70 34.19
CA ARG H 87 -90.93 18.74 33.20
C ARG H 87 -89.77 19.70 33.13
N TYR H 88 -88.99 19.66 32.05
CA TYR H 88 -87.93 20.63 31.85
C TYR H 88 -88.41 21.70 30.88
N TYR H 89 -87.97 22.93 31.11
CA TYR H 89 -88.28 24.05 30.24
C TYR H 89 -87.03 24.50 29.51
N LEU H 90 -87.20 24.87 28.24
CA LEU H 90 -86.14 25.44 27.43
C LEU H 90 -86.65 26.75 26.86
N LYS H 91 -85.81 27.77 26.82
CA LYS H 91 -86.19 29.07 26.29
C LYS H 91 -85.54 29.27 24.93
N VAL H 92 -86.25 29.96 24.05
CA VAL H 92 -85.78 30.24 22.70
C VAL H 92 -85.38 31.70 22.65
N ILE H 93 -84.09 31.95 22.48
CA ILE H 93 -83.51 33.29 22.50
C ILE H 93 -83.00 33.60 21.11
N SER H 94 -83.46 34.72 20.54
CA SER H 94 -83.04 35.17 19.23
C SER H 94 -82.72 36.65 19.29
N THR H 95 -81.80 37.08 18.43
CA THR H 95 -81.37 38.47 18.40
C THR H 95 -82.00 39.23 17.24
N HIS H 96 -81.80 38.77 16.01
CA HIS H 96 -82.32 39.43 14.82
C HIS H 96 -83.26 38.53 14.03
N PHE H 97 -82.87 37.29 13.77
CA PHE H 97 -83.66 36.40 12.96
C PHE H 97 -84.49 35.49 13.85
N PRO H 98 -85.82 35.57 13.80
CA PRO H 98 -86.64 34.69 14.63
C PRO H 98 -86.42 33.22 14.31
N ILE H 99 -86.44 32.41 15.36
CA ILE H 99 -86.16 30.97 15.25
C ILE H 99 -87.48 30.23 15.21
N SER H 100 -87.59 29.29 14.27
CA SER H 100 -88.76 28.43 14.13
C SER H 100 -88.40 27.01 14.53
N VAL H 101 -89.23 26.40 15.35
CA VAL H 101 -89.00 25.05 15.85
C VAL H 101 -90.29 24.26 15.75
N LYS H 102 -90.17 22.99 15.36
CA LYS H 102 -91.33 22.13 15.22
C LYS H 102 -90.92 20.68 15.48
N VAL H 103 -91.89 19.88 15.85
CA VAL H 103 -91.68 18.48 16.23
C VAL H 103 -92.31 17.59 15.17
N SER H 104 -91.54 16.61 14.70
CA SER H 104 -91.99 15.70 13.64
C SER H 104 -91.65 14.28 14.05
N GLY H 105 -92.57 13.62 14.73
CA GLY H 105 -92.34 12.27 15.18
C GLY H 105 -91.38 12.19 16.34
N ASP H 106 -90.20 11.62 16.09
CA ASP H 106 -89.16 11.48 17.11
C ASP H 106 -87.95 12.35 16.77
N GLU H 107 -88.21 13.59 16.39
CA GLU H 107 -87.18 14.51 15.98
C GLU H 107 -87.69 15.93 16.17
N VAL H 108 -86.80 16.82 16.60
CA VAL H 108 -87.08 18.24 16.69
C VAL H 108 -86.25 18.95 15.64
N GLN H 109 -86.88 19.80 14.84
CA GLN H 109 -86.22 20.47 13.74
C GLN H 109 -86.18 21.96 14.03
N VAL H 110 -84.98 22.53 14.02
CA VAL H 110 -84.75 23.94 14.29
C VAL H 110 -84.27 24.59 13.01
N SER H 111 -84.90 25.69 12.63
CA SER H 111 -84.61 26.34 11.37
C SER H 111 -84.55 27.84 11.57
N ASN H 112 -83.86 28.51 10.66
CA ASN H 112 -83.71 29.96 10.69
C ASN H 112 -83.10 30.42 12.00
N LEU H 113 -81.90 29.95 12.27
CA LEU H 113 -81.06 30.53 13.31
C LEU H 113 -80.52 31.82 12.75
N ILE H 114 -79.34 32.25 13.20
CA ILE H 114 -78.76 33.53 12.87
C ILE H 114 -78.86 33.87 11.38
N GLY H 115 -79.41 32.94 10.59
CA GLY H 115 -79.81 33.23 9.22
C GLY H 115 -79.62 32.03 8.32
N GLU H 116 -79.01 30.98 8.85
CA GLU H 116 -78.55 29.89 8.02
C GLU H 116 -79.71 29.09 7.46
N LYS H 117 -79.46 28.46 6.31
CA LYS H 117 -80.46 27.64 5.64
C LYS H 117 -80.39 26.18 6.04
N ASN H 118 -79.39 25.78 6.82
CA ASN H 118 -79.37 24.43 7.32
C ASN H 118 -80.45 24.22 8.38
N ILE H 119 -80.97 23.01 8.45
CA ILE H 119 -81.99 22.64 9.42
C ILE H 119 -81.35 21.72 10.45
N ARG H 120 -81.41 22.13 11.72
CA ARG H 120 -80.81 21.40 12.82
C ARG H 120 -81.81 20.44 13.41
N ARG H 121 -81.40 19.20 13.64
CA ARG H 121 -82.33 18.15 14.03
C ARG H 121 -81.80 17.41 15.24
N ALA H 122 -82.69 17.16 16.20
CA ALA H 122 -82.34 16.60 17.50
C ALA H 122 -83.20 15.38 17.78
N LYS H 123 -82.58 14.33 18.32
CA LYS H 123 -83.27 13.07 18.57
C LYS H 123 -84.15 13.17 19.81
N ILE H 124 -85.24 12.41 19.81
CA ILE H 124 -86.17 12.34 20.93
C ILE H 124 -86.15 10.93 21.48
N LEU H 125 -85.85 10.81 22.77
CA LEU H 125 -85.73 9.51 23.41
C LEU H 125 -87.10 8.90 23.65
N PRO H 126 -87.19 7.58 23.80
CA PRO H 126 -88.49 6.94 23.98
C PRO H 126 -89.17 7.38 25.27
N GLY H 127 -90.51 7.39 25.24
CA GLY H 127 -91.28 7.73 26.41
C GLY H 127 -91.27 9.19 26.78
N VAL H 128 -91.01 10.08 25.82
CA VAL H 128 -90.85 11.49 26.09
C VAL H 128 -91.77 12.28 25.17
N LYS H 129 -92.34 13.37 25.69
CA LYS H 129 -93.25 14.23 24.96
C LYS H 129 -92.67 15.63 24.88
N VAL H 130 -92.63 16.19 23.67
CA VAL H 130 -92.09 17.52 23.43
C VAL H 130 -93.17 18.38 22.82
N THR H 131 -93.43 19.54 23.41
CA THR H 131 -94.41 20.49 22.88
C THR H 131 -93.81 21.89 22.89
N VAL H 132 -94.29 22.73 21.99
CA VAL H 132 -93.83 24.11 21.85
C VAL H 132 -95.00 25.02 22.19
N LYS H 133 -94.83 25.87 23.20
CA LYS H 133 -95.87 26.83 23.54
C LYS H 133 -95.63 28.17 22.85
N GLY H 134 -94.56 28.84 23.21
CA GLY H 134 -94.05 29.99 22.50
C GLY H 134 -92.88 30.55 23.27
N GLU H 135 -91.75 30.77 22.62
CA GLU H 135 -90.52 31.20 23.28
C GLU H 135 -90.08 30.19 24.34
N ASP H 136 -90.82 29.10 24.48
CA ASP H 136 -90.55 28.07 25.48
C ASP H 136 -90.82 26.70 24.86
N ILE H 137 -90.09 25.70 25.35
CA ILE H 137 -90.27 24.32 24.93
C ILE H 137 -90.40 23.48 26.18
N VAL H 138 -91.35 22.56 26.19
CA VAL H 138 -91.67 21.77 27.37
C VAL H 138 -91.44 20.30 27.06
N VAL H 139 -90.68 19.63 27.92
CA VAL H 139 -90.33 18.22 27.75
C VAL H 139 -90.90 17.45 28.93
N GLU H 140 -91.69 16.41 28.65
CA GLU H 140 -92.42 15.65 29.64
C GLU H 140 -91.82 14.26 29.77
N GLY H 141 -92.24 13.54 30.82
CA GLY H 141 -91.87 12.15 30.94
C GLY H 141 -91.65 11.67 32.36
N SER H 142 -91.49 10.35 32.52
CA SER H 142 -91.31 9.75 33.83
C SER H 142 -89.87 9.39 34.13
N ASP H 143 -89.17 8.75 33.19
CA ASP H 143 -87.75 8.49 33.34
C ASP H 143 -86.99 9.80 33.27
N ILE H 144 -86.23 10.13 34.32
CA ILE H 144 -85.56 11.42 34.36
C ILE H 144 -84.44 11.50 33.34
N TYR H 145 -83.74 10.39 33.09
CA TYR H 145 -82.64 10.45 32.14
C TYR H 145 -83.13 10.76 30.74
N ASN H 146 -84.20 10.10 30.30
CA ASN H 146 -84.73 10.33 28.96
C ASN H 146 -85.23 11.76 28.81
N VAL H 147 -85.88 12.29 29.85
CA VAL H 147 -86.33 13.68 29.82
C VAL H 147 -85.14 14.62 29.75
N ALA H 148 -84.09 14.31 30.51
CA ALA H 148 -82.93 15.20 30.55
C ALA H 148 -82.09 15.09 29.29
N GLN H 149 -81.89 13.87 28.78
CA GLN H 149 -81.12 13.70 27.55
C GLN H 149 -81.83 14.34 26.36
N THR H 150 -83.15 14.19 26.27
CA THR H 150 -83.87 14.80 25.16
C THR H 150 -83.76 16.31 25.17
N ALA H 151 -83.89 16.92 26.35
CA ALA H 151 -83.78 18.37 26.43
C ALA H 151 -82.36 18.83 26.16
N ALA H 152 -81.37 17.97 26.40
CA ALA H 152 -79.98 18.31 26.14
C ALA H 152 -79.62 18.18 24.66
N ASN H 153 -80.26 17.23 23.96
CA ASN H 153 -80.06 17.12 22.52
C ASN H 153 -80.54 18.37 21.80
N ILE H 154 -81.68 18.91 22.23
CA ILE H 154 -82.14 20.19 21.68
C ILE H 154 -81.14 21.28 22.02
N GLU H 155 -80.59 21.23 23.24
CA GLU H 155 -79.60 22.19 23.68
C GLU H 155 -78.34 22.14 22.83
N SER H 156 -77.88 20.93 22.52
CA SER H 156 -76.60 20.75 21.84
C SER H 156 -76.67 21.09 20.36
N SER H 157 -77.79 20.80 19.69
CA SER H 157 -77.88 21.01 18.26
C SER H 157 -77.76 22.48 17.90
N THR H 158 -78.31 23.36 18.72
CA THR H 158 -78.32 24.78 18.42
C THR H 158 -77.08 25.51 18.93
N LYS H 159 -76.14 24.79 19.56
CA LYS H 159 -74.94 25.45 20.04
C LYS H 159 -74.12 26.01 18.89
N ILE H 160 -74.18 25.36 17.73
CA ILE H 160 -73.23 25.55 16.64
C ILE H 160 -73.14 27.03 16.26
N VAL H 161 -74.10 27.82 16.74
CA VAL H 161 -73.92 29.27 16.72
C VAL H 161 -72.64 29.65 17.46
N GLY H 162 -72.22 28.80 18.40
CA GLY H 162 -71.03 29.05 19.17
C GLY H 162 -69.73 28.70 18.49
N TYR H 163 -69.69 28.80 17.16
CA TYR H 163 -68.48 28.61 16.38
C TYR H 163 -68.15 29.89 15.62
N ASP H 164 -66.90 30.31 15.68
CA ASP H 164 -66.37 31.41 14.89
C ASP H 164 -67.00 32.75 15.23
N ARG H 165 -67.81 32.84 16.28
CA ARG H 165 -68.44 34.10 16.63
C ARG H 165 -68.30 34.34 18.12
N ARG H 166 -68.02 35.59 18.49
CA ARG H 166 -68.17 36.02 19.86
C ARG H 166 -69.63 35.96 20.26
N ILE H 167 -69.92 35.27 21.36
CA ILE H 167 -71.28 34.89 21.69
C ILE H 167 -72.11 36.13 21.98
N PHE H 168 -73.15 36.34 21.17
CA PHE H 168 -74.21 37.33 21.39
C PHE H 168 -75.54 36.68 21.73
N SER H 169 -75.51 35.56 22.46
CA SER H 169 -76.69 35.01 23.12
C SER H 169 -77.78 34.66 22.10
N ASP H 170 -77.50 33.65 21.28
CA ASP H 170 -78.44 33.18 20.27
C ASP H 170 -78.49 31.67 20.30
N GLY H 171 -79.63 31.11 20.68
CA GLY H 171 -79.78 29.67 20.79
C GLY H 171 -81.00 29.31 21.62
N ILE H 172 -81.02 28.05 22.06
CA ILE H 172 -82.07 27.52 22.93
C ILE H 172 -81.41 27.00 24.19
N TYR H 173 -81.89 27.43 25.35
CA TYR H 173 -81.22 27.18 26.62
C TYR H 173 -82.16 26.58 27.65
N ILE H 174 -81.59 25.74 28.53
CA ILE H 174 -82.38 25.09 29.57
C ILE H 174 -82.75 26.10 30.66
N TYR H 175 -83.92 25.93 31.24
CA TYR H 175 -84.58 26.95 32.04
C TYR H 175 -84.82 26.55 33.48
N LYS H 176 -85.48 25.42 33.72
CA LYS H 176 -85.81 24.97 35.09
C LYS H 176 -86.27 23.52 35.04
N LYS H 177 -86.73 23.02 36.20
CA LYS H 177 -87.27 21.66 36.30
C LYS H 177 -88.54 21.62 37.14
N GLU H 178 -89.14 20.42 37.15
CA GLU H 178 -89.93 19.89 38.27
C GLU H 178 -91.12 20.81 38.61
N VAL H 179 -92.07 20.84 37.69
CA VAL H 179 -93.43 21.12 38.09
C VAL H 179 -93.99 19.89 38.80
N ILE H 180 -95.02 20.10 39.63
CA ILE H 180 -95.62 18.98 40.35
C ILE H 180 -96.02 17.88 39.37
N GLY H 181 -96.58 18.25 38.23
CA GLY H 181 -96.81 17.31 37.15
C GLY H 181 -95.60 17.24 36.25
N VAL I 1 -62.22 -13.11 71.42
CA VAL I 1 -61.81 -12.46 70.18
C VAL I 1 -60.64 -11.52 70.40
N LYS I 2 -60.51 -10.94 71.60
CA LYS I 2 -59.26 -10.31 72.05
C LYS I 2 -58.78 -9.24 71.07
N ILE I 3 -59.50 -8.12 71.03
CA ILE I 3 -58.97 -6.94 70.35
C ILE I 3 -57.59 -6.62 70.90
N PHE I 4 -56.62 -6.48 70.00
CA PHE I 4 -55.23 -6.19 70.35
C PHE I 4 -54.88 -4.77 69.95
N MET I 5 -53.90 -4.21 70.65
CA MET I 5 -53.35 -2.90 70.33
C MET I 5 -51.85 -3.05 70.21
N VAL I 6 -51.33 -2.88 68.99
CA VAL I 6 -49.93 -3.09 68.69
C VAL I 6 -49.28 -1.74 68.51
N ARG I 7 -48.14 -1.53 69.18
CA ARG I 7 -47.42 -0.27 69.10
C ARG I 7 -45.97 -0.56 68.76
N GLY I 8 -45.35 0.34 68.00
CA GLY I 8 -43.96 0.15 67.65
C GLY I 8 -43.51 1.16 66.64
N THR I 9 -42.22 1.11 66.35
CA THR I 9 -41.58 2.03 65.42
C THR I 9 -41.33 1.35 64.08
N ALA I 10 -41.72 2.01 63.01
CA ALA I 10 -41.37 1.58 61.65
C ALA I 10 -40.48 2.63 61.03
N ILE I 11 -39.58 2.21 60.16
CA ILE I 11 -38.54 3.07 59.63
C ILE I 11 -38.80 3.35 58.16
N PHE I 12 -38.74 4.62 57.80
CA PHE I 12 -38.25 5.02 56.47
C PHE I 12 -37.36 6.24 56.67
N SER I 13 -36.04 6.02 56.67
CA SER I 13 -35.02 7.07 56.69
C SER I 13 -35.21 7.96 57.92
N ALA I 14 -34.96 7.35 59.08
CA ALA I 14 -35.00 8.01 60.38
C ALA I 14 -36.36 8.62 60.68
N SER I 15 -37.36 7.74 60.83
CA SER I 15 -38.75 8.14 60.96
C SER I 15 -39.35 7.56 62.23
N ARG I 16 -39.67 8.43 63.20
CA ARG I 16 -40.14 8.00 64.53
C ARG I 16 -41.08 9.08 65.07
N PHE I 17 -42.37 8.74 65.21
CA PHE I 17 -43.39 9.63 65.77
C PHE I 17 -44.41 8.83 66.55
N PRO I 18 -44.13 8.49 67.81
CA PRO I 18 -45.01 7.57 68.56
C PRO I 18 -46.32 8.19 69.03
N THR I 19 -47.32 8.26 68.15
CA THR I 19 -48.64 8.79 68.48
C THR I 19 -49.60 8.12 67.49
N SER I 20 -50.67 8.76 66.96
CA SER I 20 -51.71 7.98 66.26
C SER I 20 -52.15 8.50 64.86
N GLN I 21 -51.23 8.80 63.86
CA GLN I 21 -51.53 8.56 62.44
C GLN I 21 -50.36 8.28 61.46
N LYS I 22 -49.02 8.17 61.90
CA LYS I 22 -47.80 7.69 61.16
C LYS I 22 -46.93 6.65 61.96
N PHE I 23 -47.48 5.94 62.96
CA PHE I 23 -46.66 5.06 63.80
C PHE I 23 -47.24 3.68 64.21
N THR I 24 -48.52 3.59 64.59
CA THR I 24 -49.09 2.41 65.26
C THR I 24 -50.53 2.13 64.80
N LYS I 25 -51.08 0.98 65.25
CA LYS I 25 -52.32 0.43 64.70
C LYS I 25 -53.10 -0.36 65.77
N TYR I 26 -54.29 -0.85 65.37
CA TYR I 26 -55.20 -1.65 66.20
C TYR I 26 -55.64 -2.88 65.42
N VAL I 27 -55.79 -4.02 66.10
CA VAL I 27 -56.06 -5.29 65.41
C VAL I 27 -56.99 -6.15 66.27
N ARG I 28 -57.83 -6.93 65.60
CA ARG I 28 -58.78 -7.83 66.24
C ARG I 28 -58.51 -9.27 65.78
N ALA I 29 -58.00 -10.10 66.69
CA ALA I 29 -57.58 -11.45 66.32
C ALA I 29 -57.53 -12.34 67.55
N LEU I 30 -57.49 -13.65 67.29
CA LEU I 30 -57.59 -14.65 68.36
C LEU I 30 -56.39 -14.63 69.29
N ASN I 31 -55.18 -14.68 68.75
CA ASN I 31 -53.98 -14.68 69.58
C ASN I 31 -52.97 -13.67 69.05
N GLU I 32 -51.83 -13.57 69.72
CA GLU I 32 -50.84 -12.56 69.37
C GLU I 32 -50.12 -12.88 68.07
N LYS I 33 -49.95 -14.16 67.75
CA LYS I 33 -49.27 -14.54 66.52
C LYS I 33 -50.04 -14.05 65.31
N GLN I 34 -51.37 -14.19 65.34
CA GLN I 34 -52.19 -13.73 64.22
C GLN I 34 -52.10 -12.21 64.06
N ALA I 35 -52.09 -11.49 65.18
CA ALA I 35 -52.11 -10.04 65.12
C ALA I 35 -50.80 -9.48 64.56
N ILE I 36 -49.67 -10.12 64.88
CA ILE I 36 -48.38 -9.64 64.38
C ILE I 36 -48.29 -9.85 62.88
N GLU I 37 -48.75 -11.00 62.38
CA GLU I 37 -48.70 -11.27 60.95
C GLU I 37 -49.51 -10.25 60.17
N TYR I 38 -50.64 -9.82 60.72
CA TYR I 38 -51.42 -8.76 60.09
C TYR I 38 -50.63 -7.47 59.98
N ILE I 39 -49.93 -7.07 61.03
CA ILE I 39 -49.21 -5.80 61.03
C ILE I 39 -48.10 -5.81 60.00
N TYR I 40 -47.38 -6.94 59.90
CA TYR I 40 -46.30 -7.02 58.93
C TYR I 40 -46.81 -6.89 57.50
N SER I 41 -47.92 -7.56 57.19
CA SER I 41 -48.41 -7.59 55.81
C SER I 41 -49.06 -6.27 55.43
N GLN I 42 -49.74 -5.61 56.37
CA GLN I 42 -50.42 -4.36 56.04
C GLN I 42 -49.44 -3.22 55.89
N LEU I 43 -48.44 -3.13 56.77
CA LEU I 43 -47.45 -2.08 56.64
C LEU I 43 -46.47 -2.39 55.52
N GLY I 44 -46.14 -3.66 55.33
CA GLY I 44 -45.23 -4.03 54.27
C GLY I 44 -45.82 -3.89 52.89
N GLY I 45 -47.13 -4.07 52.77
CA GLY I 45 -47.78 -3.97 51.49
C GLY I 45 -48.15 -2.56 51.13
N LYS I 46 -48.65 -1.80 52.10
CA LYS I 46 -49.16 -0.47 51.81
C LYS I 46 -48.10 0.61 51.81
N ASN I 47 -46.93 0.33 52.38
CA ASN I 47 -45.88 1.32 52.49
C ASN I 47 -44.53 0.82 52.03
N LYS I 48 -44.43 -0.43 51.58
CA LYS I 48 -43.19 -0.98 51.02
C LYS I 48 -42.08 -1.01 52.05
N ILE I 49 -42.38 -1.58 53.21
CA ILE I 49 -41.48 -1.62 54.35
C ILE I 49 -41.14 -3.07 54.63
N LYS I 50 -39.86 -3.40 54.60
CA LYS I 50 -39.44 -4.76 54.91
C LYS I 50 -39.50 -4.99 56.41
N ARG I 51 -39.47 -6.26 56.79
CA ARG I 51 -39.65 -6.59 58.19
C ARG I 51 -38.41 -6.30 59.03
N TYR I 52 -37.28 -5.95 58.40
CA TYR I 52 -36.14 -5.47 59.16
C TYR I 52 -36.49 -4.17 59.85
N ASN I 53 -37.26 -3.33 59.17
CA ASN I 53 -37.47 -1.94 59.54
C ASN I 53 -38.74 -1.73 60.36
N ILE I 54 -39.40 -2.79 60.78
CA ILE I 54 -40.56 -2.70 61.64
C ILE I 54 -40.17 -3.24 63.01
N HIS I 55 -40.24 -2.38 64.03
CA HIS I 55 -39.84 -2.73 65.39
C HIS I 55 -41.07 -2.64 66.28
N ILE I 56 -41.70 -3.78 66.55
CA ILE I 56 -42.84 -3.83 67.45
C ILE I 56 -42.34 -3.80 68.89
N GLN I 57 -42.85 -2.85 69.67
CA GLN I 57 -42.41 -2.66 71.04
C GLN I 57 -43.39 -3.19 72.06
N GLU I 58 -44.67 -2.86 71.93
CA GLU I 58 -45.68 -3.30 72.89
C GLU I 58 -46.86 -3.90 72.16
N ILE I 59 -47.29 -5.08 72.61
CA ILE I 59 -48.55 -5.68 72.19
C ILE I 59 -49.32 -6.10 73.43
N LYS I 60 -50.58 -5.70 73.51
CA LYS I 60 -51.38 -6.07 74.67
C LYS I 60 -52.85 -5.98 74.31
N GLU I 61 -53.65 -6.79 74.98
CA GLU I 61 -55.09 -6.81 74.74
C GLU I 61 -55.75 -5.65 75.45
N VAL I 62 -56.64 -4.95 74.75
CA VAL I 62 -57.39 -3.85 75.34
C VAL I 62 -58.84 -4.29 75.52
N LYS I 63 -59.51 -3.69 76.49
CA LYS I 63 -60.90 -4.02 76.74
C LYS I 63 -61.79 -3.37 75.69
N GLU I 64 -62.81 -4.11 75.27
CA GLU I 64 -63.66 -3.69 74.17
C GLU I 64 -64.52 -2.49 74.51
N ASP I 65 -64.64 -2.13 75.78
CA ASP I 65 -65.50 -1.04 76.20
C ASP I 65 -64.78 0.30 76.24
N GLU I 66 -63.51 0.36 75.84
CA GLU I 66 -62.76 1.62 75.84
C GLU I 66 -61.77 1.61 74.69
N ILE I 67 -62.17 2.19 73.56
CA ILE I 67 -61.29 2.43 72.42
C ILE I 67 -61.60 3.82 71.88
N THR I 68 -60.56 4.57 71.55
CA THR I 68 -60.76 5.92 71.02
C THR I 68 -61.46 5.88 69.67
N ASP I 69 -61.05 4.97 68.79
CA ASP I 69 -61.56 4.93 67.43
C ASP I 69 -62.77 4.00 67.33
N LYS I 70 -63.82 4.48 66.66
CA LYS I 70 -65.07 3.75 66.56
C LYS I 70 -65.13 2.79 65.37
N THR I 71 -64.15 2.82 64.47
CA THR I 71 -64.15 1.87 63.36
C THR I 71 -63.94 0.45 63.85
N ILE I 72 -63.05 0.26 64.82
CA ILE I 72 -62.80 -1.07 65.36
C ILE I 72 -63.89 -1.50 66.34
N ARG I 73 -64.67 -0.55 66.86
CA ARG I 73 -65.77 -0.91 67.76
C ARG I 73 -66.96 -1.44 66.98
N ASP I 74 -67.14 -1.00 65.74
CA ASP I 74 -68.35 -1.30 64.99
C ASP I 74 -68.41 -2.73 64.45
N LEU I 75 -67.28 -3.39 64.27
CA LEU I 75 -67.32 -4.78 63.82
C LEU I 75 -67.33 -5.77 64.97
N ALA I 76 -67.37 -5.29 66.21
CA ALA I 76 -67.52 -6.18 67.35
C ALA I 76 -68.99 -6.54 67.52
N ARG J 1 -23.58 27.17 30.67
CA ARG J 1 -23.48 25.74 30.50
C ARG J 1 -24.51 25.08 31.42
N PRO J 2 -25.13 23.98 30.97
CA PRO J 2 -26.19 23.36 31.77
C PRO J 2 -25.69 22.97 33.15
N GLY J 3 -26.56 23.10 34.15
CA GLY J 3 -26.20 22.81 35.51
C GLY J 3 -25.96 21.35 35.81
N ARG J 4 -26.34 20.46 34.90
CA ARG J 4 -26.08 19.04 35.12
C ARG J 4 -24.61 18.72 35.04
N CYS J 5 -23.79 19.63 34.51
CA CYS J 5 -22.36 19.41 34.42
C CYS J 5 -21.67 19.60 35.76
N TYR J 6 -22.14 20.54 36.58
CA TYR J 6 -21.49 20.92 37.82
C TYR J 6 -22.38 20.69 39.03
N ARG J 7 -23.26 19.71 38.96
CA ARG J 7 -24.11 19.36 40.09
C ARG J 7 -23.57 18.18 40.88
N LYS J 8 -22.83 17.31 40.21
CA LYS J 8 -22.23 16.13 40.81
C LYS J 8 -20.78 16.38 41.20
N PHE J 9 -20.30 15.59 42.14
CA PHE J 9 -18.91 15.68 42.56
C PHE J 9 -18.00 15.03 41.54
N SER J 10 -16.99 15.76 41.09
CA SER J 10 -15.94 15.23 40.21
C SER J 10 -14.61 15.67 40.79
N GLY J 11 -14.04 14.86 41.68
CA GLY J 11 -12.75 15.16 42.24
C GLY J 11 -12.82 15.71 43.64
N PRO J 12 -11.69 16.22 44.13
CA PRO J 12 -11.61 16.67 45.51
C PRO J 12 -12.11 18.09 45.67
N ALA J 13 -11.98 18.65 46.87
CA ALA J 13 -12.29 20.05 47.09
C ALA J 13 -11.13 20.91 46.59
N TYR J 14 -11.46 21.94 45.82
CA TYR J 14 -10.49 22.77 45.12
C TYR J 14 -10.69 24.22 45.57
N THR J 15 -10.07 24.58 46.69
CA THR J 15 -10.40 25.84 47.36
C THR J 15 -9.20 26.76 47.61
N ARG J 16 -8.00 26.19 47.73
CA ARG J 16 -6.83 26.96 48.14
C ARG J 16 -6.49 28.09 47.17
N ARG J 17 -6.74 29.33 47.58
CA ARG J 17 -6.64 30.45 46.66
C ARG J 17 -5.20 30.75 46.28
N GLU J 18 -4.23 30.37 47.11
CA GLU J 18 -2.85 30.72 46.85
C GLU J 18 -2.21 29.87 45.77
N TYR J 19 -2.80 28.71 45.45
CA TYR J 19 -2.33 27.86 44.37
C TYR J 19 -3.21 27.95 43.14
N ILE J 20 -4.23 28.80 43.14
CA ILE J 20 -5.20 28.89 42.06
C ILE J 20 -5.27 30.34 41.60
N PRO J 21 -4.63 30.67 40.50
CA PRO J 21 -4.70 32.06 40.00
C PRO J 21 -5.91 32.35 39.13
N GLY J 22 -6.49 33.52 39.36
CA GLY J 22 -7.53 34.05 38.50
C GLY J 22 -8.91 33.47 38.68
N ILE J 23 -9.49 33.65 39.85
CA ILE J 23 -10.81 33.11 40.18
C ILE J 23 -11.83 34.23 40.04
N PRO J 24 -12.94 34.02 39.31
CA PRO J 24 -13.92 35.10 39.16
C PRO J 24 -14.65 35.38 40.46
N MET J 25 -15.09 36.63 40.61
CA MET J 25 -15.81 37.02 41.81
C MET J 25 -17.19 36.38 41.84
N PRO J 26 -17.63 35.89 42.99
CA PRO J 26 -18.94 35.25 43.08
C PRO J 26 -20.08 36.24 42.89
N LYS J 27 -21.23 35.69 42.49
CA LYS J 27 -22.41 36.52 42.27
C LYS J 27 -23.04 36.99 43.58
N ILE J 28 -22.86 36.23 44.65
CA ILE J 28 -23.50 36.54 45.92
C ILE J 28 -22.59 37.51 46.67
N THR J 29 -23.15 38.59 47.18
CA THR J 29 -22.33 39.55 47.91
C THR J 29 -22.92 39.81 49.29
N LYS J 30 -24.24 39.71 49.41
CA LYS J 30 -24.94 39.95 50.66
C LYS J 30 -25.59 38.65 51.10
N PHE J 31 -25.24 38.18 52.28
CA PHE J 31 -25.75 36.91 52.78
C PHE J 31 -26.75 37.06 53.91
N VAL J 32 -26.88 38.24 54.50
CA VAL J 32 -27.80 38.49 55.61
C VAL J 32 -28.64 39.70 55.25
N MET J 33 -29.96 39.53 55.28
CA MET J 33 -30.89 40.61 54.98
C MET J 33 -31.87 40.76 56.14
N GLY J 34 -32.45 41.96 56.22
CA GLY J 34 -33.48 42.22 57.18
C GLY J 34 -32.97 42.82 58.48
N ASN J 35 -33.73 42.58 59.54
CA ASN J 35 -33.44 43.09 60.87
C ASN J 35 -33.22 41.88 61.76
N VAL J 36 -31.97 41.40 61.80
CA VAL J 36 -31.59 40.47 62.84
C VAL J 36 -31.59 41.20 64.18
N ASN J 37 -31.73 40.43 65.27
CA ASN J 37 -31.94 40.91 66.63
C ASN J 37 -33.37 41.41 66.86
N GLY J 38 -34.24 41.29 65.88
CA GLY J 38 -35.64 41.59 66.09
C GLY J 38 -36.30 40.50 66.90
N ASP J 39 -37.51 40.79 67.37
CA ASP J 39 -38.28 39.85 68.17
C ASP J 39 -39.14 39.00 67.26
N TYR J 40 -38.86 37.70 67.21
CA TYR J 40 -39.53 36.81 66.28
C TYR J 40 -40.04 35.57 67.02
N ASP J 41 -41.06 34.95 66.46
CA ASP J 41 -41.68 33.77 67.05
C ASP J 41 -41.26 32.48 66.36
N TYR J 42 -41.16 32.48 65.04
CA TYR J 42 -40.90 31.29 64.25
C TYR J 42 -39.59 31.42 63.50
N GLU J 43 -38.90 30.29 63.39
CA GLU J 43 -37.52 30.21 62.92
C GLU J 43 -37.37 29.10 61.89
N LEU J 44 -38.19 29.15 60.85
CA LEU J 44 -38.29 28.11 59.84
C LEU J 44 -37.10 28.07 58.88
N ARG J 45 -36.74 26.85 58.45
CA ARG J 45 -35.47 26.56 57.79
C ARG J 45 -35.66 25.76 56.51
N LEU J 46 -34.70 25.90 55.60
CA LEU J 46 -34.66 25.18 54.33
C LEU J 46 -33.52 24.16 54.37
N ILE J 47 -33.86 22.89 54.25
CA ILE J 47 -32.93 21.79 54.53
C ILE J 47 -32.82 20.91 53.29
N THR J 48 -31.59 20.63 52.87
CA THR J 48 -31.40 19.75 51.72
C THR J 48 -31.58 18.30 52.12
N THR J 49 -31.77 17.44 51.11
CA THR J 49 -31.94 16.02 51.33
C THR J 49 -31.04 15.17 50.45
N GLU J 50 -30.07 15.78 49.76
CA GLU J 50 -29.11 15.05 48.96
C GLU J 50 -27.73 15.69 49.12
N LYS J 51 -26.74 15.06 48.50
CA LYS J 51 -25.39 15.60 48.43
C LYS J 51 -25.12 16.09 47.02
N GLY J 52 -24.53 17.26 46.91
CA GLY J 52 -24.18 17.79 45.60
C GLY J 52 -23.55 19.15 45.73
N GLN J 53 -23.52 19.86 44.61
CA GLN J 53 -22.94 21.19 44.53
C GLN J 53 -23.96 22.18 44.02
N ILE J 54 -23.87 23.41 44.50
CA ILE J 54 -24.77 24.48 44.10
C ILE J 54 -23.93 25.62 43.56
N ARG J 55 -24.11 25.92 42.27
CA ARG J 55 -23.35 27.00 41.65
C ARG J 55 -23.71 28.34 42.28
N HIS J 56 -22.79 29.29 42.20
CA HIS J 56 -23.05 30.61 42.75
C HIS J 56 -24.11 31.37 41.97
N ASN J 57 -24.43 30.92 40.76
CA ASN J 57 -25.53 31.53 40.00
C ASN J 57 -26.87 31.11 40.57
N ALA J 58 -27.02 29.83 40.90
CA ALA J 58 -28.25 29.34 41.51
C ALA J 58 -28.46 29.93 42.88
N LEU J 59 -27.38 30.19 43.59
CA LEU J 59 -27.44 30.65 44.97
C LEU J 59 -27.82 32.11 45.07
N GLU J 60 -27.50 32.90 44.04
CA GLU J 60 -27.86 34.32 44.02
C GLU J 60 -29.26 34.55 43.49
N ALA J 61 -29.72 33.73 42.55
CA ALA J 61 -31.09 33.83 42.05
C ALA J 61 -32.11 33.35 43.07
N ALA J 62 -31.77 32.34 43.86
CA ALA J 62 -32.67 31.90 44.92
C ALA J 62 -32.79 32.93 46.03
N ARG J 63 -31.85 33.86 46.11
CA ARG J 63 -31.85 34.87 47.15
C ARG J 63 -32.61 36.12 46.74
N VAL J 64 -32.48 36.55 45.49
CA VAL J 64 -33.20 37.73 45.03
C VAL J 64 -34.70 37.48 45.01
N ILE J 65 -35.11 36.29 44.59
CA ILE J 65 -36.54 36.02 44.48
C ILE J 65 -37.18 35.92 45.86
N ALA J 66 -36.45 35.36 46.84
CA ALA J 66 -37.00 35.25 48.18
C ALA J 66 -37.08 36.62 48.85
N LEU J 67 -36.09 37.47 48.64
CA LEU J 67 -36.10 38.79 49.25
C LEU J 67 -37.19 39.67 48.66
N LYS J 68 -37.42 39.57 47.35
CA LYS J 68 -38.44 40.38 46.70
C LYS J 68 -39.83 39.97 47.18
N TYR J 69 -40.06 38.69 47.39
CA TYR J 69 -41.36 38.23 47.85
C TYR J 69 -41.67 38.73 49.26
N LEU J 70 -40.72 38.55 50.19
CA LEU J 70 -40.93 39.01 51.55
C LEU J 70 -41.05 40.53 51.62
N SER J 71 -40.22 41.25 50.86
CA SER J 71 -40.32 42.70 50.85
C SER J 71 -41.61 43.17 50.20
N LYS J 72 -42.19 42.36 49.33
CA LYS J 72 -43.46 42.72 48.70
C LYS J 72 -44.59 42.61 49.70
N LYS J 73 -44.47 41.74 50.70
CA LYS J 73 -45.57 41.52 51.63
C LYS J 73 -45.77 42.71 52.55
N LEU J 74 -44.77 43.02 53.40
CA LEU J 74 -44.97 44.17 54.28
C LEU J 74 -43.91 45.24 54.09
N ALA J 75 -42.63 44.94 54.31
CA ALA J 75 -41.56 45.94 54.27
C ALA J 75 -40.22 45.22 54.34
N SER J 76 -39.13 45.99 54.41
CA SER J 76 -37.76 45.46 54.34
C SER J 76 -37.13 45.30 55.71
N GLU J 77 -36.95 46.38 56.44
CA GLU J 77 -36.39 46.31 57.78
C GLU J 77 -37.36 45.70 58.78
N GLN J 78 -38.60 45.46 58.39
CA GLN J 78 -39.61 45.01 59.30
C GLN J 78 -39.33 43.55 59.70
N ASN J 79 -40.28 42.95 60.40
CA ASN J 79 -40.04 41.70 61.10
C ASN J 79 -39.86 40.57 60.08
N PHE J 80 -38.68 40.51 59.49
CA PHE J 80 -38.16 39.29 58.89
C PHE J 80 -36.65 39.39 58.85
N ALA J 81 -36.00 38.23 58.93
CA ALA J 81 -34.54 38.14 58.86
C ALA J 81 -34.19 36.99 57.93
N LEU J 82 -33.68 37.33 56.74
CA LEU J 82 -33.35 36.34 55.73
C LEU J 82 -31.84 36.11 55.73
N VAL J 83 -31.43 34.86 55.88
CA VAL J 83 -30.01 34.50 55.99
C VAL J 83 -29.73 33.29 55.13
N VAL J 84 -28.75 33.41 54.25
CA VAL J 84 -28.23 32.27 53.47
C VAL J 84 -26.87 31.88 54.05
N THR J 85 -26.73 30.61 54.40
CA THR J 85 -25.65 30.19 55.28
C THR J 85 -24.39 29.76 54.55
N LYS J 86 -24.52 28.89 53.55
CA LYS J 86 -23.35 28.34 52.87
C LYS J 86 -22.63 29.40 52.05
N TYR J 87 -21.31 29.33 52.03
CA TYR J 87 -20.51 30.15 51.15
C TYR J 87 -19.93 29.30 50.02
N PRO J 88 -19.82 29.85 48.82
CA PRO J 88 -19.21 29.10 47.72
C PRO J 88 -17.69 29.02 47.78
N HIS J 89 -17.15 28.03 48.48
CA HIS J 89 -15.71 27.92 48.63
C HIS J 89 -15.05 27.16 47.48
N HIS J 90 -15.69 26.09 47.01
CA HIS J 90 -15.16 25.25 45.95
C HIS J 90 -15.07 26.04 44.63
N VAL J 91 -14.08 25.72 43.82
CA VAL J 91 -13.84 26.38 42.54
C VAL J 91 -14.08 25.35 41.44
N ILE J 92 -14.98 25.67 40.51
CA ILE J 92 -15.29 24.80 39.39
C ILE J 92 -14.54 25.28 38.17
N ARG J 93 -14.02 24.34 37.39
CA ARG J 93 -13.15 24.67 36.27
C ARG J 93 -13.57 23.93 35.02
N GLU J 94 -13.38 24.56 33.87
CA GLU J 94 -13.81 24.00 32.59
C GLU J 94 -12.65 23.91 31.62
N ASN J 95 -12.55 22.77 30.93
CA ASN J 95 -11.57 22.56 29.87
C ASN J 95 -11.99 23.39 28.65
N LYS J 96 -11.85 24.71 28.79
CA LYS J 96 -12.31 25.64 27.76
C LYS J 96 -11.57 25.45 26.46
N MET J 97 -10.40 24.82 26.51
CA MET J 97 -9.55 24.73 25.33
C MET J 97 -10.24 24.06 24.16
N MET J 98 -11.29 23.26 24.42
CA MET J 98 -12.14 22.77 23.34
C MET J 98 -12.73 23.92 22.55
N ALA J 99 -12.86 25.09 23.15
CA ALA J 99 -13.34 26.26 22.42
C ALA J 99 -12.23 26.86 21.55
N PHE J 100 -11.18 27.38 22.18
CA PHE J 100 -10.14 28.08 21.44
C PHE J 100 -8.94 27.17 21.10
N ALA J 101 -8.29 26.62 22.13
CA ALA J 101 -7.06 25.88 21.91
C ALA J 101 -7.29 24.48 21.37
N GLY J 102 -8.54 24.05 21.23
CA GLY J 102 -8.84 22.77 20.64
C GLY J 102 -8.99 22.77 19.14
N ALA J 103 -8.65 23.88 18.48
CA ALA J 103 -8.87 23.98 17.04
C ALA J 103 -7.71 24.66 16.32
N ASP J 104 -6.61 24.96 17.01
CA ASP J 104 -5.41 25.48 16.38
C ASP J 104 -4.42 24.37 16.09
N ARG J 105 -4.90 23.12 16.12
CA ARG J 105 -4.01 21.97 16.33
C ARG J 105 -3.08 22.23 17.51
N LEU J 106 -3.54 23.11 18.40
CA LEU J 106 -2.90 23.43 19.66
C LEU J 106 -3.24 22.26 20.57
N GLN J 107 -3.09 22.38 21.89
CA GLN J 107 -3.29 21.17 22.67
C GLN J 107 -4.76 20.73 22.63
N ASP J 108 -5.18 20.30 21.43
CA ASP J 108 -6.53 19.90 21.12
C ASP J 108 -6.79 18.46 21.52
N GLY J 109 -8.06 18.10 21.58
CA GLY J 109 -8.41 16.81 22.13
C GLY J 109 -8.28 16.85 23.64
N MET J 110 -7.96 15.70 24.23
CA MET J 110 -7.77 15.62 25.66
C MET J 110 -6.32 15.86 26.08
N ARG J 111 -5.47 16.33 25.17
CA ARG J 111 -4.09 16.65 25.52
C ARG J 111 -4.02 17.91 26.36
N LEU J 112 -3.35 17.83 27.50
CA LEU J 112 -3.25 18.93 28.46
C LEU J 112 -4.64 19.39 28.90
N SER J 113 -5.36 18.47 29.54
CA SER J 113 -6.79 18.61 29.76
C SER J 113 -7.19 19.19 31.11
N PHE J 114 -6.25 19.57 31.96
CA PHE J 114 -6.58 20.26 33.20
C PHE J 114 -7.27 21.57 32.87
N GLY J 115 -8.37 21.85 33.56
CA GLY J 115 -9.23 22.97 33.21
C GLY J 115 -8.93 24.24 33.94
N LYS J 116 -9.53 25.32 33.47
CA LYS J 116 -9.33 26.65 34.02
C LYS J 116 -10.56 27.06 34.84
N PRO J 117 -10.38 27.84 35.90
CA PRO J 117 -11.53 28.19 36.75
C PRO J 117 -12.56 29.04 36.03
N ILE J 118 -13.83 28.74 36.27
CA ILE J 118 -14.93 29.50 35.69
C ILE J 118 -15.90 30.04 36.73
N GLY J 119 -15.88 29.57 37.96
CA GLY J 119 -16.78 30.07 38.97
C GLY J 119 -16.63 29.26 40.23
N THR J 120 -17.50 29.51 41.19
CA THR J 120 -17.44 28.85 42.48
C THR J 120 -18.77 28.16 42.78
N ALA J 121 -18.73 27.27 43.77
CA ALA J 121 -19.88 26.45 44.13
C ALA J 121 -19.81 26.14 45.62
N ALA J 122 -20.92 25.63 46.15
CA ALA J 122 -21.00 25.24 47.56
C ALA J 122 -21.16 23.73 47.64
N ARG J 123 -20.12 23.04 48.10
CA ARG J 123 -20.21 21.61 48.34
C ARG J 123 -21.15 21.32 49.50
N LEU J 124 -22.00 20.32 49.35
CA LEU J 124 -22.94 19.90 50.39
C LEU J 124 -22.62 18.45 50.71
N GLU J 125 -21.77 18.22 51.68
CA GLU J 125 -21.19 16.92 51.93
C GLU J 125 -21.98 16.08 52.93
N LYS J 126 -23.00 16.62 53.57
CA LYS J 126 -23.79 15.88 54.53
C LYS J 126 -25.25 15.83 54.07
N LEU J 127 -25.99 14.88 54.63
CA LEU J 127 -27.41 14.77 54.37
C LEU J 127 -28.17 15.63 55.38
N GLY J 128 -28.91 16.60 54.89
CA GLY J 128 -29.72 17.43 55.75
C GLY J 128 -29.03 18.69 56.23
N GLU J 129 -28.44 19.45 55.33
CA GLU J 129 -27.72 20.66 55.68
C GLU J 129 -28.59 21.88 55.47
N LEU J 130 -28.45 22.85 56.37
CA LEU J 130 -29.20 24.08 56.29
C LEU J 130 -28.64 24.97 55.20
N VAL J 131 -29.52 25.51 54.35
CA VAL J 131 -29.14 26.36 53.24
C VAL J 131 -29.64 27.79 53.43
N MET J 132 -30.90 27.94 53.82
CA MET J 132 -31.46 29.24 54.19
C MET J 132 -32.40 29.06 55.37
N TYR J 133 -32.60 30.16 56.09
CA TYR J 133 -33.67 30.22 57.08
C TYR J 133 -34.18 31.66 57.12
N VAL J 134 -35.42 31.81 57.62
CA VAL J 134 -36.04 33.11 57.76
C VAL J 134 -36.77 33.14 59.10
N ARG J 135 -36.71 34.28 59.78
CA ARG J 135 -37.34 34.46 61.08
C ARG J 135 -38.41 35.53 60.97
N VAL J 136 -39.63 35.19 61.38
CA VAL J 136 -40.77 36.10 61.33
C VAL J 136 -41.61 35.93 62.60
N LYS J 137 -42.58 36.83 62.75
CA LYS J 137 -43.53 36.73 63.84
C LYS J 137 -44.65 35.76 63.47
N LYS J 138 -45.63 35.63 64.36
CA LYS J 138 -46.67 34.62 64.19
C LYS J 138 -47.65 34.99 63.09
N GLU J 139 -47.82 36.29 62.83
CA GLU J 139 -48.76 36.76 61.82
C GLU J 139 -48.24 36.60 60.40
N HIS J 140 -46.97 36.24 60.21
CA HIS J 140 -46.35 36.17 58.90
C HIS J 140 -45.88 34.77 58.55
N LEU J 141 -46.32 33.75 59.30
CA LEU J 141 -45.86 32.39 59.06
C LEU J 141 -46.20 31.90 57.66
N GLU J 142 -47.29 32.41 57.08
CA GLU J 142 -47.72 31.89 55.78
C GLU J 142 -46.95 32.52 54.63
N ALA J 143 -46.69 33.82 54.69
CA ALA J 143 -45.88 34.46 53.66
C ALA J 143 -44.43 34.02 53.72
N ALA J 144 -44.02 33.30 54.76
CA ALA J 144 -42.67 32.80 54.90
C ALA J 144 -42.49 31.41 54.33
N LYS J 145 -43.53 30.56 54.39
CA LYS J 145 -43.46 29.29 53.68
C LYS J 145 -43.41 29.50 52.17
N GLU J 146 -44.18 30.44 51.65
CA GLU J 146 -44.22 30.66 50.22
C GLU J 146 -42.91 31.23 49.69
N ALA J 147 -42.24 32.07 50.48
CA ALA J 147 -40.95 32.60 50.05
C ALA J 147 -39.92 31.50 49.91
N LEU J 148 -39.91 30.53 50.83
CA LEU J 148 -38.97 29.43 50.75
C LEU J 148 -39.33 28.42 49.67
N LYS J 149 -40.61 28.32 49.30
CA LYS J 149 -40.99 27.40 48.24
C LYS J 149 -40.57 27.94 46.88
N ILE J 150 -40.72 29.24 46.67
CA ILE J 150 -40.31 29.84 45.41
C ILE J 150 -38.80 29.79 45.26
N ALA J 151 -38.07 30.02 46.36
CA ALA J 151 -36.62 29.95 46.32
C ALA J 151 -36.13 28.53 46.07
N SER J 152 -36.85 27.54 46.58
CA SER J 152 -36.44 26.15 46.39
C SER J 152 -36.54 25.71 44.94
N SER J 153 -37.24 26.47 44.10
CA SER J 153 -37.41 26.11 42.71
C SER J 153 -36.19 26.42 41.86
N LYS J 154 -35.31 27.29 42.34
CA LYS J 154 -34.14 27.72 41.57
C LYS J 154 -32.86 27.08 42.07
N LEU J 155 -32.96 25.98 42.82
CA LEU J 155 -31.82 25.29 43.39
C LEU J 155 -31.75 23.85 42.89
N PRO J 156 -30.55 23.32 42.71
CA PRO J 156 -30.43 22.00 42.06
C PRO J 156 -30.84 20.84 42.92
N ILE J 157 -30.77 20.97 44.24
CA ILE J 157 -30.89 19.84 45.15
C ILE J 157 -32.29 19.85 45.74
N ARG J 158 -32.80 18.66 46.04
CA ARG J 158 -34.14 18.53 46.62
C ARG J 158 -34.12 18.93 48.09
N THR J 159 -35.10 19.74 48.51
CA THR J 159 -35.10 20.34 49.83
C THR J 159 -36.46 20.15 50.51
N LYS J 160 -36.50 20.47 51.80
CA LYS J 160 -37.71 20.49 52.61
C LYS J 160 -37.83 21.84 53.30
N ILE J 161 -38.92 22.01 54.04
CA ILE J 161 -39.12 23.19 54.89
C ILE J 161 -39.52 22.69 56.27
N GLU J 162 -38.84 23.21 57.29
CA GLU J 162 -39.10 22.81 58.67
C GLU J 162 -39.43 24.03 59.50
N ILE J 163 -40.42 23.89 60.39
CA ILE J 163 -40.93 24.99 61.20
C ILE J 163 -40.53 24.74 62.63
N SER J 164 -40.06 25.79 63.31
CA SER J 164 -39.75 25.69 64.73
C SER J 164 -39.78 27.06 65.41
N VAL K 1 -62.41 -34.99 21.07
CA VAL K 1 -62.53 -34.02 22.15
C VAL K 1 -63.17 -32.75 21.65
N ILE K 2 -64.37 -32.46 22.14
CA ILE K 2 -65.13 -31.27 21.76
C ILE K 2 -65.10 -30.29 22.92
N VAL K 3 -64.69 -29.05 22.64
CA VAL K 3 -64.51 -28.03 23.66
C VAL K 3 -65.58 -26.97 23.43
N ASP K 4 -66.39 -26.72 24.46
CA ASP K 4 -67.38 -25.65 24.40
C ASP K 4 -66.73 -24.36 24.89
N ALA K 5 -66.71 -23.35 24.04
CA ALA K 5 -65.99 -22.11 24.32
C ALA K 5 -66.91 -21.00 24.82
N THR K 6 -68.01 -21.37 25.47
CA THR K 6 -68.95 -20.36 25.96
C THR K 6 -68.46 -19.84 27.31
N ASN K 7 -68.35 -18.52 27.42
CA ASN K 7 -67.95 -17.87 28.66
C ASN K 7 -66.62 -18.42 29.17
N GLN K 8 -65.61 -18.37 28.32
CA GLN K 8 -64.29 -18.84 28.70
C GLN K 8 -63.24 -17.86 28.22
N ILE K 9 -62.25 -17.62 29.07
CA ILE K 9 -61.21 -16.65 28.76
C ILE K 9 -60.34 -17.20 27.64
N LEU K 10 -60.05 -16.34 26.66
CA LEU K 10 -59.43 -16.79 25.42
C LEU K 10 -58.05 -17.40 25.67
N GLY K 11 -57.19 -16.67 26.37
CA GLY K 11 -55.84 -17.15 26.61
C GLY K 11 -55.76 -18.35 27.51
N ARG K 12 -56.59 -18.39 28.56
CA ARG K 12 -56.56 -19.51 29.50
C ARG K 12 -57.03 -20.79 28.84
N MET K 13 -58.05 -20.71 27.99
CA MET K 13 -58.53 -21.89 27.29
C MET K 13 -57.50 -22.43 26.32
N SER K 14 -56.77 -21.55 25.65
CA SER K 14 -55.82 -21.97 24.61
C SER K 14 -54.70 -22.83 25.16
N THR K 15 -54.33 -22.65 26.42
CA THR K 15 -53.22 -23.41 26.97
C THR K 15 -53.61 -24.85 27.24
N HIS K 16 -54.89 -25.11 27.52
CA HIS K 16 -55.36 -26.48 27.64
C HIS K 16 -55.55 -27.13 26.28
N ILE K 17 -55.95 -26.36 25.28
CA ILE K 17 -56.05 -26.88 23.92
C ILE K 17 -54.69 -27.35 23.43
N ALA K 18 -53.65 -26.56 23.69
CA ALA K 18 -52.31 -26.87 23.22
C ALA K 18 -51.78 -28.17 23.82
N LYS K 19 -52.02 -28.40 25.11
CA LYS K 19 -51.58 -29.64 25.72
C LYS K 19 -52.36 -30.84 25.17
N LEU K 20 -53.65 -30.65 24.89
CA LEU K 20 -54.43 -31.71 24.27
C LEU K 20 -53.94 -32.03 22.87
N LEU K 21 -53.64 -31.00 22.09
CA LEU K 21 -53.09 -31.21 20.75
C LEU K 21 -51.76 -31.93 20.81
N LYS K 22 -50.88 -31.52 21.72
CA LYS K 22 -49.54 -32.08 21.81
C LYS K 22 -49.54 -33.56 22.18
N SER K 23 -50.62 -34.06 22.77
CA SER K 23 -50.71 -35.46 23.14
C SER K 23 -51.29 -36.34 22.04
N GLY K 24 -51.58 -35.76 20.88
CA GLY K 24 -52.04 -36.55 19.76
C GLY K 24 -53.54 -36.76 19.72
N LYS K 25 -54.30 -35.67 19.78
CA LYS K 25 -55.74 -35.74 19.78
C LYS K 25 -56.30 -34.70 18.83
N LYS K 26 -57.53 -34.92 18.40
CA LYS K 26 -58.25 -33.99 17.55
C LYS K 26 -59.19 -33.17 18.41
N VAL K 27 -59.12 -31.86 18.29
CA VAL K 27 -59.86 -30.95 19.16
C VAL K 27 -60.77 -30.09 18.30
N TYR K 28 -62.07 -30.15 18.58
CA TYR K 28 -63.07 -29.31 17.93
C TYR K 28 -63.56 -28.27 18.93
N VAL K 29 -63.51 -27.01 18.55
CA VAL K 29 -63.89 -25.91 19.43
C VAL K 29 -65.17 -25.31 18.86
N VAL K 30 -66.29 -25.58 19.50
CA VAL K 30 -67.58 -25.09 19.07
C VAL K 30 -67.92 -23.83 19.86
N ASN K 31 -68.86 -23.05 19.33
CA ASN K 31 -69.26 -21.78 19.93
C ASN K 31 -68.07 -20.84 20.06
N ALA K 32 -67.22 -20.81 19.04
CA ALA K 32 -65.97 -20.08 19.13
C ALA K 32 -66.14 -18.57 19.21
N GLU K 33 -67.34 -18.05 18.97
CA GLU K 33 -67.57 -16.62 19.02
C GLU K 33 -68.07 -16.15 20.39
N LYS K 34 -68.24 -17.05 21.35
CA LYS K 34 -68.75 -16.70 22.66
C LYS K 34 -67.67 -16.65 23.73
N ALA K 35 -66.41 -16.88 23.37
CA ALA K 35 -65.32 -16.72 24.32
C ALA K 35 -65.08 -15.25 24.59
N ILE K 36 -64.46 -14.96 25.74
CA ILE K 36 -64.34 -13.61 26.25
C ILE K 36 -62.88 -13.20 26.33
N ILE K 37 -62.65 -11.90 26.37
CA ILE K 37 -61.32 -11.32 26.54
C ILE K 37 -61.42 -10.21 27.57
N SER K 38 -60.56 -10.25 28.58
CA SER K 38 -60.67 -9.30 29.69
C SER K 38 -60.18 -7.92 29.31
N GLY K 39 -60.88 -6.90 29.79
CA GLY K 39 -60.50 -5.53 29.55
C GLY K 39 -61.62 -4.75 28.89
N PRO K 40 -61.54 -3.42 28.92
CA PRO K 40 -62.55 -2.61 28.24
C PRO K 40 -62.49 -2.82 26.73
N ARG K 41 -63.42 -2.18 26.03
CA ARG K 41 -63.46 -2.33 24.58
C ARG K 41 -62.28 -1.64 23.91
N SER K 42 -61.97 -0.41 24.31
CA SER K 42 -60.85 0.30 23.71
C SER K 42 -59.53 -0.39 23.99
N ARG K 43 -59.34 -0.89 25.20
CA ARG K 43 -58.10 -1.57 25.53
C ARG K 43 -57.86 -2.75 24.61
N VAL K 44 -58.89 -3.54 24.33
CA VAL K 44 -58.73 -4.75 23.53
C VAL K 44 -58.53 -4.43 22.05
N LEU K 45 -59.20 -3.40 21.54
CA LEU K 45 -59.14 -3.12 20.11
C LEU K 45 -57.75 -2.68 19.68
N GLU K 46 -57.16 -1.69 20.38
CA GLU K 46 -55.77 -1.34 20.08
C GLU K 46 -54.80 -2.47 20.32
N GLY K 47 -55.18 -3.49 21.07
CA GLY K 47 -54.35 -4.68 21.10
C GLY K 47 -54.32 -5.41 19.77
N TYR K 48 -55.34 -5.23 18.93
CA TYR K 48 -55.45 -5.90 17.66
C TYR K 48 -55.40 -4.97 16.46
N SER K 49 -55.59 -3.67 16.66
CA SER K 49 -55.56 -2.72 15.56
C SER K 49 -54.15 -2.22 15.24
N LEU K 50 -53.17 -2.49 16.08
CA LEU K 50 -51.81 -2.10 15.74
C LEU K 50 -51.18 -3.04 14.74
N LEU K 51 -51.85 -4.13 14.40
CA LEU K 51 -51.41 -5.06 13.38
C LEU K 51 -51.87 -4.66 11.99
N PHE K 52 -52.73 -3.66 11.87
CA PHE K 52 -53.30 -3.29 10.58
C PHE K 52 -52.26 -2.69 9.66
N THR K 53 -52.20 -3.24 8.45
CA THR K 53 -51.66 -2.54 7.28
C THR K 53 -52.80 -2.09 6.38
N VAL K 54 -53.63 -3.04 5.91
CA VAL K 54 -54.65 -2.73 4.90
C VAL K 54 -55.91 -3.53 5.27
N LYS K 55 -56.92 -3.49 4.40
CA LYS K 55 -58.30 -3.67 4.82
C LYS K 55 -58.92 -5.04 4.50
N THR K 56 -59.05 -5.38 3.21
CA THR K 56 -60.19 -6.20 2.80
C THR K 56 -59.98 -7.69 3.05
N MET K 57 -61.11 -8.42 3.05
CA MET K 57 -61.19 -9.87 3.29
C MET K 57 -62.21 -10.44 2.32
N GLN K 58 -61.89 -11.57 1.68
CA GLN K 58 -62.68 -12.02 0.52
C GLN K 58 -62.78 -13.55 0.28
N ASN K 59 -63.19 -14.41 1.31
CA ASN K 59 -63.74 -15.80 1.18
C ASN K 59 -64.38 -16.60 2.34
N PRO K 60 -64.77 -17.85 2.07
CA PRO K 60 -64.79 -18.86 3.14
C PRO K 60 -63.46 -18.94 3.87
N TYR K 61 -63.52 -19.29 5.17
CA TYR K 61 -62.46 -19.15 6.16
C TYR K 61 -60.98 -19.42 5.80
N ARG K 62 -60.74 -20.41 4.96
CA ARG K 62 -59.65 -21.37 5.13
C ARG K 62 -58.18 -20.93 5.33
N GLN K 63 -57.79 -19.69 5.02
CA GLN K 63 -56.36 -19.38 4.96
C GLN K 63 -55.56 -19.46 6.27
N GLY K 64 -55.81 -18.56 7.21
CA GLY K 64 -54.85 -18.31 8.28
C GLY K 64 -53.65 -17.48 7.89
N ILE K 65 -53.86 -16.18 7.62
CA ILE K 65 -52.85 -15.27 7.08
C ILE K 65 -52.59 -14.13 8.06
N ARG K 66 -51.74 -13.18 7.67
CA ARG K 66 -51.08 -12.30 8.62
C ARG K 66 -52.04 -11.48 9.46
N ARG K 67 -53.33 -11.47 9.16
CA ARG K 67 -54.27 -10.65 9.92
C ARG K 67 -55.60 -11.36 10.11
N PRO K 68 -55.77 -12.07 11.23
CA PRO K 68 -57.04 -12.78 11.46
C PRO K 68 -58.11 -11.84 11.99
N ARG K 69 -59.31 -11.91 11.41
CA ARG K 69 -60.38 -11.06 11.88
C ARG K 69 -61.75 -11.72 11.85
N ASN K 70 -61.80 -12.93 11.78
CA ASN K 70 -62.88 -13.88 11.88
C ASN K 70 -62.85 -14.54 13.25
N PRO K 71 -64.00 -14.85 13.85
CA PRO K 71 -63.96 -15.57 15.14
C PRO K 71 -63.24 -16.90 15.06
N ILE K 72 -63.29 -17.57 13.92
CA ILE K 72 -62.53 -18.81 13.76
C ILE K 72 -61.04 -18.53 13.64
N ASN K 73 -60.68 -17.49 12.88
CA ASN K 73 -59.27 -17.15 12.73
C ASN K 73 -58.65 -16.69 14.04
N ILE K 74 -59.39 -15.90 14.82
CA ILE K 74 -58.86 -15.38 16.08
C ILE K 74 -58.56 -16.50 17.05
N VAL K 75 -59.44 -17.48 17.16
CA VAL K 75 -59.20 -18.60 18.07
C VAL K 75 -58.02 -19.44 17.59
N LYS K 76 -57.96 -19.70 16.28
CA LYS K 76 -56.88 -20.53 15.74
C LYS K 76 -55.53 -19.83 15.84
N ARG K 77 -55.50 -18.52 15.63
CA ARG K 77 -54.24 -17.78 15.70
C ARG K 77 -53.70 -17.71 17.13
N THR K 78 -54.59 -17.74 18.13
CA THR K 78 -54.14 -17.70 19.52
C THR K 78 -53.49 -19.01 19.92
N VAL K 79 -54.03 -20.14 19.46
CA VAL K 79 -53.46 -21.44 19.81
C VAL K 79 -52.12 -21.65 19.13
N ARG K 80 -51.93 -21.10 17.93
CA ARG K 80 -50.75 -21.42 17.14
C ARG K 80 -49.46 -20.95 17.80
N GLY K 81 -49.52 -19.85 18.55
CA GLY K 81 -48.33 -19.36 19.23
C GLY K 81 -47.90 -20.18 20.42
N MET K 82 -48.74 -21.10 20.88
CA MET K 82 -48.44 -21.92 22.05
C MET K 82 -47.95 -23.31 21.67
N LEU K 83 -47.71 -23.55 20.40
CA LEU K 83 -47.34 -24.86 19.89
C LEU K 83 -45.86 -24.89 19.50
N PRO K 84 -45.23 -26.06 19.56
CA PRO K 84 -43.81 -26.13 19.21
C PRO K 84 -43.54 -25.74 17.78
N LYS K 85 -42.35 -25.18 17.56
CA LYS K 85 -42.00 -24.57 16.28
C LYS K 85 -41.33 -25.54 15.32
N ASN K 86 -41.18 -26.81 15.69
CA ASN K 86 -40.58 -27.80 14.81
C ASN K 86 -41.63 -28.27 13.80
N LYS K 87 -41.36 -29.39 13.12
CA LYS K 87 -42.30 -29.88 12.12
C LYS K 87 -43.55 -30.48 12.75
N LEU K 88 -43.46 -31.04 13.95
CA LEU K 88 -44.67 -31.51 14.62
C LEU K 88 -45.63 -30.37 14.90
N GLY K 89 -45.13 -29.20 15.26
CA GLY K 89 -46.01 -28.09 15.52
C GLY K 89 -46.84 -27.68 14.34
N LYS K 90 -46.46 -28.10 13.13
CA LYS K 90 -47.26 -27.87 11.94
C LYS K 90 -48.23 -29.03 11.69
N GLN K 91 -47.80 -30.26 11.95
CA GLN K 91 -48.71 -31.40 11.82
C GLN K 91 -49.82 -31.35 12.86
N ILE K 92 -49.48 -30.94 14.08
CA ILE K 92 -50.44 -30.88 15.17
C ILE K 92 -51.45 -29.75 14.97
N TYR K 93 -51.02 -28.66 14.34
CA TYR K 93 -51.92 -27.54 14.08
C TYR K 93 -53.07 -27.93 13.15
N ARG K 94 -52.93 -29.01 12.40
CA ARG K 94 -53.98 -29.45 11.48
C ARG K 94 -55.05 -30.28 12.15
N ASN K 95 -54.91 -30.56 13.44
CA ASN K 95 -55.88 -31.33 14.20
C ASN K 95 -56.82 -30.47 15.01
N LEU K 96 -56.85 -29.16 14.75
CA LEU K 96 -57.68 -28.23 15.47
C LEU K 96 -58.67 -27.58 14.51
N LYS K 97 -59.96 -27.61 14.86
CA LYS K 97 -61.01 -27.02 14.05
C LYS K 97 -61.91 -26.20 14.96
N ALA K 98 -62.21 -24.97 14.56
CA ALA K 98 -63.06 -24.08 15.32
C ALA K 98 -64.31 -23.73 14.51
N TYR K 99 -65.45 -23.67 15.19
CA TYR K 99 -66.73 -23.45 14.54
C TYR K 99 -67.50 -22.32 15.20
N ILE K 100 -68.37 -21.68 14.43
CA ILE K 100 -69.33 -20.71 14.97
C ILE K 100 -70.64 -21.44 15.21
N GLY K 101 -71.06 -21.51 16.46
CA GLY K 101 -72.17 -22.36 16.84
C GLY K 101 -71.73 -23.80 16.84
N ILE K 102 -72.70 -24.69 17.04
CA ILE K 102 -72.46 -26.13 16.97
C ILE K 102 -72.82 -26.59 15.56
N PRO K 103 -71.92 -27.26 14.84
CA PRO K 103 -72.26 -27.77 13.52
C PRO K 103 -73.35 -28.84 13.59
N LYS K 104 -73.78 -29.28 12.41
CA LYS K 104 -74.85 -30.26 12.34
C LYS K 104 -74.38 -31.64 12.79
N GLU K 105 -73.13 -31.99 12.51
CA GLU K 105 -72.64 -33.32 12.80
C GLU K 105 -72.15 -33.50 14.23
N LEU K 106 -72.11 -32.44 15.03
CA LEU K 106 -71.70 -32.52 16.43
C LEU K 106 -72.85 -32.16 17.36
N GLU K 107 -74.09 -32.32 16.91
CA GLU K 107 -75.22 -31.76 17.65
C GLU K 107 -75.49 -32.50 18.95
N GLY K 108 -75.34 -33.82 18.95
CA GLY K 108 -75.69 -34.59 20.13
C GLY K 108 -74.53 -35.23 20.85
N LYS K 109 -73.42 -34.50 20.98
CA LYS K 109 -72.20 -35.03 21.57
C LYS K 109 -71.85 -34.26 22.83
N SER K 110 -70.98 -34.87 23.63
CA SER K 110 -70.62 -34.32 24.93
C SER K 110 -69.42 -33.38 24.80
N MET K 111 -69.57 -32.16 25.30
CA MET K 111 -68.51 -31.17 25.28
C MET K 111 -67.91 -31.01 26.68
N ILE K 112 -66.67 -30.53 26.72
CA ILE K 112 -65.97 -30.32 27.98
C ILE K 112 -65.73 -28.83 28.15
N ARG K 113 -65.43 -28.45 29.39
CA ARG K 113 -65.04 -27.11 29.74
C ARG K 113 -63.87 -27.20 30.70
N PHE K 114 -63.17 -26.09 30.87
CA PHE K 114 -62.08 -25.98 31.83
C PHE K 114 -62.52 -25.00 32.91
N ASP K 115 -62.50 -25.46 34.16
CA ASP K 115 -63.08 -24.68 35.24
C ASP K 115 -62.22 -23.52 35.68
N ASP K 116 -60.94 -23.51 35.32
CA ASP K 116 -60.06 -22.40 35.65
C ASP K 116 -59.94 -21.39 34.52
N ALA K 117 -60.80 -21.47 33.51
CA ALA K 117 -60.90 -20.45 32.48
C ALA K 117 -62.26 -19.76 32.49
N ASP K 118 -63.11 -20.06 33.47
CA ASP K 118 -64.48 -19.57 33.50
C ASP K 118 -64.53 -18.07 33.76
N VAL K 119 -65.59 -17.43 33.25
CA VAL K 119 -65.77 -15.99 33.38
C VAL K 119 -65.98 -15.57 34.84
N SER K 120 -66.32 -16.51 35.71
CA SER K 120 -66.51 -16.18 37.12
C SER K 120 -65.20 -15.83 37.82
N ARG K 121 -64.07 -16.03 37.16
CA ARG K 121 -62.77 -15.82 37.78
C ARG K 121 -62.33 -14.38 37.82
N LEU K 122 -62.99 -13.48 37.10
CA LEU K 122 -62.51 -12.11 37.00
C LEU K 122 -63.56 -11.12 37.48
N LYS K 123 -63.07 -9.96 37.96
CA LYS K 123 -63.94 -8.94 38.55
C LYS K 123 -64.95 -8.41 37.55
N GLY K 124 -64.52 -8.13 36.33
CA GLY K 124 -65.47 -7.77 35.30
C GLY K 124 -64.78 -7.03 34.16
N LYS K 125 -65.59 -6.37 33.35
CA LYS K 125 -65.15 -5.57 32.22
C LYS K 125 -64.38 -6.42 31.20
N TYR K 126 -65.15 -7.27 30.51
CA TYR K 126 -64.66 -8.08 29.41
C TYR K 126 -65.50 -7.82 28.16
N ILE K 127 -65.07 -8.41 27.05
CA ILE K 127 -65.85 -8.42 25.80
C ILE K 127 -65.84 -9.82 25.22
N THR K 128 -66.76 -10.07 24.30
CA THR K 128 -66.82 -11.35 23.61
C THR K 128 -66.00 -11.31 22.33
N VAL K 129 -65.60 -12.49 21.87
CA VAL K 129 -64.84 -12.59 20.62
C VAL K 129 -65.69 -12.15 19.44
N ALA K 130 -66.99 -12.42 19.48
CA ALA K 130 -67.87 -11.97 18.41
C ALA K 130 -67.89 -10.46 18.29
N GLU K 131 -67.93 -9.76 19.43
CA GLU K 131 -67.89 -8.30 19.40
C GLU K 131 -66.56 -7.78 18.87
N LEU K 132 -65.47 -8.50 19.10
CA LEU K 132 -64.17 -8.06 18.60
C LEU K 132 -64.09 -8.17 17.09
N SER K 133 -64.57 -9.27 16.52
CA SER K 133 -64.52 -9.44 15.08
C SER K 133 -65.45 -8.49 14.36
N ARG K 134 -66.54 -8.07 15.00
CA ARG K 134 -67.42 -7.09 14.39
C ARG K 134 -66.69 -5.79 14.08
N LEU K 135 -65.78 -5.38 14.97
CA LEU K 135 -65.01 -4.16 14.76
C LEU K 135 -63.76 -4.37 13.91
N LEU K 136 -63.24 -5.61 13.86
CA LEU K 136 -62.06 -5.89 13.06
C LEU K 136 -62.38 -6.00 11.58
N GLY K 137 -63.59 -6.38 11.23
CA GLY K 137 -63.96 -6.49 9.84
C GLY K 137 -64.78 -7.71 9.51
N GLY K 138 -64.57 -8.81 10.23
CA GLY K 138 -65.42 -9.96 10.06
C GLY K 138 -66.86 -9.63 10.39
N LEU K 139 -67.80 -9.98 9.51
CA LEU K 139 -69.17 -9.55 9.71
C LEU K 139 -69.79 -10.11 10.99
N LYS K 140 -69.17 -11.12 11.58
CA LYS K 140 -69.73 -11.74 12.78
C LYS K 140 -69.67 -10.80 13.97
N ALA L 1 49.68 52.02 -91.98
CA ALA L 1 48.26 52.11 -92.25
C ALA L 1 47.79 50.86 -92.97
N ILE L 2 47.00 51.03 -94.01
CA ILE L 2 46.69 49.99 -94.99
C ILE L 2 47.05 50.57 -96.35
N GLU L 3 48.20 50.17 -96.88
CA GLU L 3 48.68 50.67 -98.15
C GLU L 3 49.26 49.50 -98.94
N ILE L 4 49.75 49.80 -100.14
CA ILE L 4 50.22 48.75 -101.04
C ILE L 4 51.51 48.17 -100.50
N GLY L 5 51.57 46.85 -100.43
CA GLY L 5 52.79 46.16 -100.06
C GLY L 5 53.03 45.97 -98.59
N ARG L 6 52.16 46.49 -97.73
CA ARG L 6 52.31 46.27 -96.30
C ARG L 6 52.14 44.78 -95.98
N ILE L 7 53.02 44.27 -95.13
CA ILE L 7 52.93 42.89 -94.66
C ILE L 7 51.96 42.86 -93.49
N CYS L 8 50.97 41.97 -93.56
CA CYS L 8 49.92 41.90 -92.56
C CYS L 8 49.83 40.49 -92.01
N VAL L 9 49.04 40.35 -90.95
CA VAL L 9 48.75 39.07 -90.31
C VAL L 9 47.25 38.92 -90.23
N LYS L 10 46.74 37.77 -90.67
CA LYS L 10 45.30 37.51 -90.63
C LYS L 10 44.90 37.09 -89.23
N THR L 11 43.95 37.81 -88.63
CA THR L 11 43.58 37.55 -87.24
C THR L 11 42.60 36.40 -87.10
N ARG L 12 41.74 36.16 -88.09
CA ARG L 12 40.79 35.08 -88.04
C ARG L 12 40.71 34.40 -89.39
N GLY L 13 39.94 33.32 -89.45
CA GLY L 13 39.84 32.53 -90.66
C GLY L 13 40.43 31.16 -90.44
N ARG L 14 40.72 30.44 -91.52
CA ARG L 14 41.34 29.12 -91.36
C ARG L 14 42.81 29.24 -91.00
N GLU L 15 43.55 30.13 -91.66
CA GLU L 15 44.96 30.25 -91.34
C GLU L 15 45.21 31.07 -90.08
N ALA L 16 44.67 32.28 -89.99
CA ALA L 16 44.56 32.99 -88.71
C ALA L 16 45.92 33.09 -88.00
N GLY L 17 46.81 33.87 -88.61
CA GLY L 17 48.11 34.07 -88.01
C GLY L 17 49.20 34.08 -89.05
N LYS L 18 48.92 33.45 -90.19
CA LYS L 18 49.83 33.45 -91.31
C LYS L 18 49.82 34.81 -91.99
N LYS L 19 50.90 35.10 -92.71
CA LYS L 19 51.11 36.45 -93.22
C LYS L 19 50.79 36.54 -94.70
N CYS L 20 50.60 37.78 -95.16
CA CYS L 20 50.15 38.06 -96.50
C CYS L 20 50.59 39.46 -96.88
N VAL L 21 50.51 39.76 -98.17
CA VAL L 21 50.92 41.05 -98.71
C VAL L 21 49.71 41.70 -99.37
N ILE L 22 49.49 42.99 -99.09
CA ILE L 22 48.42 43.74 -99.73
C ILE L 22 48.88 44.15 -101.13
N VAL L 23 48.06 43.87 -102.13
CA VAL L 23 48.42 44.16 -103.51
C VAL L 23 47.64 45.35 -104.06
N ASP L 24 46.35 45.46 -103.80
CA ASP L 24 45.62 46.67 -104.18
C ASP L 24 44.38 46.81 -103.31
N ILE L 25 43.64 47.89 -103.55
CA ILE L 25 42.48 48.27 -102.75
C ILE L 25 41.23 48.10 -103.61
N ILE L 26 40.23 47.41 -103.08
CA ILE L 26 38.99 47.15 -103.81
C ILE L 26 37.99 48.27 -103.55
N ASP L 27 37.60 48.44 -102.30
CA ASP L 27 36.66 49.50 -101.93
C ASP L 27 37.00 49.94 -100.51
N SER L 28 36.05 50.63 -99.86
CA SER L 28 36.29 51.16 -98.52
C SER L 28 36.28 50.09 -97.44
N ASN L 29 35.87 48.86 -97.77
CA ASN L 29 35.82 47.79 -96.77
C ASN L 29 36.68 46.59 -97.09
N PHE L 30 37.15 46.43 -98.32
CA PHE L 30 37.87 45.23 -98.74
C PHE L 30 39.14 45.61 -99.47
N VAL L 31 40.17 44.79 -99.29
CA VAL L 31 41.40 44.90 -100.05
C VAL L 31 41.80 43.51 -100.51
N LEU L 32 42.55 43.46 -101.60
CA LEU L 32 43.04 42.19 -102.13
C LEU L 32 44.41 41.90 -101.52
N VAL L 33 44.59 40.68 -101.01
CA VAL L 33 45.84 40.27 -100.40
C VAL L 33 46.30 38.96 -101.04
N THR L 34 47.56 38.63 -100.79
CA THR L 34 48.12 37.38 -101.25
C THR L 34 49.30 37.01 -100.37
N GLY L 35 49.48 35.73 -100.16
CA GLY L 35 50.72 35.21 -99.65
C GLY L 35 51.24 34.17 -100.62
N PRO L 36 52.29 34.49 -101.33
CA PRO L 36 52.72 33.60 -102.42
C PRO L 36 53.13 32.22 -101.92
N LYS L 37 54.10 32.15 -101.01
CA LYS L 37 54.77 30.91 -100.64
C LYS L 37 54.70 30.68 -99.14
N GLU L 38 53.49 30.78 -98.58
CA GLU L 38 53.30 30.51 -97.16
C GLU L 38 53.44 29.02 -96.90
N ILE L 39 53.29 28.65 -95.62
CA ILE L 39 53.36 27.23 -95.25
C ILE L 39 52.18 26.47 -95.84
N ASN L 40 51.01 27.10 -95.92
CA ASN L 40 49.90 26.57 -96.70
C ASN L 40 49.62 27.40 -97.94
N GLY L 41 50.30 28.53 -98.11
CA GLY L 41 50.11 29.33 -99.30
C GLY L 41 48.75 29.99 -99.35
N VAL L 42 48.52 30.98 -98.50
CA VAL L 42 47.26 31.71 -98.56
C VAL L 42 47.12 32.31 -99.95
N LYS L 43 45.94 32.18 -100.53
CA LYS L 43 45.80 32.49 -101.94
C LYS L 43 45.27 33.91 -102.14
N ARG L 44 45.26 34.34 -103.40
CA ARG L 44 44.79 35.68 -103.75
C ARG L 44 43.30 35.78 -103.50
N ARG L 45 42.91 36.59 -102.52
CA ARG L 45 41.51 36.74 -102.16
C ARG L 45 41.31 38.14 -101.61
N ARG L 46 40.06 38.57 -101.59
CA ARG L 46 39.76 39.79 -100.88
C ARG L 46 39.70 39.50 -99.38
N VAL L 47 39.77 40.56 -98.58
CA VAL L 47 39.72 40.42 -97.13
C VAL L 47 39.16 41.71 -96.55
N ASN L 48 38.43 41.57 -95.46
CA ASN L 48 37.89 42.73 -94.76
C ASN L 48 38.99 43.47 -94.01
N ILE L 49 38.88 44.79 -93.97
CA ILE L 49 39.87 45.63 -93.29
C ILE L 49 39.99 45.25 -91.83
N LEU L 50 38.93 44.72 -91.23
CA LEU L 50 38.91 44.38 -89.82
C LEU L 50 39.52 43.02 -89.52
N HIS L 51 39.98 42.28 -90.52
CA HIS L 51 40.43 40.92 -90.32
C HIS L 51 41.93 40.75 -90.42
N ILE L 52 42.68 41.83 -90.62
CA ILE L 52 44.13 41.79 -90.74
C ILE L 52 44.73 42.83 -89.83
N GLU L 53 45.88 42.49 -89.23
CA GLU L 53 46.62 43.38 -88.33
C GLU L 53 47.94 43.76 -88.97
N PRO L 54 48.22 45.05 -89.14
CA PRO L 54 49.44 45.45 -89.85
C PRO L 54 50.70 45.23 -89.03
N THR L 55 51.81 45.10 -89.75
CA THR L 55 53.15 45.06 -89.19
C THR L 55 53.93 46.28 -89.68
N ASP L 56 55.19 46.38 -89.28
CA ASP L 56 56.02 47.50 -89.67
C ASP L 56 56.84 47.25 -90.93
N LYS L 57 56.74 46.05 -91.51
CA LYS L 57 57.52 45.67 -92.67
C LYS L 57 56.73 45.95 -93.94
N LYS L 58 57.39 46.56 -94.92
CA LYS L 58 56.77 46.89 -96.20
C LYS L 58 57.59 46.33 -97.36
N VAL L 59 56.97 46.34 -98.53
CA VAL L 59 57.59 45.85 -99.76
C VAL L 59 57.23 46.81 -100.87
N GLU L 60 58.21 47.16 -101.70
CA GLU L 60 58.02 48.14 -102.77
C GLU L 60 57.52 47.43 -104.01
N ILE L 61 56.20 47.49 -104.23
CA ILE L 61 55.56 46.98 -105.43
C ILE L 61 54.54 48.00 -105.92
N ASN L 62 54.06 47.81 -107.13
CA ASN L 62 53.07 48.70 -107.70
C ASN L 62 51.66 48.13 -107.51
N LYS L 63 50.67 48.98 -107.76
CA LYS L 63 49.28 48.60 -107.51
C LYS L 63 48.87 47.43 -108.39
N GLY L 64 48.23 46.44 -107.77
CA GLY L 64 47.77 45.27 -108.49
C GLY L 64 48.88 44.39 -109.02
N ALA L 65 49.95 44.22 -108.27
CA ALA L 65 51.07 43.39 -108.72
C ALA L 65 50.64 41.93 -108.82
N THR L 66 51.29 41.21 -109.72
CA THR L 66 50.98 39.81 -109.92
C THR L 66 51.64 38.96 -108.84
N ASP L 67 51.42 37.65 -108.91
CA ASP L 67 51.94 36.77 -107.87
C ASP L 67 53.46 36.61 -107.98
N GLN L 68 54.00 36.68 -109.20
CA GLN L 68 55.45 36.60 -109.39
C GLN L 68 56.14 37.91 -109.03
N GLU L 69 55.50 39.04 -109.31
CA GLU L 69 56.12 40.33 -109.04
C GLU L 69 56.39 40.51 -107.56
N VAL L 70 55.45 40.09 -106.71
CA VAL L 70 55.66 40.18 -105.27
C VAL L 70 56.67 39.14 -104.81
N LYS L 71 56.70 37.98 -105.46
CA LYS L 71 57.63 36.93 -105.05
C LYS L 71 59.07 37.38 -105.20
N GLN L 72 59.40 38.06 -106.30
CA GLN L 72 60.73 38.62 -106.45
C GLN L 72 61.00 39.72 -105.43
N ALA L 73 60.01 40.58 -105.19
CA ALA L 73 60.22 41.71 -104.29
C ALA L 73 60.47 41.25 -102.86
N ILE L 74 59.90 40.12 -102.45
CA ILE L 74 60.22 39.56 -101.14
C ILE L 74 61.70 39.18 -101.08
N GLU L 75 62.21 38.56 -102.15
CA GLU L 75 63.62 38.18 -102.18
C GLU L 75 64.53 39.41 -102.21
N GLN L 76 64.06 40.51 -102.80
CA GLN L 76 64.87 41.72 -102.88
C GLN L 76 65.21 42.25 -101.49
N SER L 77 64.26 42.22 -100.57
CA SER L 77 64.48 42.65 -99.20
C SER L 77 64.82 41.50 -98.26
N GLY L 78 64.92 40.27 -98.78
CA GLY L 78 65.28 39.14 -97.95
C GLY L 78 64.29 38.82 -96.85
N LEU L 79 63.01 39.04 -97.13
CA LEU L 79 61.95 38.79 -96.15
C LEU L 79 61.33 37.41 -96.27
N THR L 80 61.87 36.55 -97.14
CA THR L 80 61.27 35.25 -97.38
C THR L 80 61.22 34.43 -96.11
N ASP L 81 62.30 34.41 -95.35
CA ASP L 81 62.28 33.79 -94.03
C ASP L 81 61.79 34.75 -92.96
N PHE L 82 62.06 36.05 -93.13
CA PHE L 82 61.74 37.04 -92.12
C PHE L 82 60.25 37.28 -91.96
N ILE L 83 59.39 36.57 -92.69
CA ILE L 83 57.96 36.70 -92.41
C ILE L 83 57.67 36.20 -90.99
N LYS L 84 58.24 35.06 -90.60
CA LYS L 84 57.93 34.46 -89.31
C LYS L 84 58.88 34.90 -88.21
N GLU L 85 59.45 36.10 -88.30
CA GLU L 85 60.28 36.68 -87.25
C GLU L 85 59.49 37.57 -86.29
N ALA L 86 58.21 37.79 -86.54
CA ALA L 86 57.40 38.64 -85.66
C ALA L 86 55.91 38.35 -85.84
N ALA M 1 -76.18 -16.98 52.69
CA ALA M 1 -75.50 -15.84 53.30
C ALA M 1 -74.63 -16.31 54.47
N ILE M 2 -73.62 -15.53 54.80
CA ILE M 2 -72.69 -15.84 55.89
C ILE M 2 -73.05 -14.95 57.06
N GLU M 3 -73.66 -15.54 58.09
CA GLU M 3 -73.92 -14.86 59.34
C GLU M 3 -73.92 -15.91 60.45
N ILE M 4 -74.12 -15.45 61.68
CA ILE M 4 -74.03 -16.35 62.82
C ILE M 4 -75.12 -17.42 62.72
N GLY M 5 -74.72 -18.68 62.92
CA GLY M 5 -75.62 -19.80 62.89
C GLY M 5 -75.64 -20.57 61.60
N ARG M 6 -75.17 -19.98 60.51
CA ARG M 6 -75.18 -20.66 59.22
C ARG M 6 -74.34 -21.92 59.28
N ILE M 7 -74.79 -22.96 58.61
CA ILE M 7 -74.09 -24.23 58.54
C ILE M 7 -73.35 -24.28 57.22
N CYS M 8 -72.06 -24.55 57.28
CA CYS M 8 -71.18 -24.48 56.11
C CYS M 8 -70.49 -25.81 55.89
N VAL M 9 -69.86 -25.92 54.72
CA VAL M 9 -69.07 -27.09 54.35
C VAL M 9 -67.63 -26.65 54.12
N LYS M 10 -66.70 -27.35 54.74
CA LYS M 10 -65.29 -27.02 54.60
C LYS M 10 -64.78 -27.41 53.23
N THR M 11 -64.08 -26.50 52.56
CA THR M 11 -63.57 -26.72 51.22
C THR M 11 -62.12 -27.18 51.21
N ARG M 12 -61.23 -26.42 51.86
CA ARG M 12 -59.81 -26.74 51.91
C ARG M 12 -59.46 -27.43 53.22
N GLY M 13 -58.20 -27.78 53.38
CA GLY M 13 -57.71 -28.37 54.60
C GLY M 13 -57.94 -29.86 54.67
N ARG M 14 -57.47 -30.46 55.77
CA ARG M 14 -57.69 -31.87 56.00
C ARG M 14 -59.14 -32.19 56.36
N GLU M 15 -59.94 -31.17 56.67
CA GLU M 15 -61.34 -31.42 56.98
C GLU M 15 -62.12 -31.73 55.71
N ALA M 16 -62.21 -30.75 54.81
CA ALA M 16 -62.51 -30.98 53.40
C ALA M 16 -63.82 -31.76 53.21
N GLY M 17 -64.92 -31.08 53.49
CA GLY M 17 -66.22 -31.66 53.23
C GLY M 17 -66.92 -32.16 54.47
N LYS M 18 -66.90 -31.36 55.53
CA LYS M 18 -67.53 -31.72 56.78
C LYS M 18 -68.44 -30.59 57.24
N LYS M 19 -69.46 -30.97 58.02
CA LYS M 19 -70.38 -29.99 58.55
C LYS M 19 -69.66 -29.04 59.50
N CYS M 20 -70.11 -27.78 59.50
CA CYS M 20 -69.44 -26.74 60.26
C CYS M 20 -70.43 -25.62 60.52
N VAL M 21 -70.37 -25.04 61.72
CA VAL M 21 -71.32 -24.02 62.14
C VAL M 21 -70.57 -22.75 62.48
N ILE M 22 -71.01 -21.63 61.90
CA ILE M 22 -70.41 -20.33 62.16
C ILE M 22 -70.92 -19.80 63.49
N VAL M 23 -70.00 -19.39 64.36
CA VAL M 23 -70.39 -18.88 65.67
C VAL M 23 -69.95 -17.44 65.91
N ASP M 24 -69.06 -16.88 65.11
CA ASP M 24 -68.60 -15.51 65.34
C ASP M 24 -68.00 -14.94 64.06
N ILE M 25 -67.93 -13.62 64.00
CA ILE M 25 -67.33 -12.89 62.89
C ILE M 25 -66.10 -12.19 63.43
N ILE M 26 -64.93 -12.53 62.91
CA ILE M 26 -63.68 -12.02 63.48
C ILE M 26 -63.27 -10.72 62.80
N ASP M 27 -63.04 -10.76 61.49
CA ASP M 27 -62.59 -9.57 60.78
C ASP M 27 -63.12 -9.65 59.35
N SER M 28 -62.48 -8.92 58.44
CA SER M 28 -62.95 -8.83 57.06
C SER M 28 -62.93 -10.17 56.35
N ASN M 29 -62.10 -11.11 56.78
CA ASN M 29 -61.98 -12.34 56.02
C ASN M 29 -61.82 -13.59 56.88
N PHE M 30 -62.09 -13.53 58.17
CA PHE M 30 -62.05 -14.70 59.03
C PHE M 30 -63.30 -14.76 59.89
N VAL M 31 -63.76 -15.98 60.17
CA VAL M 31 -64.87 -16.20 61.07
C VAL M 31 -64.50 -17.34 62.01
N LEU M 32 -65.19 -17.40 63.13
CA LEU M 32 -64.98 -18.46 64.12
C LEU M 32 -66.03 -19.54 63.91
N VAL M 33 -65.57 -20.79 63.80
CA VAL M 33 -66.44 -21.91 63.50
C VAL M 33 -66.09 -23.07 64.42
N THR M 34 -67.02 -24.02 64.53
CA THR M 34 -66.79 -25.20 65.35
C THR M 34 -67.63 -26.36 64.83
N GLY M 35 -67.17 -27.57 65.11
CA GLY M 35 -67.95 -28.76 64.90
C GLY M 35 -68.20 -29.46 66.22
N PRO M 36 -69.44 -29.42 66.68
CA PRO M 36 -69.73 -29.93 68.02
C PRO M 36 -69.41 -31.42 68.17
N LYS M 37 -70.03 -32.27 67.37
CA LYS M 37 -69.86 -33.72 67.51
C LYS M 37 -69.65 -34.36 66.16
N GLU M 38 -68.73 -33.80 65.38
CA GLU M 38 -68.27 -34.47 64.17
C GLU M 38 -67.56 -35.77 64.55
N ILE M 39 -67.70 -36.79 63.69
CA ILE M 39 -67.16 -38.11 64.02
C ILE M 39 -65.66 -38.05 64.26
N ASN M 40 -64.95 -37.24 63.48
CA ASN M 40 -63.56 -36.92 63.76
C ASN M 40 -63.40 -35.64 64.55
N GLY M 41 -64.35 -34.71 64.43
CA GLY M 41 -64.29 -33.48 65.18
C GLY M 41 -63.71 -32.32 64.40
N VAL M 42 -64.57 -31.41 63.96
CA VAL M 42 -64.12 -30.15 63.40
C VAL M 42 -63.79 -29.22 64.56
N LYS M 43 -62.51 -28.96 64.77
CA LYS M 43 -62.09 -28.24 65.96
C LYS M 43 -62.59 -26.80 65.93
N ARG M 44 -62.47 -26.14 67.08
CA ARG M 44 -62.95 -24.77 67.26
C ARG M 44 -61.79 -23.81 67.00
N ARG M 45 -61.77 -23.23 65.81
CA ARG M 45 -60.74 -22.27 65.45
C ARG M 45 -61.29 -21.39 64.33
N ARG M 46 -60.42 -20.56 63.76
CA ARG M 46 -60.83 -19.66 62.69
C ARG M 46 -60.81 -20.38 61.35
N VAL M 47 -61.44 -19.77 60.36
CA VAL M 47 -61.41 -20.28 59.00
C VAL M 47 -61.59 -19.10 58.05
N ASN M 48 -60.92 -19.18 56.90
CA ASN M 48 -61.03 -18.16 55.88
C ASN M 48 -62.37 -18.30 55.17
N ILE M 49 -63.02 -17.15 54.91
CA ILE M 49 -64.34 -17.19 54.27
C ILE M 49 -64.29 -17.71 52.86
N LEU M 50 -63.11 -17.84 52.26
CA LEU M 50 -62.96 -18.45 50.96
C LEU M 50 -62.85 -19.97 51.02
N HIS M 51 -62.68 -20.55 52.20
CA HIS M 51 -62.50 -21.98 52.35
C HIS M 51 -63.76 -22.69 52.82
N ILE M 52 -64.92 -22.03 52.80
CA ILE M 52 -66.17 -22.62 53.23
C ILE M 52 -67.25 -22.35 52.20
N GLU M 53 -68.24 -23.25 52.14
CA GLU M 53 -69.40 -23.11 51.26
C GLU M 53 -70.68 -23.13 52.08
N PRO M 54 -71.39 -22.02 52.19
CA PRO M 54 -72.61 -22.01 53.01
C PRO M 54 -73.71 -22.89 52.41
N THR M 55 -74.44 -23.57 53.28
CA THR M 55 -75.59 -24.37 52.91
C THR M 55 -76.86 -23.55 53.08
N ASP M 56 -78.02 -24.21 52.92
CA ASP M 56 -79.30 -23.55 53.11
C ASP M 56 -79.85 -23.71 54.52
N LYS M 57 -79.46 -24.77 55.23
CA LYS M 57 -79.91 -25.00 56.58
C LYS M 57 -79.27 -23.99 57.54
N LYS M 58 -79.89 -23.84 58.71
CA LYS M 58 -79.46 -22.83 59.68
C LYS M 58 -79.95 -23.25 61.06
N VAL M 59 -79.28 -22.74 62.09
CA VAL M 59 -79.70 -22.97 63.47
C VAL M 59 -79.89 -21.63 64.15
N GLU M 60 -80.30 -21.65 65.42
CA GLU M 60 -80.53 -20.44 66.21
C GLU M 60 -79.62 -20.49 67.43
N ILE M 61 -78.55 -19.69 67.41
CA ILE M 61 -77.62 -19.57 68.52
C ILE M 61 -77.26 -18.11 68.71
N ASN M 62 -76.63 -17.83 69.85
CA ASN M 62 -76.13 -16.48 70.12
C ASN M 62 -74.69 -16.35 69.66
N LYS M 63 -74.24 -15.10 69.58
CA LYS M 63 -72.89 -14.82 69.10
C LYS M 63 -71.85 -15.34 70.10
N GLY M 64 -70.88 -16.09 69.58
CA GLY M 64 -69.85 -16.67 70.42
C GLY M 64 -70.37 -17.75 71.35
N ALA M 65 -71.33 -18.54 70.91
CA ALA M 65 -71.88 -19.60 71.75
C ALA M 65 -70.83 -20.67 72.00
N THR M 66 -70.86 -21.22 73.22
CA THR M 66 -69.91 -22.28 73.54
C THR M 66 -70.29 -23.56 72.80
N ASP M 67 -69.34 -24.51 72.80
CA ASP M 67 -69.54 -25.74 72.05
C ASP M 67 -70.73 -26.53 72.59
N GLN M 68 -70.85 -26.60 73.91
CA GLN M 68 -71.99 -27.29 74.52
C GLN M 68 -73.31 -26.61 74.15
N GLU M 69 -73.31 -25.28 74.12
CA GLU M 69 -74.52 -24.54 73.76
C GLU M 69 -74.97 -24.85 72.34
N VAL M 70 -74.02 -24.97 71.42
CA VAL M 70 -74.35 -25.21 70.01
C VAL M 70 -75.01 -26.58 69.85
N LYS M 71 -74.50 -27.60 70.55
CA LYS M 71 -75.04 -28.94 70.44
C LYS M 71 -76.53 -28.97 70.81
N GLN M 72 -76.97 -28.10 71.71
CA GLN M 72 -78.38 -28.08 72.09
C GLN M 72 -79.26 -27.48 71.01
N ALA M 73 -78.71 -26.64 70.14
CA ALA M 73 -79.51 -26.00 69.10
C ALA M 73 -79.69 -26.87 67.87
N ILE M 74 -78.70 -27.71 67.55
CA ILE M 74 -78.85 -28.60 66.41
C ILE M 74 -79.86 -29.70 66.72
N GLU M 75 -79.84 -30.22 67.94
CA GLU M 75 -80.83 -31.25 68.32
C GLU M 75 -82.22 -30.67 68.41
N GLN M 76 -82.34 -29.40 68.81
CA GLN M 76 -83.64 -28.76 68.89
C GLN M 76 -84.30 -28.70 67.53
N SER M 77 -83.52 -28.40 66.49
CA SER M 77 -84.00 -28.44 65.11
C SER M 77 -83.83 -29.81 64.47
N GLY M 78 -83.34 -30.79 65.22
CA GLY M 78 -83.17 -32.13 64.69
C GLY M 78 -82.16 -32.25 63.58
N LEU M 79 -81.05 -31.52 63.68
CA LEU M 79 -80.02 -31.52 62.64
C LEU M 79 -78.85 -32.43 62.97
N THR M 80 -78.99 -33.30 63.98
CA THR M 80 -77.88 -34.17 64.35
C THR M 80 -77.48 -35.06 63.19
N ASP M 81 -78.45 -35.65 62.51
CA ASP M 81 -78.20 -36.43 61.31
C ASP M 81 -78.86 -35.83 60.08
N PHE M 82 -79.61 -34.73 60.24
CA PHE M 82 -80.23 -34.05 59.11
C PHE M 82 -79.24 -33.21 58.32
N ILE M 83 -77.97 -33.22 58.69
CA ILE M 83 -76.97 -32.45 57.96
C ILE M 83 -76.87 -32.93 56.52
N LYS M 84 -76.97 -34.24 56.31
CA LYS M 84 -76.77 -34.84 55.00
C LYS M 84 -78.02 -34.83 54.13
N GLU M 85 -78.93 -33.88 54.37
CA GLU M 85 -80.13 -33.75 53.55
C GLU M 85 -79.85 -33.11 52.20
N ALA M 86 -78.63 -32.60 51.98
CA ALA M 86 -78.26 -32.06 50.68
C ALA M 86 -76.99 -32.73 50.16
N MET N 1 -64.21 36.38 -13.29
CA MET N 1 -64.99 37.53 -12.86
C MET N 1 -66.44 37.37 -13.26
N ASN N 2 -66.70 37.02 -14.52
CA ASN N 2 -68.08 36.89 -14.95
C ASN N 2 -68.39 35.66 -15.81
N VAL N 3 -67.43 35.02 -16.47
CA VAL N 3 -67.71 33.84 -17.28
C VAL N 3 -66.81 32.66 -16.90
N LEU N 4 -66.03 32.77 -15.82
CA LEU N 4 -65.24 31.63 -15.39
C LEU N 4 -66.11 30.44 -14.99
N GLY N 5 -67.36 30.68 -14.61
CA GLY N 5 -68.23 29.60 -14.16
C GLY N 5 -68.53 28.56 -15.23
N SER N 6 -68.26 28.88 -16.49
CA SER N 6 -68.31 27.90 -17.56
C SER N 6 -66.96 27.19 -17.67
N ARG N 7 -66.80 26.36 -18.69
CA ARG N 7 -65.57 25.58 -18.88
C ARG N 7 -64.47 26.50 -19.42
N LYS N 8 -63.97 27.34 -18.53
CA LYS N 8 -62.93 28.35 -18.82
C LYS N 8 -61.58 27.67 -18.75
N GLY N 9 -61.16 27.11 -19.87
CA GLY N 9 -59.94 26.35 -19.93
C GLY N 9 -59.85 25.85 -21.34
N PHE N 10 -58.69 26.02 -21.96
CA PHE N 10 -58.53 25.81 -23.38
C PHE N 10 -57.19 25.12 -23.57
N THR N 11 -56.66 25.19 -24.78
CA THR N 11 -55.32 24.68 -25.03
C THR N 11 -54.29 25.53 -24.29
N PRO N 12 -53.28 24.91 -23.68
CA PRO N 12 -52.26 25.71 -22.98
C PRO N 12 -51.35 26.43 -23.95
N ALA N 13 -51.59 27.72 -24.13
CA ALA N 13 -50.95 28.42 -25.24
C ALA N 13 -49.65 29.11 -24.84
N LEU N 14 -49.61 29.74 -23.67
CA LEU N 14 -48.50 30.60 -23.29
C LEU N 14 -47.90 30.16 -21.95
N GLN N 15 -46.68 30.62 -21.70
CA GLN N 15 -45.85 30.15 -20.59
C GLN N 15 -45.17 31.35 -19.95
N HIS N 16 -44.23 31.04 -19.06
CA HIS N 16 -43.25 32.01 -18.63
C HIS N 16 -42.25 32.28 -19.73
N ASN N 17 -41.85 33.54 -19.87
CA ASN N 17 -40.91 34.05 -20.87
C ASN N 17 -41.47 34.05 -22.29
N SER N 18 -42.74 33.72 -22.49
CA SER N 18 -43.35 33.85 -23.81
C SER N 18 -43.60 35.31 -24.12
N SER N 19 -43.45 35.67 -25.39
CA SER N 19 -43.59 37.04 -25.85
C SER N 19 -44.99 37.26 -26.41
N VAL N 20 -45.53 38.47 -26.23
CA VAL N 20 -46.85 38.83 -26.69
C VAL N 20 -46.80 40.25 -27.25
N VAL N 21 -47.83 40.61 -28.02
CA VAL N 21 -47.97 41.98 -28.48
C VAL N 21 -49.01 42.65 -27.60
N VAL N 22 -48.85 43.95 -27.41
CA VAL N 22 -49.74 44.73 -26.56
C VAL N 22 -50.76 45.41 -27.46
N ALA N 23 -52.00 44.97 -27.36
CA ALA N 23 -53.06 45.38 -28.27
C ALA N 23 -53.86 46.54 -27.71
N ASP N 24 -53.17 47.64 -27.40
CA ASP N 24 -53.83 48.86 -26.98
C ASP N 24 -52.85 50.02 -27.10
N ASN N 25 -53.37 51.24 -26.93
CA ASN N 25 -52.58 52.45 -27.11
C ASN N 25 -51.97 52.95 -25.81
N SER N 26 -51.66 52.05 -24.87
CA SER N 26 -51.07 52.47 -23.61
C SER N 26 -49.66 53.00 -23.79
N GLY N 27 -48.93 52.49 -24.77
CA GLY N 27 -47.57 52.93 -25.00
C GLY N 27 -46.63 51.78 -25.28
N ALA N 28 -46.96 50.60 -24.75
CA ALA N 28 -46.13 49.43 -24.94
C ALA N 28 -46.41 48.81 -26.31
N LYS N 29 -45.46 48.00 -26.76
CA LYS N 29 -45.59 47.30 -28.03
C LYS N 29 -45.33 45.81 -27.91
N GLU N 30 -44.38 45.41 -27.06
CA GLU N 30 -44.03 44.01 -26.88
C GLU N 30 -43.74 43.77 -25.42
N ALA N 31 -43.98 42.56 -24.96
CA ALA N 31 -43.84 42.24 -23.55
C ALA N 31 -43.44 40.79 -23.40
N VAL N 32 -43.15 40.39 -22.16
CA VAL N 32 -42.75 39.04 -21.83
C VAL N 32 -43.47 38.63 -20.57
N ILE N 33 -44.11 37.46 -20.60
CA ILE N 33 -44.92 37.02 -19.46
C ILE N 33 -44.01 36.64 -18.31
N ILE N 34 -44.25 37.26 -17.16
CA ILE N 34 -43.44 37.07 -15.96
C ILE N 34 -44.13 36.17 -14.95
N GLY N 35 -45.44 36.26 -14.84
CA GLY N 35 -46.16 35.43 -13.89
C GLY N 35 -47.57 35.16 -14.37
N ILE N 36 -48.10 34.02 -13.93
CA ILE N 36 -49.46 33.59 -14.25
C ILE N 36 -50.25 33.58 -12.96
N TYR N 37 -51.28 34.41 -12.88
CA TYR N 37 -52.08 34.51 -11.67
C TYR N 37 -52.95 33.27 -11.52
N GLY N 38 -52.83 32.60 -10.39
CA GLY N 38 -53.73 31.54 -10.00
C GLY N 38 -53.20 30.14 -10.22
N TYR N 39 -52.17 29.97 -11.03
CA TYR N 39 -51.70 28.62 -11.33
C TYR N 39 -50.96 28.03 -10.14
N ARG N 40 -51.16 26.74 -9.93
CA ARG N 40 -50.39 26.00 -8.93
C ARG N 40 -50.21 24.58 -9.45
N GLY N 41 -48.96 24.12 -9.52
CA GLY N 41 -48.61 23.04 -10.40
C GLY N 41 -47.82 21.94 -9.72
N VAL N 42 -47.01 21.26 -10.52
CA VAL N 42 -46.33 20.05 -10.13
C VAL N 42 -44.84 20.21 -10.45
N LEU N 43 -44.05 19.21 -10.08
CA LEU N 43 -42.61 19.27 -10.24
C LEU N 43 -42.22 19.32 -11.71
N ARG N 44 -41.38 20.29 -12.06
CA ARG N 44 -40.74 20.53 -13.37
C ARG N 44 -41.64 21.19 -14.41
N ARG N 45 -42.88 21.54 -14.10
CA ARG N 45 -43.82 22.06 -15.07
C ARG N 45 -43.86 23.58 -15.02
N VAL N 46 -43.86 24.21 -16.19
CA VAL N 46 -43.92 25.67 -16.32
C VAL N 46 -45.37 26.13 -16.35
N PRO N 47 -45.76 27.10 -15.52
CA PRO N 47 -47.18 27.53 -15.50
C PRO N 47 -47.67 28.09 -16.82
N PHE N 48 -48.94 27.79 -17.13
CA PHE N 48 -49.50 27.99 -18.46
C PHE N 48 -50.61 29.03 -18.41
N ALA N 49 -51.09 29.43 -19.58
CA ALA N 49 -52.16 30.42 -19.67
C ALA N 49 -52.82 30.33 -21.05
N ASN N 50 -54.08 30.75 -21.12
CA ASN N 50 -54.82 30.80 -22.38
C ASN N 50 -55.70 32.04 -22.37
N ILE N 51 -56.67 32.08 -23.28
CA ILE N 51 -57.57 33.23 -23.43
C ILE N 51 -58.26 33.55 -22.12
N ALA N 52 -58.40 34.84 -21.83
CA ALA N 52 -59.13 35.38 -20.69
C ALA N 52 -58.43 35.14 -19.36
N ASP N 53 -57.11 34.99 -19.37
CA ASP N 53 -56.35 34.78 -18.16
C ASP N 53 -55.61 36.05 -17.78
N LEU N 54 -55.49 36.29 -16.48
CA LEU N 54 -54.74 37.43 -15.97
C LEU N 54 -53.28 37.04 -15.84
N VAL N 55 -52.38 37.91 -16.32
CA VAL N 55 -50.95 37.65 -16.30
C VAL N 55 -50.22 38.90 -15.82
N MET N 56 -48.98 38.70 -15.40
CA MET N 56 -48.02 39.75 -15.13
C MET N 56 -47.03 39.81 -16.27
N VAL N 57 -46.79 41.01 -16.80
CA VAL N 57 -45.90 41.17 -17.95
C VAL N 57 -44.84 42.21 -17.62
N SER N 58 -43.74 42.16 -18.35
CA SER N 58 -42.68 43.16 -18.29
C SER N 58 -42.49 43.72 -19.68
N VAL N 59 -42.62 45.04 -19.82
CA VAL N 59 -42.59 45.64 -21.15
C VAL N 59 -41.15 45.70 -21.64
N ARG N 60 -40.90 45.08 -22.79
CA ARG N 60 -39.58 45.06 -23.41
C ARG N 60 -39.41 46.11 -24.49
N LYS N 61 -40.49 46.51 -25.16
CA LYS N 61 -40.43 47.52 -26.21
C LYS N 61 -41.58 48.49 -26.03
N GLY N 62 -41.28 49.78 -26.06
CA GLY N 62 -42.32 50.79 -25.95
C GLY N 62 -41.73 52.14 -25.60
N SER N 63 -42.61 53.03 -25.20
CA SER N 63 -42.22 54.39 -24.87
C SER N 63 -41.37 54.39 -23.60
N PRO N 64 -40.51 55.40 -23.42
CA PRO N 64 -39.59 55.40 -22.27
C PRO N 64 -40.28 55.31 -20.93
N ASP N 65 -41.50 55.83 -20.79
CA ASP N 65 -42.14 55.87 -19.49
C ASP N 65 -42.81 54.56 -19.11
N VAL N 66 -42.90 53.59 -20.00
CA VAL N 66 -43.44 52.28 -19.68
C VAL N 66 -42.44 51.16 -19.89
N ARG N 67 -41.34 51.42 -20.60
CA ARG N 67 -40.33 50.38 -20.84
C ARG N 67 -39.73 49.89 -19.54
N LYS N 68 -39.52 48.57 -19.45
CA LYS N 68 -38.94 47.92 -18.29
C LYS N 68 -39.76 48.19 -17.02
N GLN N 69 -41.06 47.99 -17.12
CA GLN N 69 -41.96 48.10 -15.98
C GLN N 69 -42.92 46.93 -15.98
N LYS N 70 -43.46 46.60 -14.81
CA LYS N 70 -44.30 45.43 -14.64
C LYS N 70 -45.76 45.84 -14.53
N PHE N 71 -46.62 45.16 -15.27
CA PHE N 71 -48.04 45.49 -15.32
C PHE N 71 -48.87 44.22 -15.28
N LYS N 72 -50.18 44.42 -15.15
CA LYS N 72 -51.17 43.34 -15.25
C LYS N 72 -51.84 43.40 -16.61
N ALA N 73 -52.11 42.24 -17.19
CA ALA N 73 -52.70 42.19 -18.52
C ALA N 73 -53.54 40.92 -18.64
N VAL N 74 -54.45 40.91 -19.60
CA VAL N 74 -55.24 39.72 -19.88
C VAL N 74 -55.00 39.31 -21.33
N ILE N 75 -55.03 38.01 -21.58
CA ILE N 75 -54.80 37.45 -22.91
C ILE N 75 -56.09 37.55 -23.71
N VAL N 76 -56.01 38.08 -24.93
CA VAL N 76 -57.18 38.31 -25.74
C VAL N 76 -57.16 37.48 -27.03
N ARG N 77 -55.97 37.16 -27.53
CA ARG N 77 -55.83 36.38 -28.75
C ARG N 77 -54.74 35.34 -28.56
N GLN N 78 -54.87 34.20 -29.23
CA GLN N 78 -53.84 33.18 -29.17
C GLN N 78 -53.77 32.44 -30.50
N ARG N 79 -52.55 32.05 -30.87
CA ARG N 79 -52.34 31.37 -32.15
C ARG N 79 -52.84 29.94 -32.11
N MET N 80 -52.71 29.29 -31.00
CA MET N 80 -52.98 27.86 -30.92
C MET N 80 -54.49 27.61 -30.92
N PRO N 81 -54.99 26.69 -31.73
CA PRO N 81 -56.43 26.55 -31.89
C PRO N 81 -57.11 26.05 -30.62
N PHE N 82 -58.29 26.59 -30.35
CA PHE N 82 -59.10 26.20 -29.20
C PHE N 82 -60.55 26.04 -29.63
N ARG N 83 -61.28 25.19 -28.92
CA ARG N 83 -62.62 24.76 -29.30
C ARG N 83 -63.66 25.36 -28.38
N ARG N 84 -64.67 25.99 -28.96
CA ARG N 84 -65.81 26.49 -28.23
C ARG N 84 -66.77 25.37 -27.88
N PRO N 85 -67.62 25.54 -26.86
CA PRO N 85 -68.50 24.44 -26.44
C PRO N 85 -69.45 23.94 -27.52
N ASP N 86 -69.81 24.79 -28.48
CA ASP N 86 -70.57 24.36 -29.64
C ASP N 86 -69.70 23.72 -30.71
N GLY N 87 -68.48 23.29 -30.35
CA GLY N 87 -67.68 22.42 -31.19
C GLY N 87 -66.90 23.07 -32.31
N THR N 88 -66.82 24.40 -32.35
CA THR N 88 -66.07 25.10 -33.38
C THR N 88 -64.66 25.42 -32.90
N TRP N 89 -63.70 25.26 -33.80
CA TRP N 89 -62.30 25.53 -33.50
C TRP N 89 -61.94 26.93 -33.98
N ILE N 90 -61.29 27.71 -33.14
CA ILE N 90 -60.94 29.08 -33.45
C ILE N 90 -59.43 29.18 -33.47
N SER N 91 -58.90 30.11 -34.25
CA SER N 91 -57.46 30.36 -34.26
C SER N 91 -57.20 31.78 -34.69
N PHE N 92 -56.25 32.43 -34.03
CA PHE N 92 -55.91 33.82 -34.32
C PHE N 92 -54.55 33.90 -34.98
N GLU N 93 -54.19 35.12 -35.37
CA GLU N 93 -52.95 35.35 -36.10
C GLU N 93 -51.76 35.64 -35.20
N ASP N 94 -51.98 36.02 -33.94
CA ASP N 94 -50.88 36.25 -33.01
C ASP N 94 -51.41 36.16 -31.59
N ASN N 95 -50.48 36.05 -30.64
CA ASN N 95 -50.78 36.13 -29.22
C ASN N 95 -50.73 37.58 -28.77
N ALA N 96 -51.78 38.04 -28.08
CA ALA N 96 -51.87 39.44 -27.68
C ALA N 96 -52.44 39.55 -26.27
N VAL N 97 -52.10 40.66 -25.61
CA VAL N 97 -52.65 41.01 -24.31
C VAL N 97 -53.08 42.47 -24.34
N VAL N 98 -53.89 42.85 -23.35
CA VAL N 98 -54.25 44.24 -23.11
C VAL N 98 -53.93 44.57 -21.65
N ILE N 99 -53.30 45.70 -21.42
CA ILE N 99 -52.81 46.09 -20.10
C ILE N 99 -53.93 46.78 -19.33
N ILE N 100 -54.16 46.32 -18.10
CA ILE N 100 -55.24 46.82 -17.27
C ILE N 100 -54.67 47.45 -16.00
N ASN N 101 -55.48 48.31 -15.40
CA ASN N 101 -55.17 48.89 -14.10
C ASN N 101 -55.43 47.86 -13.01
N PRO N 102 -54.96 48.11 -11.78
CA PRO N 102 -55.16 47.12 -10.71
C PRO N 102 -56.61 46.78 -10.43
N ASP N 103 -57.56 47.67 -10.72
CA ASP N 103 -58.96 47.39 -10.45
C ASP N 103 -59.68 46.73 -11.62
N GLY N 104 -59.03 46.57 -12.76
CA GLY N 104 -59.59 45.85 -13.90
C GLY N 104 -59.89 46.70 -15.11
N THR N 105 -59.89 48.03 -14.97
CA THR N 105 -60.17 48.87 -16.12
C THR N 105 -58.94 48.93 -17.03
N PRO N 106 -59.14 49.03 -18.35
CA PRO N 106 -58.00 49.11 -19.26
C PRO N 106 -57.19 50.39 -19.04
N LYS N 107 -55.87 50.27 -19.20
CA LYS N 107 -55.01 51.44 -19.10
C LYS N 107 -55.13 52.31 -20.34
N GLY N 108 -55.17 51.70 -21.52
CA GLY N 108 -55.39 52.45 -22.73
C GLY N 108 -56.86 52.76 -22.95
N THR N 109 -57.10 53.67 -23.89
CA THR N 109 -58.46 54.07 -24.23
C THR N 109 -58.95 53.43 -25.52
N GLU N 110 -58.17 52.52 -26.10
CA GLU N 110 -58.53 51.91 -27.37
C GLU N 110 -57.86 50.55 -27.47
N VAL N 111 -58.53 49.60 -28.10
CA VAL N 111 -58.02 48.25 -28.29
C VAL N 111 -57.91 47.98 -29.78
N ARG N 112 -56.75 47.52 -30.21
CA ARG N 112 -56.48 47.24 -31.62
C ARG N 112 -56.78 45.79 -31.93
N GLY N 113 -57.57 45.55 -32.96
CA GLY N 113 -57.76 44.22 -33.48
C GLY N 113 -58.92 43.49 -32.83
N PRO N 114 -59.12 42.24 -33.25
CA PRO N 114 -60.23 41.45 -32.71
C PRO N 114 -59.96 40.91 -31.32
N ILE N 115 -61.05 40.59 -30.62
CA ILE N 115 -61.02 40.09 -29.26
C ILE N 115 -61.90 38.84 -29.20
N ALA N 116 -61.45 37.81 -28.50
CA ALA N 116 -62.29 36.65 -28.27
C ALA N 116 -63.44 37.03 -27.33
N ARG N 117 -64.57 36.33 -27.48
CA ARG N 117 -65.72 36.66 -26.63
C ARG N 117 -65.49 36.28 -25.18
N GLU N 118 -64.77 35.18 -24.93
CA GLU N 118 -64.51 34.77 -23.55
C GLU N 118 -63.75 35.84 -22.79
N ALA N 119 -62.92 36.62 -23.47
CA ALA N 119 -62.25 37.73 -22.82
C ALA N 119 -63.20 38.90 -22.62
N ALA N 120 -64.17 39.09 -23.50
CA ALA N 120 -65.11 40.18 -23.36
C ALA N 120 -66.16 39.89 -22.30
N GLU N 121 -66.52 38.62 -22.10
CA GLU N 121 -67.52 38.28 -21.10
C GLU N 121 -66.94 38.34 -19.70
N ARG N 122 -65.71 37.87 -19.51
CA ARG N 122 -65.11 37.86 -18.18
C ARG N 122 -64.63 39.23 -17.74
N TRP N 123 -64.31 40.12 -18.67
CA TRP N 123 -63.77 41.43 -18.35
C TRP N 123 -64.63 42.49 -19.01
N PRO N 124 -65.72 42.91 -18.36
CA PRO N 124 -66.65 43.87 -18.99
C PRO N 124 -66.02 45.21 -19.35
N LYS N 125 -65.04 45.69 -18.58
CA LYS N 125 -64.46 46.99 -18.87
C LYS N 125 -63.66 46.97 -20.17
N ILE N 126 -63.07 45.83 -20.50
CA ILE N 126 -62.38 45.70 -21.77
C ILE N 126 -63.36 45.67 -22.93
N ALA N 127 -64.49 44.99 -22.75
CA ALA N 127 -65.51 44.94 -23.79
C ALA N 127 -66.11 46.31 -24.08
N SER N 128 -65.97 47.26 -23.16
CA SER N 128 -66.51 48.59 -23.36
C SER N 128 -65.69 49.41 -24.34
N VAL N 129 -64.40 49.12 -24.48
CA VAL N 129 -63.54 49.85 -25.40
C VAL N 129 -63.16 49.05 -26.63
N ALA N 130 -63.45 47.76 -26.65
CA ALA N 130 -63.19 46.94 -27.83
C ALA N 130 -64.22 47.22 -28.91
N THR N 131 -63.75 47.35 -30.15
CA THR N 131 -64.62 47.65 -31.28
C THR N 131 -65.16 46.39 -31.93
N MET N 132 -64.30 45.40 -32.20
CA MET N 132 -64.72 44.16 -32.82
C MET N 132 -64.44 43.00 -31.88
N VAL N 133 -65.44 42.14 -31.69
CA VAL N 133 -65.36 41.00 -30.79
C VAL N 133 -65.70 39.75 -31.58
N ILE N 134 -64.82 38.76 -31.54
CA ILE N 134 -64.99 37.57 -32.36
C ILE N 134 -65.42 36.39 -31.52
N SER O 1 90.44 -3.62 -15.86
CA SER O 1 89.80 -3.76 -17.16
C SER O 1 89.32 -2.41 -17.68
N MET O 2 89.12 -2.30 -18.98
CA MET O 2 88.56 -1.07 -19.49
C MET O 2 87.13 -0.87 -19.03
N TYR O 3 86.43 -1.96 -18.72
CA TYR O 3 85.05 -1.84 -18.27
C TYR O 3 84.96 -1.16 -16.91
N HIS O 4 85.99 -1.28 -16.08
CA HIS O 4 86.02 -0.54 -14.83
C HIS O 4 86.11 0.96 -15.08
N TYR O 5 86.84 1.37 -16.12
CA TYR O 5 86.99 2.78 -16.41
C TYR O 5 85.81 3.35 -17.20
N ILE O 6 85.00 2.49 -17.84
CA ILE O 6 83.77 2.97 -18.45
C ILE O 6 82.82 3.48 -17.38
N GLU O 7 82.72 2.74 -16.27
CA GLU O 7 81.86 3.13 -15.17
C GLU O 7 82.38 4.34 -14.42
N GLN O 8 83.68 4.61 -14.47
CA GLN O 8 84.19 5.78 -13.76
C GLN O 8 83.88 7.08 -14.49
N THR O 9 83.94 7.08 -15.83
CA THR O 9 83.60 8.29 -16.57
C THR O 9 82.11 8.58 -16.52
N TRP O 10 81.28 7.55 -16.67
CA TRP O 10 79.85 7.62 -16.40
C TRP O 10 79.65 7.15 -14.97
N GLN O 11 79.92 8.01 -13.98
CA GLN O 11 79.61 7.58 -12.62
C GLN O 11 78.60 8.48 -11.91
N ASN O 12 78.94 9.71 -11.55
CA ASN O 12 77.97 10.34 -10.65
C ASN O 12 77.68 11.83 -10.82
N LYS O 13 78.73 12.63 -10.92
CA LYS O 13 78.62 14.08 -11.01
C LYS O 13 79.94 14.54 -11.60
N ASP O 14 79.91 14.90 -12.87
CA ASP O 14 81.13 14.77 -13.64
C ASP O 14 81.05 15.76 -14.79
N TRP O 15 82.21 16.04 -15.38
CA TRP O 15 82.20 16.75 -16.65
C TRP O 15 81.56 15.90 -17.75
N ARG O 16 81.55 14.58 -17.58
CA ARG O 16 80.88 13.70 -18.52
C ARG O 16 79.40 14.01 -18.62
N ARG O 17 78.82 14.61 -17.60
CA ARG O 17 77.42 15.00 -17.65
C ARG O 17 77.18 16.23 -18.52
N SER O 18 78.23 16.76 -19.17
CA SER O 18 78.05 17.69 -20.27
C SER O 18 77.98 16.96 -21.60
N ILE O 19 78.73 15.86 -21.74
CA ILE O 19 78.65 15.04 -22.95
C ILE O 19 77.31 14.34 -23.02
N LEU O 20 76.81 13.86 -21.88
CA LEU O 20 75.57 13.10 -21.88
C LEU O 20 74.36 13.99 -22.14
N ARG O 21 74.44 15.26 -21.75
CA ARG O 21 73.34 16.18 -22.05
C ARG O 21 73.20 16.39 -23.55
N LYS O 22 74.31 16.46 -24.27
CA LYS O 22 74.25 16.67 -25.71
C LYS O 22 73.60 15.50 -26.41
N ARG O 23 73.82 14.27 -25.92
CA ARG O 23 73.18 13.12 -26.52
C ARG O 23 71.67 13.18 -26.36
N LEU O 24 71.20 13.63 -25.20
CA LEU O 24 69.77 13.69 -24.95
C LEU O 24 69.05 14.56 -25.98
N ILE O 25 69.71 15.60 -26.48
CA ILE O 25 69.05 16.48 -27.44
C ILE O 25 68.73 15.71 -28.71
N GLU O 26 69.61 14.79 -29.10
CA GLU O 26 69.35 13.95 -30.26
C GLU O 26 68.34 12.87 -29.94
N TRP O 27 68.42 12.28 -28.75
CA TRP O 27 67.55 11.17 -28.39
C TRP O 27 66.08 11.56 -28.32
N ARG O 28 65.78 12.84 -28.11
CA ARG O 28 64.40 13.28 -28.02
C ARG O 28 63.71 13.34 -29.38
N ARG O 29 64.45 13.16 -30.47
CA ARG O 29 63.88 13.24 -31.80
C ARG O 29 63.72 11.88 -32.46
N GLN O 30 64.49 10.88 -32.05
CA GLN O 30 64.37 9.56 -32.62
C GLN O 30 63.09 8.90 -32.13
N PRO O 31 62.64 7.84 -32.80
CA PRO O 31 61.41 7.18 -32.36
C PRO O 31 61.51 6.64 -30.94
N ALA O 32 60.34 6.40 -30.34
CA ALA O 32 60.29 6.06 -28.92
C ALA O 32 60.90 4.70 -28.65
N ILE O 33 60.95 3.81 -29.64
CA ILE O 33 61.58 2.51 -29.50
C ILE O 33 62.48 2.32 -30.71
N THR O 34 63.78 2.26 -30.49
CA THR O 34 64.77 2.18 -31.56
C THR O 34 65.74 1.06 -31.27
N ARG O 35 66.23 0.45 -32.34
CA ARG O 35 67.37 -0.44 -32.22
C ARG O 35 68.64 0.38 -32.37
N ILE O 36 69.61 0.11 -31.52
CA ILE O 36 70.88 0.82 -31.55
C ILE O 36 71.97 -0.18 -31.90
N ASP O 37 73.07 0.36 -32.43
CA ASP O 37 74.14 -0.51 -32.94
C ASP O 37 74.94 -1.15 -31.81
N ARG O 38 75.30 -0.38 -30.80
CA ARG O 38 76.15 -0.85 -29.72
C ARG O 38 75.65 -0.30 -28.39
N PRO O 39 75.89 -1.02 -27.29
CA PRO O 39 75.49 -0.50 -25.98
C PRO O 39 76.22 0.78 -25.64
N THR O 40 75.50 1.68 -24.97
CA THR O 40 76.14 2.90 -24.47
C THR O 40 77.01 2.61 -23.26
N ARG O 41 76.62 1.64 -22.45
CA ARG O 41 77.36 1.23 -21.25
C ARG O 41 77.71 -0.24 -21.38
N LEU O 42 78.93 -0.54 -21.84
CA LEU O 42 79.34 -1.94 -21.96
C LEU O 42 79.50 -2.61 -20.60
N ASN O 43 79.85 -1.87 -19.56
CA ASN O 43 79.99 -2.51 -18.25
C ASN O 43 78.67 -3.11 -17.80
N ARG O 44 77.57 -2.37 -17.97
CA ARG O 44 76.28 -2.85 -17.53
C ARG O 44 75.77 -3.96 -18.44
N ALA O 45 76.04 -3.86 -19.73
CA ALA O 45 75.55 -4.87 -20.67
C ALA O 45 76.25 -6.20 -20.49
N ARG O 46 77.58 -6.19 -20.34
CA ARG O 46 78.33 -7.43 -20.25
C ARG O 46 78.07 -8.17 -18.95
N ALA O 47 77.77 -7.45 -17.87
CA ALA O 47 77.42 -8.10 -16.62
C ALA O 47 76.06 -8.79 -16.69
N LEU O 48 75.12 -8.22 -17.45
CA LEU O 48 73.78 -8.78 -17.59
C LEU O 48 73.72 -9.89 -18.64
N GLY O 49 74.78 -10.13 -19.39
CA GLY O 49 74.83 -11.30 -20.25
C GLY O 49 74.88 -11.02 -21.74
N TYR O 50 75.31 -9.84 -22.14
CA TYR O 50 75.42 -9.48 -23.54
C TYR O 50 76.76 -9.95 -24.09
N LYS O 51 76.73 -10.51 -25.30
CA LYS O 51 77.91 -10.97 -26.02
C LYS O 51 77.98 -10.27 -27.37
N ALA O 52 79.15 -10.37 -28.00
CA ALA O 52 79.38 -9.77 -29.31
C ALA O 52 79.17 -10.76 -30.44
N LYS O 53 78.22 -11.67 -30.31
CA LYS O 53 77.84 -12.57 -31.37
C LYS O 53 76.60 -12.04 -32.07
N GLN O 54 76.24 -12.67 -33.18
CA GLN O 54 75.06 -12.26 -33.94
C GLN O 54 73.83 -12.98 -33.40
N GLY O 55 72.75 -12.23 -33.21
CA GLY O 55 71.61 -12.66 -32.45
C GLY O 55 71.35 -11.87 -31.19
N PHE O 56 72.33 -11.10 -30.73
CA PHE O 56 72.14 -10.16 -29.64
C PHE O 56 71.83 -8.79 -30.21
N VAL O 57 70.72 -8.19 -29.78
CA VAL O 57 70.34 -6.87 -30.25
C VAL O 57 70.15 -5.96 -29.04
N MET O 58 70.35 -4.67 -29.26
CA MET O 58 70.21 -3.67 -28.23
C MET O 58 69.13 -2.69 -28.64
N VAL O 59 68.21 -2.40 -27.72
CA VAL O 59 67.06 -1.55 -27.99
C VAL O 59 67.02 -0.45 -26.93
N ARG O 60 66.76 0.78 -27.35
CA ARG O 60 66.57 1.89 -26.43
C ARG O 60 65.12 2.31 -26.39
N VAL O 61 64.58 2.44 -25.19
CA VAL O 61 63.18 2.77 -24.98
C VAL O 61 63.09 4.04 -24.14
N ARG O 62 62.21 4.96 -24.53
CA ARG O 62 61.85 6.07 -23.67
C ARG O 62 60.36 6.04 -23.34
N VAL O 63 60.07 6.23 -22.05
CA VAL O 63 58.71 6.25 -21.53
C VAL O 63 58.46 7.65 -20.98
N ARG O 64 57.27 7.91 -20.47
CA ARG O 64 56.94 9.20 -19.90
C ARG O 64 56.84 9.06 -18.39
N ARG O 65 57.60 9.89 -17.67
CA ARG O 65 57.70 9.80 -16.22
C ARG O 65 56.41 10.31 -15.57
N GLY O 66 56.35 10.20 -14.26
CA GLY O 66 55.22 10.64 -13.48
C GLY O 66 54.45 9.49 -12.89
N GLY O 67 53.26 9.80 -12.39
CA GLY O 67 52.40 8.81 -11.81
C GLY O 67 51.48 8.16 -12.83
N LEU O 68 50.63 7.28 -12.32
CA LEU O 68 49.71 6.53 -13.15
C LEU O 68 48.70 7.45 -13.82
N ASN O 69 48.38 7.14 -15.07
CA ASN O 69 47.37 7.88 -15.82
C ASN O 69 46.01 7.32 -15.44
N LYS O 70 45.51 7.78 -14.30
CA LYS O 70 44.35 7.24 -13.64
C LYS O 70 43.19 8.20 -13.73
N PRO O 71 42.02 7.76 -14.22
CA PRO O 71 40.85 8.64 -14.28
C PRO O 71 40.00 8.61 -13.02
N ARG O 72 39.36 9.73 -12.76
CA ARG O 72 38.45 9.82 -11.64
C ARG O 72 37.25 8.91 -11.88
N PRO O 73 36.82 8.12 -10.90
CA PRO O 73 35.66 7.26 -11.11
C PRO O 73 34.40 8.07 -11.35
N ASN O 74 33.45 7.49 -12.08
CA ASN O 74 32.23 8.21 -12.41
C ASN O 74 30.98 7.67 -11.76
N SER O 75 30.99 6.44 -11.24
CA SER O 75 29.90 5.98 -10.40
C SER O 75 30.22 6.25 -8.93
N GLY O 76 29.42 5.67 -8.04
CA GLY O 76 29.46 6.04 -6.64
C GLY O 76 30.46 5.24 -5.83
N ARG O 77 31.30 5.97 -5.09
CA ARG O 77 32.38 5.39 -4.32
C ARG O 77 32.37 5.98 -2.92
N ARG O 78 32.88 5.21 -1.96
CA ARG O 78 33.15 5.76 -0.64
C ARG O 78 34.37 6.68 -0.71
N PRO O 79 34.52 7.59 0.25
CA PRO O 79 35.58 8.61 0.12
C PRO O 79 36.99 8.05 0.03
N LYS O 80 37.23 6.85 0.52
CA LYS O 80 38.56 6.25 0.39
C LYS O 80 38.94 6.05 -1.07
N ARG O 81 38.00 5.59 -1.89
CA ARG O 81 38.27 5.12 -3.24
C ARG O 81 38.02 6.18 -4.30
N MET O 82 38.05 7.46 -3.95
CA MET O 82 37.80 8.52 -4.91
C MET O 82 39.04 9.35 -5.23
N GLY O 83 40.21 8.93 -4.78
CA GLY O 83 41.41 9.74 -4.96
C GLY O 83 42.25 9.32 -6.14
N VAL O 84 42.90 10.30 -6.76
CA VAL O 84 43.63 10.10 -8.00
C VAL O 84 45.12 10.36 -7.82
N TYR O 85 45.48 11.49 -7.23
CA TYR O 85 46.86 11.91 -7.16
C TYR O 85 47.67 11.03 -6.22
N GLY O 86 48.95 10.88 -6.52
CA GLY O 86 49.83 10.08 -5.70
C GLY O 86 49.95 8.63 -6.10
N TYR O 87 49.20 8.18 -7.10
CA TYR O 87 49.25 6.80 -7.54
C TYR O 87 50.36 6.64 -8.56
N GLY O 88 51.16 5.59 -8.40
CA GLY O 88 52.12 5.21 -9.39
C GLY O 88 51.96 3.74 -9.70
N PRO O 89 52.31 3.33 -10.91
CA PRO O 89 52.19 1.91 -11.27
C PRO O 89 53.12 1.06 -10.41
N SER O 90 52.56 0.03 -9.78
CA SER O 90 53.38 -0.81 -8.92
C SER O 90 54.44 -1.54 -9.71
N LYS O 91 54.28 -1.57 -11.02
CA LYS O 91 55.31 -2.00 -11.94
C LYS O 91 56.24 -0.82 -12.18
N GLY O 92 57.54 -1.05 -12.10
CA GLY O 92 58.46 0.05 -12.28
C GLY O 92 58.58 0.47 -13.74
N TYR O 93 59.03 1.71 -13.95
CA TYR O 93 59.28 2.18 -15.31
C TYR O 93 60.37 1.38 -16.00
N ARG O 94 61.27 0.77 -15.24
CA ARG O 94 62.25 -0.14 -15.82
C ARG O 94 61.58 -1.40 -16.37
N TRP O 95 60.59 -1.92 -15.65
CA TRP O 95 59.84 -3.09 -16.11
C TRP O 95 58.85 -2.72 -17.20
N ILE O 96 58.29 -1.51 -17.14
CA ILE O 96 57.41 -1.04 -18.19
C ILE O 96 58.18 -0.85 -19.50
N ALA O 97 59.42 -0.39 -19.42
CA ALA O 97 60.23 -0.20 -20.62
C ALA O 97 60.56 -1.53 -21.29
N GLU O 98 60.88 -2.56 -20.50
CA GLU O 98 61.18 -3.86 -21.07
C GLU O 98 59.98 -4.45 -21.79
N GLU O 99 58.78 -4.18 -21.28
CA GLU O 99 57.55 -4.71 -21.87
C GLU O 99 57.27 -4.11 -23.24
N ARG O 100 57.45 -2.80 -23.38
CA ARG O 100 57.20 -2.17 -24.66
C ARG O 100 58.22 -2.58 -25.70
N ALA O 101 59.44 -2.91 -25.29
CA ALA O 101 60.43 -3.43 -26.22
C ALA O 101 60.06 -4.83 -26.70
N ALA O 102 59.47 -5.66 -25.83
CA ALA O 102 59.12 -7.00 -26.23
C ALA O 102 57.92 -7.04 -27.15
N ARG O 103 57.15 -5.97 -27.21
CA ARG O 103 56.03 -5.90 -28.15
C ARG O 103 56.51 -5.70 -29.58
N LYS O 104 57.45 -4.77 -29.78
CA LYS O 104 57.92 -4.44 -31.11
C LYS O 104 58.83 -5.51 -31.70
N PHE O 105 59.44 -6.34 -30.87
CA PHE O 105 60.39 -7.36 -31.31
C PHE O 105 59.89 -8.72 -30.83
N PRO O 106 58.83 -9.25 -31.44
CA PRO O 106 58.17 -10.44 -30.89
C PRO O 106 58.97 -11.73 -31.00
N ASN O 107 60.10 -11.75 -31.70
CA ASN O 107 60.87 -12.98 -31.85
C ASN O 107 62.10 -13.04 -30.95
N LEU O 108 62.27 -12.05 -30.06
CA LEU O 108 63.45 -11.97 -29.21
C LEU O 108 63.03 -12.02 -27.75
N GLU O 109 63.93 -12.52 -26.90
CA GLU O 109 63.68 -12.65 -25.48
C GLU O 109 64.50 -11.61 -24.72
N VAL O 110 63.86 -10.94 -23.76
CA VAL O 110 64.53 -9.91 -22.96
C VAL O 110 65.50 -10.56 -21.99
N LEU O 111 66.74 -10.06 -21.96
CA LEU O 111 67.74 -10.55 -21.03
C LEU O 111 68.04 -9.62 -19.86
N GLY O 112 67.86 -8.31 -20.02
CA GLY O 112 68.12 -7.40 -18.92
C GLY O 112 67.92 -5.98 -19.38
N SER O 113 68.10 -5.06 -18.45
CA SER O 113 68.01 -3.64 -18.78
C SER O 113 68.69 -2.81 -17.71
N TYR O 114 68.95 -1.55 -18.08
CA TYR O 114 69.54 -0.53 -17.22
C TYR O 114 69.12 0.79 -17.82
N TYR O 115 69.13 1.86 -17.04
CA TYR O 115 68.61 3.02 -17.77
C TYR O 115 69.86 3.73 -18.25
N VAL O 116 69.66 4.74 -19.08
CA VAL O 116 70.83 5.47 -19.54
C VAL O 116 70.73 6.96 -19.26
N ALA O 117 69.52 7.49 -19.16
CA ALA O 117 69.38 8.93 -19.05
C ALA O 117 68.01 9.24 -18.47
N GLU O 118 67.74 10.54 -18.36
CA GLU O 118 66.55 11.04 -17.68
C GLU O 118 66.41 12.54 -17.87
N ASP O 119 65.23 13.03 -18.25
CA ASP O 119 65.02 14.47 -18.35
C ASP O 119 63.67 14.79 -17.74
N GLY O 120 63.19 16.01 -17.98
CA GLY O 120 62.03 16.51 -17.27
C GLY O 120 60.71 15.93 -17.72
N MET O 121 60.71 15.12 -18.77
CA MET O 121 59.49 14.52 -19.25
C MET O 121 59.59 13.03 -19.53
N TYR O 122 60.79 12.47 -19.67
CA TYR O 122 60.96 11.09 -20.08
C TYR O 122 61.97 10.41 -19.18
N LYS O 123 62.04 9.10 -19.31
CA LYS O 123 63.08 8.26 -18.74
C LYS O 123 63.51 7.29 -19.82
N TYR O 124 64.82 7.08 -19.96
CA TYR O 124 65.36 6.27 -21.03
C TYR O 124 66.01 5.01 -20.48
N TYR O 125 65.74 3.88 -21.11
CA TYR O 125 66.29 2.60 -20.72
C TYR O 125 66.83 1.89 -21.94
N GLU O 126 67.75 0.96 -21.72
CA GLU O 126 68.28 0.13 -22.80
C GLU O 126 68.12 -1.33 -22.43
N VAL O 127 67.59 -2.12 -23.36
CA VAL O 127 67.17 -3.49 -23.11
C VAL O 127 68.05 -4.41 -23.95
N ILE O 128 68.53 -5.49 -23.34
CA ILE O 128 69.37 -6.47 -24.02
C ILE O 128 68.47 -7.62 -24.45
N MET O 129 68.39 -7.85 -25.76
CA MET O 129 67.49 -8.86 -26.30
C MET O 129 68.29 -9.85 -27.13
N VAL O 130 67.82 -11.09 -27.19
CA VAL O 130 68.55 -12.16 -27.86
C VAL O 130 67.58 -12.96 -28.72
N ASP O 131 68.08 -13.42 -29.86
CA ASP O 131 67.30 -14.20 -30.81
C ASP O 131 67.49 -15.69 -30.53
N TYR O 132 66.45 -16.35 -30.06
CA TYR O 132 66.59 -17.74 -29.65
C TYR O 132 66.50 -18.71 -30.81
N SER O 133 66.28 -18.24 -32.02
CA SER O 133 66.16 -19.12 -33.18
C SER O 133 67.36 -19.06 -34.10
N HIS O 134 68.26 -18.12 -33.92
CA HIS O 134 69.48 -18.11 -34.72
C HIS O 134 70.30 -19.37 -34.41
N PRO O 135 70.95 -19.97 -35.41
CA PRO O 135 71.77 -21.16 -35.12
C PRO O 135 72.95 -20.88 -34.21
N VAL O 136 73.42 -19.64 -34.11
CA VAL O 136 74.52 -19.34 -33.20
C VAL O 136 74.06 -19.44 -31.75
N ILE O 137 72.89 -18.87 -31.44
CA ILE O 137 72.33 -18.99 -30.09
C ILE O 137 71.86 -20.41 -29.82
N ARG O 138 71.28 -21.06 -30.83
CA ARG O 138 70.74 -22.40 -30.61
C ARG O 138 71.81 -23.39 -30.18
N SER O 139 73.05 -23.18 -30.59
CA SER O 139 74.13 -24.10 -30.27
C SER O 139 74.94 -23.69 -29.04
N ASP O 140 74.70 -22.50 -28.50
CA ASP O 140 75.43 -22.03 -27.34
C ASP O 140 75.12 -22.92 -26.13
N PRO O 141 76.13 -23.37 -25.38
CA PRO O 141 75.85 -24.18 -24.19
C PRO O 141 75.40 -23.38 -22.99
N GLU O 142 75.70 -22.08 -22.91
CA GLU O 142 75.30 -21.29 -21.76
C GLU O 142 73.87 -20.78 -21.87
N LEU O 143 73.23 -20.92 -23.03
CA LEU O 143 71.84 -20.51 -23.21
C LEU O 143 70.97 -21.68 -23.64
N LYS O 144 71.37 -22.90 -23.30
CA LYS O 144 70.57 -24.06 -23.63
C LYS O 144 69.21 -24.04 -22.94
N TRP O 145 69.09 -23.33 -21.81
CA TRP O 145 67.80 -23.20 -21.14
C TRP O 145 66.82 -22.40 -21.97
N LEU O 146 67.27 -21.69 -22.98
CA LEU O 146 66.41 -20.83 -23.76
C LEU O 146 65.71 -21.58 -24.89
N GLN O 147 65.92 -22.90 -24.97
CA GLN O 147 65.20 -23.76 -25.89
C GLN O 147 63.96 -24.39 -25.27
N ASP O 148 63.59 -23.96 -24.06
CA ASP O 148 62.36 -24.41 -23.42
C ASP O 148 61.28 -23.35 -23.60
N SER O 149 60.11 -23.78 -24.09
CA SER O 149 59.05 -22.83 -24.39
C SER O 149 58.50 -22.15 -23.15
N VAL O 150 58.79 -22.68 -21.96
CA VAL O 150 58.37 -22.03 -20.73
C VAL O 150 59.28 -20.86 -20.38
N ASN O 151 60.47 -20.80 -20.96
CA ASN O 151 61.44 -19.75 -20.70
C ASN O 151 61.38 -18.63 -21.69
N ARG O 152 60.31 -18.53 -22.47
CA ARG O 152 60.11 -17.46 -23.42
C ARG O 152 59.00 -16.55 -22.93
N LYS O 153 59.07 -15.28 -23.33
CA LYS O 153 58.10 -14.27 -22.92
C LYS O 153 58.03 -14.16 -21.40
N ARG O 154 59.17 -14.28 -20.75
CA ARG O 154 59.23 -14.21 -19.30
C ARG O 154 58.89 -12.82 -18.79
N VAL O 155 59.14 -11.79 -19.58
CA VAL O 155 58.94 -10.42 -19.14
C VAL O 155 57.47 -10.16 -18.83
N PHE O 156 56.57 -10.92 -19.44
CA PHE O 156 55.14 -10.70 -19.25
C PHE O 156 54.61 -11.33 -17.98
N ARG O 157 55.39 -12.19 -17.32
CA ARG O 157 54.95 -12.86 -16.11
C ARG O 157 55.77 -12.47 -14.89
N GLY O 158 56.53 -11.39 -14.98
CA GLY O 158 57.36 -10.90 -13.88
C GLY O 158 58.53 -11.78 -13.49
N LEU O 159 59.21 -12.38 -14.47
CA LEU O 159 60.33 -13.27 -14.17
C LEU O 159 61.68 -12.65 -14.51
N THR O 160 61.70 -11.39 -14.92
CA THR O 160 62.96 -10.70 -15.17
C THR O 160 63.51 -10.15 -13.86
N SER O 161 64.62 -9.43 -13.95
CA SER O 161 65.20 -8.82 -12.75
C SER O 161 64.34 -7.69 -12.21
N ALA O 162 63.83 -6.84 -13.10
CA ALA O 162 62.99 -5.73 -12.67
C ALA O 162 61.66 -6.24 -12.13
N GLY O 163 61.20 -7.40 -12.58
CA GLY O 163 59.96 -7.93 -12.09
C GLY O 163 60.09 -8.61 -10.74
N GLN O 164 61.22 -9.28 -10.50
CA GLN O 164 61.44 -9.89 -9.20
C GLN O 164 61.57 -8.83 -8.11
N LYS O 165 62.27 -7.74 -8.39
CA LYS O 165 62.39 -6.65 -7.43
C LYS O 165 61.02 -6.10 -7.06
N SER O 166 60.16 -5.91 -8.05
CA SER O 166 58.84 -5.32 -7.83
C SER O 166 57.83 -6.30 -7.26
N ARG O 167 58.12 -7.59 -7.26
CA ARG O 167 57.29 -8.57 -6.59
C ARG O 167 57.69 -8.78 -5.14
N GLY O 168 58.70 -8.07 -4.66
CA GLY O 168 59.18 -8.24 -3.32
C GLY O 168 60.05 -9.45 -3.10
N LEU O 169 60.64 -10.00 -4.14
CA LEU O 169 61.45 -11.20 -4.02
C LEU O 169 62.93 -10.88 -3.79
N THR P 1 23.76 -49.38 30.68
CA THR P 1 23.96 -49.96 29.36
C THR P 1 24.79 -51.23 29.43
N ASN P 2 25.68 -51.31 30.40
CA ASN P 2 26.45 -52.52 30.63
C ASN P 2 25.54 -53.65 31.13
N ILE P 3 25.71 -54.84 30.56
CA ILE P 3 24.90 -55.99 30.97
C ILE P 3 25.26 -56.44 32.38
N MET P 4 26.53 -56.38 32.75
CA MET P 4 26.94 -56.90 34.04
C MET P 4 26.73 -55.90 35.16
N LEU P 5 26.74 -54.61 34.86
CA LEU P 5 26.41 -53.63 35.87
C LEU P 5 24.94 -53.68 36.22
N ARG P 6 24.09 -54.02 35.27
CA ARG P 6 22.66 -54.11 35.53
C ARG P 6 22.32 -55.32 36.37
N LYS P 7 22.95 -56.46 36.08
CA LYS P 7 22.71 -57.65 36.89
C LYS P 7 23.33 -57.55 38.27
N LEU P 8 24.34 -56.70 38.46
CA LEU P 8 24.89 -56.49 39.79
C LEU P 8 23.99 -55.61 40.64
N ILE P 9 23.39 -54.59 40.04
CA ILE P 9 22.49 -53.72 40.77
C ILE P 9 21.26 -54.47 41.25
N THR P 10 20.74 -55.38 40.43
CA THR P 10 19.52 -56.09 40.80
C THR P 10 19.76 -57.07 41.94
N SER P 11 20.99 -57.54 42.13
CA SER P 11 21.26 -58.49 43.21
C SER P 11 21.70 -57.81 44.49
N LEU P 12 22.24 -56.59 44.39
CA LEU P 12 22.55 -55.84 45.60
C LEU P 12 21.29 -55.44 46.33
N LYS P 13 20.25 -55.04 45.59
CA LYS P 13 19.00 -54.63 46.21
C LYS P 13 18.34 -55.76 46.97
N LYS P 14 18.53 -57.01 46.53
CA LYS P 14 17.98 -58.15 47.24
C LYS P 14 18.70 -58.44 48.55
N GLN P 15 19.85 -57.83 48.79
CA GLN P 15 20.57 -58.06 50.02
C GLN P 15 19.85 -57.42 51.20
N ASP P 16 20.05 -58.00 52.38
CA ASP P 16 19.35 -57.58 53.59
C ASP P 16 20.23 -56.77 54.54
N LYS P 17 21.30 -56.15 54.02
CA LYS P 17 22.14 -55.25 54.79
C LYS P 17 22.08 -53.87 54.16
N ALA P 18 21.87 -52.85 54.99
CA ALA P 18 21.75 -51.49 54.48
C ALA P 18 23.02 -51.01 53.80
N ILE P 19 24.15 -51.65 54.06
CA ILE P 19 25.38 -51.31 53.34
C ILE P 19 25.25 -51.63 51.87
N TRP P 20 24.67 -52.78 51.53
CA TRP P 20 24.60 -53.19 50.13
C TRP P 20 23.51 -52.45 49.37
N VAL P 21 22.41 -52.11 50.03
CA VAL P 21 21.36 -51.33 49.37
C VAL P 21 21.86 -49.93 49.05
N ARG P 22 22.70 -49.36 49.90
CA ARG P 22 23.26 -48.03 49.62
C ARG P 22 24.23 -48.08 48.45
N VAL P 23 24.97 -49.17 48.29
CA VAL P 23 25.86 -49.30 47.14
C VAL P 23 25.07 -49.35 45.84
N ALA P 24 23.97 -50.10 45.82
CA ALA P 24 23.14 -50.19 44.62
C ALA P 24 22.53 -48.84 44.26
N GLU P 25 22.09 -48.09 45.27
CA GLU P 25 21.57 -46.75 45.02
C GLU P 25 22.64 -45.82 44.48
N GLU P 26 23.86 -45.98 44.96
CA GLU P 26 24.94 -45.09 44.56
C GLU P 26 25.46 -45.42 43.16
N LEU P 27 25.37 -46.70 42.76
CA LEU P 27 25.78 -47.11 41.43
C LEU P 27 24.79 -46.71 40.34
N GLU P 28 23.65 -46.15 40.71
CA GLU P 28 22.67 -45.65 39.77
C GLU P 28 22.81 -44.16 39.51
N ALA P 29 23.88 -43.54 39.97
CA ALA P 29 24.11 -42.15 39.70
C ALA P 29 24.42 -41.95 38.22
N PRO P 30 24.20 -40.75 37.70
CA PRO P 30 24.64 -40.48 36.33
C PRO P 30 26.13 -40.75 36.20
N ARG P 31 26.52 -41.30 35.05
CA ARG P 31 27.92 -41.67 34.86
C ARG P 31 28.84 -40.48 35.09
N ARG P 32 28.42 -39.28 34.69
CA ARG P 32 29.27 -38.12 34.84
C ARG P 32 29.51 -37.75 36.30
N LYS P 33 28.76 -38.33 37.22
CA LYS P 33 28.89 -38.04 38.65
C LYS P 33 29.18 -39.29 39.48
N ARG P 34 29.62 -40.36 38.84
CA ARG P 34 29.92 -41.59 39.56
C ARG P 34 31.08 -41.39 40.53
N ALA P 35 31.08 -42.17 41.60
CA ALA P 35 32.04 -42.00 42.67
C ALA P 35 33.36 -42.69 42.36
N TYR P 36 34.43 -42.19 42.99
CA TYR P 36 35.78 -42.71 42.85
C TYR P 36 36.54 -42.32 44.11
N ILE P 37 37.68 -42.96 44.33
CA ILE P 37 38.54 -42.58 45.44
C ILE P 37 39.99 -42.88 45.06
N ASN P 38 40.92 -42.08 45.57
CA ASN P 38 42.34 -42.26 45.35
C ASN P 38 42.96 -42.99 46.54
N ILE P 39 44.16 -43.51 46.34
CA ILE P 39 44.82 -44.29 47.38
C ILE P 39 45.15 -43.43 48.59
N TYR P 40 45.52 -42.17 48.37
CA TYR P 40 45.96 -41.33 49.48
C TYR P 40 44.86 -41.10 50.50
N LYS P 41 43.59 -41.05 50.07
CA LYS P 41 42.52 -40.82 51.02
C LYS P 41 42.14 -42.07 51.79
N ILE P 42 42.28 -43.25 51.19
CA ILE P 42 42.08 -44.49 51.93
C ILE P 42 43.10 -44.62 53.04
N ASN P 43 44.33 -44.19 52.78
CA ASN P 43 45.40 -44.28 53.76
C ASN P 43 45.13 -43.37 54.95
N ARG P 44 44.59 -42.18 54.70
CA ARG P 44 44.44 -41.19 55.76
C ARG P 44 43.35 -41.59 56.75
N TYR P 45 42.26 -42.16 56.27
CA TYR P 45 41.06 -42.38 57.06
C TYR P 45 40.83 -43.86 57.33
N SER P 46 41.87 -44.63 57.61
CA SER P 46 41.67 -46.03 57.92
C SER P 46 42.82 -46.53 58.78
N LYS P 47 42.63 -47.71 59.35
CA LYS P 47 43.63 -48.40 60.16
C LYS P 47 43.99 -49.71 59.47
N ALA P 48 44.92 -50.44 60.07
CA ALA P 48 45.38 -51.69 59.48
C ALA P 48 44.29 -52.74 59.47
N ASN P 49 44.22 -53.51 58.39
CA ASN P 49 43.28 -54.62 58.25
C ASN P 49 41.83 -54.14 58.36
N ASP P 50 41.54 -52.98 57.80
CA ASP P 50 40.18 -52.51 57.72
C ASP P 50 39.48 -53.14 56.52
N ILE P 51 38.23 -52.75 56.29
CA ILE P 51 37.50 -53.09 55.08
C ILE P 51 36.90 -51.82 54.51
N ILE P 52 37.31 -51.45 53.30
CA ILE P 52 36.84 -50.25 52.63
C ILE P 52 35.95 -50.70 51.48
N VAL P 53 34.77 -50.11 51.40
CA VAL P 53 33.81 -50.39 50.35
C VAL P 53 33.64 -49.12 49.53
N VAL P 54 34.09 -49.15 48.29
CA VAL P 54 34.01 -48.02 47.38
C VAL P 54 32.92 -48.31 46.36
N PRO P 55 31.95 -47.44 46.19
CA PRO P 55 30.91 -47.68 45.19
C PRO P 55 31.31 -47.25 43.78
N GLY P 56 32.60 -47.11 43.52
CA GLY P 56 33.06 -46.71 42.21
C GLY P 56 34.39 -47.31 41.83
N LYS P 57 35.32 -46.49 41.35
CA LYS P 57 36.62 -46.93 40.89
C LYS P 57 37.70 -46.44 41.83
N VAL P 58 38.71 -47.27 42.07
CA VAL P 58 39.84 -46.92 42.93
C VAL P 58 41.01 -46.53 42.04
N LEU P 59 41.51 -45.32 42.21
CA LEU P 59 42.58 -44.77 41.41
C LEU P 59 43.86 -44.65 42.22
N GLY P 60 44.99 -44.60 41.54
CA GLY P 60 46.28 -44.66 42.19
C GLY P 60 47.07 -43.39 42.43
N VAL P 61 46.49 -42.39 43.08
CA VAL P 61 47.24 -41.22 43.53
C VAL P 61 47.48 -41.37 45.03
N GLY P 62 48.73 -41.18 45.44
CA GLY P 62 49.11 -41.32 46.83
C GLY P 62 49.68 -42.70 47.12
N ASN P 63 50.11 -42.87 48.36
CA ASN P 63 50.75 -44.09 48.82
C ASN P 63 50.00 -44.67 50.01
N LEU P 64 50.24 -45.95 50.26
CA LEU P 64 49.52 -46.70 51.28
C LEU P 64 50.51 -47.28 52.29
N ASP P 65 50.22 -47.10 53.57
CA ASP P 65 51.13 -47.53 54.64
C ASP P 65 50.81 -48.93 55.13
N HIS P 66 49.64 -49.13 55.63
CA HIS P 66 49.10 -50.32 56.28
C HIS P 66 48.34 -51.18 55.29
N PRO P 67 48.23 -52.48 55.55
CA PRO P 67 47.42 -53.35 54.70
C PRO P 67 45.93 -53.20 54.99
N VAL P 68 45.14 -53.09 53.93
CA VAL P 68 43.68 -53.02 54.03
C VAL P 68 43.06 -53.93 52.98
N THR P 69 41.80 -54.27 53.17
CA THR P 69 41.01 -54.95 52.16
C THR P 69 40.04 -53.95 51.55
N VAL P 70 40.05 -53.83 50.23
CA VAL P 70 39.26 -52.84 49.53
C VAL P 70 38.32 -53.54 48.57
N VAL P 71 37.05 -53.14 48.61
CA VAL P 71 35.99 -53.71 47.79
C VAL P 71 35.45 -52.60 46.91
N ALA P 72 35.46 -52.81 45.60
CA ALA P 72 35.11 -51.73 44.69
C ALA P 72 34.61 -52.30 43.37
N LEU P 73 33.97 -51.44 42.59
CA LEU P 73 33.47 -51.84 41.29
C LEU P 73 34.61 -52.18 40.35
N SER P 74 35.64 -51.33 40.30
CA SER P 74 36.77 -51.54 39.43
C SER P 74 38.00 -50.89 40.02
N PHE P 75 39.16 -51.35 39.57
CA PHE P 75 40.45 -50.84 40.01
C PHE P 75 41.27 -50.39 38.82
N SER P 76 41.91 -49.24 38.94
CA SER P 76 42.96 -48.87 38.00
C SER P 76 44.13 -49.83 38.14
N LYS P 77 44.74 -50.21 37.03
CA LYS P 77 45.82 -51.19 37.10
C LYS P 77 47.03 -50.67 37.88
N PRO P 78 47.49 -49.43 37.73
CA PRO P 78 48.47 -48.91 38.70
C PRO P 78 47.98 -48.92 40.12
N ALA P 79 46.69 -48.68 40.35
CA ALA P 79 46.14 -48.67 41.71
C ALA P 79 45.99 -50.06 42.28
N LYS P 80 45.72 -51.07 41.46
CA LYS P 80 45.60 -52.43 41.97
C LYS P 80 46.93 -52.94 42.50
N GLU P 81 48.02 -52.65 41.81
CA GLU P 81 49.33 -53.16 42.23
C GLU P 81 49.93 -52.35 43.37
N LYS P 82 49.48 -51.12 43.59
CA LYS P 82 49.87 -50.41 44.80
C LYS P 82 49.31 -51.09 46.04
N ILE P 83 48.05 -51.54 45.96
CA ILE P 83 47.40 -52.14 47.12
C ILE P 83 48.01 -53.50 47.42
N LEU P 84 48.26 -54.31 46.41
CA LEU P 84 48.81 -55.64 46.65
C LEU P 84 50.25 -55.58 47.13
N ARG P 85 51.01 -54.57 46.70
CA ARG P 85 52.40 -54.47 47.08
C ARG P 85 52.57 -54.08 48.54
N SER P 86 51.57 -53.46 49.16
CA SER P 86 51.61 -53.12 50.56
C SER P 86 50.98 -54.19 51.45
N GLY P 87 50.58 -55.32 50.89
CA GLY P 87 50.06 -56.42 51.68
C GLY P 87 48.56 -56.49 51.77
N GLY P 88 47.82 -55.74 50.97
CA GLY P 88 46.38 -55.71 51.01
C GLY P 88 45.73 -56.77 50.15
N LYS P 89 44.43 -56.60 49.95
CA LYS P 89 43.62 -57.50 49.13
C LYS P 89 42.65 -56.69 48.31
N VAL P 90 42.14 -57.31 47.25
CA VAL P 90 41.15 -56.68 46.38
C VAL P 90 40.05 -57.69 46.08
N MET P 91 38.80 -57.23 46.13
CA MET P 91 37.65 -58.01 45.74
C MET P 91 36.75 -57.18 44.84
N SER P 92 35.90 -57.87 44.09
CA SER P 92 34.85 -57.20 43.34
C SER P 92 33.56 -57.21 44.16
N LEU P 93 32.66 -56.29 43.82
CA LEU P 93 31.37 -56.23 44.51
C LEU P 93 30.59 -57.52 44.34
N TYR P 94 30.86 -58.28 43.27
CA TYR P 94 30.21 -59.57 43.08
C TYR P 94 30.67 -60.58 44.10
N LYS P 95 31.98 -60.66 44.35
CA LYS P 95 32.50 -61.66 45.28
C LYS P 95 32.26 -61.26 46.73
N ALA P 96 32.21 -59.97 47.03
CA ALA P 96 32.01 -59.53 48.41
C ALA P 96 30.66 -59.96 48.96
N ILE P 97 29.66 -60.15 48.11
CA ILE P 97 28.36 -60.62 48.59
C ILE P 97 28.47 -62.03 49.12
N GLN P 98 29.22 -62.90 48.43
CA GLN P 98 29.25 -64.31 48.77
C GLN P 98 30.24 -64.67 49.87
N GLU P 99 31.14 -63.76 50.24
CA GLU P 99 32.20 -64.12 51.17
C GLU P 99 31.66 -64.33 52.58
N LEU P 100 32.20 -65.35 53.26
CA LEU P 100 31.64 -65.78 54.54
C LEU P 100 31.91 -64.77 55.65
N ASN P 101 33.11 -64.20 55.68
CA ASN P 101 33.34 -63.10 56.62
C ASN P 101 32.55 -61.87 56.22
N ASP P 102 32.44 -61.62 54.91
CA ASP P 102 31.62 -60.53 54.40
C ASP P 102 30.13 -60.80 54.57
N PHE P 103 29.74 -62.02 54.96
CA PHE P 103 28.38 -62.23 55.42
C PHE P 103 28.10 -61.46 56.70
N LYS P 104 29.03 -61.49 57.65
CA LYS P 104 28.85 -60.82 58.93
C LYS P 104 30.10 -60.04 59.32
N GLY P 105 30.58 -59.21 58.39
CA GLY P 105 31.80 -58.47 58.64
C GLY P 105 31.65 -57.43 59.73
N LYS P 106 32.78 -57.09 60.36
CA LYS P 106 32.87 -56.04 61.36
C LYS P 106 34.09 -55.17 61.09
N THR P 107 33.97 -53.90 61.45
CA THR P 107 34.91 -52.82 61.09
C THR P 107 34.96 -52.61 59.57
N VAL P 108 33.83 -52.15 59.05
CA VAL P 108 33.64 -51.86 57.64
C VAL P 108 33.38 -50.38 57.46
N ARG P 109 34.06 -49.76 56.51
CA ARG P 109 33.96 -48.33 56.26
C ARG P 109 33.55 -48.10 54.80
N LEU P 110 32.64 -47.16 54.59
CA LEU P 110 32.13 -46.83 53.26
C LEU P 110 32.69 -45.47 52.87
N MET P 111 33.40 -45.42 51.75
CA MET P 111 34.27 -44.29 51.44
C MET P 111 34.07 -43.82 50.00
N LYS P 112 34.32 -42.53 49.79
CA LYS P 112 34.31 -41.93 48.46
C LYS P 112 35.01 -40.58 48.48
N THR Q 1 3.03 29.82 80.48
CA THR Q 1 2.27 28.80 79.77
C THR Q 1 1.00 29.37 79.17
N GLN Q 2 0.67 28.94 77.96
CA GLN Q 2 -0.48 29.51 77.29
C GLN Q 2 -1.39 28.49 76.61
N GLY Q 3 -1.04 27.21 76.58
CA GLY Q 3 -1.95 26.24 76.04
C GLY Q 3 -1.29 25.05 75.39
N PRO Q 4 -1.88 24.58 74.29
CA PRO Q 4 -1.41 23.34 73.67
C PRO Q 4 -0.20 23.49 72.76
N ASN Q 5 0.30 24.70 72.54
CA ASN Q 5 1.48 24.94 71.72
C ASN Q 5 2.73 25.21 72.55
N TYR Q 6 2.65 25.06 73.87
CA TYR Q 6 3.75 25.41 74.76
C TYR Q 6 4.50 24.16 75.17
N ARG Q 7 5.82 24.21 75.08
CA ARG Q 7 6.67 23.11 75.51
C ARG Q 7 7.45 23.52 76.75
N ILE Q 8 7.39 22.69 77.78
CA ILE Q 8 8.03 22.96 79.06
C ILE Q 8 9.46 22.44 79.03
N LYS Q 9 10.40 23.25 79.49
CA LYS Q 9 11.79 22.84 79.56
C LYS Q 9 11.99 21.83 80.68
N PHE Q 10 13.15 21.19 80.69
CA PHE Q 10 13.44 20.19 81.70
C PHE Q 10 13.44 20.82 83.08
N ARG Q 11 13.12 20.01 84.09
CA ARG Q 11 12.94 20.55 85.43
C ARG Q 11 14.22 21.17 85.96
N ARG Q 12 15.34 20.47 85.82
CA ARG Q 12 16.62 21.01 86.28
C ARG Q 12 17.10 22.16 85.41
N ARG Q 13 16.63 22.27 84.17
CA ARG Q 13 16.95 23.43 83.36
C ARG Q 13 16.13 24.64 83.80
N ARG Q 14 14.88 24.42 84.19
CA ARG Q 14 14.06 25.50 84.70
C ARG Q 14 14.61 26.05 86.01
N GLU Q 15 15.09 25.17 86.88
CA GLU Q 15 15.69 25.58 88.14
C GLU Q 15 17.09 26.16 87.97
N GLY Q 16 17.66 26.11 86.77
CA GLY Q 16 19.00 26.59 86.52
C GLY Q 16 20.10 25.80 87.18
N LYS Q 17 20.00 24.47 87.17
CA LYS Q 17 20.94 23.62 87.87
C LYS Q 17 21.80 22.76 86.96
N THR Q 18 21.24 22.21 85.88
CA THR Q 18 21.95 21.25 85.04
C THR Q 18 22.10 21.80 83.62
N ASP Q 19 23.25 21.52 83.01
CA ASP Q 19 23.51 21.86 81.61
C ASP Q 19 23.43 20.56 80.82
N TYR Q 20 22.32 20.37 80.11
CA TYR Q 20 22.05 19.11 79.46
C TYR Q 20 22.80 18.93 78.15
N TYR Q 21 23.39 20.00 77.61
CA TYR Q 21 24.20 19.84 76.41
C TYR Q 21 25.53 19.17 76.73
N THR Q 22 26.13 19.51 77.86
CA THR Q 22 27.33 18.81 78.32
C THR Q 22 26.99 17.43 78.83
N ARG Q 23 25.87 17.29 79.56
CA ARG Q 23 25.49 15.99 80.08
C ARG Q 23 25.22 15.00 78.97
N TYR Q 24 24.74 15.48 77.82
CA TYR Q 24 24.54 14.61 76.66
C TYR Q 24 25.84 13.98 76.21
N THR Q 25 26.93 14.75 76.21
CA THR Q 25 28.22 14.23 75.77
C THR Q 25 28.76 13.16 76.71
N TYR Q 26 28.56 13.33 78.02
CA TYR Q 26 29.04 12.31 78.96
C TYR Q 26 28.35 10.98 78.73
N VAL Q 27 27.04 11.01 78.53
CA VAL Q 27 26.26 9.76 78.43
C VAL Q 27 26.63 8.99 77.18
N ILE Q 28 26.83 9.69 76.07
CA ILE Q 28 27.26 9.04 74.83
C ILE Q 28 28.58 8.32 75.03
N ASN Q 29 29.50 8.94 75.75
CA ASN Q 29 30.84 8.41 75.93
C ASN Q 29 31.00 7.61 77.21
N ASN Q 30 29.93 7.46 77.99
CA ASN Q 30 29.92 6.57 79.16
C ASN Q 30 30.98 6.96 80.18
N ALA Q 31 31.01 8.24 80.53
CA ALA Q 31 32.04 8.74 81.44
C ALA Q 31 31.69 8.44 82.88
N ILE Q 32 32.73 8.24 83.69
CA ILE Q 32 32.62 8.20 85.14
C ILE Q 32 33.07 9.56 85.66
N ARG Q 33 32.18 10.27 86.33
CA ARG Q 33 32.37 11.69 86.58
C ARG Q 33 32.90 11.96 87.98
N PHE Q 34 33.70 13.01 88.09
CA PHE Q 34 34.21 13.55 89.34
C PHE Q 34 33.68 14.97 89.45
N VAL Q 35 32.78 15.22 90.39
CA VAL Q 35 31.89 16.37 90.34
C VAL Q 35 32.19 17.29 91.52
N PRO Q 36 33.03 18.31 91.33
CA PRO Q 36 33.35 19.24 92.41
C PRO Q 36 32.40 20.42 92.56
N ARG Q 37 31.33 20.28 93.33
CA ARG Q 37 30.41 21.40 93.53
C ARG Q 37 30.84 22.29 94.69
N LEU Q 38 30.29 23.50 94.72
CA LEU Q 38 30.56 24.50 95.75
C LEU Q 38 29.26 25.16 96.18
N THR Q 39 29.27 25.72 97.39
CA THR Q 39 28.17 26.53 97.90
C THR Q 39 28.74 27.69 98.71
N ASN Q 40 27.87 28.51 99.31
CA ASN Q 40 28.35 29.68 100.02
C ASN Q 40 29.17 29.36 101.25
N LYS Q 41 29.07 28.14 101.78
CA LYS Q 41 29.77 27.84 103.02
C LYS Q 41 30.53 26.52 103.02
N TYR Q 42 30.33 25.65 102.04
CA TYR Q 42 30.98 24.35 102.05
C TYR Q 42 31.35 23.97 100.62
N VAL Q 43 32.03 22.83 100.49
CA VAL Q 43 32.39 22.27 99.20
C VAL Q 43 31.99 20.81 99.20
N ILE Q 44 31.32 20.37 98.14
CA ILE Q 44 30.77 19.03 98.03
C ILE Q 44 31.43 18.35 96.84
N VAL Q 45 31.86 17.11 97.01
CA VAL Q 45 32.45 16.33 95.94
C VAL Q 45 31.77 14.97 95.90
N SER Q 46 31.39 14.52 94.71
CA SER Q 46 30.82 13.21 94.52
C SER Q 46 31.38 12.59 93.26
N VAL Q 47 31.48 11.27 93.27
CA VAL Q 47 31.94 10.49 92.12
C VAL Q 47 30.79 9.60 91.69
N SER Q 48 30.22 9.90 90.53
CA SER Q 48 28.95 9.34 90.10
C SER Q 48 29.14 8.28 89.04
N LYS Q 49 28.03 7.66 88.66
CA LYS Q 49 27.98 6.63 87.64
C LYS Q 49 26.58 6.59 87.08
N PHE Q 50 26.45 6.50 85.75
CA PHE Q 50 25.15 6.60 85.11
C PHE Q 50 24.30 5.36 85.37
N ASP Q 51 22.99 5.57 85.52
CA ASP Q 51 22.05 4.47 85.65
C ASP Q 51 20.69 4.90 85.11
N GLN Q 52 19.88 3.91 84.74
CA GLN Q 52 18.59 4.17 84.13
C GLN Q 52 17.71 5.03 85.03
N LYS Q 53 17.72 4.74 86.34
CA LYS Q 53 16.82 5.34 87.30
C LYS Q 53 17.45 6.47 88.11
N GLY Q 54 18.69 6.84 87.82
CA GLY Q 54 19.34 7.95 88.49
C GLY Q 54 20.77 7.62 88.82
N ASP Q 55 21.57 8.67 88.99
CA ASP Q 55 23.01 8.51 89.18
C ASP Q 55 23.32 7.75 90.47
N ILE Q 56 24.28 6.83 90.37
CA ILE Q 56 24.75 6.06 91.52
C ILE Q 56 26.02 6.70 92.03
N MET Q 57 26.05 7.00 93.33
CA MET Q 57 27.25 7.58 93.94
C MET Q 57 28.23 6.48 94.29
N ILE Q 58 29.47 6.64 93.86
CA ILE Q 58 30.52 5.69 94.20
C ILE Q 58 31.28 6.14 95.44
N ALA Q 59 31.55 7.43 95.54
CA ALA Q 59 32.20 8.00 96.72
C ALA Q 59 31.65 9.40 96.94
N TYR Q 60 31.72 9.86 98.19
CA TYR Q 60 31.19 11.15 98.57
C TYR Q 60 32.13 11.80 99.58
N ALA Q 61 32.13 13.12 99.61
CA ALA Q 61 32.96 13.85 100.56
C ALA Q 61 32.38 15.24 100.75
N HIS Q 62 32.38 15.70 102.00
CA HIS Q 62 31.82 16.99 102.34
C HIS Q 62 32.82 17.77 103.19
N SER Q 63 32.73 19.09 103.13
CA SER Q 63 33.64 19.93 103.89
C SER Q 63 33.25 20.04 105.36
N ILE Q 64 32.01 19.70 105.72
CA ILE Q 64 31.61 19.72 107.11
C ILE Q 64 32.35 18.66 107.90
N GLU Q 65 32.74 17.55 107.25
CA GLU Q 65 33.44 16.50 107.96
C GLU Q 65 34.94 16.70 107.98
N LEU Q 66 35.41 17.86 107.49
CA LEU Q 66 36.77 18.28 107.78
C LEU Q 66 36.90 18.76 109.22
N VAL Q 67 35.86 19.44 109.72
CA VAL Q 67 35.93 19.99 111.08
C VAL Q 67 35.46 19.00 112.14
N LYS Q 68 34.62 18.02 111.77
CA LYS Q 68 34.08 17.07 112.72
C LYS Q 68 34.86 15.77 112.77
N LYS Q 69 35.90 15.61 111.96
CA LYS Q 69 36.67 14.38 111.94
C LYS Q 69 38.17 14.58 111.93
N TYR Q 70 38.67 15.74 111.51
CA TYR Q 70 40.11 15.97 111.42
C TYR Q 70 40.54 17.30 112.02
N GLY Q 71 39.64 18.00 112.72
CA GLY Q 71 40.00 19.21 113.42
C GLY Q 71 40.44 20.36 112.55
N TRP Q 72 39.83 20.54 111.39
CA TRP Q 72 40.07 21.73 110.59
C TRP Q 72 39.58 22.95 111.34
N LYS Q 73 40.31 24.06 111.22
CA LYS Q 73 40.01 25.26 111.97
C LYS Q 73 39.78 26.50 111.11
N GLY Q 74 40.21 26.49 109.85
CA GLY Q 74 40.00 27.63 108.99
C GLY Q 74 38.62 27.63 108.38
N ASP Q 75 38.44 28.50 107.38
CA ASP Q 75 37.18 28.54 106.67
C ASP Q 75 36.95 27.23 105.93
N THR Q 76 35.68 26.91 105.70
CA THR Q 76 35.29 25.64 105.12
C THR Q 76 35.12 25.68 103.61
N ASN Q 77 35.29 26.85 102.98
CA ASN Q 77 35.10 26.92 101.54
C ASN Q 77 36.12 27.84 100.87
N ASN Q 78 37.33 27.92 101.40
CA ASN Q 78 38.39 28.66 100.74
C ASN Q 78 39.30 27.67 100.01
N THR Q 79 40.35 28.20 99.36
CA THR Q 79 41.18 27.37 98.51
C THR Q 79 41.88 26.25 99.26
N PRO Q 80 42.49 26.46 100.43
CA PRO Q 80 43.03 25.31 101.16
C PRO Q 80 41.99 24.28 101.56
N ALA Q 81 40.75 24.71 101.83
CA ALA Q 81 39.71 23.74 102.16
C ALA Q 81 39.22 23.01 100.93
N ALA Q 82 39.24 23.67 99.76
CA ALA Q 82 38.88 22.98 98.52
C ALA Q 82 39.88 21.88 98.20
N TYR Q 83 41.18 22.13 98.41
CA TYR Q 83 42.18 21.10 98.18
C TYR Q 83 41.98 19.92 99.12
N LEU Q 84 41.70 20.19 100.40
CA LEU Q 84 41.61 19.12 101.38
C LEU Q 84 40.40 18.23 101.13
N THR Q 85 39.27 18.81 100.74
CA THR Q 85 38.10 18.00 100.41
C THR Q 85 38.36 17.14 99.18
N GLY Q 86 39.01 17.70 98.17
CA GLY Q 86 39.34 16.92 96.98
C GLY Q 86 40.29 15.78 97.29
N TYR Q 87 41.29 16.03 98.13
CA TYR Q 87 42.21 14.97 98.52
C TYR Q 87 41.49 13.84 99.22
N LEU Q 88 40.56 14.18 100.12
CA LEU Q 88 39.78 13.15 100.80
C LEU Q 88 38.90 12.38 99.84
N ALA Q 89 38.29 13.07 98.88
CA ALA Q 89 37.42 12.41 97.92
C ALA Q 89 38.20 11.40 97.07
N GLY Q 90 39.40 11.77 96.63
CA GLY Q 90 40.19 10.84 95.84
C GLY Q 90 40.58 9.59 96.59
N LEU Q 91 40.85 9.72 97.89
CA LEU Q 91 41.21 8.56 98.70
C LEU Q 91 40.04 7.60 98.81
N ARG Q 92 38.82 8.11 98.98
CA ARG Q 92 37.65 7.25 99.07
C ARG Q 92 37.36 6.59 97.74
N ALA Q 93 37.52 7.31 96.63
CA ALA Q 93 37.23 6.75 95.32
C ALA Q 93 38.22 5.64 94.97
N VAL Q 94 39.51 5.88 95.19
CA VAL Q 94 40.52 4.88 94.86
C VAL Q 94 40.33 3.62 95.70
N LYS Q 95 40.04 3.80 96.99
CA LYS Q 95 39.76 2.65 97.84
C LYS Q 95 38.49 1.93 97.41
N SER Q 96 37.54 2.65 96.82
CA SER Q 96 36.30 2.03 96.38
C SER Q 96 36.49 1.20 95.12
N GLY Q 97 37.46 1.55 94.28
CA GLY Q 97 37.73 0.75 93.11
C GLY Q 97 38.07 1.52 91.84
N VAL Q 98 37.57 2.73 91.69
CA VAL Q 98 37.82 3.49 90.48
C VAL Q 98 39.22 4.07 90.53
N LYS Q 99 39.89 4.10 89.38
CA LYS Q 99 41.23 4.65 89.28
C LYS Q 99 41.34 5.83 88.34
N ALA Q 100 40.35 6.05 87.48
CA ALA Q 100 40.33 7.20 86.59
C ALA Q 100 38.91 7.75 86.52
N ALA Q 101 38.80 9.05 86.25
CA ALA Q 101 37.51 9.71 86.22
C ALA Q 101 37.62 10.96 85.37
N VAL Q 102 36.47 11.54 85.04
CA VAL Q 102 36.36 12.70 84.17
C VAL Q 102 35.78 13.86 84.97
N SER Q 103 36.42 15.02 84.88
CA SER Q 103 35.96 16.17 85.64
C SER Q 103 34.64 16.70 85.10
N ASP Q 104 33.74 17.09 86.01
CA ASP Q 104 32.43 17.64 85.69
C ASP Q 104 32.28 18.98 86.40
N ILE Q 105 32.63 20.07 85.73
CA ILE Q 105 32.58 21.38 86.37
C ILE Q 105 31.14 21.81 86.63
N GLY Q 106 30.24 21.53 85.70
CA GLY Q 106 28.86 21.95 85.83
C GLY Q 106 28.65 23.31 85.21
N LEU Q 107 28.06 24.23 85.98
CA LEU Q 107 27.84 25.59 85.53
C LEU Q 107 28.83 26.59 86.11
N PHE Q 108 29.92 26.11 86.70
CA PHE Q 108 30.95 27.00 87.21
C PHE Q 108 31.91 27.38 86.09
N VAL Q 109 32.54 28.54 86.25
CA VAL Q 109 33.49 29.04 85.26
C VAL Q 109 34.89 28.50 85.56
N PRO Q 110 35.55 27.86 84.61
CA PRO Q 110 36.88 27.29 84.88
C PRO Q 110 37.99 28.31 84.86
N VAL Q 111 38.24 28.96 85.98
CA VAL Q 111 39.27 29.98 86.11
C VAL Q 111 40.54 29.34 86.66
N LYS Q 112 41.69 29.79 86.18
CA LYS Q 112 42.97 29.25 86.64
C LYS Q 112 43.26 29.72 88.06
N GLY Q 113 43.70 28.79 88.90
CA GLY Q 113 44.00 29.11 90.28
C GLY Q 113 42.80 29.20 91.19
N GLY Q 114 41.61 28.84 90.72
CA GLY Q 114 40.40 28.93 91.52
C GLY Q 114 40.17 27.70 92.36
N ARG Q 115 39.04 27.72 93.06
CA ARG Q 115 38.71 26.64 93.98
C ARG Q 115 38.35 25.35 93.27
N ILE Q 116 37.70 25.43 92.11
CA ILE Q 116 37.31 24.21 91.40
C ILE Q 116 38.54 23.44 90.95
N PHE Q 117 39.52 24.14 90.39
CA PHE Q 117 40.75 23.48 89.99
C PHE Q 117 41.56 23.01 91.19
N ALA Q 118 41.39 23.65 92.35
CA ALA Q 118 42.03 23.17 93.56
C ALA Q 118 41.48 21.80 93.97
N VAL Q 119 40.18 21.59 93.82
CA VAL Q 119 39.59 20.30 94.16
C VAL Q 119 40.13 19.21 93.25
N ILE Q 120 40.24 19.51 91.95
CA ILE Q 120 40.75 18.53 91.00
C ILE Q 120 42.19 18.15 91.33
N LYS Q 121 43.02 19.15 91.63
CA LYS Q 121 44.42 18.89 91.93
C LYS Q 121 44.56 18.04 93.17
N GLY Q 122 43.76 18.33 94.20
CA GLY Q 122 43.81 17.52 95.41
C GLY Q 122 43.54 16.06 95.14
N ALA Q 123 42.56 15.78 94.27
CA ALA Q 123 42.24 14.40 93.95
C ALA Q 123 43.34 13.72 93.16
N ILE Q 124 44.07 14.48 92.34
CA ILE Q 124 45.18 13.91 91.57
C ILE Q 124 46.28 13.44 92.50
N ASP Q 125 46.62 14.25 93.51
CA ASP Q 125 47.65 13.85 94.47
C ASP Q 125 47.22 12.64 95.27
N ALA Q 126 45.92 12.48 95.52
CA ALA Q 126 45.44 11.32 96.25
C ALA Q 126 45.58 10.04 95.44
N GLY Q 127 45.70 10.13 94.12
CA GLY Q 127 45.91 8.95 93.31
C GLY Q 127 44.86 8.70 92.25
N LEU Q 128 43.93 9.62 92.08
CA LEU Q 128 42.87 9.49 91.08
C LEU Q 128 43.33 10.14 89.78
N LYS Q 129 43.41 9.36 88.72
CA LYS Q 129 43.89 9.84 87.42
C LYS Q 129 42.76 10.59 86.72
N VAL Q 130 42.73 11.90 86.88
CA VAL Q 130 41.77 12.78 86.24
C VAL Q 130 42.50 13.53 85.14
N PRO Q 131 42.16 13.34 83.87
CA PRO Q 131 42.83 14.09 82.81
C PRO Q 131 42.65 15.58 83.02
N VAL Q 132 43.72 16.33 82.80
CA VAL Q 132 43.73 17.75 83.11
C VAL Q 132 44.69 18.44 82.16
N GLY Q 133 44.41 19.70 81.87
CA GLY Q 133 45.31 20.49 81.08
C GLY Q 133 46.44 21.04 81.92
N ASP Q 134 47.44 21.59 81.25
CA ASP Q 134 48.60 22.12 81.94
C ASP Q 134 48.34 23.48 82.56
N LEU Q 135 47.07 23.84 82.71
CA LEU Q 135 46.67 25.15 83.19
C LEU Q 135 45.81 25.04 84.45
N GLY Q 136 46.26 24.23 85.40
CA GLY Q 136 45.57 24.09 86.67
C GLY Q 136 45.77 25.28 87.59
N LYS Q 137 45.73 25.00 88.89
CA LYS Q 137 45.81 26.03 89.93
C LYS Q 137 47.26 26.49 90.12
N LEU Q 138 47.49 27.23 91.21
CA LEU Q 138 48.81 27.67 91.62
C LEU Q 138 49.12 27.11 93.01
N LYS Q 139 50.39 26.78 93.23
CA LYS Q 139 50.79 26.06 94.45
C LYS Q 139 50.91 26.96 95.68
N ASP Q 140 50.91 28.29 95.51
CA ASP Q 140 50.94 29.18 96.66
C ASP Q 140 49.55 29.44 97.23
N ARG Q 141 48.50 28.99 96.55
CA ARG Q 141 47.14 29.18 97.00
C ARG Q 141 46.66 28.02 97.85
N VAL Q 142 47.17 26.82 97.60
CA VAL Q 142 46.69 25.63 98.27
C VAL Q 142 46.99 25.68 99.76
N ASN Q 143 48.19 26.14 100.14
CA ASN Q 143 48.52 26.21 101.55
C ASN Q 143 47.95 27.45 102.23
N GLY Q 144 47.34 28.36 101.48
CA GLY Q 144 46.77 29.54 102.10
C GLY Q 144 47.74 30.66 102.33
N SER Q 145 48.85 30.72 101.58
CA SER Q 145 49.82 31.78 101.76
C SER Q 145 49.21 33.14 101.44
N HIS Q 146 48.25 33.20 100.52
CA HIS Q 146 47.62 34.47 100.19
C HIS Q 146 46.73 34.96 101.31
N ILE Q 147 46.15 34.05 102.10
CA ILE Q 147 45.33 34.45 103.23
C ILE Q 147 46.19 35.04 104.34
N SER Q 148 47.32 34.41 104.62
CA SER Q 148 48.20 34.87 105.69
C SER Q 148 48.73 36.28 105.41
N ALA Q 149 49.08 36.55 104.15
CA ALA Q 149 49.55 37.88 103.80
C ALA Q 149 48.48 38.93 104.07
N TYR Q 150 47.22 38.62 103.76
CA TYR Q 150 46.14 39.56 104.05
C TYR Q 150 45.98 39.77 105.54
N ALA Q 151 46.09 38.70 106.32
CA ALA Q 151 46.01 38.83 107.78
C ALA Q 151 47.19 39.61 108.33
N GLN Q 152 48.38 39.39 107.76
CA GLN Q 152 49.58 40.09 108.20
C GLN Q 152 49.54 41.58 107.91
N LYS Q 153 48.59 42.04 107.10
CA LYS Q 153 48.39 43.47 106.89
C LYS Q 153 47.39 44.07 107.87
N LEU Q 154 47.26 43.47 109.07
CA LEU Q 154 46.42 44.01 110.12
C LEU Q 154 46.93 45.34 110.67
N LYS Q 155 48.18 45.71 110.36
CA LYS Q 155 48.82 46.85 111.00
C LYS Q 155 48.15 48.17 110.70
N ASN Q 156 47.44 48.28 109.58
CA ASN Q 156 46.82 49.54 109.18
C ASN Q 156 45.37 49.64 109.61
N GLU Q 157 44.56 48.63 109.29
CA GLU Q 157 43.13 48.70 109.54
C GLU Q 157 42.73 48.14 110.89
N ASN Q 158 43.69 47.83 111.77
CA ASN Q 158 43.47 47.48 113.17
C ASN Q 158 42.50 46.32 113.37
N GLN Q 159 42.25 45.54 112.31
CA GLN Q 159 41.33 44.42 112.38
C GLN Q 159 41.97 43.20 111.75
N GLU Q 160 42.04 42.12 112.50
CA GLU Q 160 42.50 40.86 111.93
C GLU Q 160 41.43 40.28 111.01
N LEU Q 161 41.85 39.38 110.13
CA LEU Q 161 40.95 38.81 109.14
C LEU Q 161 39.84 38.01 109.81
N TYR Q 162 40.20 36.94 110.50
CA TYR Q 162 39.20 36.02 111.04
C TYR Q 162 38.47 36.64 112.22
N ASN Q 163 37.47 37.47 111.95
CA ASN Q 163 36.54 37.80 113.01
C ASN Q 163 35.90 36.51 113.52
N LYS Q 164 35.48 36.52 114.78
CA LYS Q 164 34.92 35.30 115.36
C LYS Q 164 33.69 34.86 114.60
N LEU Q 165 33.55 33.56 114.43
CA LEU Q 165 32.51 32.96 113.59
C LEU Q 165 31.16 33.00 114.31
N PHE Q 166 30.18 32.26 113.80
CA PHE Q 166 28.85 32.25 114.40
C PHE Q 166 28.90 31.81 115.86
N SER Q 167 29.66 30.74 116.15
CA SER Q 167 29.77 30.22 117.51
C SER Q 167 31.20 30.22 118.02
N SER Q 168 32.15 30.80 117.27
CA SER Q 168 33.53 30.89 117.70
C SER Q 168 33.78 31.96 118.74
N TYR Q 169 32.71 32.52 119.34
CA TYR Q 169 32.89 33.58 120.32
C TYR Q 169 33.67 33.09 121.53
N ILE Q 170 33.36 31.88 122.00
CA ILE Q 170 33.97 31.36 123.23
C ILE Q 170 34.53 29.96 123.01
N GLN Q 171 34.68 29.55 121.75
CA GLN Q 171 35.10 28.18 121.50
C GLN Q 171 36.32 28.06 120.58
N ARG Q 172 36.46 28.94 119.59
CA ARG Q 172 37.48 28.77 118.56
C ARG Q 172 38.46 29.93 118.55
N GLY Q 173 39.74 29.60 118.71
CA GLY Q 173 40.84 30.54 118.63
C GLY Q 173 41.37 30.69 117.22
N LEU Q 174 40.64 31.43 116.38
CA LEU Q 174 41.07 31.67 115.01
C LEU Q 174 42.45 32.34 115.01
N ASP Q 175 43.36 31.80 114.19
CA ASP Q 175 44.69 32.38 114.01
C ASP Q 175 45.00 32.42 112.52
N PRO Q 176 44.53 33.44 111.81
CA PRO Q 176 44.69 33.46 110.34
C PRO Q 176 46.14 33.47 109.88
N VAL Q 177 47.04 34.10 110.63
CA VAL Q 177 48.42 34.25 110.14
C VAL Q 177 49.11 32.89 110.06
N LEU Q 178 48.99 32.07 111.09
CA LEU Q 178 49.62 30.75 111.07
C LEU Q 178 48.70 29.72 110.42
N LEU Q 179 48.18 30.06 109.24
CA LEU Q 179 47.29 29.17 108.51
C LEU Q 179 48.06 28.09 107.76
N PRO Q 180 49.11 28.43 106.98
CA PRO Q 180 49.82 27.37 106.25
C PRO Q 180 50.41 26.31 107.16
N GLN Q 181 50.87 26.69 108.36
CA GLN Q 181 51.39 25.69 109.30
C GLN Q 181 50.30 24.74 109.75
N HIS Q 182 49.09 25.26 109.98
CA HIS Q 182 47.96 24.41 110.35
C HIS Q 182 47.51 23.52 109.20
N PHE Q 183 47.87 23.86 107.97
CA PHE Q 183 47.40 23.11 106.81
C PHE Q 183 47.99 21.70 106.77
N GLU Q 184 49.31 21.57 106.95
CA GLU Q 184 49.94 20.27 106.74
C GLU Q 184 49.66 19.30 107.86
N GLU Q 185 49.46 19.78 109.09
CA GLU Q 185 49.12 18.86 110.17
C GLU Q 185 47.76 18.22 109.94
N VAL Q 186 46.82 18.96 109.36
CA VAL Q 186 45.56 18.37 108.95
C VAL Q 186 45.77 17.45 107.74
N LEU Q 187 46.57 17.89 106.77
CA LEU Q 187 46.82 17.07 105.59
C LEU Q 187 47.50 15.76 105.96
N ASN Q 188 48.46 15.80 106.88
CA ASN Q 188 49.10 14.57 107.33
C ASN Q 188 48.14 13.68 108.10
N LYS Q 189 47.10 14.26 108.68
CA LYS Q 189 46.17 13.47 109.48
C LYS Q 189 45.24 12.65 108.59
N ILE Q 190 44.80 13.22 107.47
CA ILE Q 190 43.98 12.44 106.54
C ILE Q 190 44.85 11.52 105.69
N LYS Q 191 46.10 11.91 105.44
CA LYS Q 191 46.99 11.06 104.66
C LYS Q 191 47.28 9.74 105.35
N GLU Q 192 47.10 9.66 106.65
CA GLU Q 192 47.24 8.42 107.39
C GLU Q 192 45.88 7.95 107.87
N ASN Q 193 45.61 6.65 107.71
CA ASN Q 193 44.33 6.09 108.12
C ASN Q 193 44.52 4.70 108.71
N PRO R 1 -14.73 -29.09 -60.88
CA PRO R 1 -15.35 -28.28 -61.93
C PRO R 1 -14.66 -26.94 -62.17
N GLU R 2 -13.52 -26.71 -61.52
CA GLU R 2 -12.83 -25.42 -61.61
C GLU R 2 -12.03 -25.36 -62.90
N PHE R 3 -12.24 -24.31 -63.69
CA PHE R 3 -11.40 -24.03 -64.85
C PHE R 3 -11.09 -22.54 -64.95
N GLN R 4 -10.52 -21.99 -63.88
CA GLN R 4 -9.95 -20.65 -63.93
C GLN R 4 -8.70 -20.55 -64.79
N LEU R 5 -8.11 -21.68 -65.19
CA LEU R 5 -6.99 -21.65 -66.12
C LEU R 5 -7.42 -21.20 -67.50
N GLN R 6 -8.57 -21.68 -67.98
CA GLN R 6 -9.04 -21.33 -69.31
C GLN R 6 -9.49 -19.87 -69.37
N ARG R 7 -10.09 -19.37 -68.30
CA ARG R 7 -10.51 -17.98 -68.27
C ARG R 7 -9.31 -17.06 -68.25
N ARG R 8 -8.24 -17.47 -67.57
CA ARG R 8 -7.03 -16.66 -67.48
C ARG R 8 -6.28 -16.63 -68.80
N LEU R 9 -6.13 -17.78 -69.44
CA LEU R 9 -5.43 -17.84 -70.71
C LEU R 9 -6.19 -17.13 -71.82
N ALA R 10 -7.51 -17.12 -71.77
CA ALA R 10 -8.29 -16.50 -72.83
C ALA R 10 -8.28 -14.99 -72.76
N ALA R 11 -8.15 -14.43 -71.56
CA ALA R 11 -8.29 -12.98 -71.41
C ALA R 11 -7.07 -12.24 -71.94
N ASP R 12 -5.89 -12.83 -71.90
CA ASP R 12 -4.71 -12.16 -72.42
C ASP R 12 -4.45 -12.47 -73.88
N ILE R 13 -4.90 -13.62 -74.37
CA ILE R 13 -4.91 -13.85 -75.81
C ILE R 13 -5.83 -12.85 -76.49
N ALA R 14 -7.00 -12.61 -75.92
CA ALA R 14 -7.95 -11.66 -76.47
C ALA R 14 -7.66 -10.23 -76.08
N GLY R 15 -6.82 -10.00 -75.09
CA GLY R 15 -6.51 -8.65 -74.66
C GLY R 15 -7.66 -7.89 -74.04
N VAL R 16 -8.53 -8.56 -73.30
CA VAL R 16 -9.65 -7.91 -72.64
C VAL R 16 -9.59 -8.20 -71.15
N GLY R 17 -10.51 -7.62 -70.40
CA GLY R 17 -10.63 -7.95 -69.00
C GLY R 17 -11.06 -9.38 -68.78
N LEU R 18 -10.65 -9.93 -67.65
CA LEU R 18 -10.94 -11.31 -67.34
C LEU R 18 -12.44 -11.52 -67.11
N ASN R 19 -13.18 -10.45 -66.88
CA ASN R 19 -14.63 -10.48 -66.73
C ASN R 19 -15.36 -10.31 -68.06
N ASN R 20 -14.63 -10.16 -69.17
CA ASN R 20 -15.23 -10.08 -70.49
C ASN R 20 -15.26 -11.43 -71.20
N ILE R 21 -14.83 -12.49 -70.56
CA ILE R 21 -14.71 -13.80 -71.17
C ILE R 21 -15.87 -14.67 -70.69
N LYS R 22 -16.71 -15.10 -71.62
CA LYS R 22 -17.86 -15.93 -71.30
C LYS R 22 -17.78 -17.23 -72.08
N PHE R 23 -18.13 -18.33 -71.44
CA PHE R 23 -18.12 -19.63 -72.06
C PHE R 23 -19.49 -19.96 -72.67
N ASN R 24 -19.49 -20.92 -73.58
CA ASN R 24 -20.72 -21.40 -74.18
C ASN R 24 -21.30 -22.51 -73.33
N PRO R 25 -22.49 -22.35 -72.76
CA PRO R 25 -23.02 -23.37 -71.84
C PRO R 25 -23.20 -24.73 -72.49
N GLU R 26 -23.47 -24.76 -73.80
CA GLU R 26 -23.73 -26.01 -74.48
C GLU R 26 -22.47 -26.74 -74.92
N ARG R 27 -21.30 -26.12 -74.80
CA ARG R 27 -20.04 -26.70 -75.25
C ARG R 27 -18.99 -26.62 -74.15
N LEU R 28 -19.39 -26.86 -72.91
CA LEU R 28 -18.44 -26.77 -71.81
C LEU R 28 -17.53 -27.99 -71.71
N GLU R 29 -17.98 -29.15 -72.19
CA GLU R 29 -17.10 -30.32 -72.19
C GLU R 29 -15.90 -30.12 -73.09
N GLU R 30 -15.99 -29.21 -74.05
CA GLU R 30 -14.91 -28.92 -74.97
C GLU R 30 -13.95 -27.88 -74.41
N VAL R 31 -14.48 -26.89 -73.68
CA VAL R 31 -13.63 -25.92 -72.99
C VAL R 31 -12.85 -26.59 -71.87
N GLU R 32 -13.44 -27.58 -71.22
CA GLU R 32 -12.79 -28.25 -70.10
C GLU R 32 -11.57 -29.06 -70.52
N GLU R 33 -11.48 -29.42 -71.80
CA GLU R 33 -10.37 -30.22 -72.29
C GLU R 33 -9.20 -29.40 -72.78
N ALA R 34 -9.30 -28.08 -72.76
CA ALA R 34 -8.23 -27.22 -73.26
C ALA R 34 -7.17 -27.03 -72.18
N LEU R 35 -5.92 -27.27 -72.53
CA LEU R 35 -4.82 -27.16 -71.59
C LEU R 35 -3.75 -26.18 -72.00
N THR R 36 -3.60 -25.89 -73.29
CA THR R 36 -2.53 -25.09 -73.82
C THR R 36 -3.08 -23.79 -74.38
N ARG R 37 -2.17 -22.88 -74.72
CA ARG R 37 -2.58 -21.63 -75.33
C ARG R 37 -2.95 -21.81 -76.79
N GLU R 38 -2.54 -22.91 -77.41
CA GLU R 38 -2.99 -23.22 -78.77
C GLU R 38 -4.42 -23.72 -78.76
N ASP R 39 -4.80 -24.50 -77.74
CA ASP R 39 -6.18 -24.97 -77.62
C ASP R 39 -7.14 -23.80 -77.46
N ILE R 40 -6.78 -22.82 -76.63
CA ILE R 40 -7.67 -21.72 -76.34
C ILE R 40 -7.86 -20.83 -77.56
N LYS R 41 -6.81 -20.65 -78.36
CA LYS R 41 -6.93 -19.82 -79.55
C LYS R 41 -7.92 -20.41 -80.55
N LYS R 42 -8.01 -21.74 -80.60
CA LYS R 42 -8.94 -22.38 -81.52
C LYS R 42 -10.38 -22.23 -81.06
N LEU R 43 -10.61 -22.30 -79.75
CA LEU R 43 -11.97 -22.16 -79.22
C LEU R 43 -12.53 -20.77 -79.46
N ILE R 44 -11.70 -19.74 -79.33
CA ILE R 44 -12.17 -18.39 -79.62
C ILE R 44 -12.61 -18.29 -81.07
N LYS R 45 -11.94 -19.01 -81.96
CA LYS R 45 -12.33 -18.99 -83.37
C LYS R 45 -13.59 -19.80 -83.61
N GLU R 46 -13.76 -20.92 -82.90
CA GLU R 46 -14.93 -21.77 -83.05
C GLU R 46 -16.11 -21.32 -82.20
N ARG R 47 -16.03 -20.12 -81.62
CA ARG R 47 -17.13 -19.52 -80.87
C ARG R 47 -17.50 -20.30 -79.62
N ALA R 48 -16.64 -21.22 -79.15
CA ALA R 48 -16.89 -21.87 -77.86
C ALA R 48 -16.60 -20.93 -76.71
N VAL R 49 -15.70 -19.97 -76.91
CA VAL R 49 -15.38 -18.94 -75.94
C VAL R 49 -15.77 -17.61 -76.56
N ILE R 50 -16.64 -16.88 -75.90
CA ILE R 50 -17.12 -15.60 -76.40
C ILE R 50 -16.32 -14.48 -75.74
N VAL R 51 -15.96 -13.48 -76.53
CA VAL R 51 -15.23 -12.32 -76.06
C VAL R 51 -16.15 -11.11 -76.17
N ASN R 52 -16.45 -10.49 -75.04
CA ASN R 52 -17.33 -9.33 -75.07
C ASN R 52 -16.52 -8.08 -75.34
N PRO R 53 -17.02 -7.14 -76.15
CA PRO R 53 -16.30 -5.90 -76.37
C PRO R 53 -16.51 -4.93 -75.22
N LYS R 54 -15.64 -3.93 -75.16
CA LYS R 54 -15.78 -2.89 -74.15
C LYS R 54 -16.79 -1.85 -74.61
N ARG R 55 -17.51 -1.28 -73.64
CA ARG R 55 -18.59 -0.34 -73.92
C ARG R 55 -18.10 1.10 -73.80
N GLY R 56 -19.02 2.02 -74.02
CA GLY R 56 -18.76 3.43 -73.86
C GLY R 56 -20.03 4.12 -73.41
N ILE R 57 -19.90 5.38 -73.07
CA ILE R 57 -21.05 6.15 -72.61
C ILE R 57 -21.68 6.81 -73.83
N SER R 58 -23.00 6.65 -73.97
CA SER R 58 -23.71 7.26 -75.07
C SER R 58 -23.53 8.77 -75.05
N SER R 59 -23.40 9.36 -76.23
CA SER R 59 -23.15 10.79 -76.35
C SER R 59 -24.33 11.57 -76.85
N GLY R 60 -25.50 10.95 -76.98
CA GLY R 60 -26.66 11.66 -77.50
C GLY R 60 -27.10 12.82 -76.60
N ARG R 61 -27.16 12.58 -75.29
CA ARG R 61 -27.56 13.65 -74.38
C ARG R 61 -26.52 14.76 -74.32
N LEU R 62 -25.24 14.40 -74.36
CA LEU R 62 -24.17 15.39 -74.26
C LEU R 62 -24.08 16.26 -75.50
N LYS R 63 -24.32 15.69 -76.68
CA LYS R 63 -24.23 16.48 -77.90
C LYS R 63 -25.35 17.50 -78.01
N GLU R 64 -26.56 17.12 -77.57
CA GLU R 64 -27.68 18.06 -77.63
C GLU R 64 -27.55 19.16 -76.59
N ARG R 65 -27.06 18.83 -75.41
CA ARG R 65 -26.90 19.85 -74.37
C ARG R 65 -25.78 20.81 -74.69
N LYS R 66 -24.73 20.34 -75.37
CA LYS R 66 -23.62 21.21 -75.74
C LYS R 66 -24.01 22.15 -76.87
N HIS R 67 -24.83 21.68 -77.82
CA HIS R 67 -25.26 22.54 -78.91
C HIS R 67 -26.13 23.69 -78.42
N LYS R 68 -27.07 23.41 -77.50
CA LYS R 68 -27.90 24.46 -76.93
C LYS R 68 -27.07 25.47 -76.16
N ARG R 69 -26.10 24.98 -75.40
CA ARG R 69 -25.20 25.84 -74.64
C ARG R 69 -24.41 26.78 -75.54
N ARG R 70 -24.08 26.34 -76.75
CA ARG R 70 -23.24 27.14 -77.64
C ARG R 70 -24.03 28.22 -78.36
N SER R 71 -25.20 27.88 -78.90
CA SER R 71 -25.90 28.75 -79.82
C SER R 71 -27.00 29.60 -79.18
N LYS R 72 -27.75 29.07 -78.23
CA LYS R 72 -28.79 29.85 -77.57
C LYS R 72 -28.35 30.39 -76.22
N GLY R 73 -27.19 30.01 -75.72
CA GLY R 73 -26.74 30.47 -74.43
C GLY R 73 -27.37 29.78 -73.25
N GLU R 74 -28.02 28.65 -73.47
CA GLU R 74 -28.79 28.00 -72.42
C GLU R 74 -27.89 27.14 -71.55
N GLY R 75 -27.94 27.37 -70.23
CA GLY R 75 -27.11 26.66 -69.29
C GLY R 75 -25.78 27.32 -68.99
N ARG R 76 -25.48 28.43 -69.63
CA ARG R 76 -24.25 29.18 -69.42
C ARG R 76 -24.42 30.32 -68.43
N LYS R 77 -25.63 30.57 -67.95
CA LYS R 77 -25.93 31.82 -67.28
C LYS R 77 -25.65 31.74 -65.79
N HIS R 78 -25.85 32.86 -65.12
CA HIS R 78 -25.21 33.01 -63.82
C HIS R 78 -25.87 32.25 -62.72
N GLY R 79 -26.83 31.39 -62.96
CA GLY R 79 -27.27 30.42 -61.98
C GLY R 79 -26.60 29.08 -62.09
N SER R 80 -25.71 28.93 -63.06
CA SER R 80 -25.00 27.69 -63.31
C SER R 80 -23.51 27.77 -62.99
N ARG R 81 -22.98 28.95 -62.71
CA ARG R 81 -21.56 29.16 -62.49
C ARG R 81 -21.23 28.97 -61.02
N LYS R 82 -20.38 27.99 -60.72
CA LYS R 82 -19.94 27.75 -59.36
C LYS R 82 -18.60 28.38 -59.03
N GLY R 83 -17.72 28.53 -60.02
CA GLY R 83 -16.39 29.03 -59.79
C GLY R 83 -16.27 30.51 -59.98
N LYS R 84 -15.11 31.03 -59.58
CA LYS R 84 -14.87 32.46 -59.62
C LYS R 84 -14.66 32.95 -61.05
N SER R 85 -14.74 34.26 -61.23
CA SER R 85 -14.62 34.82 -62.57
C SER R 85 -13.25 34.52 -63.18
N GLY R 86 -12.19 34.68 -62.39
CA GLY R 86 -10.86 34.42 -62.90
C GLY R 86 -10.52 32.96 -63.10
N ALA R 87 -11.29 32.06 -62.50
CA ALA R 87 -11.09 30.65 -62.76
C ALA R 87 -11.83 30.17 -64.01
N ARG R 88 -12.70 31.00 -64.57
CA ARG R 88 -13.36 30.72 -65.83
C ARG R 88 -12.68 31.37 -67.02
N THR R 89 -12.22 32.61 -66.86
CA THR R 89 -11.28 33.24 -67.78
C THR R 89 -10.25 34.00 -66.96
N GLY R 90 -8.99 33.55 -67.01
CA GLY R 90 -7.94 34.26 -66.32
C GLY R 90 -7.75 35.65 -66.89
N ASP R 91 -7.45 36.61 -66.00
CA ASP R 91 -7.31 38.00 -66.43
C ASP R 91 -6.05 38.23 -67.24
N LYS R 92 -4.99 37.46 -66.98
CA LYS R 92 -3.76 37.64 -67.74
C LYS R 92 -3.93 37.16 -69.17
N GLU R 93 -4.63 36.04 -69.37
CA GLU R 93 -4.90 35.56 -70.72
C GLU R 93 -5.79 36.52 -71.50
N ILE R 94 -6.65 37.27 -70.81
CA ILE R 94 -7.45 38.28 -71.51
C ILE R 94 -6.54 39.38 -72.06
N TRP R 95 -5.54 39.77 -71.28
CA TRP R 95 -4.64 40.85 -71.71
C TRP R 95 -3.68 40.37 -72.79
N ILE R 96 -3.21 39.13 -72.69
CA ILE R 96 -2.27 38.60 -73.67
C ILE R 96 -2.88 38.56 -75.05
N ASN R 97 -4.12 38.08 -75.15
CA ASN R 97 -4.80 38.02 -76.44
C ASN R 97 -5.15 39.39 -76.96
N LYS R 98 -5.41 40.35 -76.07
CA LYS R 98 -5.79 41.68 -76.50
C LYS R 98 -4.61 42.44 -77.09
N ILE R 99 -3.46 42.39 -76.43
CA ILE R 99 -2.36 43.25 -76.84
C ILE R 99 -1.61 42.65 -78.02
N ARG R 100 -1.62 41.32 -78.17
CA ARG R 100 -1.02 40.70 -79.34
C ARG R 100 -1.80 41.01 -80.61
N LYS R 101 -3.13 40.99 -80.55
CA LYS R 101 -3.91 41.29 -81.74
C LYS R 101 -3.72 42.74 -82.18
N ILE R 102 -3.69 43.67 -81.23
CA ILE R 102 -3.49 45.08 -81.57
C ILE R 102 -2.13 45.29 -82.19
N ARG R 103 -1.09 44.67 -81.63
CA ARG R 103 0.26 44.93 -82.11
C ARG R 103 0.47 44.38 -83.51
N ARG R 104 0.06 43.14 -83.75
CA ARG R 104 0.28 42.55 -85.06
C ARG R 104 -0.65 43.12 -86.12
N TYR R 105 -1.64 43.90 -85.73
CA TYR R 105 -2.51 44.56 -86.70
C TYR R 105 -1.91 45.89 -87.17
N ILE R 106 -1.39 46.70 -86.25
CA ILE R 106 -0.74 47.94 -86.65
C ILE R 106 0.65 47.71 -87.20
N ARG R 107 1.27 46.57 -86.88
CA ARG R 107 2.52 46.22 -87.53
C ARG R 107 2.31 45.93 -89.01
N TRP R 108 1.19 45.30 -89.36
CA TRP R 108 0.84 45.09 -90.75
C TRP R 108 0.62 46.40 -91.47
N LEU R 109 -0.08 47.34 -90.84
CA LEU R 109 -0.36 48.61 -91.49
C LEU R 109 0.90 49.39 -91.77
N ARG R 110 1.84 49.38 -90.84
CA ARG R 110 3.11 50.09 -91.04
C ARG R 110 3.93 49.42 -92.14
N ASP R 111 3.97 48.08 -92.15
CA ASP R 111 4.73 47.36 -93.16
C ASP R 111 4.13 47.50 -94.56
N ASN R 112 2.90 47.99 -94.67
CA ASN R 112 2.24 48.16 -95.95
C ASN R 112 1.94 49.62 -96.25
N ASN R 113 2.57 50.54 -95.52
CA ASN R 113 2.58 51.96 -95.82
C ASN R 113 1.22 52.62 -95.69
N VAL R 114 0.27 51.99 -95.01
CA VAL R 114 -0.99 52.65 -94.73
C VAL R 114 -0.78 53.79 -93.74
N ILE R 115 0.13 53.61 -92.79
CA ILE R 115 0.47 54.62 -91.79
C ILE R 115 1.99 54.72 -91.70
N ASP R 116 2.45 55.84 -91.15
CA ASP R 116 3.87 56.11 -91.04
C ASP R 116 4.43 55.61 -89.70
N LYS R 117 5.71 55.88 -89.45
CA LYS R 117 6.35 55.42 -88.23
C LYS R 117 5.86 56.17 -87.00
N HIS R 118 5.48 57.44 -87.17
CA HIS R 118 5.10 58.24 -86.01
C HIS R 118 3.72 57.85 -85.49
N THR R 119 2.78 57.53 -86.38
CA THR R 119 1.49 57.05 -85.91
C THR R 119 1.60 55.63 -85.36
N TYR R 120 2.46 54.79 -85.95
CA TYR R 120 2.67 53.47 -85.40
C TYR R 120 3.24 53.56 -83.98
N ARG R 121 4.22 54.44 -83.78
CA ARG R 121 4.82 54.60 -82.46
C ARG R 121 3.84 55.24 -81.49
N LEU R 122 2.97 56.11 -81.99
CA LEU R 122 1.95 56.71 -81.12
C LEU R 122 0.91 55.71 -80.70
N LEU R 123 0.45 54.85 -81.62
CA LEU R 123 -0.53 53.83 -81.28
C LEU R 123 0.07 52.71 -80.46
N TYR R 124 1.35 52.41 -80.66
CA TYR R 124 2.01 51.37 -79.88
C TYR R 124 2.02 51.71 -78.40
N LYS R 125 2.25 52.99 -78.06
CA LYS R 125 2.27 53.39 -76.66
C LYS R 125 0.86 53.44 -76.08
N ARG R 126 -0.10 53.93 -76.85
CA ARG R 126 -1.47 54.00 -76.36
C ARG R 126 -2.00 52.60 -76.04
N ALA R 127 -1.71 51.63 -76.88
CA ALA R 127 -2.16 50.27 -76.63
C ALA R 127 -1.58 49.74 -75.33
N LYS R 128 -0.32 50.04 -75.05
CA LYS R 128 0.30 49.58 -73.82
C LYS R 128 -0.31 50.27 -72.60
N GLY R 129 -0.83 51.48 -72.79
CA GLY R 129 -1.48 52.23 -71.74
C GLY R 129 -2.95 51.94 -71.57
N ASN R 130 -3.46 50.88 -72.22
CA ASN R 130 -4.85 50.47 -72.10
C ASN R 130 -5.80 51.55 -72.61
N TYR R 131 -5.37 52.27 -73.65
CA TYR R 131 -6.22 53.31 -74.22
C TYR R 131 -7.38 52.72 -75.00
N PHE R 132 -7.18 51.58 -75.65
CA PHE R 132 -8.20 50.90 -76.43
C PHE R 132 -8.68 49.67 -75.70
N LYS R 133 -9.97 49.37 -75.85
CA LYS R 133 -10.53 48.18 -75.25
C LYS R 133 -10.70 47.02 -76.23
N ASN R 134 -10.71 47.29 -77.53
CA ASN R 134 -10.86 46.25 -78.54
C ASN R 134 -9.96 46.58 -79.72
N LEU R 135 -9.86 45.62 -80.65
CA LEU R 135 -9.33 45.94 -81.96
C LEU R 135 -10.31 46.74 -82.78
N SER R 136 -11.60 46.65 -82.47
CA SER R 136 -12.57 47.51 -83.13
C SER R 136 -12.47 48.95 -82.68
N ASP R 137 -11.92 49.17 -81.48
CA ASP R 137 -11.76 50.52 -80.94
C ASP R 137 -10.58 51.25 -81.60
N VAL R 138 -9.51 50.53 -81.93
CA VAL R 138 -8.39 51.18 -82.59
C VAL R 138 -8.74 51.55 -84.03
N LYS R 139 -9.47 50.69 -84.73
CA LYS R 139 -9.80 51.01 -86.11
C LYS R 139 -10.90 52.05 -86.23
N SER R 140 -11.67 52.30 -85.18
CA SER R 140 -12.55 53.46 -85.19
C SER R 140 -11.77 54.73 -84.92
N TYR R 141 -10.72 54.66 -84.13
CA TYR R 141 -9.82 55.79 -83.94
C TYR R 141 -9.00 56.05 -85.20
N LEU R 142 -8.66 55.01 -85.95
CA LEU R 142 -7.87 55.18 -87.16
C LEU R 142 -8.61 55.97 -88.22
N ARG R 143 -9.90 55.69 -88.39
CA ARG R 143 -10.72 56.47 -89.31
C ARG R 143 -11.18 57.78 -88.70
N GLN R 144 -10.55 58.21 -87.61
CA GLN R 144 -10.82 59.47 -86.94
C GLN R 144 -12.25 59.60 -86.46
N TYR S 1 -19.95 -53.16 -23.04
CA TYR S 1 -21.40 -52.98 -23.05
C TYR S 1 -22.02 -53.47 -21.76
N PRO S 2 -22.98 -52.72 -21.23
CA PRO S 2 -23.53 -53.01 -19.90
C PRO S 2 -24.33 -54.30 -19.72
N ILE S 3 -25.44 -54.45 -20.45
CA ILE S 3 -26.50 -55.36 -20.00
C ILE S 3 -26.03 -56.79 -19.96
N LEU S 4 -26.38 -57.48 -18.88
CA LEU S 4 -26.09 -58.89 -18.71
C LEU S 4 -27.36 -59.64 -18.34
N SER S 5 -28.49 -59.27 -18.96
CA SER S 5 -29.79 -59.85 -18.64
C SER S 5 -30.39 -60.62 -19.81
N ILE S 6 -30.57 -59.98 -20.96
CA ILE S 6 -31.16 -60.64 -22.13
C ILE S 6 -30.15 -61.61 -22.73
N PRO S 7 -30.57 -62.72 -23.31
CA PRO S 7 -29.60 -63.62 -23.96
C PRO S 7 -28.84 -62.91 -25.06
N GLU S 8 -27.57 -63.30 -25.23
CA GLU S 8 -26.67 -62.57 -26.12
C GLU S 8 -27.13 -62.66 -27.57
N ASP S 9 -27.73 -63.77 -27.96
CA ASP S 9 -28.13 -63.95 -29.36
C ASP S 9 -29.37 -63.16 -29.74
N LYS S 10 -29.91 -62.33 -28.86
CA LYS S 10 -31.08 -61.53 -29.17
C LYS S 10 -30.78 -60.03 -29.14
N LEU S 11 -29.51 -59.65 -29.24
CA LEU S 11 -29.10 -58.26 -29.08
C LEU S 11 -28.23 -57.84 -30.24
N ALA S 12 -28.31 -56.56 -30.58
CA ALA S 12 -27.47 -55.95 -31.61
C ALA S 12 -26.87 -54.67 -31.08
N LYS S 13 -25.55 -54.51 -31.24
CA LYS S 13 -24.82 -53.42 -30.63
C LYS S 13 -24.11 -52.59 -31.69
N ALA S 14 -23.81 -51.34 -31.31
CA ALA S 14 -23.03 -50.45 -32.16
C ALA S 14 -22.48 -49.32 -31.30
N VAL S 15 -21.40 -48.71 -31.77
CA VAL S 15 -20.85 -47.51 -31.12
C VAL S 15 -20.26 -46.62 -32.19
N ILE S 16 -20.38 -45.32 -31.99
CA ILE S 16 -19.84 -44.32 -32.90
C ILE S 16 -18.94 -43.39 -32.09
N LYS S 17 -17.67 -43.27 -32.49
CA LYS S 17 -16.63 -42.72 -31.64
C LYS S 17 -16.11 -41.39 -32.16
N ASN S 18 -15.92 -40.45 -31.24
CA ASN S 18 -15.22 -39.19 -31.50
C ASN S 18 -15.90 -38.39 -32.61
N ILE S 19 -17.14 -37.99 -32.36
CA ILE S 19 -17.92 -37.20 -33.31
C ILE S 19 -18.09 -35.79 -32.75
N ASP S 20 -18.35 -34.84 -33.64
CA ASP S 20 -18.41 -33.43 -33.29
C ASP S 20 -19.79 -33.05 -32.74
N ALA S 21 -20.19 -33.75 -31.69
CA ALA S 21 -21.46 -33.47 -31.04
C ALA S 21 -21.26 -33.40 -29.54
N SER S 22 -22.01 -32.51 -28.89
CA SER S 22 -21.87 -32.28 -27.46
C SER S 22 -22.74 -33.22 -26.65
N VAL S 23 -22.27 -33.54 -25.44
CA VAL S 23 -23.05 -34.35 -24.52
C VAL S 23 -24.22 -33.54 -23.97
N ARG S 24 -24.15 -32.22 -24.04
CA ARG S 24 -25.27 -31.38 -23.62
C ARG S 24 -26.49 -31.56 -24.51
N ASP S 25 -26.29 -31.58 -25.83
CA ASP S 25 -27.40 -31.81 -26.74
C ASP S 25 -27.77 -33.29 -26.79
N LEU S 26 -26.77 -34.17 -26.69
CA LEU S 26 -27.00 -35.60 -26.78
C LEU S 26 -27.59 -36.20 -25.52
N TYR S 27 -27.53 -35.49 -24.38
CA TYR S 27 -28.21 -36.00 -23.20
C TYR S 27 -29.71 -36.06 -23.42
N ASN S 28 -30.27 -35.02 -24.03
CA ASN S 28 -31.70 -34.94 -24.25
C ASN S 28 -32.16 -35.81 -25.41
N VAL S 29 -31.37 -35.91 -26.46
CA VAL S 29 -31.72 -36.78 -27.58
C VAL S 29 -31.79 -38.22 -27.13
N CYS S 30 -30.81 -38.67 -26.36
CA CYS S 30 -30.76 -40.05 -25.92
C CYS S 30 -31.88 -40.38 -24.95
N LYS S 31 -32.33 -39.40 -24.18
CA LYS S 31 -33.35 -39.64 -23.16
C LYS S 31 -34.74 -39.71 -23.77
N ALA S 32 -34.97 -39.02 -24.89
CA ALA S 32 -36.30 -38.99 -25.49
C ALA S 32 -36.61 -40.29 -26.22
N ILE S 33 -35.61 -40.93 -26.82
CA ILE S 33 -35.85 -42.13 -27.60
C ILE S 33 -35.50 -43.40 -26.83
N ARG S 34 -35.19 -43.29 -25.54
CA ARG S 34 -34.86 -44.46 -24.75
C ARG S 34 -36.09 -45.30 -24.50
N GLY S 35 -36.04 -46.57 -24.86
CA GLY S 35 -37.16 -47.47 -24.68
C GLY S 35 -38.17 -47.48 -25.81
N MET S 36 -37.98 -46.66 -26.83
CA MET S 36 -38.88 -46.66 -27.97
C MET S 36 -38.67 -47.89 -28.83
N ASN S 37 -39.63 -48.14 -29.72
CA ASN S 37 -39.39 -49.05 -30.84
C ASN S 37 -38.48 -48.36 -31.85
N LEU S 38 -37.78 -49.16 -32.63
CA LEU S 38 -36.88 -48.59 -33.63
C LEU S 38 -37.66 -47.80 -34.67
N LYS S 39 -38.81 -48.32 -35.10
CA LYS S 39 -39.58 -47.65 -36.14
C LYS S 39 -40.16 -46.33 -35.65
N GLU S 40 -40.67 -46.30 -34.42
CA GLU S 40 -41.17 -45.05 -33.86
C GLU S 40 -40.06 -44.04 -33.63
N ALA S 41 -38.92 -44.50 -33.10
CA ALA S 41 -37.81 -43.61 -32.82
C ALA S 41 -37.26 -42.98 -34.10
N ARG S 42 -37.13 -43.79 -35.15
CA ARG S 42 -36.56 -43.29 -36.40
C ARG S 42 -37.45 -42.25 -37.05
N GLU S 43 -38.77 -42.42 -36.97
CA GLU S 43 -39.68 -41.48 -37.62
C GLU S 43 -39.92 -40.25 -36.77
N PHE S 44 -39.80 -40.36 -35.45
CA PHE S 44 -39.86 -39.17 -34.61
C PHE S 44 -38.63 -38.29 -34.82
N LEU S 45 -37.45 -38.90 -34.94
CA LEU S 45 -36.23 -38.13 -35.14
C LEU S 45 -36.22 -37.40 -36.46
N ASN S 46 -36.86 -37.95 -37.48
CA ASN S 46 -36.93 -37.28 -38.77
C ASN S 46 -37.91 -36.11 -38.76
N ASN S 47 -38.92 -36.15 -37.92
CA ASN S 47 -39.82 -35.00 -37.78
C ASN S 47 -39.10 -33.82 -37.15
N VAL S 48 -38.16 -34.07 -36.24
CA VAL S 48 -37.36 -33.00 -35.67
C VAL S 48 -36.43 -32.40 -36.71
N LEU S 49 -36.00 -33.19 -37.70
CA LEU S 49 -35.07 -32.68 -38.69
C LEU S 49 -35.68 -31.58 -39.55
N GLU S 50 -36.93 -31.72 -39.98
CA GLU S 50 -37.61 -30.64 -40.66
C GLU S 50 -38.57 -29.87 -39.76
N GLU S 51 -38.37 -29.92 -38.45
CA GLU S 51 -39.00 -29.01 -37.50
C GLU S 51 -40.51 -29.17 -37.46
N LYS S 52 -41.01 -30.37 -37.73
CA LYS S 52 -42.44 -30.62 -37.58
C LYS S 52 -42.82 -30.68 -36.11
N GLU S 53 -41.94 -31.22 -35.27
CA GLU S 53 -42.11 -31.20 -33.83
C GLU S 53 -40.76 -30.94 -33.18
N ALA S 54 -40.79 -30.52 -31.92
CA ALA S 54 -39.61 -30.14 -31.20
C ALA S 54 -39.15 -31.27 -30.28
N LEU S 55 -37.86 -31.33 -30.06
CA LEU S 55 -37.29 -32.30 -29.12
C LEU S 55 -37.10 -31.64 -27.76
N PRO S 56 -37.62 -32.26 -26.69
CA PRO S 56 -37.62 -31.60 -25.39
C PRO S 56 -36.24 -31.52 -24.76
N PHE S 57 -36.07 -30.54 -23.89
CA PHE S 57 -34.82 -30.33 -23.17
C PHE S 57 -35.10 -30.33 -21.68
N TRP S 58 -34.49 -31.26 -20.96
CA TRP S 58 -34.68 -31.41 -19.52
C TRP S 58 -33.55 -30.82 -18.69
N ARG S 59 -32.31 -30.88 -19.17
CA ARG S 59 -31.18 -30.56 -18.32
C ARG S 59 -30.39 -29.34 -18.77
N TYR S 60 -29.87 -29.33 -19.98
CA TYR S 60 -28.99 -28.23 -20.40
C TYR S 60 -29.75 -27.25 -21.29
N SER S 61 -30.75 -26.60 -20.70
CA SER S 61 -31.78 -25.92 -21.46
C SER S 61 -31.69 -24.40 -21.39
N HIS S 62 -30.49 -23.86 -21.31
CA HIS S 62 -30.32 -22.41 -21.42
C HIS S 62 -30.22 -22.03 -22.88
N GLY S 63 -30.88 -20.95 -23.25
CA GLY S 63 -30.90 -20.53 -24.63
C GLY S 63 -31.95 -21.20 -25.49
N THR S 64 -32.74 -22.12 -24.92
CA THR S 64 -33.89 -22.72 -25.59
C THR S 64 -35.17 -22.23 -24.94
N SER S 65 -36.12 -21.81 -25.76
CA SER S 65 -37.39 -21.28 -25.30
C SER S 65 -38.50 -22.31 -25.49
N HIS S 66 -39.74 -21.87 -25.28
CA HIS S 66 -40.90 -22.74 -25.30
C HIS S 66 -41.47 -22.86 -26.70
N ARG S 67 -42.01 -24.03 -27.00
CA ARG S 67 -42.54 -24.37 -28.31
C ARG S 67 -44.05 -24.57 -28.25
N SER S 68 -44.68 -24.66 -29.42
CA SER S 68 -46.08 -25.02 -29.54
C SER S 68 -46.29 -26.52 -29.72
N ASN S 69 -45.21 -27.30 -29.71
CA ASN S 69 -45.23 -28.71 -30.09
C ASN S 69 -44.79 -29.62 -28.93
N ILE S 70 -45.33 -29.39 -27.73
CA ILE S 70 -44.91 -30.13 -26.53
C ILE S 70 -46.12 -30.35 -25.60
N SER S 71 -46.62 -31.61 -25.52
CA SER S 71 -47.55 -31.96 -24.43
C SER S 71 -47.43 -33.40 -23.92
N ARG S 72 -46.47 -34.18 -24.39
CA ARG S 72 -46.45 -35.63 -24.17
C ARG S 72 -45.71 -36.01 -22.90
N LYS S 73 -44.61 -35.36 -22.65
CA LYS S 73 -43.62 -35.78 -21.67
C LYS S 73 -43.40 -34.67 -20.65
N TRP S 74 -44.50 -33.99 -20.35
CA TRP S 74 -44.79 -33.27 -19.11
C TRP S 74 -43.81 -32.12 -18.93
N LYS S 75 -43.06 -32.08 -17.84
CA LYS S 75 -42.81 -30.85 -17.10
C LYS S 75 -42.30 -29.71 -17.97
N VAL S 76 -41.88 -30.01 -19.20
CA VAL S 76 -41.16 -29.06 -20.03
C VAL S 76 -42.05 -28.62 -21.17
N LYS S 77 -42.14 -27.31 -21.38
CA LYS S 77 -42.55 -26.74 -22.66
C LYS S 77 -41.37 -26.34 -23.51
N SER S 78 -40.15 -26.62 -23.08
CA SER S 78 -38.95 -26.14 -23.76
C SER S 78 -38.41 -27.26 -24.65
N GLY S 79 -38.17 -26.93 -25.91
CA GLY S 79 -37.67 -27.88 -26.89
C GLY S 79 -36.92 -27.13 -27.95
N ARG S 80 -36.45 -27.85 -28.96
CA ARG S 80 -35.53 -27.28 -29.93
C ARG S 80 -35.35 -28.32 -31.04
N TYR S 81 -34.44 -28.03 -31.96
CA TYR S 81 -34.15 -28.90 -33.10
C TYR S 81 -32.64 -29.10 -33.23
N PRO S 82 -32.05 -29.98 -32.45
CA PRO S 82 -30.60 -30.19 -32.52
C PRO S 82 -30.17 -30.96 -33.75
N LYS S 83 -30.01 -30.29 -34.89
CA LYS S 83 -29.88 -30.99 -36.17
C LYS S 83 -28.60 -31.81 -36.26
N LYS S 84 -27.46 -31.21 -35.95
CA LYS S 84 -26.19 -31.92 -36.08
C LYS S 84 -26.11 -33.12 -35.15
N ALA S 85 -26.77 -33.06 -34.00
CA ALA S 85 -26.76 -34.18 -33.08
C ALA S 85 -27.67 -35.31 -33.56
N ILE S 86 -28.81 -34.97 -34.16
CA ILE S 86 -29.75 -35.99 -34.63
C ILE S 86 -29.11 -36.82 -35.74
N LYS S 87 -28.40 -36.15 -36.66
CA LYS S 87 -27.86 -36.82 -37.83
C LYS S 87 -26.86 -37.90 -37.46
N TYR S 88 -26.12 -37.72 -36.37
CA TYR S 88 -25.19 -38.76 -35.94
C TYR S 88 -25.90 -39.93 -35.29
N VAL S 89 -27.01 -39.68 -34.60
CA VAL S 89 -27.77 -40.76 -33.98
C VAL S 89 -28.42 -41.62 -35.05
N LEU S 90 -28.89 -41.00 -36.13
CA LEU S 90 -29.45 -41.77 -37.22
C LEU S 90 -28.38 -42.66 -37.88
N LYS S 91 -27.17 -42.14 -38.04
CA LYS S 91 -26.08 -42.96 -38.58
C LYS S 91 -25.77 -44.13 -37.67
N LEU S 92 -25.83 -43.93 -36.36
CA LEU S 92 -25.58 -45.03 -35.43
C LEU S 92 -26.64 -46.10 -35.54
N LEU S 93 -27.90 -45.71 -35.70
CA LEU S 93 -28.97 -46.70 -35.78
C LEU S 93 -28.93 -47.48 -37.08
N ASP S 94 -28.39 -46.90 -38.15
CA ASP S 94 -28.17 -47.65 -39.38
C ASP S 94 -27.17 -48.77 -39.19
N ASN S 95 -26.10 -48.50 -38.44
CA ASN S 95 -25.11 -49.52 -38.16
C ASN S 95 -25.69 -50.64 -37.30
N ALA S 96 -26.59 -50.28 -36.37
CA ALA S 96 -27.16 -51.30 -35.49
C ALA S 96 -28.23 -52.12 -36.18
N GLU S 97 -28.97 -51.54 -37.14
CA GLU S 97 -29.90 -52.34 -37.93
C GLU S 97 -29.16 -53.38 -38.75
N ASN S 98 -28.04 -52.98 -39.36
CA ASN S 98 -27.26 -53.91 -40.16
C ASN S 98 -26.77 -55.08 -39.32
N ASN S 99 -26.31 -54.81 -38.10
CA ASN S 99 -25.79 -55.86 -37.25
C ASN S 99 -26.87 -56.82 -36.80
N ALA S 100 -28.11 -56.35 -36.69
CA ALA S 100 -29.23 -57.24 -36.37
C ALA S 100 -29.66 -58.07 -37.56
N ASN S 101 -29.52 -57.55 -38.77
CA ASN S 101 -29.77 -58.35 -39.97
C ASN S 101 -28.82 -59.52 -40.06
N SER S 102 -27.55 -59.31 -39.73
CA SER S 102 -26.57 -60.39 -39.81
C SER S 102 -26.87 -61.49 -38.82
N LYS S 103 -27.35 -61.13 -37.62
CA LYS S 103 -27.74 -62.14 -36.64
C LYS S 103 -29.07 -62.81 -36.99
N GLY S 104 -29.79 -62.29 -37.97
CA GLY S 104 -31.07 -62.87 -38.33
C GLY S 104 -32.21 -62.51 -37.40
N LEU S 105 -32.21 -61.30 -36.85
CA LEU S 105 -33.31 -60.85 -36.00
C LEU S 105 -34.39 -60.19 -36.85
N ASP S 106 -35.59 -60.09 -36.27
CA ASP S 106 -36.71 -59.46 -36.95
C ASP S 106 -36.61 -57.94 -36.80
N ILE S 107 -36.43 -57.25 -37.92
CA ILE S 107 -36.22 -55.80 -37.88
C ILE S 107 -37.47 -55.09 -37.40
N ASP S 108 -38.65 -55.60 -37.75
CA ASP S 108 -39.90 -54.92 -37.39
C ASP S 108 -40.20 -54.96 -35.91
N ASN S 109 -39.49 -55.76 -35.13
CA ASN S 109 -39.75 -55.91 -33.70
C ASN S 109 -38.48 -55.70 -32.89
N LEU S 110 -37.75 -54.62 -33.17
CA LEU S 110 -36.55 -54.28 -32.43
C LEU S 110 -36.84 -53.10 -31.50
N LYS S 111 -36.30 -53.17 -30.29
CA LYS S 111 -36.50 -52.15 -29.28
C LYS S 111 -35.17 -51.58 -28.84
N ILE S 112 -35.15 -50.28 -28.54
CA ILE S 112 -33.94 -49.61 -28.06
C ILE S 112 -33.84 -49.90 -26.56
N VAL S 113 -33.05 -50.90 -26.19
CA VAL S 113 -32.96 -51.32 -24.79
C VAL S 113 -31.86 -50.60 -24.03
N HIS S 114 -30.97 -49.88 -24.70
CA HIS S 114 -29.91 -49.15 -24.03
C HIS S 114 -29.31 -48.13 -24.99
N ILE S 115 -29.23 -46.88 -24.56
CA ILE S 115 -28.57 -45.84 -25.32
C ILE S 115 -27.99 -44.82 -24.36
N ALA S 116 -26.77 -44.37 -24.62
CA ALA S 116 -26.10 -43.43 -23.74
C ALA S 116 -25.00 -42.72 -24.50
N ALA S 117 -24.72 -41.49 -24.09
CA ALA S 117 -23.65 -40.67 -24.65
C ALA S 117 -22.53 -40.52 -23.63
N HIS S 118 -21.30 -40.47 -24.11
CA HIS S 118 -20.13 -40.37 -23.25
C HIS S 118 -19.23 -39.26 -23.73
N LYS S 119 -18.34 -38.82 -22.84
CA LYS S 119 -17.34 -37.84 -23.22
C LYS S 119 -16.26 -38.48 -24.06
N GLY S 120 -15.87 -37.82 -25.14
CA GLY S 120 -14.87 -38.34 -26.02
C GLY S 120 -13.52 -37.71 -25.81
N LEU S 121 -13.00 -37.05 -26.83
CA LEU S 121 -11.64 -36.53 -26.81
C LEU S 121 -11.67 -35.06 -27.18
N VAL S 122 -10.73 -34.28 -26.64
CA VAL S 122 -10.75 -32.83 -26.77
C VAL S 122 -9.58 -32.39 -27.64
N LEU S 123 -9.85 -31.49 -28.57
CA LEU S 123 -8.82 -30.81 -29.35
C LEU S 123 -8.57 -29.44 -28.72
N LYS S 124 -7.32 -29.17 -28.38
CA LYS S 124 -6.97 -27.99 -27.60
C LYS S 124 -6.33 -26.94 -28.49
N ARG S 125 -7.06 -25.86 -28.71
CA ARG S 125 -6.62 -24.70 -29.47
C ARG S 125 -6.80 -23.46 -28.59
N TYR S 126 -6.29 -22.33 -29.05
CA TYR S 126 -6.35 -21.10 -28.27
C TYR S 126 -6.77 -19.94 -29.13
N MET S 127 -7.44 -18.98 -28.51
CA MET S 127 -7.91 -17.78 -29.18
C MET S 127 -6.94 -16.65 -28.95
N THR S 128 -7.34 -15.45 -29.34
CA THR S 128 -6.48 -14.28 -29.23
C THR S 128 -7.38 -13.10 -28.88
N ARG S 129 -7.42 -12.74 -27.60
CA ARG S 129 -8.29 -11.71 -27.11
C ARG S 129 -7.60 -10.35 -27.16
N ALA S 130 -8.32 -9.33 -26.73
CA ALA S 130 -7.76 -7.98 -26.67
C ALA S 130 -6.74 -7.88 -25.55
N PHE S 131 -5.94 -6.82 -25.62
CA PHE S 131 -4.91 -6.50 -24.64
C PHE S 131 -3.86 -7.60 -24.50
N GLY S 132 -3.64 -8.39 -25.55
CA GLY S 132 -2.59 -9.40 -25.53
C GLY S 132 -2.88 -10.63 -24.70
N ARG S 133 -4.14 -10.93 -24.43
CA ARG S 133 -4.54 -12.07 -23.61
C ARG S 133 -5.00 -13.21 -24.50
N SER S 134 -4.87 -14.44 -24.01
CA SER S 134 -5.21 -15.62 -24.78
C SER S 134 -6.11 -16.55 -23.98
N THR S 135 -7.13 -17.11 -24.64
CA THR S 135 -8.09 -17.99 -23.99
C THR S 135 -8.27 -19.29 -24.76
N ARG S 136 -9.24 -20.10 -24.35
CA ARG S 136 -9.46 -21.41 -24.95
C ARG S 136 -10.43 -21.38 -26.10
N LYS S 137 -10.22 -22.31 -27.04
CA LYS S 137 -11.11 -22.56 -28.17
C LYS S 137 -11.24 -24.06 -28.39
N TYR S 138 -11.57 -24.80 -27.34
CA TYR S 138 -11.55 -26.24 -27.41
C TYR S 138 -12.67 -26.78 -28.30
N LYS S 139 -12.54 -28.05 -28.67
CA LYS S 139 -13.56 -28.76 -29.41
C LYS S 139 -13.79 -30.10 -28.71
N TYR S 140 -15.00 -30.32 -28.24
CA TYR S 140 -15.32 -31.50 -27.46
C TYR S 140 -16.00 -32.53 -28.34
N LEU S 141 -15.43 -33.71 -28.42
CA LEU S 141 -15.98 -34.84 -29.15
C LEU S 141 -16.64 -35.81 -28.17
N SER S 142 -17.39 -36.77 -28.70
CA SER S 142 -18.14 -37.65 -27.83
C SER S 142 -18.40 -38.99 -28.52
N HIS S 143 -18.63 -40.02 -27.70
CA HIS S 143 -19.08 -41.31 -28.17
C HIS S 143 -20.57 -41.48 -27.92
N ILE S 144 -21.20 -42.35 -28.69
CA ILE S 144 -22.59 -42.73 -28.47
C ILE S 144 -22.69 -44.22 -28.69
N GLU S 145 -23.36 -44.93 -27.79
CA GLU S 145 -23.54 -46.36 -27.91
C GLU S 145 -25.02 -46.72 -27.82
N VAL S 146 -25.41 -47.83 -28.46
CA VAL S 146 -26.79 -48.27 -28.48
C VAL S 146 -26.79 -49.79 -28.50
N ILE S 147 -27.84 -50.37 -27.90
CA ILE S 147 -28.09 -51.80 -27.98
C ILE S 147 -29.55 -51.99 -28.37
N LEU S 148 -29.79 -52.84 -29.36
CA LEU S 148 -31.13 -53.15 -29.83
C LEU S 148 -31.50 -54.56 -29.41
N GLY S 149 -32.73 -54.74 -28.94
CA GLY S 149 -33.22 -56.04 -28.53
C GLY S 149 -34.62 -56.27 -29.03
N GLU S 150 -35.14 -57.45 -28.75
CA GLU S 150 -36.53 -57.77 -29.07
C GLU S 150 -37.42 -57.80 -27.84
N ILE T 1 32.58 -29.10 -65.46
CA ILE T 1 32.33 -30.48 -65.82
C ILE T 1 30.85 -30.79 -65.65
N ILE T 2 30.35 -31.65 -66.50
CA ILE T 2 28.92 -31.93 -66.60
C ILE T 2 28.53 -32.95 -65.53
N LYS T 3 27.36 -32.75 -64.93
CA LYS T 3 26.88 -33.59 -63.84
C LYS T 3 25.68 -34.42 -64.21
N GLU T 4 24.63 -33.82 -64.75
CA GLU T 4 23.48 -34.56 -65.27
C GLU T 4 22.90 -33.82 -66.46
N PHE T 5 22.02 -34.50 -67.18
CA PHE T 5 21.24 -33.93 -68.27
C PHE T 5 19.79 -33.85 -67.83
N LEU T 6 19.18 -32.68 -68.02
CA LEU T 6 17.83 -32.43 -67.53
C LEU T 6 16.83 -32.82 -68.60
N ALA T 7 15.84 -33.63 -68.24
CA ALA T 7 14.88 -34.17 -69.21
C ALA T 7 13.46 -33.96 -68.73
N THR T 8 13.15 -32.77 -68.27
CA THR T 8 11.81 -32.44 -67.81
C THR T 8 10.95 -32.09 -69.02
N GLU T 9 9.73 -31.63 -68.77
CA GLU T 9 8.83 -31.29 -69.86
C GLU T 9 9.20 -29.96 -70.53
N LYS T 10 9.84 -29.04 -69.80
CA LYS T 10 10.38 -27.85 -70.46
C LYS T 10 11.64 -28.18 -71.25
N ALA T 11 12.46 -29.08 -70.74
CA ALA T 11 13.71 -29.42 -71.40
C ALA T 11 13.47 -30.18 -72.69
N VAL T 12 12.43 -31.02 -72.73
CA VAL T 12 12.12 -31.77 -73.94
C VAL T 12 11.62 -30.86 -75.04
N LYS T 13 10.81 -29.85 -74.69
CA LYS T 13 10.28 -28.96 -75.71
C LYS T 13 11.37 -28.10 -76.34
N LEU T 14 12.45 -27.83 -75.61
CA LEU T 14 13.53 -27.00 -76.14
C LEU T 14 14.41 -27.78 -77.11
N ILE T 15 14.58 -29.08 -76.90
CA ILE T 15 15.37 -29.90 -77.81
C ILE T 15 14.76 -29.90 -79.19
N GLU T 16 13.45 -30.05 -79.27
CA GLU T 16 12.75 -30.17 -80.54
C GLU T 16 12.53 -28.84 -81.22
N SER T 17 12.42 -27.76 -80.48
CA SER T 17 11.98 -26.48 -81.03
C SER T 17 13.07 -25.43 -81.13
N GLN T 18 14.06 -25.44 -80.24
CA GLN T 18 15.10 -24.43 -80.23
C GLN T 18 16.49 -25.02 -80.48
N ASN T 19 16.61 -26.35 -80.53
CA ASN T 19 17.89 -27.02 -80.72
C ASN T 19 18.86 -26.72 -79.58
N THR T 20 18.36 -26.71 -78.36
CA THR T 20 19.17 -26.48 -77.17
C THR T 20 19.16 -27.70 -76.26
N LEU T 21 20.17 -27.78 -75.41
CA LEU T 21 20.29 -28.81 -74.40
C LEU T 21 20.30 -28.16 -73.03
N THR T 22 19.83 -28.89 -72.02
CA THR T 22 19.78 -28.39 -70.65
C THR T 22 20.57 -29.33 -69.75
N ILE T 23 21.65 -28.82 -69.16
CA ILE T 23 22.55 -29.61 -68.35
C ILE T 23 22.73 -28.95 -66.99
N ILE T 24 23.05 -29.77 -65.99
CA ILE T 24 23.42 -29.29 -64.67
C ILE T 24 24.92 -29.45 -64.54
N VAL T 25 25.60 -28.34 -64.25
CA VAL T 25 27.05 -28.29 -64.19
C VAL T 25 27.46 -27.83 -62.80
N ASN T 26 28.74 -28.00 -62.51
CA ASN T 26 29.30 -27.47 -61.28
C ASN T 26 29.34 -25.95 -61.35
N ARG T 27 29.18 -25.29 -60.20
CA ARG T 27 29.03 -23.84 -60.17
C ARG T 27 30.35 -23.13 -59.90
N ASN T 28 31.43 -23.64 -60.48
CA ASN T 28 32.79 -23.19 -60.15
C ASN T 28 33.06 -21.72 -60.43
N THR T 29 32.11 -20.97 -60.95
CA THR T 29 32.09 -19.49 -60.99
C THR T 29 33.35 -18.85 -61.53
N THR T 30 34.22 -19.63 -62.17
CA THR T 30 35.29 -19.11 -63.02
C THR T 30 35.10 -19.86 -64.34
N LYS T 31 34.20 -19.37 -65.18
CA LYS T 31 33.75 -20.11 -66.35
C LYS T 31 34.25 -19.42 -67.60
N LYS T 32 35.03 -20.15 -68.37
CA LYS T 32 35.13 -19.97 -69.81
C LYS T 32 34.63 -21.19 -70.56
N ASP T 33 34.69 -22.36 -69.94
CA ASP T 33 34.61 -23.65 -70.62
C ASP T 33 33.45 -24.48 -70.10
N ILE T 34 32.25 -24.14 -70.55
CA ILE T 34 31.23 -25.13 -70.84
C ILE T 34 31.11 -25.33 -72.33
N LYS T 35 31.48 -24.33 -73.11
CA LYS T 35 31.47 -24.42 -74.56
C LYS T 35 32.39 -25.53 -75.04
N ASN T 36 33.65 -25.52 -74.60
CA ASN T 36 34.59 -26.51 -75.11
C ASN T 36 34.58 -27.81 -74.31
N GLU T 37 33.81 -27.88 -73.22
CA GLU T 37 33.59 -29.17 -72.59
C GLU T 37 32.58 -30.02 -73.37
N VAL T 38 31.54 -29.39 -73.91
CA VAL T 38 30.59 -30.15 -74.71
C VAL T 38 31.10 -30.33 -76.13
N GLU T 39 31.85 -29.35 -76.66
CA GLU T 39 32.42 -29.49 -77.99
C GLU T 39 33.43 -30.62 -78.05
N LYS T 40 33.94 -31.07 -76.91
CA LYS T 40 34.89 -32.17 -76.86
C LYS T 40 34.24 -33.50 -76.52
N LEU T 41 33.26 -33.51 -75.63
CA LEU T 41 32.63 -34.76 -75.23
C LEU T 41 31.67 -35.31 -76.27
N PHE T 42 31.00 -34.44 -77.03
CA PHE T 42 30.00 -34.87 -77.99
C PHE T 42 30.35 -34.51 -79.43
N SER T 43 31.45 -33.82 -79.66
CA SER T 43 31.91 -33.49 -81.01
C SER T 43 30.87 -32.67 -81.78
N VAL T 44 30.35 -31.65 -81.11
CA VAL T 44 29.38 -30.74 -81.72
C VAL T 44 29.96 -29.34 -81.69
N LYS T 45 29.23 -28.38 -82.27
CA LYS T 45 29.61 -26.98 -82.23
C LYS T 45 28.52 -26.19 -81.51
N VAL T 46 28.94 -25.27 -80.66
CA VAL T 46 28.04 -24.51 -79.81
C VAL T 46 27.94 -23.09 -80.34
N GLU T 47 26.72 -22.57 -80.37
CA GLU T 47 26.49 -21.21 -80.84
C GLU T 47 26.29 -20.21 -79.70
N LYS T 48 25.45 -20.54 -78.73
CA LYS T 48 25.15 -19.64 -77.62
C LYS T 48 25.09 -20.45 -76.33
N ILE T 49 25.38 -19.78 -75.22
CA ILE T 49 25.31 -20.39 -73.91
C ILE T 49 24.67 -19.39 -72.95
N ASN T 50 23.61 -19.83 -72.27
CA ASN T 50 22.92 -19.04 -71.26
C ASN T 50 22.85 -19.86 -70.00
N THR T 51 23.23 -19.27 -68.87
CA THR T 51 23.43 -20.00 -67.63
C THR T 51 22.58 -19.43 -66.50
N LEU T 52 22.33 -20.26 -65.50
CA LEU T 52 21.31 -20.01 -64.49
C LEU T 52 21.69 -20.76 -63.23
N ILE T 53 21.15 -20.33 -62.09
CA ILE T 53 21.34 -20.99 -60.81
C ILE T 53 19.98 -21.15 -60.14
N THR T 54 19.55 -22.39 -59.95
CA THR T 54 18.20 -22.69 -59.49
C THR T 54 18.10 -22.39 -58.00
N PRO T 55 16.91 -22.29 -57.42
CA PRO T 55 16.82 -21.97 -55.99
C PRO T 55 17.20 -23.11 -55.05
N LYS T 56 17.53 -24.29 -55.55
CA LYS T 56 17.74 -25.46 -54.71
C LYS T 56 19.14 -26.02 -54.92
N GLY T 57 20.10 -25.13 -55.14
CA GLY T 57 21.49 -25.54 -55.20
C GLY T 57 21.94 -26.22 -56.48
N GLU T 58 21.72 -25.61 -57.64
CA GLU T 58 22.16 -26.19 -58.90
C GLU T 58 22.56 -25.06 -59.82
N LYS T 59 23.39 -25.38 -60.81
CA LYS T 59 23.68 -24.42 -61.86
C LYS T 59 23.28 -25.05 -63.18
N LYS T 60 22.40 -24.38 -63.91
CA LYS T 60 21.74 -24.94 -65.09
C LYS T 60 22.15 -24.14 -66.31
N ALA T 61 22.57 -24.85 -67.37
CA ALA T 61 23.02 -24.22 -68.60
C ALA T 61 22.08 -24.57 -69.74
N TYR T 62 21.83 -23.59 -70.60
CA TYR T 62 21.03 -23.74 -71.81
C TYR T 62 21.95 -23.60 -73.02
N VAL T 63 22.55 -24.71 -73.43
CA VAL T 63 23.52 -24.69 -74.52
C VAL T 63 22.81 -24.97 -75.83
N LYS T 64 22.98 -24.06 -76.79
CA LYS T 64 22.29 -24.08 -78.07
C LYS T 64 23.28 -24.45 -79.17
N LEU T 65 22.97 -25.50 -79.92
CA LEU T 65 23.86 -26.01 -80.95
C LEU T 65 23.65 -25.28 -82.27
N LYS T 66 24.56 -25.50 -83.20
CA LYS T 66 24.46 -24.91 -84.52
C LYS T 66 23.56 -25.74 -85.42
N GLN T 67 23.08 -25.10 -86.49
CA GLN T 67 22.10 -25.74 -87.37
C GLN T 67 22.63 -26.99 -88.04
N GLU T 68 23.95 -27.11 -88.20
CA GLU T 68 24.52 -28.31 -88.81
C GLU T 68 24.36 -29.54 -87.93
N TYR T 69 24.10 -29.34 -86.64
CA TYR T 69 24.00 -30.43 -85.69
C TYR T 69 22.62 -30.41 -85.05
N LYS T 70 22.08 -31.59 -84.76
CA LYS T 70 20.79 -31.71 -84.12
C LYS T 70 20.96 -32.12 -82.66
N ALA T 71 20.32 -31.36 -81.77
CA ALA T 71 20.34 -31.70 -80.36
C ALA T 71 19.62 -33.01 -80.09
N SER T 72 18.81 -33.49 -81.04
CA SER T 72 18.11 -34.75 -80.85
C SER T 72 19.06 -35.93 -80.89
N ASP T 73 20.10 -35.85 -81.73
CA ASP T 73 21.07 -36.93 -81.82
C ASP T 73 21.89 -37.06 -80.55
N VAL T 74 22.29 -35.93 -79.96
CA VAL T 74 22.96 -35.97 -78.67
C VAL T 74 22.06 -36.54 -77.61
N ALA T 75 20.80 -36.09 -77.57
CA ALA T 75 19.85 -36.61 -76.60
C ALA T 75 19.57 -38.09 -76.82
N HIS T 76 19.43 -38.49 -78.09
CA HIS T 76 19.16 -39.89 -78.38
C HIS T 76 20.33 -40.78 -77.97
N LYS T 77 21.56 -40.29 -78.14
CA LYS T 77 22.73 -41.07 -77.76
C LYS T 77 22.78 -41.29 -76.25
N LEU T 78 22.43 -40.27 -75.46
CA LEU T 78 22.38 -40.41 -74.01
C LEU T 78 21.19 -41.25 -73.55
N GLY T 79 20.25 -41.56 -74.42
CA GLY T 79 19.06 -42.28 -74.02
C GLY T 79 17.92 -41.43 -73.52
N MET T 80 18.04 -40.10 -73.58
CA MET T 80 16.93 -39.25 -73.18
C MET T 80 15.72 -39.45 -74.08
N LEU T 81 15.95 -39.58 -75.37
CA LEU T 81 14.87 -39.78 -76.32
C LEU T 81 15.02 -41.11 -77.03
N ARG U 1 -71.48 25.55 -43.72
CA ARG U 1 -70.66 26.62 -44.29
C ARG U 1 -69.57 26.07 -45.21
N GLN U 2 -68.93 26.96 -45.97
CA GLN U 2 -68.14 26.59 -47.14
C GLN U 2 -66.67 26.91 -46.96
N CYS U 3 -65.82 26.01 -47.46
CA CYS U 3 -64.38 26.20 -47.38
C CYS U 3 -63.94 27.42 -48.17
N SER U 4 -62.92 28.10 -47.67
CA SER U 4 -62.42 29.30 -48.31
C SER U 4 -61.45 29.01 -49.44
N PHE U 5 -60.94 27.79 -49.55
CA PHE U 5 -60.06 27.42 -50.66
C PHE U 5 -60.79 26.60 -51.71
N CYS U 6 -61.30 25.42 -51.34
CA CYS U 6 -61.92 24.52 -52.31
C CYS U 6 -63.39 24.80 -52.53
N GLY U 7 -64.05 25.55 -51.66
CA GLY U 7 -65.43 25.94 -51.86
C GLY U 7 -66.46 24.92 -51.45
N LYS U 8 -66.07 23.78 -50.91
CA LYS U 8 -67.00 22.72 -50.55
C LYS U 8 -67.57 22.92 -49.15
N ASP U 9 -68.53 22.08 -48.80
CA ASP U 9 -69.30 22.25 -47.57
C ASP U 9 -68.56 21.68 -46.36
N ILE U 10 -68.61 22.42 -45.25
CA ILE U 10 -67.97 22.02 -44.01
C ILE U 10 -69.05 21.53 -43.05
N LEU U 11 -69.03 20.25 -42.72
CA LEU U 11 -70.00 19.70 -41.82
C LEU U 11 -69.77 20.24 -40.41
N PRO U 12 -70.83 20.36 -39.60
CA PRO U 12 -70.66 20.91 -38.25
C PRO U 12 -69.77 20.03 -37.39
N GLY U 13 -68.97 20.67 -36.54
CA GLY U 13 -68.06 19.96 -35.68
C GLY U 13 -66.75 19.57 -36.29
N THR U 14 -66.42 20.09 -37.47
CA THR U 14 -65.16 19.83 -38.14
C THR U 14 -64.66 21.13 -38.73
N GLY U 15 -63.34 21.20 -38.97
CA GLY U 15 -62.78 22.33 -39.66
C GLY U 15 -62.00 23.29 -38.78
N LEU U 16 -61.98 24.57 -39.15
CA LEU U 16 -61.22 25.58 -38.44
C LEU U 16 -61.66 26.94 -38.94
N MET U 17 -61.86 27.88 -38.02
CA MET U 17 -62.06 29.27 -38.39
C MET U 17 -60.79 30.05 -38.04
N TYR U 18 -60.30 30.81 -39.01
CA TYR U 18 -59.06 31.56 -38.88
C TYR U 18 -59.39 33.04 -38.87
N VAL U 19 -58.90 33.76 -37.86
CA VAL U 19 -59.20 35.17 -37.68
C VAL U 19 -57.93 35.97 -37.99
N ARG U 20 -58.05 36.95 -38.87
CA ARG U 20 -56.93 37.79 -39.24
C ARG U 20 -57.03 39.14 -38.53
N ASN U 21 -55.90 39.84 -38.49
CA ASN U 21 -55.83 41.06 -37.68
C ASN U 21 -56.73 42.16 -38.20
N ASP U 22 -57.22 42.07 -39.43
CA ASP U 22 -58.18 43.02 -39.94
C ASP U 22 -59.61 42.60 -39.70
N GLY U 23 -59.83 41.48 -39.00
CA GLY U 23 -61.15 41.03 -38.63
C GLY U 23 -61.80 40.06 -39.59
N SER U 24 -61.20 39.82 -40.75
CA SER U 24 -61.80 38.91 -41.72
C SER U 24 -61.63 37.46 -41.26
N LEU U 25 -62.54 36.61 -41.72
CA LEU U 25 -62.61 35.22 -41.28
C LEU U 25 -62.35 34.29 -42.46
N LEU U 26 -61.67 33.19 -42.20
CA LEU U 26 -61.40 32.18 -43.22
C LEU U 26 -61.78 30.81 -42.67
N TRP U 27 -62.49 30.04 -43.47
CA TRP U 27 -62.97 28.72 -43.09
C TRP U 27 -62.21 27.65 -43.87
N PHE U 28 -61.80 26.59 -43.17
CA PHE U 28 -61.00 25.55 -43.79
C PHE U 28 -61.57 24.19 -43.45
N CYS U 29 -61.84 23.39 -44.48
CA CYS U 29 -62.40 22.05 -44.29
C CYS U 29 -61.38 21.06 -43.78
N SER U 30 -60.10 21.26 -44.09
CA SER U 30 -59.05 20.34 -43.71
C SER U 30 -57.75 21.11 -43.60
N SER U 31 -56.69 20.39 -43.22
CA SER U 31 -55.37 21.02 -43.18
C SER U 31 -54.81 21.21 -44.58
N LYS U 32 -55.23 20.37 -45.53
CA LYS U 32 -54.78 20.52 -46.91
C LYS U 32 -55.20 21.85 -47.50
N CYS U 33 -56.40 22.31 -47.14
CA CYS U 33 -56.82 23.64 -47.58
C CYS U 33 -56.20 24.75 -46.74
N ARG U 34 -55.97 24.49 -45.44
CA ARG U 34 -55.33 25.48 -44.59
C ARG U 34 -53.90 25.72 -45.02
N LYS U 35 -53.18 24.65 -45.36
CA LYS U 35 -51.81 24.81 -45.84
C LYS U 35 -51.77 25.45 -47.22
N SER U 36 -52.78 25.21 -48.05
CA SER U 36 -52.74 25.70 -49.43
C SER U 36 -53.01 27.18 -49.54
N MET U 37 -53.49 27.84 -48.48
CA MET U 37 -53.59 29.29 -48.49
C MET U 37 -52.55 29.96 -47.61
N LEU U 38 -52.34 29.46 -46.40
CA LEU U 38 -51.49 30.16 -45.45
C LEU U 38 -50.03 29.81 -45.61
N LYS U 39 -49.71 28.66 -46.18
CA LYS U 39 -48.34 28.21 -46.32
C LYS U 39 -47.85 28.18 -47.76
N LEU U 40 -48.58 27.49 -48.65
CA LEU U 40 -48.10 27.29 -50.01
C LEU U 40 -48.52 28.38 -50.96
N HIS U 41 -49.62 29.09 -50.68
CA HIS U 41 -50.07 30.22 -51.49
C HIS U 41 -50.39 29.80 -52.93
N ARG U 42 -50.77 28.55 -53.13
CA ARG U 42 -51.15 28.11 -54.46
C ARG U 42 -52.51 28.71 -54.83
N ASP U 43 -52.72 28.87 -56.13
CA ASP U 43 -54.01 29.50 -56.38
C ASP U 43 -55.04 28.46 -56.82
N PRO U 44 -56.30 28.64 -56.43
CA PRO U 44 -57.30 27.59 -56.62
C PRO U 44 -57.87 27.53 -58.03
N LYS U 45 -57.66 28.54 -58.86
CA LYS U 45 -58.25 28.53 -60.19
C LYS U 45 -57.56 27.58 -61.15
N LYS U 46 -56.41 27.04 -60.76
CA LYS U 46 -55.66 26.12 -61.61
C LYS U 46 -55.86 24.66 -61.25
N LEU U 47 -56.57 24.38 -60.16
CA LEU U 47 -56.78 23.02 -59.69
C LEU U 47 -58.25 22.66 -59.86
N LYS U 48 -58.52 21.54 -60.52
CA LYS U 48 -59.89 21.17 -60.82
C LYS U 48 -60.51 20.28 -59.76
N TRP U 49 -59.83 20.06 -58.64
CA TRP U 49 -60.45 19.55 -57.44
C TRP U 49 -61.04 20.67 -56.59
N THR U 50 -61.05 21.88 -57.13
CA THR U 50 -61.59 23.06 -56.50
C THR U 50 -62.83 23.52 -57.26
N LYS U 51 -63.78 24.11 -56.53
CA LYS U 51 -64.97 24.65 -57.17
C LYS U 51 -64.70 25.92 -57.95
N SER U 52 -63.53 26.53 -57.78
CA SER U 52 -63.20 27.78 -58.44
C SER U 52 -62.46 27.57 -59.76
N TYR U 53 -62.26 26.32 -60.18
CA TYR U 53 -61.50 26.03 -61.38
C TYR U 53 -62.18 26.61 -62.62
N LEU U 54 -63.50 26.52 -62.69
CA LEU U 54 -64.25 27.08 -63.80
C LEU U 54 -65.04 28.32 -63.37
N MET V 1 38.53 -57.65 -14.35
CA MET V 1 38.85 -56.24 -14.23
C MET V 1 37.88 -55.38 -15.03
N ILE V 2 36.73 -55.97 -15.33
CA ILE V 2 35.65 -55.26 -15.99
C ILE V 2 34.59 -54.90 -14.95
N SER V 3 33.69 -54.00 -15.32
CA SER V 3 32.72 -53.50 -14.38
C SER V 3 31.67 -54.55 -14.05
N SER V 4 31.21 -54.53 -12.81
CA SER V 4 30.12 -55.38 -12.36
C SER V 4 28.79 -54.66 -12.37
N LYS V 5 28.73 -53.44 -12.87
CA LYS V 5 27.48 -52.71 -12.93
C LYS V 5 26.56 -53.36 -13.97
N PRO V 6 25.31 -53.68 -13.61
CA PRO V 6 24.41 -54.29 -14.60
C PRO V 6 24.16 -53.43 -15.81
N SER V 7 24.20 -52.11 -15.69
CA SER V 7 23.96 -51.26 -16.85
C SER V 7 25.15 -51.27 -17.80
N LYS V 8 26.36 -51.42 -17.27
CA LYS V 8 27.55 -51.47 -18.12
C LYS V 8 27.68 -52.81 -18.83
N GLN V 9 27.16 -53.88 -18.23
CA GLN V 9 27.18 -55.18 -18.89
C GLN V 9 26.18 -55.23 -20.03
N ARG V 10 25.02 -54.60 -19.85
CA ARG V 10 23.97 -54.64 -20.86
C ARG V 10 24.25 -53.69 -22.01
N LYS V 11 24.97 -52.60 -21.77
CA LYS V 11 25.33 -51.72 -22.86
C LYS V 11 26.33 -52.35 -23.81
N LEU V 12 27.10 -53.35 -23.36
CA LEU V 12 28.02 -54.04 -24.25
C LEU V 12 27.29 -54.98 -25.19
N VAL V 13 26.33 -55.75 -24.68
CA VAL V 13 25.70 -56.75 -25.51
C VAL V 13 24.67 -56.15 -26.46
N TYR V 14 24.21 -54.93 -26.21
CA TYR V 14 23.29 -54.29 -27.13
C TYR V 14 23.99 -53.46 -28.19
N ASN V 15 25.30 -53.23 -28.04
CA ASN V 15 26.06 -52.42 -29.00
C ASN V 15 27.30 -53.18 -29.46
N LEU V 16 27.21 -54.49 -29.54
CA LEU V 16 28.37 -55.31 -29.86
C LEU V 16 28.74 -55.12 -31.32
N PRO V 17 30.02 -54.95 -31.64
CA PRO V 17 30.41 -54.70 -33.04
C PRO V 17 30.37 -55.97 -33.88
N ASN V 18 30.53 -55.78 -35.19
CA ASN V 18 30.31 -56.86 -36.15
C ASN V 18 31.25 -58.03 -35.92
N HIS V 19 32.53 -57.77 -35.65
CA HIS V 19 33.48 -58.86 -35.53
C HIS V 19 33.36 -59.62 -34.23
N LEU V 20 32.58 -59.14 -33.27
CA LEU V 20 32.44 -59.80 -31.99
C LEU V 20 31.05 -60.40 -31.78
N ARG V 21 30.16 -60.31 -32.76
CA ARG V 21 28.82 -60.82 -32.61
C ARG V 21 28.75 -62.33 -32.63
N TYR V 22 29.83 -63.01 -33.00
CA TYR V 22 29.85 -64.47 -32.97
C TYR V 22 29.64 -65.01 -31.56
N LYS V 23 29.88 -64.20 -30.54
CA LYS V 23 29.72 -64.66 -29.17
C LYS V 23 28.25 -64.88 -28.82
N LEU V 24 27.35 -64.11 -29.43
CA LEU V 24 25.94 -64.30 -29.17
C LEU V 24 25.40 -65.58 -29.78
N LEU V 25 26.11 -66.18 -30.73
CA LEU V 25 25.63 -67.35 -31.45
C LEU V 25 26.26 -68.64 -30.97
N THR V 26 26.99 -68.63 -29.88
CA THR V 26 27.68 -69.84 -29.44
C THR V 26 26.69 -70.90 -28.97
N ALA V 27 26.94 -72.14 -29.35
CA ALA V 27 26.08 -73.25 -28.95
C ALA V 27 26.91 -74.48 -28.68
N ARG V 28 26.36 -75.37 -27.87
CA ARG V 28 27.03 -76.59 -27.48
C ARG V 28 27.00 -77.60 -28.62
N LEU V 29 28.10 -78.35 -28.76
CA LEU V 29 28.14 -79.45 -29.72
C LEU V 29 27.50 -80.69 -29.13
N SER V 30 27.05 -81.59 -30.00
CA SER V 30 26.58 -82.87 -29.52
C SER V 30 27.75 -83.71 -29.03
N GLU V 31 27.44 -84.77 -28.30
CA GLU V 31 28.50 -85.58 -27.71
C GLU V 31 29.32 -86.28 -28.78
N ASP V 32 28.68 -86.71 -29.87
CA ASP V 32 29.42 -87.38 -30.95
C ASP V 32 30.31 -86.43 -31.71
N LEU V 33 29.88 -85.18 -31.91
CA LEU V 33 30.73 -84.24 -32.63
C LEU V 33 32.01 -83.94 -31.87
N GLU V 34 31.91 -83.81 -30.55
CA GLU V 34 33.10 -83.49 -29.77
C GLU V 34 34.04 -84.68 -29.63
N LYS V 35 33.58 -85.90 -29.92
CA LYS V 35 34.51 -87.02 -30.02
C LYS V 35 35.48 -86.84 -31.16
N GLN V 36 35.00 -86.37 -32.31
CA GLN V 36 35.81 -86.31 -33.51
C GLN V 36 36.27 -84.90 -33.85
N TYR V 37 36.02 -83.93 -32.98
CA TYR V 37 36.47 -82.57 -33.21
C TYR V 37 37.21 -81.95 -32.04
N GLY V 38 37.12 -82.50 -30.83
CA GLY V 38 37.97 -82.07 -29.75
C GLY V 38 37.64 -80.73 -29.14
N ILE V 39 36.50 -80.13 -29.48
CA ILE V 39 36.07 -78.89 -28.88
C ILE V 39 34.69 -79.09 -28.29
N LYS V 40 34.31 -78.18 -27.39
CA LYS V 40 33.05 -78.29 -26.67
C LYS V 40 31.96 -77.36 -27.19
N ARG V 41 32.33 -76.19 -27.74
CA ARG V 41 31.36 -75.23 -28.24
C ARG V 41 31.88 -74.63 -29.54
N ILE V 42 30.97 -74.04 -30.29
CA ILE V 42 31.30 -73.39 -31.56
C ILE V 42 30.18 -72.43 -31.88
N SER V 43 30.46 -71.45 -32.73
CA SER V 43 29.42 -70.56 -33.19
C SER V 43 28.68 -71.18 -34.38
N ILE V 44 27.43 -70.77 -34.56
CA ILE V 44 26.52 -71.39 -35.51
C ILE V 44 26.53 -70.59 -36.80
N ARG V 45 26.50 -71.30 -37.92
CA ARG V 45 26.34 -70.69 -39.24
C ARG V 45 25.23 -71.41 -39.99
N LYS V 46 24.78 -70.81 -41.09
CA LYS V 46 23.76 -71.42 -41.92
C LYS V 46 24.23 -72.74 -42.49
N GLY V 47 23.36 -73.73 -42.48
CA GLY V 47 23.68 -75.05 -42.97
C GLY V 47 23.93 -76.08 -41.89
N ASP V 48 24.17 -75.66 -40.65
CA ASP V 48 24.29 -76.60 -39.55
C ASP V 48 22.93 -77.21 -39.21
N SER V 49 22.97 -78.42 -38.69
CA SER V 49 21.77 -79.08 -38.18
C SER V 49 21.73 -78.92 -36.67
N VAL V 50 20.54 -78.64 -36.16
CA VAL V 50 20.35 -78.12 -34.81
C VAL V 50 19.15 -78.79 -34.17
N LYS V 51 19.26 -79.11 -32.88
CA LYS V 51 18.17 -79.74 -32.14
C LYS V 51 17.87 -78.93 -30.89
N LEU V 52 16.58 -78.79 -30.58
CA LEU V 52 16.14 -77.96 -29.45
C LEU V 52 16.19 -78.74 -28.14
N MET V 53 16.67 -78.06 -27.09
CA MET V 53 16.63 -78.63 -25.75
C MET V 53 15.62 -77.98 -24.83
N ARG V 54 15.13 -76.79 -25.16
CA ARG V 54 14.19 -76.07 -24.31
C ARG V 54 13.11 -75.45 -25.18
N GLY V 55 11.93 -75.30 -24.61
CA GLY V 55 10.81 -74.66 -25.26
C GLY V 55 9.65 -75.62 -25.45
N SER V 56 8.58 -75.09 -26.04
CA SER V 56 7.39 -75.89 -26.29
C SER V 56 7.58 -76.88 -27.43
N GLN V 57 8.65 -76.78 -28.20
CA GLN V 57 8.96 -77.70 -29.29
C GLN V 57 10.23 -78.49 -29.02
N VAL V 58 10.44 -78.89 -27.76
CA VAL V 58 11.67 -79.57 -27.40
C VAL V 58 11.81 -80.87 -28.16
N GLY V 59 13.04 -81.19 -28.57
CA GLY V 59 13.32 -82.38 -29.33
C GLY V 59 13.24 -82.20 -30.83
N TYR V 60 12.84 -81.04 -31.31
CA TYR V 60 12.68 -80.81 -32.73
C TYR V 60 14.04 -80.54 -33.38
N GLU V 61 14.34 -81.26 -34.44
CA GLU V 61 15.64 -81.17 -35.10
C GLU V 61 15.46 -80.83 -36.57
N GLY V 62 16.25 -79.88 -37.04
CA GLY V 62 16.19 -79.44 -38.42
C GLY V 62 17.50 -78.88 -38.88
N LYS V 63 17.43 -77.86 -39.74
CA LYS V 63 18.61 -77.23 -40.30
C LYS V 63 18.46 -75.72 -40.22
N VAL V 64 19.57 -75.03 -40.00
CA VAL V 64 19.55 -73.58 -39.86
C VAL V 64 19.41 -72.96 -41.24
N VAL V 65 18.41 -72.10 -41.41
CA VAL V 65 18.20 -71.39 -42.67
C VAL V 65 18.35 -69.89 -42.55
N GLU V 66 18.39 -69.34 -41.34
CA GLU V 66 18.56 -67.92 -41.14
C GLU V 66 19.29 -67.69 -39.83
N VAL V 67 19.91 -66.53 -39.71
CA VAL V 67 20.56 -66.10 -38.49
C VAL V 67 20.22 -64.64 -38.25
N ASP V 68 20.19 -64.26 -36.97
CA ASP V 68 20.04 -62.87 -36.55
C ASP V 68 21.21 -62.61 -35.61
N ARG V 69 22.34 -62.20 -36.19
CA ARG V 69 23.55 -62.08 -35.40
C ARG V 69 23.49 -60.92 -34.41
N LYS V 70 22.61 -59.95 -34.63
CA LYS V 70 22.50 -58.83 -33.71
C LYS V 70 21.80 -59.21 -32.41
N ARG V 71 20.87 -60.17 -32.46
CA ARG V 71 20.21 -60.64 -31.25
C ARG V 71 20.60 -62.05 -30.83
N GLY V 72 21.16 -62.85 -31.71
CA GLY V 72 21.62 -64.17 -31.32
C GLY V 72 20.59 -65.27 -31.46
N ARG V 73 19.75 -65.18 -32.49
CA ARG V 73 18.68 -66.15 -32.72
C ARG V 73 18.84 -66.80 -34.08
N VAL V 74 18.25 -67.99 -34.23
CA VAL V 74 18.33 -68.77 -35.45
C VAL V 74 16.94 -69.23 -35.85
N ALA V 75 16.76 -69.47 -37.15
CA ALA V 75 15.53 -69.98 -37.71
C ALA V 75 15.79 -71.35 -38.31
N ILE V 76 14.91 -72.31 -37.99
CA ILE V 76 15.09 -73.70 -38.39
C ILE V 76 14.01 -74.05 -39.40
N GLU V 77 14.38 -74.81 -40.44
CA GLU V 77 13.42 -75.18 -41.45
C GLU V 77 12.38 -76.14 -40.88
N GLY V 78 11.12 -75.90 -41.23
CA GLY V 78 10.03 -76.73 -40.76
C GLY V 78 9.47 -76.34 -39.41
N LEU V 79 10.04 -75.34 -38.75
CA LEU V 79 9.56 -74.82 -37.49
C LEU V 79 8.96 -73.44 -37.76
N THR V 80 7.68 -73.41 -38.08
CA THR V 80 7.03 -72.20 -38.57
C THR V 80 5.74 -71.95 -37.80
N LYS V 81 5.17 -70.77 -38.06
CA LYS V 81 3.84 -70.40 -37.60
C LYS V 81 3.19 -69.60 -38.72
N LYS V 82 1.91 -69.83 -38.96
CA LYS V 82 1.23 -69.15 -40.05
C LYS V 82 0.54 -67.88 -39.58
N LYS V 83 0.58 -66.86 -40.42
CA LYS V 83 -0.01 -65.56 -40.10
C LYS V 83 -1.51 -65.60 -40.30
N ALA V 84 -2.13 -64.42 -40.31
CA ALA V 84 -3.57 -64.33 -40.49
C ALA V 84 -3.99 -64.83 -41.87
N ASP V 85 -3.26 -64.41 -42.90
CA ASP V 85 -3.61 -64.80 -44.27
C ASP V 85 -3.25 -66.25 -44.55
N GLY V 86 -2.21 -66.77 -43.91
CA GLY V 86 -1.81 -68.15 -44.06
C GLY V 86 -0.36 -68.37 -44.46
N THR V 87 0.38 -67.33 -44.81
CA THR V 87 1.78 -67.51 -45.16
C THR V 87 2.60 -67.80 -43.91
N PRO V 88 3.42 -68.84 -43.90
CA PRO V 88 4.17 -69.18 -42.68
C PRO V 88 5.30 -68.20 -42.42
N VAL V 89 5.60 -68.03 -41.13
CA VAL V 89 6.76 -67.26 -40.69
C VAL V 89 7.54 -68.11 -39.71
N TYR V 90 8.83 -67.78 -39.57
CA TYR V 90 9.73 -68.60 -38.77
C TYR V 90 9.58 -68.29 -37.29
N VAL V 91 9.87 -69.30 -36.47
CA VAL V 91 9.96 -69.16 -35.03
C VAL V 91 11.44 -69.06 -34.67
N TRP V 92 11.81 -67.97 -34.01
CA TRP V 92 13.20 -67.71 -33.65
C TRP V 92 13.50 -68.29 -32.29
N VAL V 93 14.60 -69.04 -32.19
CA VAL V 93 15.02 -69.65 -30.95
C VAL V 93 16.45 -69.23 -30.66
N HIS V 94 16.73 -68.87 -29.41
CA HIS V 94 18.05 -68.41 -29.03
C HIS V 94 19.07 -69.53 -29.19
N ALA V 95 20.31 -69.13 -29.48
CA ALA V 95 21.37 -70.09 -29.76
C ALA V 95 21.82 -70.86 -28.53
N SER V 96 21.44 -70.43 -27.33
CA SER V 96 21.79 -71.12 -26.11
C SER V 96 20.78 -72.19 -25.73
N LYS V 97 19.70 -72.33 -26.50
CA LYS V 97 18.68 -73.33 -26.25
C LYS V 97 18.78 -74.51 -27.20
N VAL V 98 19.84 -74.60 -27.98
CA VAL V 98 19.98 -75.63 -29.01
C VAL V 98 21.32 -76.32 -28.84
N ILE V 99 21.41 -77.51 -29.43
CA ILE V 99 22.65 -78.28 -29.44
C ILE V 99 22.92 -78.69 -30.87
N ILE V 100 24.15 -78.46 -31.33
CA ILE V 100 24.51 -78.67 -32.73
C ILE V 100 24.70 -80.15 -32.99
N THR V 101 24.04 -80.66 -34.03
CA THR V 101 24.06 -82.08 -34.35
C THR V 101 25.00 -82.42 -35.49
N LYS V 102 25.14 -81.55 -36.50
CA LYS V 102 26.15 -81.74 -37.52
C LYS V 102 26.55 -80.39 -38.09
N LEU V 103 27.79 -80.32 -38.59
CA LEU V 103 28.36 -79.10 -39.12
C LEU V 103 28.36 -79.11 -40.64
N ASP V 104 28.60 -77.95 -41.23
CA ASP V 104 28.87 -77.84 -42.66
C ASP V 104 30.36 -77.54 -42.80
N THR V 105 31.13 -78.57 -43.16
CA THR V 105 32.58 -78.47 -43.22
C THR V 105 33.02 -78.21 -44.65
N GLY V 106 32.81 -76.96 -45.09
CA GLY V 106 33.16 -76.61 -46.44
C GLY V 106 33.77 -75.23 -46.58
N ASP V 107 34.21 -74.63 -45.48
CA ASP V 107 34.79 -73.30 -45.54
C ASP V 107 36.31 -73.31 -45.68
N LYS V 108 36.98 -74.28 -45.06
CA LYS V 108 38.43 -74.44 -45.12
C LYS V 108 39.13 -73.37 -44.28
N GLU V 109 38.40 -72.34 -43.88
CA GLU V 109 38.87 -71.41 -42.87
C GLU V 109 38.15 -71.57 -41.56
N ARG V 110 36.93 -72.10 -41.58
CA ARG V 110 36.31 -72.58 -40.36
C ARG V 110 36.99 -73.84 -39.86
N MET V 111 37.50 -74.66 -40.77
CA MET V 111 38.04 -75.96 -40.37
C MET V 111 39.38 -75.81 -39.65
N ASP V 112 40.27 -74.96 -40.14
CA ASP V 112 41.53 -74.79 -39.46
C ASP V 112 41.41 -73.89 -38.23
N ALA V 113 40.34 -73.11 -38.13
CA ALA V 113 40.05 -72.43 -36.87
C ALA V 113 39.66 -73.44 -35.80
N ILE V 114 38.91 -74.47 -36.17
CA ILE V 114 38.60 -75.54 -35.24
C ILE V 114 39.85 -76.30 -34.84
N GLU V 115 40.74 -76.55 -35.80
CA GLU V 115 42.01 -77.20 -35.47
C GLU V 115 42.88 -76.31 -34.60
N ARG V 116 42.90 -75.00 -34.88
CA ARG V 116 43.68 -74.09 -34.05
C ARG V 116 43.20 -74.10 -32.61
N LYS V 117 41.94 -74.45 -32.38
CA LYS V 117 41.37 -74.56 -31.04
C LYS V 117 41.59 -75.93 -30.45
N ARG V 118 42.68 -76.58 -30.85
CA ARG V 118 43.19 -77.80 -30.21
C ARG V 118 42.24 -78.98 -30.38
N LYS V 119 41.86 -79.24 -31.63
CA LYS V 119 41.54 -80.59 -32.05
C LYS V 119 42.79 -81.46 -31.91
N MET V 120 42.59 -82.74 -31.57
CA MET V 120 43.65 -83.52 -30.96
C MET V 120 44.94 -83.56 -31.77
N ARG V 121 44.92 -84.22 -32.94
CA ARG V 121 46.10 -84.22 -33.81
C ARG V 121 45.78 -83.71 -35.21
N GLU V 122 44.81 -84.30 -35.89
CA GLU V 122 44.23 -83.71 -37.11
C GLU V 122 42.75 -84.06 -37.17
N PRO W 1 33.06 -56.27 -62.82
CA PRO W 1 33.69 -54.99 -63.21
C PRO W 1 34.40 -54.33 -62.05
N LEU W 2 35.16 -55.11 -61.28
CA LEU W 2 35.87 -54.62 -60.09
C LEU W 2 37.35 -54.84 -60.33
N GLU W 3 37.98 -53.90 -61.03
CA GLU W 3 39.40 -54.02 -61.35
C GLU W 3 40.23 -53.47 -60.21
N VAL W 4 41.21 -54.24 -59.75
CA VAL W 4 41.98 -53.82 -58.58
C VAL W 4 43.49 -53.84 -58.82
N ASP W 5 43.96 -54.74 -59.66
CA ASP W 5 45.38 -55.02 -59.74
C ASP W 5 45.94 -55.01 -61.16
N GLU W 6 45.09 -54.87 -62.18
CA GLU W 6 45.56 -54.56 -63.52
C GLU W 6 45.76 -53.07 -63.72
N LEU W 7 45.27 -52.24 -62.81
CA LEU W 7 45.48 -50.80 -62.93
C LEU W 7 46.93 -50.42 -62.68
N ARG W 8 47.61 -51.16 -61.80
CA ARG W 8 49.03 -50.90 -61.56
C ARG W 8 49.89 -51.33 -62.74
N LYS W 9 49.37 -52.19 -63.62
CA LYS W 9 50.13 -52.59 -64.79
C LYS W 9 50.12 -51.49 -65.86
N MET W 10 49.02 -50.76 -65.98
CA MET W 10 48.90 -49.73 -67.01
C MET W 10 49.78 -48.53 -66.68
N ASP W 11 49.99 -47.70 -67.69
CA ASP W 11 50.82 -46.51 -67.58
C ASP W 11 49.93 -45.28 -67.40
N LEU W 12 50.57 -44.14 -67.19
CA LEU W 12 49.84 -42.93 -66.86
C LEU W 12 48.95 -42.47 -68.00
N LYS W 13 49.30 -42.78 -69.25
CA LYS W 13 48.47 -42.40 -70.38
C LYS W 13 47.21 -43.25 -70.45
N GLN W 14 47.33 -44.56 -70.24
CA GLN W 14 46.18 -45.44 -70.32
C GLN W 14 45.18 -45.18 -69.22
N LEU W 15 45.64 -44.74 -68.05
CA LEU W 15 44.73 -44.44 -66.95
C LEU W 15 43.90 -43.20 -67.24
N LYS W 16 44.46 -42.25 -67.99
CA LYS W 16 43.70 -41.05 -68.33
C LYS W 16 42.50 -41.38 -69.20
N GLU W 17 42.66 -42.29 -70.16
CA GLU W 17 41.55 -42.63 -71.03
C GLU W 17 40.55 -43.55 -70.34
N ARG W 18 41.01 -44.45 -69.47
CA ARG W 18 40.08 -45.28 -68.72
C ARG W 18 39.26 -44.45 -67.74
N LEU W 19 39.84 -43.39 -67.20
CA LEU W 19 39.08 -42.47 -66.35
C LEU W 19 37.99 -41.77 -67.14
N ASN W 20 38.30 -41.34 -68.37
CA ASN W 20 37.33 -40.62 -69.16
C ASN W 20 36.16 -41.51 -69.58
N GLU W 21 36.44 -42.77 -69.89
CA GLU W 21 35.37 -43.69 -70.26
C GLU W 21 34.41 -43.90 -69.10
N LEU W 22 34.93 -44.05 -67.89
CA LEU W 22 34.09 -44.26 -66.72
C LEU W 22 33.25 -43.03 -66.40
N GLU W 23 33.83 -41.85 -66.55
CA GLU W 23 33.07 -40.63 -66.30
C GLU W 23 31.98 -40.38 -67.32
N MET W 24 32.08 -41.01 -68.49
CA MET W 24 31.01 -40.88 -69.48
C MET W 24 29.88 -41.85 -69.21
N GLN W 25 30.21 -43.08 -68.79
CA GLN W 25 29.15 -44.03 -68.51
C GLN W 25 28.46 -43.74 -67.19
N LEU W 26 29.09 -42.96 -66.31
CA LEU W 26 28.40 -42.49 -65.12
C LEU W 26 27.42 -41.38 -65.46
N LEU W 27 27.75 -40.55 -66.44
CA LEU W 27 26.82 -39.53 -66.90
C LEU W 27 25.59 -40.15 -67.54
N LYS W 28 25.77 -41.27 -68.25
CA LYS W 28 24.64 -41.95 -68.85
C LYS W 28 23.77 -42.62 -67.80
N LEU W 29 24.37 -43.13 -66.72
CA LEU W 29 23.60 -43.79 -65.68
C LEU W 29 22.70 -42.84 -64.91
N ARG W 30 22.92 -41.54 -65.01
CA ARG W 30 22.11 -40.56 -64.30
C ARG W 30 20.75 -40.34 -64.96
N VAL W 31 20.34 -41.24 -65.86
CA VAL W 31 18.96 -41.30 -66.33
C VAL W 31 18.02 -41.94 -65.34
N GLU W 32 18.52 -42.36 -64.18
CA GLU W 32 17.64 -42.78 -63.11
C GLU W 32 16.77 -41.62 -62.65
N SER W 33 17.24 -40.39 -62.81
CA SER W 33 16.37 -39.24 -62.55
C SER W 33 15.26 -39.14 -63.57
N ARG W 34 15.55 -39.48 -64.82
CA ARG W 34 14.58 -39.48 -65.91
C ARG W 34 13.56 -40.58 -65.79
N MET W 35 13.56 -41.26 -64.64
CA MET W 35 12.67 -42.39 -64.39
C MET W 35 12.82 -43.46 -65.44
N GLY W 36 13.94 -43.45 -66.15
CA GLY W 36 14.20 -44.43 -67.18
C GLY W 36 14.31 -45.86 -66.69
N THR W 37 14.00 -46.09 -65.41
CA THR W 37 13.93 -47.42 -64.82
C THR W 37 15.27 -48.15 -64.99
N LEU W 38 16.26 -47.61 -64.30
CA LEU W 38 17.49 -48.36 -64.11
C LEU W 38 17.15 -49.69 -63.45
N LYS W 39 17.45 -50.79 -64.14
CA LYS W 39 17.25 -52.10 -63.54
C LYS W 39 18.13 -52.27 -62.32
N ASN W 40 19.42 -52.01 -62.45
CA ASN W 40 20.34 -52.12 -61.32
C ASN W 40 20.72 -50.71 -60.89
N THR W 41 20.15 -50.29 -59.76
CA THR W 41 20.51 -49.03 -59.13
C THR W 41 21.90 -49.06 -58.53
N ALA W 42 22.49 -50.24 -58.34
CA ALA W 42 23.78 -50.39 -57.69
C ALA W 42 24.94 -50.13 -58.61
N SER W 43 24.68 -49.78 -59.88
CA SER W 43 25.76 -49.49 -60.81
C SER W 43 26.27 -48.07 -60.66
N ILE W 44 25.45 -47.15 -60.17
CA ILE W 44 25.93 -45.80 -59.92
C ILE W 44 26.96 -45.79 -58.80
N LYS W 45 26.68 -46.52 -57.72
CA LYS W 45 27.65 -46.65 -56.64
C LYS W 45 28.90 -47.38 -57.10
N ASN W 46 28.72 -48.47 -57.85
CA ASN W 46 29.86 -49.28 -58.27
C ASN W 46 30.78 -48.51 -59.21
N THR W 47 30.21 -47.65 -60.05
CA THR W 47 31.03 -46.85 -60.96
C THR W 47 31.77 -45.75 -60.22
N ARG W 48 31.13 -45.13 -59.24
CA ARG W 48 31.77 -44.06 -58.49
C ARG W 48 32.95 -44.56 -57.67
N LYS W 49 32.96 -45.84 -57.31
CA LYS W 49 34.07 -46.42 -56.56
C LYS W 49 35.19 -46.92 -57.45
N ASP W 50 34.92 -47.13 -58.74
CA ASP W 50 35.99 -47.40 -59.69
C ASP W 50 36.72 -46.13 -60.07
N ILE W 51 36.04 -44.99 -60.08
CA ILE W 51 36.71 -43.72 -60.34
C ILE W 51 37.68 -43.39 -59.23
N ALA W 52 37.30 -43.71 -57.99
CA ALA W 52 38.17 -43.44 -56.85
C ALA W 52 39.41 -44.32 -56.89
N ARG W 53 39.29 -45.55 -57.35
CA ARG W 53 40.44 -46.45 -57.40
C ARG W 53 41.46 -46.00 -58.44
N ILE W 54 41.00 -45.48 -59.57
CA ILE W 54 41.92 -45.01 -60.59
C ILE W 54 42.68 -43.80 -60.11
N LEU W 55 41.99 -42.84 -59.49
CA LEU W 55 42.66 -41.66 -58.98
C LEU W 55 43.61 -41.98 -57.84
N THR W 56 43.42 -43.11 -57.16
CA THR W 56 44.42 -43.57 -56.20
C THR W 56 45.66 -44.07 -56.92
N VAL W 57 45.48 -44.88 -57.97
CA VAL W 57 46.62 -45.44 -58.68
C VAL W 57 47.38 -44.38 -59.44
N ILE W 58 46.69 -43.39 -59.99
CA ILE W 58 47.36 -42.27 -60.64
C ILE W 58 48.26 -41.54 -59.65
N GLY W 59 47.75 -41.30 -58.44
CA GLY W 59 48.56 -40.61 -57.44
C GLY W 59 49.75 -41.43 -56.99
N GLU W 60 49.59 -42.75 -56.89
CA GLU W 60 50.70 -43.61 -56.51
C GLU W 60 51.85 -43.55 -57.50
N LYS W 61 51.57 -43.19 -58.75
CA LYS W 61 52.60 -42.97 -59.74
C LYS W 61 53.20 -41.58 -59.63
N SER W 62 53.09 -40.95 -58.46
CA SER W 62 53.78 -39.70 -58.14
C SER W 62 53.48 -38.62 -59.16
N LYS W 63 52.28 -38.64 -59.71
CA LYS W 63 51.85 -37.60 -60.62
C LYS W 63 51.56 -36.32 -59.84
N PHE X 1 39.45 73.76 -74.96
CA PHE X 1 39.05 72.70 -75.88
C PHE X 1 37.59 72.83 -76.29
N GLU X 2 36.74 73.18 -75.34
CA GLU X 2 35.31 73.32 -75.64
C GLU X 2 35.07 74.47 -76.61
N GLY X 3 35.92 75.50 -76.58
CA GLY X 3 35.74 76.61 -77.51
C GLY X 3 35.92 76.20 -78.95
N GLU X 4 36.93 75.37 -79.23
CA GLU X 4 37.14 74.90 -80.59
C GLU X 4 36.10 73.86 -80.97
N LEU X 5 35.71 73.00 -80.03
CA LEU X 5 34.71 71.98 -80.34
C LEU X 5 33.37 72.59 -80.68
N LYS X 6 33.02 73.72 -80.05
CA LYS X 6 31.80 74.42 -80.41
C LYS X 6 31.86 74.90 -81.87
N THR X 7 33.00 75.44 -82.28
CA THR X 7 33.14 75.91 -83.65
C THR X 7 33.29 74.77 -84.63
N LEU X 8 33.92 73.66 -84.21
CA LEU X 8 34.13 72.54 -85.11
C LEU X 8 32.80 71.93 -85.55
N LEU X 9 31.89 71.70 -84.61
CA LEU X 9 30.61 71.10 -84.95
C LEU X 9 29.67 72.08 -85.65
N ARG X 10 29.96 73.38 -85.54
CA ARG X 10 29.10 74.36 -86.20
C ARG X 10 29.33 74.37 -87.71
N SER X 11 30.58 74.21 -88.15
CA SER X 11 30.92 74.32 -89.55
C SER X 11 31.61 73.10 -90.13
N GLY X 12 32.34 72.34 -89.33
CA GLY X 12 33.11 71.23 -89.84
C GLY X 12 32.28 69.98 -90.08
N LYS X 13 32.96 68.93 -90.53
CA LYS X 13 32.36 67.62 -90.73
C LYS X 13 32.94 66.65 -89.71
N VAL X 14 32.06 65.87 -89.09
CA VAL X 14 32.42 65.06 -87.92
C VAL X 14 31.80 63.68 -88.04
N ILE X 15 32.41 62.71 -87.37
CA ILE X 15 31.93 61.33 -87.34
C ILE X 15 31.81 60.91 -85.88
N LEU X 16 30.67 60.32 -85.53
CA LEU X 16 30.38 59.94 -84.15
C LEU X 16 30.28 58.43 -84.03
N GLY X 17 31.07 57.86 -83.14
CA GLY X 17 31.02 56.43 -82.93
C GLY X 17 32.32 55.76 -83.33
N THR X 18 32.58 54.61 -82.70
CA THR X 18 33.87 53.95 -82.87
C THR X 18 33.98 53.26 -84.22
N ARG X 19 32.95 52.53 -84.63
CA ARG X 19 33.07 51.63 -85.78
C ARG X 19 33.38 52.38 -87.07
N LYS X 20 32.68 53.49 -87.31
CA LYS X 20 32.88 54.24 -88.54
C LYS X 20 34.22 54.95 -88.56
N THR X 21 34.65 55.48 -87.42
CA THR X 21 35.91 56.20 -87.35
C THR X 21 37.11 55.28 -87.19
N LEU X 22 36.89 54.02 -86.83
CA LEU X 22 38.01 53.09 -86.75
C LEU X 22 38.45 52.63 -88.13
N LYS X 23 37.50 52.49 -89.06
CA LYS X 23 37.85 52.10 -90.42
C LYS X 23 38.58 53.22 -91.14
N LEU X 24 38.15 54.47 -90.94
CA LEU X 24 38.81 55.59 -91.59
C LEU X 24 40.23 55.78 -91.07
N LEU X 25 40.47 55.47 -89.79
CA LEU X 25 41.80 55.61 -89.23
C LEU X 25 42.78 54.63 -89.86
N LYS X 26 42.34 53.40 -90.14
CA LYS X 26 43.23 52.42 -90.75
C LYS X 26 43.62 52.82 -92.16
N THR X 27 42.74 53.49 -92.90
CA THR X 27 43.04 53.94 -94.24
C THR X 27 43.53 55.38 -94.28
N GLY X 28 43.71 56.02 -93.12
CA GLY X 28 44.28 57.35 -93.05
C GLY X 28 43.47 58.45 -93.70
N LYS X 29 42.17 58.51 -93.40
CA LYS X 29 41.29 59.52 -93.98
C LYS X 29 40.60 60.38 -92.93
N VAL X 30 41.17 60.47 -91.73
CA VAL X 30 40.68 61.37 -90.70
C VAL X 30 41.80 62.32 -90.32
N LYS X 31 41.45 63.60 -90.13
CA LYS X 31 42.43 64.58 -89.70
C LYS X 31 42.87 64.32 -88.27
N GLY X 32 41.93 64.04 -87.38
CA GLY X 32 42.24 63.82 -85.97
C GLY X 32 41.13 63.09 -85.27
N VAL X 33 41.43 62.61 -84.07
CA VAL X 33 40.52 61.79 -83.28
C VAL X 33 40.60 62.25 -81.83
N VAL X 34 39.45 62.33 -81.17
CA VAL X 34 39.40 62.56 -79.73
C VAL X 34 38.75 61.35 -79.08
N VAL X 35 39.32 60.91 -77.96
CA VAL X 35 38.89 59.69 -77.28
C VAL X 35 38.55 60.03 -75.85
N SER X 36 37.38 59.59 -75.40
CA SER X 36 37.03 59.77 -74.00
C SER X 36 37.74 58.73 -73.14
N SER X 37 37.88 59.04 -71.86
CA SER X 37 38.68 58.19 -70.97
C SER X 37 37.96 56.94 -70.52
N THR X 38 36.67 56.83 -70.80
CA THR X 38 35.88 55.68 -70.35
C THR X 38 35.68 54.63 -71.44
N LEU X 39 36.32 54.79 -72.59
CA LEU X 39 36.16 53.84 -73.68
C LEU X 39 36.69 52.47 -73.29
N ARG X 40 36.15 51.44 -73.93
CA ARG X 40 36.59 50.08 -73.68
C ARG X 40 38.07 49.93 -74.01
N GLN X 41 38.77 49.13 -73.21
CA GLN X 41 40.23 49.03 -73.34
C GLN X 41 40.62 48.38 -74.65
N ASP X 42 39.87 47.37 -75.10
CA ASP X 42 40.21 46.69 -76.35
C ASP X 42 40.15 47.61 -77.54
N LEU X 43 39.22 48.58 -77.53
CA LEU X 43 39.10 49.54 -78.62
C LEU X 43 40.05 50.71 -78.46
N LYS X 44 40.50 51.00 -77.23
CA LYS X 44 41.36 52.15 -77.01
C LYS X 44 42.77 51.88 -77.52
N ASP X 45 43.30 50.69 -77.24
CA ASP X 45 44.64 50.37 -77.73
C ASP X 45 44.64 49.98 -79.20
N ASP X 46 43.48 49.76 -79.80
CA ASP X 46 43.40 49.68 -81.25
C ASP X 46 43.52 51.06 -81.88
N ILE X 47 42.95 52.08 -81.25
CA ILE X 47 43.14 53.45 -81.73
C ILE X 47 44.59 53.84 -81.65
N MET X 48 45.26 53.50 -80.55
CA MET X 48 46.63 53.94 -80.35
C MET X 48 47.58 53.21 -81.30
N THR X 49 47.30 51.95 -81.59
CA THR X 49 48.13 51.20 -82.52
C THR X 49 48.04 51.75 -83.93
N PHE X 50 46.83 51.94 -84.44
CA PHE X 50 46.67 52.38 -85.82
C PHE X 50 47.05 53.84 -86.01
N SER X 51 47.14 54.61 -84.92
CA SER X 51 47.50 56.02 -85.03
C SER X 51 48.99 56.21 -85.30
N LYS X 52 49.84 55.34 -84.77
CA LYS X 52 51.28 55.48 -84.98
C LYS X 52 51.69 55.13 -86.41
N PHE X 53 50.82 54.48 -87.17
CA PHE X 53 51.12 54.12 -88.54
C PHE X 53 50.84 55.24 -89.52
N SER X 54 50.21 56.34 -89.08
CA SER X 54 49.80 57.38 -90.01
C SER X 54 50.04 58.79 -89.52
N ASP X 55 50.53 58.99 -88.29
CA ASP X 55 50.80 60.32 -87.75
C ASP X 55 49.54 61.19 -87.77
N ILE X 56 48.55 60.76 -86.99
CA ILE X 56 47.29 61.47 -86.83
C ILE X 56 47.22 61.96 -85.38
N PRO X 57 46.87 63.22 -85.13
CA PRO X 57 46.77 63.69 -83.75
C PRO X 57 45.68 62.95 -82.98
N ILE X 58 46.00 62.61 -81.73
CA ILE X 58 45.07 61.93 -80.84
C ILE X 58 44.93 62.78 -79.58
N TYR X 59 43.69 63.07 -79.19
CA TYR X 59 43.41 63.85 -78.00
C TYR X 59 42.67 62.98 -77.00
N LEU X 60 43.15 62.97 -75.77
CA LEU X 60 42.56 62.17 -74.70
C LEU X 60 41.66 63.06 -73.87
N TYR X 61 40.35 62.86 -74.00
CA TYR X 61 39.39 63.62 -73.21
C TYR X 61 39.35 63.11 -71.78
N LYS X 62 39.20 64.03 -70.83
CA LYS X 62 39.23 63.67 -69.42
C LYS X 62 37.93 63.02 -68.96
N GLY X 63 36.80 63.46 -69.50
CA GLY X 63 35.50 62.97 -69.07
C GLY X 63 35.12 61.68 -69.76
N SER X 64 33.87 61.30 -69.56
CA SER X 64 33.34 60.05 -70.10
C SER X 64 32.62 60.31 -71.41
N GLY X 65 32.04 59.25 -71.99
CA GLY X 65 31.31 59.40 -73.22
C GLY X 65 30.00 60.14 -73.07
N TYR X 66 29.56 60.37 -71.83
CA TYR X 66 28.30 61.07 -71.61
C TYR X 66 28.48 62.58 -71.67
N GLU X 67 29.49 63.11 -70.97
CA GLU X 67 29.72 64.54 -71.13
C GLU X 67 30.51 64.86 -72.38
N LEU X 68 30.97 63.86 -73.13
CA LEU X 68 31.41 64.11 -74.49
C LEU X 68 30.23 64.15 -75.45
N GLY X 69 29.24 63.28 -75.24
CA GLY X 69 28.02 63.34 -76.02
C GLY X 69 27.22 64.60 -75.77
N THR X 70 27.24 65.10 -74.53
CA THR X 70 26.51 66.32 -74.21
C THR X 70 27.17 67.55 -74.82
N LEU X 71 28.49 67.54 -74.96
CA LEU X 71 29.16 68.65 -75.64
C LEU X 71 28.74 68.74 -77.10
N CYS X 72 28.63 67.58 -77.76
CA CYS X 72 28.14 67.56 -79.14
C CYS X 72 26.65 67.84 -79.24
N GLY X 73 25.93 67.85 -78.12
CA GLY X 73 24.51 68.06 -78.14
C GLY X 73 23.67 66.82 -78.42
N LYS X 74 24.31 65.68 -78.52
CA LYS X 74 23.63 64.45 -78.93
C LYS X 74 23.07 63.75 -77.70
N PRO X 75 21.82 63.27 -77.74
CA PRO X 75 21.16 62.84 -76.50
C PRO X 75 21.77 61.63 -75.82
N PHE X 76 22.66 60.89 -76.47
CA PHE X 76 23.26 59.73 -75.83
C PHE X 76 24.78 59.86 -75.91
N MET X 77 25.50 58.84 -75.44
CA MET X 77 26.95 58.93 -75.32
C MET X 77 27.62 58.80 -76.67
N VAL X 78 28.73 59.52 -76.83
CA VAL X 78 29.68 59.29 -77.91
C VAL X 78 31.05 59.19 -77.29
N SER X 79 31.77 58.11 -77.61
CA SER X 79 33.07 57.84 -77.00
C SER X 79 34.24 58.20 -77.90
N VAL X 80 34.08 58.10 -79.22
CA VAL X 80 35.14 58.44 -80.16
C VAL X 80 34.56 59.41 -81.17
N ILE X 81 35.33 60.44 -81.50
CA ILE X 81 34.94 61.43 -82.50
C ILE X 81 36.03 61.49 -83.56
N GLY X 82 35.63 61.34 -84.82
CA GLY X 82 36.55 61.43 -85.94
C GLY X 82 36.36 62.73 -86.68
N ILE X 83 37.46 63.45 -86.87
CA ILE X 83 37.45 64.77 -87.49
C ILE X 83 37.87 64.60 -88.94
N VAL X 84 36.91 64.72 -89.86
CA VAL X 84 37.20 64.56 -91.27
C VAL X 84 37.31 65.89 -92.01
N ASP X 85 36.86 66.99 -91.42
CA ASP X 85 36.95 68.30 -92.04
C ASP X 85 36.94 69.35 -90.94
N GLU X 86 38.04 70.08 -90.80
CA GLU X 86 38.12 71.08 -89.74
C GLU X 86 37.08 72.17 -89.92
N GLY X 87 36.82 72.56 -91.17
CA GLY X 87 35.87 73.61 -91.43
C GLY X 87 36.51 74.98 -91.36
N GLU X 88 36.28 75.69 -90.25
CA GLU X 88 36.94 76.97 -90.01
C GLU X 88 37.52 77.08 -88.61
N SER X 89 37.35 76.06 -87.78
CA SER X 89 37.83 76.11 -86.41
C SER X 89 39.35 75.94 -86.39
N LYS X 90 39.92 76.00 -85.18
CA LYS X 90 41.35 75.91 -84.98
C LYS X 90 41.64 74.80 -83.97
N ILE X 91 41.11 73.61 -84.23
CA ILE X 91 41.24 72.50 -83.32
C ILE X 91 42.38 71.55 -83.69
N LEU X 92 42.82 71.54 -84.95
CA LEU X 92 43.69 70.47 -85.42
C LEU X 92 45.14 70.60 -84.96
N GLU X 93 45.51 71.72 -84.34
CA GLU X 93 46.88 71.89 -83.87
C GLU X 93 47.15 71.17 -82.55
N PHE X 94 46.11 70.75 -81.84
CA PHE X 94 46.28 70.08 -80.55
C PHE X 94 46.86 68.69 -80.72
N MET Y 1 -20.19 -21.75 75.96
CA MET Y 1 -19.11 -22.04 75.02
C MET Y 1 -18.83 -23.54 74.95
N ASN Y 2 -19.38 -24.20 73.94
CA ASN Y 2 -19.10 -25.61 73.73
C ASN Y 2 -17.66 -25.80 73.26
N GLU Y 3 -17.17 -27.02 73.43
CA GLU Y 3 -15.76 -27.31 73.23
C GLU Y 3 -15.45 -27.97 71.90
N LEU Y 4 -16.39 -27.98 70.95
CA LEU Y 4 -16.14 -28.74 69.73
C LEU Y 4 -17.09 -28.27 68.65
N ILE Y 5 -16.54 -27.89 67.49
CA ILE Y 5 -17.35 -27.33 66.41
C ILE Y 5 -17.10 -28.09 65.12
N GLY Y 6 -18.03 -27.95 64.20
CA GLY Y 6 -17.95 -28.60 62.91
C GLY Y 6 -18.25 -27.61 61.82
N VAL Y 7 -17.45 -27.66 60.76
CA VAL Y 7 -17.49 -26.67 59.70
C VAL Y 7 -17.61 -27.39 58.37
N ILE Y 8 -18.45 -26.86 57.49
CA ILE Y 8 -18.78 -27.51 56.22
C ILE Y 8 -18.58 -26.50 55.10
N ARG Y 9 -17.85 -26.88 54.06
CA ARG Y 9 -17.69 -26.00 52.92
C ARG Y 9 -18.87 -26.18 51.97
N ILE Y 10 -19.60 -25.09 51.73
CA ILE Y 10 -20.86 -25.13 51.00
C ILE Y 10 -20.75 -24.45 49.65
N ARG Y 11 -19.54 -24.18 49.17
CA ARG Y 11 -19.32 -23.58 47.87
C ARG Y 11 -18.09 -24.20 47.23
N GLY Y 12 -18.05 -24.16 45.91
CA GLY Y 12 -16.92 -24.69 45.18
C GLY Y 12 -15.79 -23.70 45.08
N TRP Y 13 -14.67 -24.16 44.54
CA TRP Y 13 -13.41 -23.46 44.62
C TRP Y 13 -13.04 -22.69 43.37
N ALA Y 14 -13.99 -22.37 42.52
CA ALA Y 14 -13.72 -21.64 41.30
C ALA Y 14 -14.00 -20.16 41.51
N ALA Y 15 -13.03 -19.32 41.14
CA ALA Y 15 -13.09 -17.86 41.29
C ALA Y 15 -13.10 -17.42 42.76
N THR Y 16 -12.42 -18.19 43.64
CA THR Y 16 -12.24 -17.85 45.05
C THR Y 16 -10.97 -17.03 45.24
N PRO Y 17 -11.00 -15.96 46.02
CA PRO Y 17 -9.84 -15.08 46.13
C PRO Y 17 -8.62 -15.76 46.73
N TRP Y 18 -7.49 -15.08 46.57
CA TRP Y 18 -6.20 -15.56 47.04
C TRP Y 18 -6.19 -15.86 48.53
N TYR Y 19 -6.62 -14.90 49.35
CA TYR Y 19 -6.58 -15.06 50.80
C TYR Y 19 -7.42 -16.25 51.24
N ILE Y 20 -8.64 -16.33 50.70
CA ILE Y 20 -9.66 -17.24 51.21
C ILE Y 20 -9.29 -18.67 50.88
N GLN Y 21 -8.76 -18.92 49.69
CA GLN Y 21 -8.47 -20.27 49.26
C GLN Y 21 -7.34 -20.89 50.07
N ASP Y 22 -6.38 -20.08 50.51
CA ASP Y 22 -5.26 -20.61 51.29
C ASP Y 22 -5.68 -20.94 52.72
N THR Y 23 -6.60 -20.15 53.29
CA THR Y 23 -7.10 -20.45 54.61
C THR Y 23 -7.90 -21.74 54.64
N LEU Y 24 -8.69 -21.99 53.60
CA LEU Y 24 -9.50 -23.21 53.55
C LEU Y 24 -8.66 -24.45 53.32
N SER Y 25 -7.47 -24.30 52.75
CA SER Y 25 -6.56 -25.44 52.66
C SER Y 25 -5.94 -25.79 53.99
N MET Y 26 -5.73 -24.79 54.86
CA MET Y 26 -5.24 -25.06 56.20
C MET Y 26 -6.32 -25.66 57.07
N LEU Y 27 -7.59 -25.36 56.79
CA LEU Y 27 -8.70 -26.00 57.47
C LEU Y 27 -9.12 -27.30 56.80
N ARG Y 28 -8.44 -27.68 55.72
CA ARG Y 28 -8.61 -28.97 55.05
C ARG Y 28 -9.89 -29.07 54.25
N LEU Y 29 -10.43 -27.94 53.76
CA LEU Y 29 -11.67 -27.93 53.03
C LEU Y 29 -11.37 -27.52 51.59
N LYS Y 30 -10.98 -28.50 50.78
CA LYS Y 30 -10.49 -28.23 49.43
C LYS Y 30 -11.63 -28.01 48.45
N ASN Y 31 -12.68 -28.83 48.50
CA ASN Y 31 -13.79 -28.70 47.58
C ASN Y 31 -15.09 -28.89 48.35
N ALA Y 32 -16.21 -28.81 47.64
CA ALA Y 32 -17.50 -28.57 48.28
C ALA Y 32 -17.98 -29.76 49.08
N PHE Y 33 -18.63 -29.47 50.21
CA PHE Y 33 -19.35 -30.44 51.02
C PHE Y 33 -18.42 -31.47 51.65
N ASN Y 34 -17.27 -31.02 52.12
CA ASN Y 34 -16.47 -31.84 53.01
C ASN Y 34 -16.32 -31.11 54.34
N ALA Y 35 -16.41 -31.87 55.42
CA ALA Y 35 -16.52 -31.33 56.77
C ALA Y 35 -15.30 -31.69 57.60
N MET Y 36 -15.11 -30.95 58.68
CA MET Y 36 -13.96 -31.17 59.54
C MET Y 36 -14.32 -30.76 60.96
N ILE Y 37 -13.70 -31.42 61.94
CA ILE Y 37 -13.99 -31.22 63.35
C ILE Y 37 -12.79 -30.56 64.01
N TYR Y 38 -13.03 -29.46 64.73
CA TYR Y 38 -11.98 -28.71 65.40
C TYR Y 38 -12.44 -28.29 66.78
N PRO Y 39 -11.52 -28.15 67.73
CA PRO Y 39 -11.89 -27.55 69.02
C PRO Y 39 -12.14 -26.06 68.89
N LYS Y 40 -12.96 -25.53 69.80
CA LYS Y 40 -13.36 -24.13 69.74
C LYS Y 40 -12.38 -23.30 70.57
N ASP Y 41 -11.58 -22.49 69.88
CA ASP Y 41 -10.66 -21.59 70.55
C ASP Y 41 -10.47 -20.34 69.69
N SER Y 42 -9.87 -19.32 70.29
CA SER Y 42 -9.74 -18.02 69.64
C SER Y 42 -8.93 -18.09 68.36
N SER Y 43 -8.06 -19.09 68.22
CA SER Y 43 -7.21 -19.17 67.03
C SER Y 43 -8.00 -19.64 65.81
N ILE Y 44 -8.87 -20.64 66.00
CA ILE Y 44 -9.70 -21.12 64.90
C ILE Y 44 -10.81 -20.13 64.57
N GLN Y 45 -11.33 -19.42 65.57
CA GLN Y 45 -12.41 -18.48 65.34
C GLN Y 45 -12.02 -17.41 64.33
N GLY Y 46 -10.83 -16.84 64.46
CA GLY Y 46 -10.42 -15.79 63.54
C GLY Y 46 -10.26 -16.30 62.13
N MET Y 47 -10.02 -17.60 61.97
CA MET Y 47 -9.95 -18.18 60.64
C MET Y 47 -11.33 -18.29 60.01
N LEU Y 48 -12.32 -18.77 60.78
CA LEU Y 48 -13.67 -18.89 60.27
C LEU Y 48 -14.29 -17.54 59.95
N ASN Y 49 -13.94 -16.50 60.72
CA ASN Y 49 -14.44 -15.17 60.40
C ASN Y 49 -13.89 -14.64 59.09
N LEU Y 50 -12.80 -15.19 58.59
CA LEU Y 50 -12.25 -14.77 57.32
C LEU Y 50 -12.91 -15.48 56.15
N VAL Y 51 -13.15 -16.79 56.28
CA VAL Y 51 -13.71 -17.59 55.21
C VAL Y 51 -15.19 -17.81 55.44
N SER Y 52 -15.84 -16.89 56.16
CA SER Y 52 -17.22 -17.10 56.57
C SER Y 52 -18.16 -17.24 55.39
N SER Y 53 -17.90 -16.52 54.31
CA SER Y 53 -18.77 -16.50 53.14
C SER Y 53 -18.73 -17.78 52.33
N TYR Y 54 -17.98 -18.79 52.76
CA TYR Y 54 -17.84 -20.04 52.02
C TYR Y 54 -18.16 -21.26 52.85
N VAL Y 55 -18.42 -21.11 54.15
CA VAL Y 55 -18.59 -22.22 55.07
C VAL Y 55 -19.82 -21.96 55.93
N THR Y 56 -20.19 -22.96 56.72
CA THR Y 56 -21.14 -22.79 57.80
C THR Y 56 -20.72 -23.68 58.95
N TRP Y 57 -20.87 -23.19 60.18
CA TRP Y 57 -20.37 -23.93 61.33
C TRP Y 57 -21.23 -23.66 62.56
N GLY Y 58 -20.98 -24.46 63.59
CA GLY Y 58 -21.68 -24.35 64.85
C GLY Y 58 -21.18 -25.43 65.78
N GLU Y 59 -21.83 -25.54 66.93
CA GLU Y 59 -21.38 -26.45 67.98
C GLU Y 59 -22.08 -27.79 67.89
N LEU Y 60 -21.29 -28.87 67.86
CA LEU Y 60 -21.83 -30.22 67.79
C LEU Y 60 -22.40 -30.67 69.12
N ASN Y 61 -23.43 -31.51 69.06
CA ASN Y 61 -23.89 -32.29 70.19
C ASN Y 61 -23.70 -33.77 69.87
N ASP Y 62 -24.22 -34.63 70.75
CA ASP Y 62 -23.93 -36.06 70.66
C ASP Y 62 -24.41 -36.64 69.34
N GLU Y 63 -25.59 -36.23 68.88
CA GLU Y 63 -26.17 -36.83 67.69
C GLU Y 63 -25.44 -36.38 66.43
N GLY Y 64 -25.06 -35.11 66.37
CA GLY Y 64 -24.26 -34.64 65.24
C GLY Y 64 -22.85 -35.21 65.22
N LEU Y 65 -22.23 -35.36 66.39
CA LEU Y 65 -20.88 -35.91 66.45
C LEU Y 65 -20.87 -37.39 66.11
N ARG Y 66 -21.77 -38.16 66.71
CA ARG Y 66 -21.83 -39.59 66.46
C ARG Y 66 -22.09 -39.88 65.00
N LEU Y 67 -22.74 -38.95 64.31
CA LEU Y 67 -23.19 -39.17 62.94
C LEU Y 67 -22.08 -38.85 61.95
N LEU Y 68 -21.25 -37.85 62.26
CA LEU Y 68 -20.10 -37.54 61.42
C LEU Y 68 -19.08 -38.67 61.41
N VAL Y 69 -18.80 -39.26 62.57
CA VAL Y 69 -17.75 -40.28 62.61
C VAL Y 69 -18.18 -41.57 61.94
N SER Y 70 -19.48 -41.80 61.80
CA SER Y 70 -19.98 -43.02 61.18
C SER Y 70 -19.93 -42.97 59.67
N LYS Y 71 -19.79 -41.78 59.10
CA LYS Y 71 -19.99 -41.63 57.67
C LYS Y 71 -18.79 -42.05 56.85
N LEU Y 72 -17.69 -42.43 57.50
CA LEU Y 72 -16.44 -42.67 56.78
C LEU Y 72 -16.59 -43.83 55.79
N GLU Y 73 -15.79 -43.78 54.73
CA GLU Y 73 -15.86 -44.75 53.64
C GLU Y 73 -14.44 -45.18 53.28
N ILE Y 74 -14.30 -45.87 52.14
CA ILE Y 74 -13.05 -46.54 51.79
C ILE Y 74 -11.91 -45.54 51.63
N SER Y 75 -12.20 -44.34 51.14
CA SER Y 75 -11.21 -43.27 51.06
C SER Y 75 -11.58 -42.15 52.01
N ARG Y 76 -12.13 -42.49 53.18
CA ARG Y 76 -12.50 -41.51 54.20
C ARG Y 76 -12.27 -41.85 55.66
N GLY Y 77 -11.61 -42.95 56.01
CA GLY Y 77 -11.22 -43.15 57.39
C GLY Y 77 -10.09 -42.22 57.81
N LYS Y 78 -9.70 -42.35 59.08
CA LYS Y 78 -8.61 -41.55 59.62
C LYS Y 78 -7.26 -42.12 59.17
N LYS Y 79 -6.19 -41.37 59.41
CA LYS Y 79 -4.91 -41.72 58.80
C LYS Y 79 -4.34 -42.97 59.47
N VAL Y 80 -4.93 -44.11 59.12
CA VAL Y 80 -4.38 -45.42 59.43
C VAL Y 80 -3.34 -45.73 58.35
N ASN Y 81 -2.13 -45.22 58.55
CA ASN Y 81 -1.10 -45.21 57.51
C ASN Y 81 -1.64 -44.61 56.22
N GLU Y 82 -2.22 -43.42 56.35
CA GLU Y 82 -3.00 -42.77 55.28
C GLU Y 82 -4.15 -43.72 54.95
N GLU Y 83 -4.49 -43.88 53.66
CA GLU Y 83 -5.39 -44.91 53.15
C GLU Y 83 -6.85 -44.66 53.54
N TYR Y 84 -7.07 -43.75 54.48
CA TYR Y 84 -8.41 -43.36 54.91
C TYR Y 84 -9.29 -44.59 55.15
N VAL Y 85 -8.90 -45.40 56.11
CA VAL Y 85 -9.53 -46.71 56.29
C VAL Y 85 -10.90 -46.54 56.93
N LYS Y 86 -11.95 -47.00 56.23
CA LYS Y 86 -13.31 -46.94 56.74
C LYS Y 86 -13.42 -47.72 58.04
N ASP Y 87 -13.82 -47.04 59.11
CA ASP Y 87 -13.72 -47.62 60.44
C ASP Y 87 -14.62 -48.83 60.59
N LYS Y 88 -15.94 -48.58 60.58
CA LYS Y 88 -16.97 -49.60 60.44
C LYS Y 88 -16.98 -50.60 61.59
N LEU Y 89 -16.00 -50.53 62.48
CA LEU Y 89 -15.84 -51.51 63.54
C LEU Y 89 -14.66 -51.08 64.40
N ASN Y 90 -14.53 -51.72 65.56
CA ASN Y 90 -13.39 -51.51 66.44
C ASN Y 90 -12.13 -52.18 65.94
N VAL Y 91 -12.21 -53.01 64.89
CA VAL Y 91 -11.06 -53.77 64.46
C VAL Y 91 -9.92 -52.85 64.05
N ASP Y 92 -10.23 -51.80 63.29
CA ASP Y 92 -9.21 -50.82 62.96
C ASP Y 92 -8.74 -50.03 64.18
N PHE Y 93 -9.57 -49.91 65.20
CA PHE Y 93 -9.23 -49.16 66.40
C PHE Y 93 -8.55 -50.00 67.46
N GLN Y 94 -8.45 -51.31 67.25
CA GLN Y 94 -7.71 -52.16 68.17
C GLN Y 94 -6.22 -52.22 67.84
N SER Y 95 -5.80 -51.59 66.75
CA SER Y 95 -4.40 -51.60 66.38
C SER Y 95 -3.87 -50.24 65.92
N PHE Y 96 -4.72 -49.27 65.61
CA PHE Y 96 -4.26 -48.00 65.08
C PHE Y 96 -3.95 -46.98 66.17
N VAL Y 97 -4.75 -46.95 67.23
CA VAL Y 97 -4.62 -45.90 68.24
C VAL Y 97 -3.32 -45.98 69.03
N GLU Y 98 -2.53 -47.04 68.87
CA GLU Y 98 -1.35 -47.22 69.69
C GLU Y 98 -0.16 -46.38 69.24
N SER Y 99 -0.39 -45.30 68.50
CA SER Y 99 0.68 -44.42 68.05
C SER Y 99 0.60 -43.02 68.67
N ILE Y 100 -0.51 -42.31 68.47
CA ILE Y 100 -0.64 -40.93 68.90
C ILE Y 100 -1.81 -40.74 69.88
N LYS Y 101 -2.93 -41.36 69.61
CA LYS Y 101 -4.12 -41.18 70.45
C LYS Y 101 -4.10 -42.16 71.62
N ASP Y 102 -4.90 -41.87 72.64
CA ASP Y 102 -4.86 -42.63 73.88
C ASP Y 102 -6.27 -42.80 74.42
N GLY Y 103 -6.48 -43.92 75.13
CA GLY Y 103 -7.76 -44.18 75.75
C GLY Y 103 -8.87 -44.56 74.79
N LYS Y 104 -8.55 -44.80 73.52
CA LYS Y 104 -9.53 -45.13 72.51
C LYS Y 104 -9.31 -46.57 72.07
N LEU Y 105 -10.03 -47.50 72.70
CA LEU Y 105 -9.91 -48.91 72.34
C LEU Y 105 -11.28 -49.51 72.06
N ARG Y 106 -12.23 -48.70 71.61
CA ARG Y 106 -13.62 -49.08 71.42
C ARG Y 106 -14.32 -47.91 70.77
N LEU Y 107 -15.23 -48.20 69.84
CA LEU Y 107 -15.87 -47.13 69.09
C LEU Y 107 -16.60 -46.16 70.01
N ASN Y 108 -16.94 -46.59 71.22
CA ASN Y 108 -17.60 -45.75 72.20
C ASN Y 108 -16.63 -44.93 73.03
N LYS Y 109 -15.33 -45.02 72.75
CA LYS Y 109 -14.31 -44.16 73.36
C LYS Y 109 -13.51 -43.45 72.27
N LEU Y 110 -14.23 -42.83 71.34
CA LEU Y 110 -13.65 -42.04 70.26
C LEU Y 110 -14.27 -40.66 70.22
N ASP Y 111 -14.28 -39.98 71.35
CA ASP Y 111 -15.02 -38.75 71.54
C ASP Y 111 -14.15 -37.51 71.78
N GLU Y 112 -12.83 -37.60 71.58
CA GLU Y 112 -11.99 -36.54 72.13
C GLU Y 112 -11.61 -35.42 71.16
N ILE Y 113 -10.81 -35.70 70.12
CA ILE Y 113 -10.10 -34.58 69.48
C ILE Y 113 -10.30 -34.41 67.96
N PHE Y 114 -9.85 -35.34 67.13
CA PHE Y 114 -9.37 -34.96 65.81
C PHE Y 114 -9.94 -35.90 64.73
N SER Y 115 -9.72 -35.55 63.48
CA SER Y 115 -10.35 -36.23 62.35
C SER Y 115 -9.59 -35.91 61.06
N LEU Y 116 -10.22 -36.21 59.92
CA LEU Y 116 -9.65 -36.02 58.58
C LEU Y 116 -10.73 -35.43 57.68
N PRO Y 117 -10.47 -35.12 56.37
CA PRO Y 117 -11.54 -34.48 55.57
C PRO Y 117 -12.74 -35.40 55.42
N ILE Y 118 -13.85 -35.07 56.05
CA ILE Y 118 -15.04 -35.91 56.01
C ILE Y 118 -15.79 -35.50 54.76
N ARG Y 119 -15.94 -36.41 53.80
CA ARG Y 119 -16.59 -36.08 52.54
C ARG Y 119 -18.09 -36.33 52.63
N LEU Y 120 -18.87 -35.29 52.43
CA LEU Y 120 -20.32 -35.35 52.50
C LEU Y 120 -20.94 -35.22 51.13
N HIS Y 121 -22.19 -35.38 51.09
CA HIS Y 121 -23.30 -35.38 50.15
C HIS Y 121 -24.05 -34.05 50.23
N PRO Y 122 -24.63 -33.55 49.16
CA PRO Y 122 -25.49 -32.37 49.27
C PRO Y 122 -26.72 -32.70 50.10
N PRO Y 123 -27.37 -31.71 50.70
CA PRO Y 123 -28.41 -32.00 51.69
C PRO Y 123 -29.71 -32.47 51.06
N LYS Y 124 -30.31 -33.47 51.68
CA LYS Y 124 -31.60 -33.98 51.24
C LYS Y 124 -32.68 -32.94 51.43
N GLY Y 125 -33.65 -32.93 50.53
CA GLY Y 125 -34.75 -32.01 50.66
C GLY Y 125 -34.48 -30.63 50.13
N GLY Y 126 -33.38 -30.46 49.42
CA GLY Y 126 -33.10 -29.17 48.88
C GLY Y 126 -32.32 -28.35 49.86
N PHE Y 127 -31.14 -27.93 49.45
CA PHE Y 127 -30.41 -26.95 50.25
C PHE Y 127 -31.23 -25.69 50.37
N LYS Y 128 -32.11 -25.45 49.40
CA LYS Y 128 -33.19 -24.47 49.47
C LYS Y 128 -34.48 -25.11 50.00
N GLY Y 129 -34.38 -25.81 51.13
CA GLY Y 129 -35.60 -26.27 51.79
C GLY Y 129 -36.39 -25.11 52.36
N LYS Y 130 -35.70 -24.16 52.98
CA LYS Y 130 -36.32 -22.95 53.48
C LYS Y 130 -35.60 -21.69 53.02
N VAL Y 131 -34.55 -21.82 52.21
CA VAL Y 131 -33.76 -20.67 51.79
C VAL Y 131 -33.85 -20.55 50.28
N SER Y 132 -33.19 -19.53 49.73
CA SER Y 132 -32.90 -19.48 48.31
C SER Y 132 -31.43 -19.21 47.99
N ARG Y 133 -30.58 -18.88 48.99
CA ARG Y 133 -29.20 -18.49 48.69
C ARG Y 133 -28.21 -18.99 49.72
N PRO Y 134 -27.23 -19.83 49.34
CA PRO Y 134 -26.05 -20.02 50.18
C PRO Y 134 -25.05 -18.88 50.09
N PHE Y 135 -25.48 -17.74 49.57
CA PHE Y 135 -24.59 -16.67 49.18
C PHE Y 135 -24.91 -15.44 50.00
N ARG Y 136 -25.97 -15.52 50.79
CA ARG Y 136 -26.53 -14.43 51.56
C ARG Y 136 -26.00 -14.48 52.97
N ALA Y 137 -25.73 -13.30 53.54
CA ALA Y 137 -25.20 -13.21 54.89
C ALA Y 137 -26.14 -13.89 55.85
N GLY Y 138 -25.72 -15.03 56.42
CA GLY Y 138 -26.54 -15.73 57.36
C GLY Y 138 -27.80 -16.31 56.80
N GLY Y 139 -28.15 -15.97 55.55
CA GLY Y 139 -29.24 -16.64 54.85
C GLY Y 139 -28.98 -18.12 54.69
N GLU Y 140 -27.76 -18.49 54.32
CA GLU Y 140 -27.31 -19.86 54.52
C GLU Y 140 -25.87 -20.03 54.97
N PHE Y 141 -25.01 -19.01 54.93
CA PHE Y 141 -23.62 -19.17 55.35
C PHE Y 141 -23.37 -18.50 56.69
N GLY Y 142 -22.22 -18.84 57.28
CA GLY Y 142 -21.80 -18.27 58.53
C GLY Y 142 -22.12 -19.15 59.71
N TYR Y 143 -22.07 -18.52 60.89
CA TYR Y 143 -22.36 -19.21 62.14
C TYR Y 143 -23.85 -19.43 62.29
N ARG Y 144 -24.24 -20.65 62.64
CA ARG Y 144 -25.64 -20.96 62.91
C ARG Y 144 -25.87 -21.56 64.28
N GLY Y 145 -24.84 -21.99 64.98
CA GLY Y 145 -25.00 -22.41 66.36
C GLY Y 145 -25.39 -23.85 66.45
N ASP Y 146 -26.39 -24.13 67.30
CA ASP Y 146 -26.85 -25.50 67.50
C ASP Y 146 -27.55 -26.05 66.26
N LYS Y 147 -27.99 -25.19 65.34
CA LYS Y 147 -28.68 -25.63 64.14
C LYS Y 147 -27.79 -26.41 63.20
N ILE Y 148 -26.48 -26.44 63.43
CA ILE Y 148 -25.59 -27.19 62.55
C ILE Y 148 -25.84 -28.68 62.64
N ASN Y 149 -26.57 -29.12 63.66
CA ASN Y 149 -26.75 -30.56 63.90
C ASN Y 149 -27.84 -31.14 63.01
N GLU Y 150 -28.89 -30.37 62.74
CA GLU Y 150 -29.93 -30.84 61.83
C GLU Y 150 -29.49 -30.76 60.38
N LEU Y 151 -28.56 -29.88 60.06
CA LEU Y 151 -28.01 -29.84 58.71
C LEU Y 151 -27.12 -31.04 58.44
N ILE Y 152 -26.39 -31.51 59.45
CA ILE Y 152 -25.56 -32.71 59.26
C ILE Y 152 -26.44 -33.92 59.03
N ARG Y 153 -27.59 -33.99 59.70
CA ARG Y 153 -28.48 -35.12 59.52
C ARG Y 153 -29.01 -35.19 58.10
N ARG Y 154 -29.21 -34.05 57.46
CA ARG Y 154 -29.69 -34.03 56.09
C ARG Y 154 -28.62 -34.52 55.11
N MET Y 155 -27.36 -34.11 55.31
CA MET Y 155 -26.28 -34.55 54.45
C MET Y 155 -25.71 -35.89 54.86
N LYS Z 1 -56.24 -37.82 -57.09
CA LYS Z 1 -55.21 -37.34 -58.00
C LYS Z 1 -55.39 -35.87 -58.31
N PRO Z 2 -54.41 -35.05 -57.91
CA PRO Z 2 -54.49 -33.61 -58.20
C PRO Z 2 -54.48 -33.36 -59.70
N GLU Z 3 -55.29 -32.40 -60.13
CA GLU Z 3 -55.47 -32.12 -61.55
C GLU Z 3 -54.26 -31.37 -62.10
N LYS Z 4 -53.74 -31.85 -63.24
CA LYS Z 4 -52.64 -31.19 -63.94
C LYS Z 4 -53.19 -29.96 -64.65
N GLU Z 5 -53.41 -28.91 -63.86
CA GLU Z 5 -54.12 -27.74 -64.32
C GLU Z 5 -53.21 -26.84 -65.15
N ASN Z 6 -53.83 -25.85 -65.80
CA ASN Z 6 -53.11 -24.73 -66.38
C ASN Z 6 -53.65 -23.44 -65.76
N PHE Z 7 -53.84 -23.44 -64.45
CA PHE Z 7 -54.45 -22.31 -63.78
C PHE Z 7 -53.56 -21.07 -63.90
N GLU Z 8 -54.14 -19.91 -63.67
CA GLU Z 8 -53.37 -18.69 -63.54
C GLU Z 8 -54.05 -17.80 -62.50
N MET Z 9 -53.25 -17.23 -61.60
CA MET Z 9 -53.80 -16.55 -60.44
C MET Z 9 -52.98 -15.30 -60.16
N VAL Z 10 -53.46 -14.52 -59.20
CA VAL Z 10 -52.83 -13.27 -58.80
C VAL Z 10 -52.25 -13.45 -57.40
N ILE Z 11 -51.01 -13.04 -57.22
CA ILE Z 11 -50.32 -13.11 -55.93
C ILE Z 11 -50.25 -11.70 -55.36
N ASN Z 12 -50.72 -11.53 -54.13
CA ASN Z 12 -50.69 -10.24 -53.47
C ASN Z 12 -49.55 -10.23 -52.46
N PHE Z 13 -48.65 -9.26 -52.59
CA PHE Z 13 -47.54 -9.12 -51.65
C PHE Z 13 -47.89 -8.13 -50.54
N ARG Z 14 -49.04 -8.34 -49.92
CA ARG Z 14 -49.48 -7.50 -48.82
C ARG Z 14 -48.57 -7.67 -47.62
N ARG Z 15 -48.36 -8.92 -47.23
CA ARG Z 15 -47.70 -9.29 -45.98
C ARG Z 15 -46.19 -9.34 -46.13
N VAL Z 16 -45.68 -9.57 -47.34
CA VAL Z 16 -44.25 -9.53 -47.57
C VAL Z 16 -43.74 -8.11 -47.41
N ILE Z 17 -44.46 -7.15 -47.96
CA ILE Z 17 -44.25 -5.74 -47.66
C ILE Z 17 -44.69 -5.62 -46.21
N MET Z 18 -44.43 -4.48 -45.58
CA MET Z 18 -44.71 -4.21 -44.16
C MET Z 18 -44.01 -5.20 -43.24
N GLY Z 19 -43.15 -6.04 -43.77
CA GLY Z 19 -42.14 -6.72 -43.00
C GLY Z 19 -40.85 -5.93 -42.98
N ARG Z 20 -39.73 -6.63 -42.95
CA ARG Z 20 -38.43 -5.99 -42.96
C ARG Z 20 -38.08 -5.54 -44.37
N LYS Z 21 -37.60 -4.29 -44.49
CA LYS Z 21 -37.40 -3.71 -45.80
C LYS Z 21 -36.35 -4.45 -46.62
N THR Z 22 -35.18 -4.68 -46.04
CA THR Z 22 -34.06 -5.14 -46.83
C THR Z 22 -34.12 -6.63 -47.15
N THR Z 23 -35.21 -7.31 -46.82
CA THR Z 23 -35.39 -8.71 -47.20
C THR Z 23 -36.63 -8.90 -48.06
N ARG Z 24 -37.22 -7.83 -48.55
CA ARG Z 24 -38.49 -7.93 -49.26
C ARG Z 24 -38.36 -8.77 -50.52
N THR Z 25 -37.27 -8.60 -51.27
CA THR Z 25 -37.05 -9.43 -52.44
C THR Z 25 -36.89 -10.90 -52.09
N LYS Z 26 -36.04 -11.18 -51.10
CA LYS Z 26 -35.80 -12.57 -50.73
C LYS Z 26 -37.06 -13.25 -50.25
N ARG Z 27 -37.91 -12.51 -49.53
CA ARG Z 27 -39.15 -13.07 -49.02
C ARG Z 27 -40.21 -13.18 -50.09
N ALA Z 28 -40.20 -12.30 -51.08
CA ALA Z 28 -41.18 -12.38 -52.17
C ALA Z 28 -40.99 -13.65 -52.99
N ILE Z 29 -39.74 -14.03 -53.25
CA ILE Z 29 -39.48 -15.26 -53.99
C ILE Z 29 -39.96 -16.48 -53.20
N LYS Z 30 -39.78 -16.45 -51.89
CA LYS Z 30 -40.23 -17.57 -51.06
C LYS Z 30 -41.73 -17.58 -50.88
N TYR Z 31 -42.39 -16.45 -51.09
CA TYR Z 31 -43.85 -16.39 -51.00
C TYR Z 31 -44.52 -16.99 -52.21
N VAL Z 32 -43.91 -16.87 -53.39
CA VAL Z 32 -44.46 -17.51 -54.57
C VAL Z 32 -44.36 -19.02 -54.48
N ARG Z 33 -43.28 -19.53 -53.87
CA ARG Z 33 -43.16 -20.97 -53.69
C ARG Z 33 -44.22 -21.48 -52.74
N TYR Z 34 -44.50 -20.75 -51.67
CA TYR Z 34 -45.50 -21.17 -50.71
C TYR Z 34 -46.90 -21.15 -51.33
N MET Z 35 -47.20 -20.15 -52.15
CA MET Z 35 -48.53 -20.05 -52.73
C MET Z 35 -48.77 -21.12 -53.79
N VAL Z 36 -47.74 -21.48 -54.55
CA VAL Z 36 -47.94 -22.53 -55.54
C VAL Z 36 -48.14 -23.87 -54.85
N LYS Z 37 -47.44 -24.11 -53.74
CA LYS Z 37 -47.67 -25.33 -52.98
C LYS Z 37 -49.03 -25.34 -52.28
N ARG Z 38 -49.54 -24.18 -51.90
CA ARG Z 38 -50.82 -24.14 -51.21
C ARG Z 38 -51.99 -24.39 -52.15
N HIS Z 39 -51.95 -23.80 -53.34
CA HIS Z 39 -53.08 -23.88 -54.26
C HIS Z 39 -52.95 -24.98 -55.30
N PHE Z 40 -51.83 -25.71 -55.34
CA PHE Z 40 -51.65 -26.74 -56.35
C PHE Z 40 -51.10 -28.05 -55.82
N GLY Z 41 -50.77 -28.14 -54.54
CA GLY Z 41 -50.20 -29.37 -54.03
C GLY Z 41 -48.83 -29.69 -54.54
N ALA Z 42 -48.11 -28.71 -55.08
CA ALA Z 42 -46.77 -28.94 -55.59
C ALA Z 42 -45.82 -29.29 -54.45
N GLU Z 43 -44.95 -30.25 -54.69
CA GLU Z 43 -43.88 -30.56 -53.75
C GLU Z 43 -42.56 -29.92 -54.13
N LYS Z 44 -42.35 -29.61 -55.41
CA LYS Z 44 -41.21 -28.83 -55.87
C LYS Z 44 -41.70 -27.77 -56.82
N VAL Z 45 -41.22 -26.54 -56.65
CA VAL Z 45 -41.64 -25.41 -57.46
C VAL Z 45 -40.42 -24.85 -58.18
N ILE Z 46 -40.57 -24.59 -59.47
CA ILE Z 46 -39.53 -23.98 -60.28
C ILE Z 46 -40.02 -22.61 -60.72
N ILE Z 47 -39.22 -21.58 -60.47
CA ILE Z 47 -39.55 -20.21 -60.86
C ILE Z 47 -38.80 -19.88 -62.13
N ASP Z 48 -39.55 -19.45 -63.15
CA ASP Z 48 -38.94 -19.01 -64.38
C ASP Z 48 -38.07 -17.79 -64.13
N PRO Z 49 -36.87 -17.72 -64.71
CA PRO Z 49 -36.00 -16.56 -64.46
C PRO Z 49 -36.63 -15.24 -64.86
N LEU Z 50 -37.53 -15.23 -65.84
CA LEU Z 50 -38.22 -14.00 -66.20
C LEU Z 50 -39.14 -13.53 -65.10
N LEU Z 51 -39.83 -14.45 -64.42
CA LEU Z 51 -40.74 -14.08 -63.35
C LEU Z 51 -39.99 -13.46 -62.19
N ALA Z 52 -38.84 -14.03 -61.82
CA ALA Z 52 -38.09 -13.53 -60.69
C ALA Z 52 -37.63 -12.09 -60.90
N LYS Z 53 -37.30 -11.73 -62.13
CA LYS Z 53 -36.91 -10.35 -62.42
C LYS Z 53 -38.10 -9.40 -62.51
N ALA Z 54 -39.30 -9.92 -62.75
CA ALA Z 54 -40.48 -9.07 -62.82
C ALA Z 54 -41.00 -8.70 -61.43
N ILE Z 55 -40.85 -9.59 -60.45
CA ILE Z 55 -41.25 -9.30 -59.09
C ILE Z 55 -40.49 -8.11 -58.54
N THR Z 56 -39.18 -8.09 -58.79
CA THR Z 56 -38.30 -7.00 -58.36
C THR Z 56 -37.28 -6.70 -59.44
N MET Z 57 -37.63 -5.79 -60.34
CA MET Z 57 -36.61 -5.15 -61.15
C MET Z 57 -36.04 -3.93 -60.42
N ASN Z 58 -36.57 -3.65 -59.24
CA ASN Z 58 -36.31 -2.46 -58.47
C ASN Z 58 -35.11 -2.59 -57.54
N GLY Z 59 -34.49 -3.77 -57.47
CA GLY Z 59 -33.35 -3.95 -56.61
C GLY Z 59 -33.49 -5.03 -55.56
N ARG Z 60 -33.57 -4.60 -54.30
CA ARG Z 60 -33.55 -5.48 -53.13
C ARG Z 60 -34.68 -5.21 -52.15
N ASP Z 61 -35.06 -3.95 -51.94
CA ASP Z 61 -36.09 -3.61 -50.97
C ASP Z 61 -37.29 -2.92 -51.58
N LYS Z 62 -37.39 -2.89 -52.89
CA LYS Z 62 -38.56 -2.34 -53.58
C LYS Z 62 -39.07 -3.43 -54.49
N ILE Z 63 -40.35 -3.79 -54.33
CA ILE Z 63 -40.99 -4.83 -55.10
C ILE Z 63 -42.33 -4.31 -55.61
N VAL Z 64 -43.07 -5.17 -56.30
CA VAL Z 64 -44.33 -4.78 -56.89
C VAL Z 64 -45.47 -5.14 -55.95
N ARG Z 65 -46.59 -4.44 -56.09
CA ARG Z 65 -47.74 -4.67 -55.21
C ARG Z 65 -48.35 -6.04 -55.44
N ARG Z 66 -48.42 -6.48 -56.69
CA ARG Z 66 -48.94 -7.81 -57.00
C ARG Z 66 -48.38 -8.27 -58.33
N VAL Z 67 -48.47 -9.57 -58.57
CA VAL Z 67 -48.08 -10.16 -59.84
C VAL Z 67 -49.08 -11.25 -60.20
N ARG Z 68 -49.31 -11.41 -61.49
CA ARG Z 68 -50.15 -12.48 -62.03
C ARG Z 68 -49.26 -13.53 -62.66
N ILE Z 69 -49.46 -14.80 -62.31
CA ILE Z 69 -48.60 -15.87 -62.77
C ILE Z 69 -49.45 -16.94 -63.45
N ALA Z 70 -48.79 -17.78 -64.24
CA ALA Z 70 -49.41 -18.93 -64.86
C ALA Z 70 -48.58 -20.16 -64.55
N VAL Z 71 -49.21 -21.18 -64.01
CA VAL Z 71 -48.52 -22.37 -63.53
C VAL Z 71 -48.81 -23.51 -64.49
N LYS Z 72 -47.76 -24.01 -65.15
CA LYS Z 72 -47.85 -25.20 -65.97
C LYS Z 72 -47.50 -26.41 -65.11
N ARG Z 73 -48.41 -26.73 -64.20
CA ARG Z 73 -48.03 -27.62 -63.11
C ARG Z 73 -48.07 -29.04 -63.67
N ILE Z 74 -46.96 -29.43 -64.29
CA ILE Z 74 -46.81 -30.76 -64.86
C ILE Z 74 -46.67 -31.78 -63.73
N GLY Z 75 -46.73 -33.06 -64.09
CA GLY Z 75 -46.58 -34.14 -63.12
C GLY Z 75 -45.16 -34.36 -62.62
N LYS AA 1 -14.43 -65.61 30.25
CA LYS AA 1 -15.22 -65.86 29.06
C LYS AA 1 -16.52 -65.02 29.00
N PRO AA 2 -17.32 -64.98 30.08
CA PRO AA 2 -18.54 -64.15 30.03
C PRO AA 2 -18.28 -62.67 30.15
N ALA AA 3 -17.02 -62.24 30.33
CA ALA AA 3 -16.69 -60.83 30.50
C ALA AA 3 -16.22 -60.19 29.20
N LYS AA 4 -16.74 -60.65 28.06
CA LYS AA 4 -16.36 -60.10 26.76
C LYS AA 4 -17.36 -59.09 26.22
N LYS AA 5 -18.65 -59.25 26.52
CA LYS AA 5 -19.67 -58.35 26.00
C LYS AA 5 -20.19 -57.36 27.05
N ASN AA 6 -19.74 -57.46 28.30
CA ASN AA 6 -20.14 -56.48 29.30
C ASN AA 6 -19.51 -55.12 29.07
N MET AA 7 -18.36 -55.08 28.38
CA MET AA 7 -17.68 -53.84 28.05
C MET AA 7 -17.86 -53.41 26.60
N LYS AA 8 -18.23 -54.32 25.71
CA LYS AA 8 -18.24 -54.09 24.28
C LYS AA 8 -19.62 -53.88 23.70
N SER AA 9 -20.55 -54.80 23.98
CA SER AA 9 -21.86 -54.75 23.35
C SER AA 9 -22.64 -53.49 23.65
N PRO AA 10 -22.80 -53.04 24.91
CA PRO AA 10 -23.60 -51.83 25.13
C PRO AA 10 -22.90 -50.55 24.66
N GLY AA 11 -21.59 -50.48 24.78
CA GLY AA 11 -20.83 -49.30 24.40
C GLY AA 11 -20.38 -49.27 22.96
N LYS AA 12 -21.28 -48.97 22.03
CA LYS AA 12 -20.89 -48.79 20.64
C LYS AA 12 -19.83 -47.70 20.52
N ALA AA 13 -18.84 -47.95 19.67
CA ALA AA 13 -17.60 -47.18 19.68
C ALA AA 13 -17.69 -45.94 18.81
N ILE AA 14 -16.92 -44.93 19.19
CA ILE AA 14 -16.79 -43.70 18.42
C ILE AA 14 -15.79 -43.96 17.28
N LYS AA 15 -15.89 -43.17 16.21
CA LYS AA 15 -14.99 -43.36 15.09
C LYS AA 15 -13.73 -42.52 15.16
N PHE AA 16 -13.80 -41.33 15.75
CA PHE AA 16 -12.62 -40.47 15.92
C PHE AA 16 -12.02 -40.13 14.56
N LEU AA 17 -12.78 -39.33 13.83
CA LEU AA 17 -12.39 -38.86 12.52
C LEU AA 17 -11.99 -37.40 12.59
N ARG AA 18 -11.11 -37.03 11.67
CA ARG AA 18 -10.53 -35.70 11.59
C ARG AA 18 -11.61 -34.65 11.35
N PHE AA 19 -11.31 -33.42 11.71
CA PHE AA 19 -12.25 -32.32 11.51
C PHE AA 19 -12.48 -32.05 10.03
N ASP AA 20 -13.72 -31.70 9.69
CA ASP AA 20 -14.14 -31.38 8.31
C ASP AA 20 -13.95 -32.55 7.35
N TRP AA 21 -14.09 -33.77 7.86
CA TRP AA 21 -13.98 -34.94 6.99
C TRP AA 21 -15.18 -35.09 6.06
N ASP AA 22 -16.24 -34.30 6.25
CA ASP AA 22 -17.45 -34.43 5.47
C ASP AA 22 -17.68 -33.27 4.53
N LYS AA 23 -16.84 -32.24 4.60
CA LYS AA 23 -16.96 -31.08 3.73
C LYS AA 23 -16.04 -31.15 2.52
N TYR AA 24 -14.88 -31.77 2.67
CA TYR AA 24 -13.89 -31.88 1.61
C TYR AA 24 -13.54 -33.33 1.41
N TYR AA 25 -13.43 -33.73 0.15
CA TYR AA 25 -13.13 -35.12 -0.16
C TYR AA 25 -11.65 -35.44 0.05
N ARG AA 26 -10.76 -34.46 -0.10
CA ARG AA 26 -9.35 -34.66 0.14
C ARG AA 26 -9.06 -35.02 1.59
N ILE AA 27 -9.93 -34.63 2.52
CA ILE AA 27 -9.81 -34.97 3.93
C ILE AA 27 -10.63 -36.18 4.28
N GLY AA 28 -11.79 -36.35 3.64
CA GLY AA 28 -12.66 -37.47 3.96
C GLY AA 28 -12.21 -38.80 3.44
N ARG AA 29 -11.38 -38.83 2.39
CA ARG AA 29 -10.96 -40.10 1.82
C ARG AA 29 -9.82 -40.75 2.58
N GLN AA 30 -9.16 -40.02 3.48
CA GLN AA 30 -8.10 -40.61 4.27
C GLN AA 30 -8.65 -41.52 5.37
N GLU AA 31 -9.76 -41.13 5.98
CA GLU AA 31 -10.43 -41.90 7.02
C GLU AA 31 -9.49 -42.20 8.18
N ARG AA 32 -8.83 -41.16 8.67
CA ARG AA 32 -7.86 -41.27 9.75
C ARG AA 32 -8.06 -40.08 10.67
N TRP AA 33 -7.34 -40.07 11.79
CA TRP AA 33 -7.54 -39.03 12.77
C TRP AA 33 -6.32 -38.12 12.83
N ARG AA 34 -6.56 -36.83 13.02
CA ARG AA 34 -5.51 -35.84 13.17
C ARG AA 34 -5.93 -34.84 14.24
N LYS AA 35 -5.00 -34.52 15.12
CA LYS AA 35 -5.32 -33.73 16.30
C LYS AA 35 -5.65 -32.29 15.94
N PRO AA 36 -6.74 -31.72 16.45
CA PRO AA 36 -7.07 -30.33 16.13
C PRO AA 36 -6.19 -29.36 16.88
N ARG AA 37 -5.79 -28.30 16.20
CA ARG AA 37 -4.85 -27.34 16.76
C ARG AA 37 -5.20 -25.90 16.48
N GLY AA 38 -6.23 -25.62 15.70
CA GLY AA 38 -6.55 -24.25 15.37
C GLY AA 38 -6.93 -23.46 16.60
N ILE AA 39 -6.65 -22.16 16.55
CA ILE AA 39 -6.91 -21.33 17.71
C ILE AA 39 -8.41 -21.26 18.00
N ASP AA 40 -9.23 -21.27 16.96
CA ASP AA 40 -10.68 -21.23 17.11
C ASP AA 40 -11.34 -22.58 16.95
N ASN AA 41 -10.57 -23.66 16.80
CA ASN AA 41 -11.15 -24.97 16.52
C ASN AA 41 -12.15 -25.36 17.62
N ALA AA 42 -13.22 -26.01 17.21
CA ALA AA 42 -14.33 -26.33 18.10
C ALA AA 42 -14.25 -27.72 18.69
N ILE AA 43 -13.54 -28.64 18.04
CA ILE AA 43 -13.26 -29.93 18.67
C ILE AA 43 -12.13 -29.79 19.67
N ARG AA 44 -11.22 -28.84 19.46
CA ARG AA 44 -10.20 -28.56 20.44
C ARG AA 44 -10.79 -27.97 21.71
N LEU AA 45 -11.72 -27.02 21.57
CA LEU AA 45 -12.38 -26.39 22.69
C LEU AA 45 -13.42 -27.28 23.35
N GLU AA 46 -13.83 -28.36 22.68
CA GLU AA 46 -14.79 -29.32 23.22
C GLU AA 46 -16.17 -28.69 23.44
N LEU AA 47 -16.65 -27.98 22.42
CA LEU AA 47 -17.99 -27.41 22.48
C LEU AA 47 -19.04 -28.51 22.34
N LYS AA 48 -20.28 -28.13 22.63
CA LYS AA 48 -21.39 -29.07 22.63
C LYS AA 48 -21.88 -29.33 21.20
N GLY AA 49 -22.00 -30.60 20.84
CA GLY AA 49 -22.42 -30.97 19.49
C GLY AA 49 -21.31 -31.23 18.49
N TYR AA 50 -20.14 -31.65 18.94
CA TYR AA 50 -18.88 -31.64 18.19
C TYR AA 50 -17.98 -32.83 18.49
N GLN AA 51 -18.51 -34.04 18.49
CA GLN AA 51 -17.71 -35.22 18.16
C GLN AA 51 -16.42 -35.37 18.97
N PRO AA 52 -16.46 -36.03 20.12
CA PRO AA 52 -15.34 -36.05 21.06
C PRO AA 52 -13.90 -36.14 20.53
N LYS AA 53 -13.01 -35.49 21.26
CA LYS AA 53 -11.57 -35.58 21.09
C LYS AA 53 -11.06 -36.94 21.56
N VAL AA 54 -9.83 -37.27 21.17
CA VAL AA 54 -9.24 -38.54 21.60
C VAL AA 54 -8.61 -38.35 22.98
N LYS AA 55 -8.91 -39.27 23.89
CA LYS AA 55 -8.44 -39.20 25.26
C LYS AA 55 -8.05 -40.58 25.73
N ILE AA 56 -7.23 -40.64 26.79
CA ILE AA 56 -6.76 -41.93 27.28
C ILE AA 56 -7.79 -42.62 28.16
N GLY AA 57 -8.87 -41.95 28.51
CA GLY AA 57 -9.90 -42.60 29.28
C GLY AA 57 -10.80 -43.52 28.48
N TYR AA 58 -10.61 -43.57 27.17
CA TYR AA 58 -11.42 -44.39 26.29
C TYR AA 58 -10.86 -45.80 26.10
N ARG AA 59 -9.77 -46.16 26.77
CA ARG AA 59 -9.18 -47.47 26.55
C ARG AA 59 -10.14 -48.57 26.94
N THR AA 60 -9.76 -49.79 26.60
CA THR AA 60 -10.52 -51.00 26.90
C THR AA 60 -9.98 -51.63 28.18
N ASP AA 61 -10.83 -52.45 28.80
CA ASP AA 61 -10.41 -53.28 29.92
C ASP AA 61 -9.18 -54.07 29.53
N LYS AA 62 -8.17 -54.08 30.40
CA LYS AA 62 -6.90 -54.73 30.08
C LYS AA 62 -7.03 -56.23 29.96
N GLN AA 63 -8.05 -56.83 30.56
CA GLN AA 63 -8.15 -58.29 30.54
C GLN AA 63 -8.73 -58.82 29.23
N ILE AA 64 -9.35 -57.97 28.42
CA ILE AA 64 -9.89 -58.37 27.13
C ILE AA 64 -9.25 -57.62 25.98
N ARG AA 65 -8.27 -56.77 26.24
CA ARG AA 65 -7.75 -55.89 25.22
C ARG AA 65 -6.91 -56.66 24.21
N GLY AA 66 -7.18 -56.46 22.93
CA GLY AA 66 -6.41 -57.06 21.87
C GLY AA 66 -6.74 -58.50 21.55
N LEU AA 67 -7.87 -59.01 22.01
CA LEU AA 67 -8.24 -60.39 21.77
C LEU AA 67 -9.09 -60.51 20.51
N HIS AA 68 -9.03 -61.67 19.88
CA HIS AA 68 -9.93 -61.98 18.79
C HIS AA 68 -11.36 -62.06 19.33
N PRO AA 69 -12.35 -61.66 18.52
CA PRO AA 69 -13.74 -61.69 18.99
C PRO AA 69 -14.23 -63.07 19.39
N SER AA 70 -13.51 -64.13 19.04
CA SER AA 70 -13.79 -65.45 19.56
C SER AA 70 -13.23 -65.66 20.96
N GLY AA 71 -12.48 -64.71 21.49
CA GLY AA 71 -11.95 -64.80 22.83
C GLY AA 71 -10.55 -65.36 22.94
N LEU AA 72 -9.86 -65.56 21.83
CA LEU AA 72 -8.53 -66.14 21.81
C LEU AA 72 -7.50 -65.08 21.44
N ARG AA 73 -6.24 -65.48 21.43
CA ARG AA 73 -5.15 -64.57 21.13
C ARG AA 73 -4.65 -64.78 19.72
N PRO AA 74 -4.73 -63.78 18.84
CA PRO AA 74 -4.38 -64.01 17.44
C PRO AA 74 -2.88 -64.07 17.21
N ILE AA 75 -2.46 -65.05 16.39
CA ILE AA 75 -1.07 -65.22 16.01
C ILE AA 75 -0.99 -65.26 14.49
N LEU AA 76 -0.18 -64.39 13.91
CA LEU AA 76 0.02 -64.35 12.46
C LEU AA 76 1.14 -65.29 12.08
N VAL AA 77 0.83 -66.27 11.24
CA VAL AA 77 1.74 -67.35 10.88
C VAL AA 77 2.14 -67.18 9.42
N LYS AA 78 3.45 -67.13 9.16
CA LYS AA 78 3.97 -66.93 7.82
C LYS AA 78 4.69 -68.15 7.26
N SER AA 79 4.85 -69.21 8.06
CA SER AA 79 5.57 -70.39 7.62
C SER AA 79 5.13 -71.57 8.46
N VAL AA 80 5.48 -72.78 8.00
CA VAL AA 80 5.17 -73.98 8.75
C VAL AA 80 6.07 -74.12 9.97
N LYS AA 81 7.23 -73.46 9.98
CA LYS AA 81 8.10 -73.50 11.15
C LYS AA 81 7.56 -72.66 12.30
N ASP AA 82 6.61 -71.77 12.04
CA ASP AA 82 5.98 -71.01 13.12
C ASP AA 82 4.98 -71.84 13.91
N LEU AA 83 4.51 -72.97 13.36
CA LEU AA 83 3.57 -73.80 14.08
C LEU AA 83 4.23 -74.63 15.17
N GLU AA 84 5.47 -75.08 14.95
CA GLU AA 84 6.14 -75.93 15.93
C GLU AA 84 6.44 -75.18 17.23
N ALA AA 85 6.42 -73.85 17.21
CA ALA AA 85 6.70 -73.05 18.39
C ALA AA 85 5.45 -72.67 19.15
N PHE AA 86 4.42 -73.52 19.13
CA PHE AA 86 3.15 -73.19 19.77
C PHE AA 86 3.33 -73.19 21.29
N ALA AA 87 2.99 -72.06 21.92
CA ALA AA 87 3.09 -71.94 23.36
C ALA AA 87 1.83 -72.47 24.03
N LYS AA 88 2.02 -73.09 25.21
CA LYS AA 88 0.93 -73.64 26.00
C LYS AA 88 0.21 -74.73 25.21
N GLY AA 89 -0.46 -74.33 24.14
CA GLY AA 89 -1.14 -75.30 23.29
C GLY AA 89 -2.24 -74.63 22.50
N LYS AA 90 -3.18 -75.45 22.04
CA LYS AA 90 -4.28 -75.02 21.21
C LYS AA 90 -5.39 -74.33 22.00
N GLN AA 91 -5.23 -74.20 23.31
CA GLN AA 91 -6.32 -73.73 24.16
C GLN AA 91 -6.50 -72.21 24.14
N ASP AA 92 -5.51 -71.45 23.69
CA ASP AA 92 -5.57 -70.01 23.89
C ASP AA 92 -5.10 -69.19 22.71
N VAL AA 93 -4.94 -69.78 21.52
CA VAL AA 93 -4.51 -69.04 20.35
C VAL AA 93 -5.41 -69.35 19.17
N ILE AA 94 -5.54 -68.37 18.28
CA ILE AA 94 -6.17 -68.57 16.98
C ILE AA 94 -5.15 -68.18 15.91
N ILE AA 95 -5.00 -69.04 14.90
CA ILE AA 95 -3.96 -68.90 13.90
C ILE AA 95 -4.47 -68.07 12.74
N ILE AA 96 -3.68 -67.08 12.31
CA ILE AA 96 -4.02 -66.23 11.18
C ILE AA 96 -3.02 -66.56 10.08
N ILE AA 97 -3.44 -67.27 9.05
CA ILE AA 97 -2.53 -67.62 7.97
C ILE AA 97 -2.24 -66.38 7.14
N SER AA 98 -0.98 -66.21 6.74
CA SER AA 98 -0.59 -65.05 5.96
C SER AA 98 -1.25 -65.04 4.59
N SER AA 99 -1.51 -63.85 4.06
CA SER AA 99 -2.27 -63.73 2.83
C SER AA 99 -1.47 -64.10 1.61
N THR AA 100 -0.15 -63.92 1.65
CA THR AA 100 0.68 -64.09 0.47
C THR AA 100 1.16 -65.51 0.27
N ILE AA 101 0.90 -66.42 1.21
CA ILE AA 101 1.33 -67.79 1.03
C ILE AA 101 0.52 -68.42 -0.09
N GLY AA 102 1.21 -69.05 -1.04
CA GLY AA 102 0.56 -69.60 -2.20
C GLY AA 102 -0.26 -70.82 -1.88
N LEU AA 103 -1.06 -71.23 -2.87
CA LEU AA 103 -2.05 -72.27 -2.63
C LEU AA 103 -1.42 -73.64 -2.39
N ARG AA 104 -0.21 -73.88 -2.87
CA ARG AA 104 0.33 -75.22 -2.70
C ARG AA 104 0.88 -75.42 -1.30
N LYS AA 105 1.47 -74.39 -0.71
CA LYS AA 105 1.95 -74.48 0.65
C LYS AA 105 0.83 -74.37 1.66
N ARG AA 106 -0.26 -73.67 1.31
CA ARG AA 106 -1.40 -73.56 2.21
C ARG AA 106 -2.00 -74.92 2.51
N ILE AA 107 -2.04 -75.81 1.52
CA ILE AA 107 -2.63 -77.13 1.72
C ILE AA 107 -1.87 -77.88 2.80
N GLU AA 108 -0.54 -77.83 2.77
CA GLU AA 108 0.27 -78.50 3.78
C GLU AA 108 0.28 -77.75 5.10
N LEU AA 109 0.12 -76.43 5.06
CA LEU AA 109 0.13 -75.64 6.29
C LEU AA 109 -1.15 -75.85 7.09
N ILE AA 110 -2.28 -75.96 6.42
CA ILE AA 110 -3.55 -76.20 7.12
C ILE AA 110 -3.60 -77.60 7.69
N LYS AA 111 -3.04 -78.58 6.98
CA LYS AA 111 -3.02 -79.95 7.52
C LYS AA 111 -2.18 -80.03 8.78
N LYS AA 112 -1.04 -79.36 8.82
CA LYS AA 112 -0.19 -79.39 10.00
C LYS AA 112 -0.90 -78.77 11.20
N ALA AA 113 -1.61 -77.66 10.99
CA ALA AA 113 -2.28 -77.00 12.10
C ALA AA 113 -3.51 -77.77 12.56
N GLU AA 114 -4.15 -78.52 11.66
CA GLU AA 114 -5.33 -79.28 12.05
C GLU AA 114 -4.99 -80.41 13.00
N GLU AA 115 -3.90 -81.14 12.73
CA GLU AA 115 -3.54 -82.25 13.59
C GLU AA 115 -3.07 -81.79 14.96
N LEU AA 116 -2.57 -80.57 15.07
CA LEU AA 116 -2.21 -80.01 16.37
C LEU AA 116 -3.43 -79.55 17.16
N GLY AA 117 -4.61 -79.50 16.53
CA GLY AA 117 -5.81 -79.06 17.20
C GLY AA 117 -6.00 -77.57 17.26
N LEU AA 118 -5.18 -76.79 16.57
CA LEU AA 118 -5.29 -75.34 16.60
C LEU AA 118 -6.53 -74.88 15.85
N LYS AA 119 -6.96 -73.67 16.16
CA LYS AA 119 -8.11 -73.04 15.52
C LYS AA 119 -7.63 -71.98 14.55
N ILE AA 120 -8.19 -71.99 13.34
CA ILE AA 120 -7.73 -71.15 12.24
C ILE AA 120 -8.84 -70.14 11.94
N ALA AA 121 -8.46 -68.88 11.73
CA ALA AA 121 -9.43 -67.87 11.39
C ALA AA 121 -9.82 -67.93 9.92
N ASN AA 122 -8.86 -67.68 9.03
CA ASN AA 122 -9.11 -67.65 7.60
C ASN AA 122 -8.78 -68.99 6.94
N ARG AA 123 -9.46 -70.03 7.42
CA ARG AA 123 -9.22 -71.37 6.91
C ARG AA 123 -9.72 -71.54 5.48
N SER BA 1 12.53 2.53 -56.46
CA SER BA 1 12.28 2.24 -57.87
C SER BA 1 11.13 3.02 -58.54
N PRO BA 2 10.29 3.75 -57.75
CA PRO BA 2 9.46 4.81 -58.35
C PRO BA 2 10.25 6.01 -58.88
N GLN BA 3 9.52 7.06 -59.24
CA GLN BA 3 10.01 8.21 -59.99
C GLN BA 3 11.38 8.68 -59.55
N GLN BA 4 12.17 9.14 -60.51
CA GLN BA 4 13.45 9.79 -60.26
C GLN BA 4 13.69 10.82 -61.35
N ARG BA 5 14.05 12.04 -60.96
CA ARG BA 5 14.22 13.13 -61.93
C ARG BA 5 15.37 12.89 -62.89
N SER BA 6 16.27 11.95 -62.58
CA SER BA 6 17.43 11.72 -63.43
C SER BA 6 17.06 10.81 -64.60
N GLY BA 7 15.96 11.16 -65.25
CA GLY BA 7 15.38 10.39 -66.33
C GLY BA 7 14.08 11.04 -66.74
N SER BA 8 13.88 11.25 -68.03
CA SER BA 8 12.73 11.97 -68.53
C SER BA 8 11.75 11.01 -69.17
N PHE BA 9 10.46 11.26 -68.95
CA PHE BA 9 9.41 10.38 -69.44
C PHE BA 9 9.01 10.80 -70.84
N ARG BA 10 8.83 9.83 -71.72
CA ARG BA 10 8.30 10.10 -73.06
C ARG BA 10 7.19 9.11 -73.36
N LYS BA 11 6.19 9.59 -74.09
CA LYS BA 11 5.07 8.79 -74.57
C LYS BA 11 4.84 9.18 -76.03
N VAL BA 12 4.62 8.20 -76.90
CA VAL BA 12 4.71 8.39 -78.35
C VAL BA 12 3.43 7.91 -79.05
N PHE BA 13 2.73 8.84 -79.81
CA PHE BA 13 1.62 8.37 -80.65
C PHE BA 13 1.33 9.19 -81.93
N VAL BA 14 2.10 10.24 -82.27
CA VAL BA 14 1.72 11.11 -83.41
C VAL BA 14 2.15 10.53 -84.75
N LYS BA 15 3.42 10.19 -84.90
CA LYS BA 15 3.94 9.77 -86.20
C LYS BA 15 3.52 8.33 -86.42
N LEU BA 16 2.40 7.99 -85.81
CA LEU BA 16 2.11 6.63 -85.37
C LEU BA 16 0.84 6.04 -85.98
N PRO BA 17 0.95 5.12 -86.97
CA PRO BA 17 -0.10 4.09 -87.17
C PRO BA 17 -0.01 2.60 -86.71
N SER BA 18 0.06 2.20 -85.40
CA SER BA 18 -0.23 0.82 -84.93
C SER BA 18 -1.34 0.72 -83.88
N GLY BA 19 -1.25 1.38 -82.72
CA GLY BA 19 -2.33 1.20 -81.74
C GLY BA 19 -2.16 1.04 -80.23
N LYS BA 20 -0.98 1.24 -79.65
CA LYS BA 20 -0.78 1.00 -78.22
C LYS BA 20 -0.11 2.23 -77.60
N SER BA 21 0.05 2.22 -76.27
CA SER BA 21 0.78 3.31 -75.61
C SER BA 21 1.63 2.81 -74.45
N THR BA 22 2.81 3.39 -74.30
CA THR BA 22 3.78 2.96 -73.30
C THR BA 22 4.62 4.17 -72.88
N ILE BA 23 5.71 3.91 -72.15
CA ILE BA 23 6.55 4.97 -71.61
C ILE BA 23 8.02 4.57 -71.74
N HIS BA 24 8.83 5.50 -72.24
CA HIS BA 24 10.26 5.32 -72.42
C HIS BA 24 11.02 6.27 -71.50
N TYR BA 25 12.13 5.80 -70.93
CA TYR BA 25 12.92 6.59 -70.00
C TYR BA 25 14.30 6.84 -70.60
N GLU BA 26 14.62 8.12 -70.84
CA GLU BA 26 15.93 8.51 -71.32
C GLU BA 26 16.57 9.50 -70.37
N ARG BA 27 17.89 9.54 -70.42
CA ARG BA 27 18.68 10.43 -69.58
C ARG BA 27 18.64 11.84 -70.12
N ARG BA 28 18.71 12.80 -69.20
CA ARG BA 28 18.62 14.21 -69.57
C ARG BA 28 19.74 14.60 -70.52
N LYS BA 29 19.55 15.73 -71.18
CA LYS BA 29 20.48 16.17 -72.21
C LYS BA 29 21.81 16.57 -71.60
N ASP BA 30 22.86 16.42 -72.39
CA ASP BA 30 24.23 16.73 -71.99
C ASP BA 30 24.47 18.23 -72.03
N ASN BA 31 25.73 18.64 -72.04
CA ASN BA 31 26.07 20.02 -72.33
C ASN BA 31 27.46 20.08 -72.94
N ILE BA 32 27.77 21.21 -73.58
CA ILE BA 32 29.11 21.42 -74.11
C ILE BA 32 30.11 21.23 -72.98
N ALA BA 33 31.24 20.53 -73.27
CA ALA BA 33 32.20 19.90 -72.35
C ALA BA 33 32.55 20.79 -71.13
N ARG BA 34 33.02 20.28 -69.89
CA ARG BA 34 33.17 21.02 -68.59
C ARG BA 34 34.40 20.84 -67.67
N CYS BA 35 34.98 21.98 -67.29
CA CYS BA 35 35.40 22.31 -65.92
C CYS BA 35 35.00 23.77 -65.75
N GLY BA 36 35.56 24.51 -64.79
CA GLY BA 36 35.33 25.94 -64.92
C GLY BA 36 36.18 26.99 -64.23
N MET BA 37 36.78 27.90 -65.00
CA MET BA 37 37.02 29.27 -64.54
C MET BA 37 36.71 30.33 -65.61
N CYS BA 38 37.04 30.07 -66.89
CA CYS BA 38 36.85 31.10 -67.91
C CYS BA 38 35.39 31.21 -68.35
N LYS BA 39 34.66 30.10 -68.37
CA LYS BA 39 33.21 30.09 -68.50
C LYS BA 39 32.74 30.77 -69.80
N LYS BA 40 33.05 30.10 -70.89
CA LYS BA 40 32.21 30.18 -72.09
C LYS BA 40 32.44 28.96 -72.98
N PRO BA 41 31.54 27.99 -72.95
CA PRO BA 41 31.44 27.03 -74.05
C PRO BA 41 31.02 27.71 -75.35
N LEU BA 42 31.21 26.96 -76.44
CA LEU BA 42 31.61 27.52 -77.72
C LEU BA 42 30.53 27.41 -78.78
N ASN BA 43 30.92 27.80 -80.00
CA ASN BA 43 30.05 27.84 -81.17
C ASN BA 43 30.61 26.89 -82.21
N GLY BA 44 29.82 25.90 -82.60
CA GLY BA 44 30.26 24.90 -83.56
C GLY BA 44 30.79 23.62 -82.97
N VAL BA 45 30.89 23.52 -81.65
CA VAL BA 45 31.42 22.35 -80.95
C VAL BA 45 30.27 21.44 -80.57
N LYS BA 46 30.53 20.14 -80.53
CA LYS BA 46 29.49 19.12 -80.44
C LYS BA 46 29.60 18.30 -79.17
N ASN BA 47 28.46 17.97 -78.58
CA ASN BA 47 28.36 17.08 -77.41
C ASN BA 47 27.19 16.13 -77.60
N ASN BA 48 27.46 14.83 -77.64
CA ASN BA 48 26.43 13.82 -77.75
C ASN BA 48 26.67 12.72 -76.73
N TYR BA 49 25.57 12.09 -76.30
CA TYR BA 49 25.64 11.06 -75.27
C TYR BA 49 26.52 9.89 -75.74
N THR BA 50 26.27 9.37 -76.94
CA THR BA 50 27.24 8.53 -77.63
C THR BA 50 28.10 9.40 -78.53
N TYR BA 51 29.15 8.80 -79.06
CA TYR BA 51 30.04 9.45 -80.01
C TYR BA 51 29.98 8.75 -81.34
N LYS BA 52 29.63 9.51 -82.36
CA LYS BA 52 29.65 9.07 -83.74
C LYS BA 52 31.07 8.94 -84.26
N TYR BA 53 32.07 8.98 -83.37
CA TYR BA 53 33.48 8.88 -83.68
C TYR BA 53 33.99 10.05 -84.52
N SER BA 54 33.17 11.05 -84.77
CA SER BA 54 33.51 12.16 -85.64
C SER BA 54 34.84 12.79 -85.22
N LYS BA 55 35.52 13.47 -86.14
CA LYS BA 55 36.68 14.23 -85.69
C LYS BA 55 36.60 15.72 -86.00
N THR BA 56 36.44 16.10 -87.27
CA THR BA 56 36.29 17.51 -87.57
C THR BA 56 34.84 17.92 -87.60
N GLU BA 57 33.92 16.96 -87.45
CA GLU BA 57 32.51 17.28 -87.34
C GLU BA 57 32.16 17.82 -85.98
N LYS BA 58 33.03 17.66 -84.99
CA LYS BA 58 32.76 18.07 -83.62
C LYS BA 58 33.69 19.15 -83.13
N ARG BA 59 34.11 20.05 -84.02
CA ARG BA 59 35.06 21.10 -83.70
C ARG BA 59 35.26 22.02 -84.90
N PRO BA 60 35.42 23.33 -84.71
CA PRO BA 60 35.74 24.22 -85.83
C PRO BA 60 37.15 24.00 -86.33
N GLU BA 61 37.50 24.73 -87.38
CA GLU BA 61 38.77 24.55 -88.08
C GLU BA 61 39.61 25.81 -88.05
N ARG BA 62 39.74 26.42 -86.88
CA ARG BA 62 40.65 27.51 -86.63
C ARG BA 62 41.85 26.96 -85.84
N VAL BA 63 42.72 27.86 -85.38
CA VAL BA 63 43.93 27.44 -84.67
C VAL BA 63 43.56 26.75 -83.37
N TYR BA 64 42.94 27.46 -82.45
CA TYR BA 64 42.52 26.89 -81.17
C TYR BA 64 41.06 26.48 -81.19
N GLY BA 65 40.57 25.93 -82.32
CA GLY BA 65 39.14 25.96 -82.59
C GLY BA 65 38.30 25.34 -81.50
N GLY BA 66 38.69 24.15 -81.03
CA GLY BA 66 37.90 23.53 -79.99
C GLY BA 66 38.13 24.09 -78.60
N TYR BA 67 39.26 24.76 -78.37
CA TYR BA 67 39.64 25.14 -77.02
C TYR BA 67 38.77 26.27 -76.51
N LEU BA 68 38.84 27.42 -77.13
CA LEU BA 68 37.83 28.45 -76.93
C LEU BA 68 38.07 29.50 -78.01
N CYS BA 69 37.12 30.40 -78.17
CA CYS BA 69 37.24 31.48 -79.13
C CYS BA 69 38.38 32.37 -78.66
N HIS BA 70 38.59 33.47 -79.36
CA HIS BA 70 39.81 34.25 -79.22
C HIS BA 70 39.81 35.10 -77.94
N LYS BA 71 39.02 34.68 -76.95
CA LYS BA 71 38.70 35.41 -75.72
C LYS BA 71 39.71 35.19 -74.60
N CYS BA 72 39.82 33.93 -74.13
CA CYS BA 72 40.70 33.58 -73.02
C CYS BA 72 42.03 32.98 -73.50
N LEU BA 73 42.48 33.35 -74.69
CA LEU BA 73 43.50 32.55 -75.39
C LEU BA 73 44.84 33.25 -75.57
N GLU BA 74 44.85 34.49 -76.05
CA GLU BA 74 46.10 35.06 -76.57
C GLU BA 74 47.17 35.24 -75.50
N SER BA 75 46.84 35.15 -74.21
CA SER BA 75 47.85 35.11 -73.15
C SER BA 75 48.35 33.69 -72.89
N LEU BA 76 48.25 32.82 -73.89
CA LEU BA 76 48.72 31.45 -73.82
C LEU BA 76 49.74 31.12 -74.88
N ILE BA 77 49.72 31.82 -76.01
CA ILE BA 77 50.57 31.50 -77.15
C ILE BA 77 52.00 31.87 -76.78
N THR CA 1 4.03 53.00 -46.17
CA THR CA 1 4.77 51.77 -45.98
C THR CA 1 5.60 51.40 -47.19
N GLY CA 2 5.19 51.89 -48.36
CA GLY CA 2 6.00 51.71 -49.55
C GLY CA 2 6.30 50.26 -49.83
N ILE CA 3 7.58 49.96 -50.02
CA ILE CA 3 8.02 48.60 -50.31
C ILE CA 3 7.72 47.65 -49.17
N ALA CA 4 7.56 48.16 -47.95
CA ALA CA 4 7.32 47.32 -46.79
C ALA CA 4 5.89 46.85 -46.67
N GLY CA 5 5.04 47.15 -47.64
CA GLY CA 5 3.65 46.77 -47.55
C GLY CA 5 3.40 45.31 -47.82
N ARG CA 6 4.44 44.55 -48.08
CA ARG CA 6 4.33 43.12 -48.32
C ARG CA 6 4.33 42.31 -47.05
N PHE CA 7 4.50 42.97 -45.90
CA PHE CA 7 4.45 42.31 -44.61
C PHE CA 7 3.09 42.40 -43.95
N GLY CA 8 2.25 43.34 -44.37
CA GLY CA 8 0.94 43.47 -43.76
C GLY CA 8 1.03 44.26 -42.49
N ALA CA 9 0.40 43.76 -41.44
CA ALA CA 9 0.37 44.42 -40.15
C ALA CA 9 1.20 43.68 -39.11
N ARG CA 10 2.33 43.13 -39.53
CA ARG CA 10 3.23 42.42 -38.64
C ARG CA 10 4.48 43.26 -38.36
N TYR CA 11 5.18 42.88 -37.29
CA TYR CA 11 6.55 43.25 -36.91
C TYR CA 11 6.67 44.64 -36.30
N GLY CA 12 5.64 45.46 -36.31
CA GLY CA 12 5.78 46.74 -35.65
C GLY CA 12 6.08 47.86 -36.62
N SER CA 13 5.52 49.04 -36.34
CA SER CA 13 5.62 50.14 -37.29
C SER CA 13 7.05 50.63 -37.44
N SER CA 14 7.80 50.73 -36.33
CA SER CA 14 9.17 51.24 -36.40
C SER CA 14 10.14 50.20 -36.92
N THR CA 15 9.88 48.91 -36.71
CA THR CA 15 10.75 47.89 -37.28
C THR CA 15 10.60 47.83 -38.79
N ARG CA 16 9.36 47.96 -39.29
CA ARG CA 16 9.14 47.98 -40.72
C ARG CA 16 9.71 49.23 -41.37
N LYS CA 17 9.76 50.33 -40.62
CA LYS CA 17 10.28 51.58 -41.16
C LYS CA 17 11.78 51.50 -41.40
N LYS CA 18 12.52 50.86 -40.49
CA LYS CA 18 13.96 50.73 -40.65
C LYS CA 18 14.30 49.79 -41.81
N TRP CA 19 13.56 48.70 -41.95
CA TRP CA 19 13.74 47.79 -43.07
C TRP CA 19 13.49 48.50 -44.39
N LYS CA 20 12.49 49.36 -44.43
CA LYS CA 20 12.10 50.02 -45.67
C LYS CA 20 13.11 51.05 -46.11
N GLU CA 21 13.75 51.75 -45.18
CA GLU CA 21 14.72 52.77 -45.55
C GLU CA 21 16.00 52.16 -46.09
N VAL CA 22 16.38 50.97 -45.61
CA VAL CA 22 17.56 50.29 -46.15
C VAL CA 22 17.30 49.81 -47.56
N MET CA 23 16.13 49.24 -47.82
CA MET CA 23 15.83 48.71 -49.14
C MET CA 23 15.67 49.83 -50.17
N GLU CA 24 15.14 50.97 -49.75
CA GLU CA 24 15.02 52.10 -50.67
C GLU CA 24 16.37 52.67 -51.06
N ARG CA 25 17.39 52.46 -50.24
CA ARG CA 25 18.74 52.86 -50.62
C ARG CA 25 19.36 51.89 -51.61
N ARG CA 26 19.05 50.60 -51.47
CA ARG CA 26 19.60 49.61 -52.37
C ARG CA 26 19.07 49.81 -53.79
N TYR CA 27 17.79 50.12 -53.93
CA TYR CA 27 17.13 50.19 -55.22
C TYR CA 27 17.18 51.59 -55.82
N MET CA 28 18.02 52.47 -55.32
CA MET CA 28 18.25 53.75 -55.97
C MET CA 28 18.98 53.53 -57.30
N PRO CA 29 18.83 54.45 -58.25
CA PRO CA 29 19.62 54.35 -59.48
C PRO CA 29 21.08 54.69 -59.25
N HIS CA 30 21.94 53.68 -59.20
CA HIS CA 30 23.35 53.86 -58.95
C HIS CA 30 24.10 54.07 -60.27
N GLN CA 31 25.26 54.69 -60.17
CA GLN CA 31 26.12 54.96 -61.32
C GLN CA 31 27.34 54.06 -61.26
N CYS CA 32 27.68 53.46 -62.39
CA CYS CA 32 28.84 52.57 -62.43
C CYS CA 32 30.12 53.39 -62.26
N PRO CA 33 31.06 52.94 -61.43
CA PRO CA 33 32.32 53.67 -61.31
C PRO CA 33 33.19 53.57 -62.54
N TYR CA 34 33.03 52.52 -63.34
CA TYR CA 34 33.95 52.22 -64.43
C TYR CA 34 33.48 52.77 -65.76
N CYS CA 35 32.31 52.36 -66.24
CA CYS CA 35 31.87 52.96 -67.49
C CYS CA 35 31.14 54.28 -67.27
N LYS CA 36 29.89 54.22 -66.81
CA LYS CA 36 29.05 55.21 -66.10
C LYS CA 36 27.69 54.57 -65.88
N THR CA 37 26.70 55.38 -65.50
CA THR CA 37 25.36 54.91 -65.15
C THR CA 37 24.69 54.21 -66.32
N THR CA 38 25.44 54.00 -67.41
CA THR CA 38 24.94 53.47 -68.67
C THR CA 38 24.11 52.21 -68.47
N GLY CA 39 24.76 51.15 -68.00
CA GLY CA 39 24.08 49.92 -67.63
C GLY CA 39 23.92 49.89 -66.12
N LYS CA 40 22.80 49.35 -65.65
CA LYS CA 40 22.51 49.48 -64.23
C LYS CA 40 23.23 48.40 -63.45
N VAL CA 41 23.58 48.74 -62.22
CA VAL CA 41 24.34 47.86 -61.35
C VAL CA 41 23.37 47.03 -60.53
N VAL CA 42 23.72 45.77 -60.31
CA VAL CA 42 22.88 44.84 -59.59
C VAL CA 42 23.72 44.12 -58.55
N ARG CA 43 23.06 43.58 -57.55
CA ARG CA 43 23.71 42.87 -56.47
C ARG CA 43 23.72 41.39 -56.77
N ILE CA 44 24.89 40.77 -56.69
CA ILE CA 44 24.97 39.31 -56.77
C ILE CA 44 24.74 38.69 -55.41
N ALA CA 45 25.51 39.14 -54.43
CA ALA CA 45 25.39 38.71 -53.05
C ALA CA 45 25.76 39.91 -52.18
N SER CA 46 25.82 39.69 -50.88
CA SER CA 46 26.22 40.77 -49.99
C SER CA 46 27.67 41.15 -50.25
N GLY CA 47 27.90 42.38 -50.71
CA GLY CA 47 29.23 42.85 -51.02
C GLY CA 47 29.72 42.61 -52.42
N ILE CA 48 28.88 42.12 -53.32
CA ILE CA 48 29.27 41.76 -54.68
C ILE CA 48 28.30 42.42 -55.65
N TRP CA 49 28.84 43.19 -56.61
CA TRP CA 49 28.02 43.99 -57.51
C TRP CA 49 28.59 43.89 -58.92
N TYR CA 50 27.76 44.09 -59.94
CA TYR CA 50 28.36 44.35 -61.24
C TYR CA 50 27.44 45.19 -62.10
N CYS CA 51 28.02 45.81 -63.12
CA CYS CA 51 27.31 46.59 -64.11
C CYS CA 51 26.99 45.72 -65.30
N ARG CA 52 25.76 45.83 -65.79
CA ARG CA 52 25.28 44.92 -66.82
C ARG CA 52 25.72 45.33 -68.22
N LYS CA 53 26.27 46.53 -68.39
CA LYS CA 53 26.80 46.90 -69.70
C LYS CA 53 28.27 46.54 -69.86
N CYS CA 54 29.13 46.99 -68.96
CA CYS CA 54 30.56 46.73 -69.05
C CYS CA 54 30.96 45.39 -68.47
N GLU CA 55 30.03 44.69 -67.80
CA GLU CA 55 30.27 43.36 -67.25
C GLU CA 55 31.42 43.35 -66.25
N THR CA 56 31.58 44.46 -65.53
CA THR CA 56 32.63 44.58 -64.53
C THR CA 56 32.06 44.28 -63.15
N LYS CA 57 32.73 43.40 -62.41
CA LYS CA 57 32.31 42.99 -61.08
C LYS CA 57 33.28 43.54 -60.05
N TRP CA 58 32.76 44.04 -58.93
CA TRP CA 58 33.58 44.63 -57.89
C TRP CA 58 33.00 44.34 -56.51
N ALA CA 59 33.70 44.79 -55.47
CA ALA CA 59 33.33 44.56 -54.09
C ALA CA 59 32.98 45.88 -53.41
N GLY CA 60 31.82 45.92 -52.76
CA GLY CA 60 31.38 47.12 -52.09
C GLY CA 60 30.81 46.84 -50.73
N LEU CA 61 29.75 47.55 -50.35
CA LEU CA 61 29.13 47.37 -49.05
C LEU CA 61 28.05 46.31 -49.14
N ALA CA 62 27.27 46.12 -48.08
CA ALA CA 62 26.28 45.05 -48.06
C ALA CA 62 25.02 45.41 -48.84
N TYR CA 63 24.58 46.66 -48.79
CA TYR CA 63 23.34 47.06 -49.42
C TYR CA 63 23.48 48.23 -50.37
N THR CA 64 24.67 48.78 -50.54
CA THR CA 64 24.95 49.81 -51.53
C THR CA 64 26.29 49.49 -52.16
N PRO CA 65 26.56 50.04 -53.37
CA PRO CA 65 27.85 49.78 -54.01
C PRO CA 65 28.98 50.70 -53.53
N MET DA 1 2.81 6.57 -31.80
CA MET DA 1 2.43 5.95 -30.54
C MET DA 1 3.31 4.77 -30.23
N LYS DA 2 3.52 4.53 -28.93
CA LYS DA 2 4.60 3.68 -28.47
C LYS DA 2 4.48 2.26 -29.01
N GLY DA 3 3.25 1.75 -29.11
CA GLY DA 3 3.07 0.32 -29.31
C GLY DA 3 2.84 -0.13 -30.73
N THR DA 4 1.59 -0.48 -31.04
CA THR DA 4 1.29 -1.13 -32.32
C THR DA 4 1.66 -0.28 -33.53
N PRO DA 5 1.31 1.01 -33.61
CA PRO DA 5 1.71 1.77 -34.80
C PRO DA 5 3.21 1.90 -35.00
N SER DA 6 4.02 1.92 -33.96
CA SER DA 6 5.46 2.09 -34.14
C SER DA 6 6.18 0.80 -34.49
N PHE DA 7 5.58 -0.35 -34.21
CA PHE DA 7 6.18 -1.61 -34.64
C PHE DA 7 6.03 -1.84 -36.13
N GLY DA 8 5.28 -0.99 -36.83
CA GLY DA 8 5.17 -1.10 -38.27
C GLY DA 8 6.41 -0.66 -39.00
N LYS DA 9 7.20 0.23 -38.41
CA LYS DA 9 8.44 0.70 -38.98
C LYS DA 9 9.61 -0.21 -38.71
N MET DA 10 9.35 -1.45 -38.31
CA MET DA 10 10.37 -2.47 -38.12
C MET DA 10 10.39 -3.45 -39.28
N ASN DA 11 10.24 -2.95 -40.51
CA ASN DA 11 10.34 -3.78 -41.71
C ASN DA 11 11.32 -3.18 -42.72
N LYS DA 12 12.33 -2.47 -42.25
CA LYS DA 12 13.43 -2.04 -43.09
C LYS DA 12 14.54 -3.09 -43.01
N THR DA 13 15.72 -2.75 -43.50
CA THR DA 13 16.86 -3.65 -43.36
C THR DA 13 17.26 -3.76 -41.89
N PRO DA 14 17.68 -4.93 -41.42
CA PRO DA 14 17.93 -5.10 -40.00
C PRO DA 14 19.22 -4.47 -39.54
N THR DA 15 19.34 -4.34 -38.22
CA THR DA 15 20.57 -3.83 -37.63
C THR DA 15 21.67 -4.89 -37.59
N HIS DA 16 21.33 -6.16 -37.65
CA HIS DA 16 22.29 -7.24 -37.49
C HIS DA 16 22.14 -8.23 -38.64
N VAL DA 17 23.27 -8.61 -39.24
CA VAL DA 17 23.26 -9.53 -40.37
C VAL DA 17 24.13 -10.72 -40.01
N ARG DA 18 24.27 -11.67 -40.93
CA ARG DA 18 25.01 -12.88 -40.62
C ARG DA 18 26.51 -12.61 -40.47
N CYS DA 19 27.16 -13.36 -39.60
CA CYS DA 19 28.59 -13.29 -39.37
C CYS DA 19 29.26 -14.53 -39.94
N ARG DA 20 30.36 -14.33 -40.67
CA ARG DA 20 31.08 -15.46 -41.28
C ARG DA 20 31.79 -16.31 -40.25
N ARG DA 21 32.32 -15.70 -39.18
CA ARG DA 21 33.16 -16.45 -38.25
C ARG DA 21 32.34 -17.39 -37.38
N CYS DA 22 31.23 -16.93 -36.84
CA CYS DA 22 30.46 -17.72 -35.89
C CYS DA 22 29.18 -18.29 -36.46
N GLY DA 23 28.70 -17.80 -37.60
CA GLY DA 23 27.46 -18.31 -38.15
C GLY DA 23 26.24 -17.90 -37.39
N ARG DA 24 26.29 -16.77 -36.69
CA ARG DA 24 25.16 -16.20 -35.97
C ARG DA 24 24.82 -14.86 -36.58
N ASN DA 25 23.54 -14.48 -36.48
CA ASN DA 25 23.06 -13.22 -37.05
C ASN DA 25 23.26 -12.07 -36.07
N SER DA 26 24.53 -11.79 -35.76
CA SER DA 26 24.89 -10.80 -34.78
C SER DA 26 25.83 -9.72 -35.30
N PHE DA 27 26.21 -9.78 -36.57
CA PHE DA 27 27.12 -8.77 -37.10
C PHE DA 27 26.39 -7.43 -37.21
N ASN DA 28 26.73 -6.49 -36.33
CA ASN DA 28 26.21 -5.13 -36.43
C ASN DA 28 26.67 -4.50 -37.73
N ALA DA 29 25.74 -4.27 -38.65
CA ALA DA 29 26.11 -3.80 -39.99
C ALA DA 29 26.69 -2.39 -39.96
N ARG DA 30 26.06 -1.48 -39.23
CA ARG DA 30 26.46 -0.08 -39.27
C ARG DA 30 27.79 0.19 -38.57
N LYS DA 31 28.28 -0.75 -37.76
CA LYS DA 31 29.51 -0.53 -37.00
C LYS DA 31 30.67 -1.44 -37.41
N GLY DA 32 30.45 -2.41 -38.28
CA GLY DA 32 31.53 -3.31 -38.66
C GLY DA 32 32.00 -4.23 -37.56
N TYR DA 33 31.08 -4.83 -36.84
CA TYR DA 33 31.29 -5.55 -35.60
C TYR DA 33 30.26 -6.63 -35.35
N CYS DA 34 30.73 -7.80 -34.97
CA CYS DA 34 29.90 -8.89 -34.51
C CYS DA 34 29.73 -8.78 -33.01
N ALA DA 35 28.48 -8.67 -32.56
CA ALA DA 35 28.17 -8.54 -31.14
C ALA DA 35 28.08 -9.88 -30.43
N ALA DA 36 28.64 -10.91 -31.00
CA ALA DA 36 28.66 -12.24 -30.40
C ALA DA 36 30.06 -12.82 -30.30
N CYS DA 37 30.91 -12.58 -31.29
CA CYS DA 37 32.26 -13.12 -31.29
C CYS DA 37 33.30 -12.04 -31.49
N GLY DA 38 32.90 -10.80 -31.71
CA GLY DA 38 33.85 -9.73 -31.82
C GLY DA 38 34.50 -9.58 -33.16
N PHE DA 39 34.26 -10.50 -34.10
CA PHE DA 39 34.80 -10.41 -35.44
C PHE DA 39 34.56 -9.03 -36.02
N GLY DA 40 35.65 -8.33 -36.35
CA GLY DA 40 35.61 -6.95 -36.82
C GLY DA 40 36.59 -6.04 -36.13
N ARG DA 41 36.74 -6.17 -34.79
CA ARG DA 41 37.91 -5.56 -34.15
C ARG DA 41 38.53 -6.43 -33.07
N SER DA 42 38.21 -7.71 -33.01
CA SER DA 42 38.94 -8.61 -32.15
C SER DA 42 39.42 -9.81 -32.96
N LYS DA 43 40.72 -10.10 -32.89
CA LYS DA 43 41.23 -11.34 -33.44
C LYS DA 43 40.92 -12.52 -32.54
N LYS DA 44 40.91 -12.28 -31.23
CA LYS DA 44 40.49 -13.28 -30.26
C LYS DA 44 38.98 -13.36 -30.21
N ILE DA 45 38.47 -14.54 -29.84
CA ILE DA 45 37.04 -14.72 -29.68
C ILE DA 45 36.56 -13.92 -28.47
N ARG DA 46 35.48 -13.17 -28.64
CA ARG DA 46 34.90 -12.40 -27.56
C ARG DA 46 34.41 -13.32 -26.46
N ARG DA 47 34.98 -13.17 -25.27
CA ARG DA 47 34.67 -14.05 -24.15
C ARG DA 47 34.90 -13.31 -22.86
N TYR DA 48 33.94 -13.44 -21.94
CA TYR DA 48 33.96 -12.78 -20.65
C TYR DA 48 33.71 -13.78 -19.55
N SER DA 49 34.18 -13.46 -18.36
CA SER DA 49 34.11 -14.40 -17.26
C SER DA 49 32.77 -14.35 -16.53
N TRP DA 50 31.98 -13.31 -16.75
CA TRP DA 50 30.61 -13.26 -16.27
C TRP DA 50 29.64 -13.98 -17.19
N GLN DA 51 30.11 -14.54 -18.30
CA GLN DA 51 29.22 -15.09 -19.30
C GLN DA 51 28.52 -16.36 -18.87
N ASN DA 52 28.71 -16.82 -17.63
CA ASN DA 52 27.81 -17.80 -17.04
C ASN DA 52 27.95 -17.75 -15.52
N LYS DA 53 26.86 -18.10 -14.81
CA LYS DA 53 26.84 -18.01 -13.36
C LYS DA 53 27.71 -19.10 -12.74
N LYS DA 54 28.24 -18.81 -11.55
CA LYS DA 54 29.13 -19.72 -10.84
C LYS DA 54 28.53 -20.19 -9.53
N LYS EA 1 14.02 -8.85 -57.04
CA LYS EA 1 14.43 -9.14 -55.67
C LYS EA 1 15.92 -9.44 -55.62
N HIS EA 2 16.62 -8.60 -54.88
CA HIS EA 2 18.07 -8.47 -54.96
C HIS EA 2 18.72 -9.28 -53.85
N LYS EA 3 19.29 -10.41 -54.20
CA LYS EA 3 19.92 -11.33 -53.26
C LYS EA 3 21.41 -11.27 -53.51
N SER EA 4 22.18 -11.00 -52.46
CA SER EA 4 23.63 -10.88 -52.60
C SER EA 4 24.31 -12.25 -52.42
N LEU EA 5 23.79 -13.24 -53.16
CA LEU EA 5 24.54 -14.42 -53.56
C LEU EA 5 25.17 -15.18 -52.39
N GLY EA 6 24.91 -14.75 -51.16
CA GLY EA 6 25.23 -15.58 -50.02
C GLY EA 6 24.05 -16.40 -49.59
N LYS EA 7 22.86 -15.94 -49.93
CA LYS EA 7 21.63 -16.68 -49.72
C LYS EA 7 21.11 -17.38 -50.98
N LYS EA 8 21.13 -16.74 -52.14
CA LYS EA 8 20.66 -17.39 -53.35
C LYS EA 8 21.75 -18.18 -54.06
N LEU EA 9 23.01 -17.75 -54.00
CA LEU EA 9 24.07 -18.55 -54.61
C LEU EA 9 24.39 -19.79 -53.77
N ARG EA 10 24.55 -19.64 -52.45
CA ARG EA 10 24.65 -20.87 -51.68
C ARG EA 10 23.24 -21.24 -51.24
N LEU EA 11 22.89 -22.50 -51.47
CA LEU EA 11 21.51 -22.95 -51.37
C LEU EA 11 21.48 -24.23 -50.56
N GLY EA 12 20.58 -24.29 -49.60
CA GLY EA 12 20.62 -25.33 -48.59
C GLY EA 12 19.93 -24.91 -47.33
N LYS EA 13 20.70 -24.87 -46.25
CA LYS EA 13 20.25 -24.30 -45.01
C LYS EA 13 20.25 -22.76 -45.02
N ALA EA 14 20.52 -22.15 -46.18
CA ALA EA 14 20.51 -20.69 -46.37
C ALA EA 14 19.66 -20.38 -47.59
N LEU EA 15 18.37 -20.15 -47.36
CA LEU EA 15 17.34 -19.98 -48.39
C LEU EA 15 17.27 -21.20 -49.31
N LYS EA 16 16.83 -22.31 -48.72
CA LYS EA 16 16.37 -23.47 -49.46
C LYS EA 16 15.57 -24.38 -48.53
N ARG EA 17 14.52 -25.00 -49.07
CA ARG EA 17 14.04 -26.28 -48.57
C ARG EA 17 13.28 -26.19 -47.25
N ASN EA 18 12.12 -26.86 -47.19
CA ASN EA 18 11.45 -27.18 -45.92
C ASN EA 18 10.48 -28.32 -46.23
N SER EA 19 10.88 -29.56 -45.92
CA SER EA 19 10.25 -30.65 -46.64
C SER EA 19 9.76 -31.75 -45.71
N PRO EA 20 8.73 -32.48 -46.12
CA PRO EA 20 8.21 -33.59 -45.31
C PRO EA 20 9.11 -34.81 -45.40
N ILE EA 21 8.81 -35.80 -44.57
CA ILE EA 21 9.56 -37.05 -44.58
C ILE EA 21 9.33 -37.75 -45.91
N PRO EA 22 10.35 -38.31 -46.57
CA PRO EA 22 10.11 -39.06 -47.80
C PRO EA 22 9.19 -40.24 -47.54
N ALA EA 23 8.37 -40.56 -48.54
CA ALA EA 23 7.30 -41.52 -48.34
C ALA EA 23 7.82 -42.93 -48.10
N TRP EA 24 8.98 -43.27 -48.66
CA TRP EA 24 9.51 -44.62 -48.49
C TRP EA 24 10.08 -44.84 -47.10
N VAL EA 25 10.53 -43.77 -46.43
CA VAL EA 25 11.01 -43.90 -45.06
C VAL EA 25 9.85 -44.19 -44.12
N ILE EA 26 8.69 -43.59 -44.40
CA ILE EA 26 7.51 -43.82 -43.56
C ILE EA 26 7.11 -45.28 -43.63
N ILE EA 27 7.19 -45.89 -44.81
CA ILE EA 27 6.86 -47.30 -44.95
C ILE EA 27 7.92 -48.18 -44.28
N LYS EA 28 9.19 -47.85 -44.49
CA LYS EA 28 10.28 -48.70 -43.99
C LYS EA 28 10.29 -48.75 -42.47
N THR EA 29 10.26 -47.59 -41.82
CA THR EA 29 10.26 -47.53 -40.37
C THR EA 29 8.95 -47.97 -39.76
N GLN EA 30 7.92 -48.20 -40.57
CA GLN EA 30 6.62 -48.66 -40.10
C GLN EA 30 6.01 -47.68 -39.11
N ALA EA 31 6.46 -46.43 -39.12
CA ALA EA 31 6.06 -45.51 -38.06
C ALA EA 31 4.58 -45.22 -38.15
N GLU EA 32 3.95 -45.15 -36.97
CA GLU EA 32 2.49 -44.97 -36.88
C GLU EA 32 2.05 -43.74 -37.65
N ILE EA 33 2.76 -42.64 -37.46
CA ILE EA 33 2.67 -41.46 -38.31
C ILE EA 33 3.94 -40.65 -38.11
N ARG EA 34 4.59 -40.24 -39.20
CA ARG EA 34 5.98 -39.79 -39.16
C ARG EA 34 6.05 -38.35 -39.64
N PHE EA 35 6.59 -37.47 -38.80
CA PHE EA 35 6.64 -36.05 -39.07
C PHE EA 35 8.06 -35.53 -39.10
N ASN EA 36 8.21 -34.32 -39.62
CA ASN EA 36 9.49 -33.64 -39.62
C ASN EA 36 9.49 -32.67 -38.45
N PRO EA 37 10.30 -32.88 -37.41
CA PRO EA 37 10.20 -32.04 -36.21
C PRO EA 37 10.66 -30.61 -36.42
N LEU EA 38 11.13 -30.26 -37.62
CA LEU EA 38 11.62 -28.91 -37.90
C LEU EA 38 10.74 -28.17 -38.89
N ARG EA 39 9.51 -28.63 -39.12
CA ARG EA 39 8.64 -27.99 -40.10
C ARG EA 39 8.29 -26.58 -39.63
N ARG EA 40 8.25 -25.66 -40.59
CA ARG EA 40 7.89 -24.28 -40.31
C ARG EA 40 7.00 -23.79 -41.43
N ASN EA 41 6.45 -22.60 -41.25
CA ASN EA 41 5.63 -21.97 -42.27
C ASN EA 41 6.14 -20.56 -42.52
N TRP EA 42 6.14 -20.16 -43.78
CA TRP EA 42 6.66 -18.86 -44.14
C TRP EA 42 5.96 -17.73 -43.41
N ARG EA 43 4.70 -17.92 -43.07
CA ARG EA 43 3.87 -16.84 -42.56
C ARG EA 43 3.90 -16.73 -41.05
N ARG EA 44 4.03 -17.85 -40.36
CA ARG EA 44 3.98 -17.88 -38.91
C ARG EA 44 5.36 -17.83 -38.29
N ASN EA 45 6.28 -18.64 -38.78
CA ASN EA 45 7.62 -18.70 -38.23
C ASN EA 45 8.51 -17.61 -38.81
N ASN EA 46 9.76 -17.62 -38.39
CA ASN EA 46 10.74 -16.61 -38.78
C ASN EA 46 12.02 -17.30 -39.22
N LEU EA 47 12.61 -16.79 -40.29
CA LEU EA 47 13.82 -17.34 -40.87
C LEU EA 47 14.91 -16.29 -40.72
N LYS EA 48 16.10 -16.72 -40.29
CA LYS EA 48 17.10 -15.74 -39.88
C LYS EA 48 17.73 -15.01 -41.06
N VAL EA 49 17.09 -13.91 -41.48
CA VAL EA 49 17.61 -12.93 -42.45
C VAL EA 49 17.77 -13.51 -43.85
N MET FA 1 -72.36 31.61 27.33
CA MET FA 1 -72.27 30.17 27.12
C MET FA 1 -73.45 29.66 26.29
N PRO FA 2 -73.14 28.87 25.25
CA PRO FA 2 -74.21 28.28 24.43
C PRO FA 2 -74.80 27.00 25.00
N LEU FA 3 -74.16 26.37 25.98
CA LEU FA 3 -74.67 25.16 26.63
C LEU FA 3 -74.70 25.41 28.14
N THR FA 4 -75.86 25.80 28.66
CA THR FA 4 -75.98 26.14 30.07
C THR FA 4 -76.19 24.89 30.91
N ASP FA 5 -76.26 25.07 32.22
CA ASP FA 5 -76.45 24.01 33.18
C ASP FA 5 -77.91 23.97 33.60
N PRO FA 6 -78.52 22.79 33.62
CA PRO FA 6 -79.99 22.70 33.56
C PRO FA 6 -80.72 23.39 34.71
N VAL FA 7 -80.49 22.98 35.96
CA VAL FA 7 -80.84 23.77 37.14
C VAL FA 7 -79.60 23.84 38.01
N LYS FA 8 -78.90 24.96 37.90
CA LYS FA 8 -77.62 25.22 38.54
C LYS FA 8 -77.56 26.72 38.76
N LEU FA 9 -76.36 27.27 38.91
CA LEU FA 9 -76.17 28.72 38.87
C LEU FA 9 -76.03 29.24 37.45
N GLN FA 10 -76.65 28.56 36.48
CA GLN FA 10 -76.64 28.92 35.07
C GLN FA 10 -77.03 30.37 34.85
N ILE FA 11 -76.68 30.92 33.68
CA ILE FA 11 -76.63 32.36 33.54
C ILE FA 11 -77.45 32.94 32.39
N VAL FA 12 -77.22 32.46 31.16
CA VAL FA 12 -77.65 33.21 29.98
C VAL FA 12 -79.16 33.40 29.99
N GLN FA 13 -79.87 32.61 30.80
CA GLN FA 13 -81.19 33.00 31.24
C GLN FA 13 -81.04 34.14 32.26
N GLN FA 14 -80.62 35.29 31.74
CA GLN FA 14 -80.53 36.56 32.44
C GLN FA 14 -79.37 36.66 33.43
N ARG FA 15 -78.21 36.08 33.09
CA ARG FA 15 -76.98 36.29 33.85
C ARG FA 15 -75.79 36.01 32.95
N VAL FA 16 -74.59 36.37 33.44
CA VAL FA 16 -73.38 36.08 32.70
C VAL FA 16 -72.29 35.47 33.59
N PHE FA 17 -72.66 34.98 34.78
CA PHE FA 17 -71.68 34.41 35.71
C PHE FA 17 -71.18 33.07 35.16
N LEU FA 18 -70.23 33.17 34.24
CA LEU FA 18 -69.86 32.07 33.35
C LEU FA 18 -69.00 31.03 34.08
N LYS FA 19 -68.31 30.22 33.30
CA LYS FA 19 -67.56 29.07 33.80
C LYS FA 19 -66.12 29.46 34.14
N LYS FA 20 -65.28 28.46 34.36
CA LYS FA 20 -63.89 28.62 34.78
C LYS FA 20 -62.99 27.88 33.80
N ILE FA 21 -61.83 28.45 33.51
CA ILE FA 21 -60.92 27.95 32.48
C ILE FA 21 -59.63 27.48 33.15
N CYS FA 22 -59.19 26.27 32.81
CA CYS FA 22 -57.90 25.78 33.27
C CYS FA 22 -56.77 26.42 32.49
N ARG FA 23 -55.73 26.87 33.20
CA ARG FA 23 -54.59 27.52 32.57
C ARG FA 23 -53.55 26.55 32.04
N ASP FA 24 -53.61 25.28 32.43
CA ASP FA 24 -52.64 24.30 31.95
C ASP FA 24 -53.13 23.60 30.69
N CYS FA 25 -54.26 22.92 30.77
CA CYS FA 25 -54.80 22.17 29.65
C CYS FA 25 -55.83 22.94 28.84
N GLY FA 26 -56.47 23.95 29.42
CA GLY FA 26 -57.41 24.78 28.70
C GLY FA 26 -58.87 24.39 28.79
N ALA FA 27 -59.21 23.38 29.60
CA ALA FA 27 -60.56 22.86 29.64
C ALA FA 27 -61.50 23.79 30.40
N LEU FA 28 -62.81 23.59 30.18
CA LEU FA 28 -63.85 24.29 30.91
C LEU FA 28 -64.20 23.55 32.20
N ASN FA 29 -64.49 24.32 33.25
CA ASN FA 29 -64.80 23.76 34.55
C ASN FA 29 -65.90 24.58 35.19
N SER FA 30 -66.44 24.05 36.29
CA SER FA 30 -67.52 24.70 37.01
C SER FA 30 -67.03 25.99 37.68
N ILE FA 31 -67.98 26.87 37.97
CA ILE FA 31 -67.66 28.14 38.60
C ILE FA 31 -67.17 27.96 40.03
N ARG FA 32 -67.48 26.85 40.67
CA ARG FA 32 -67.06 26.62 42.04
C ARG FA 32 -66.20 25.37 42.19
N ALA FA 33 -65.48 25.00 41.14
CA ALA FA 33 -64.50 23.93 41.22
C ALA FA 33 -63.20 24.46 41.80
N THR FA 34 -62.43 23.55 42.40
CA THR FA 34 -61.12 23.91 42.93
C THR FA 34 -59.97 23.47 42.04
N LYS FA 35 -60.12 22.36 41.31
CA LYS FA 35 -59.14 21.97 40.33
C LYS FA 35 -59.82 21.44 39.09
N CYS FA 36 -59.06 21.41 37.99
CA CYS FA 36 -59.58 20.95 36.72
C CYS FA 36 -59.95 19.48 36.76
N ARG FA 37 -61.02 19.11 36.06
CA ARG FA 37 -61.45 17.73 36.02
C ARG FA 37 -60.61 16.87 35.08
N ARG FA 38 -59.79 17.49 34.23
CA ARG FA 38 -58.94 16.77 33.29
C ARG FA 38 -57.56 16.49 33.88
N CYS FA 39 -56.90 17.52 34.41
CA CYS FA 39 -55.53 17.41 34.89
C CYS FA 39 -55.36 17.62 36.38
N HIS FA 40 -56.36 18.18 37.08
CA HIS FA 40 -56.25 18.52 38.49
C HIS FA 40 -55.11 19.51 38.73
N SER FA 41 -55.26 20.71 38.19
CA SER FA 41 -54.19 21.70 38.26
C SER FA 41 -54.35 22.70 39.39
N SER FA 42 -55.57 23.13 39.68
CA SER FA 42 -55.87 24.22 40.61
C SER FA 42 -55.33 25.55 40.13
N ASN FA 43 -54.86 25.64 38.90
CA ASN FA 43 -54.47 26.90 38.28
C ASN FA 43 -55.59 27.34 37.34
N LEU FA 44 -56.66 27.84 37.94
CA LEU FA 44 -57.90 28.13 37.23
C LEU FA 44 -58.16 29.62 37.17
N ARG FA 45 -58.97 30.01 36.20
CA ARG FA 45 -59.35 31.42 36.02
C ARG FA 45 -60.73 31.49 35.40
N ALA FA 46 -61.33 32.68 35.47
CA ALA FA 46 -62.68 32.90 34.99
C ALA FA 46 -62.69 33.32 33.52
N LYS FA 47 -63.75 32.93 32.83
CA LYS FA 47 -63.99 33.42 31.47
C LYS FA 47 -64.30 34.90 31.49
N LYS FA 48 -64.01 35.57 30.38
CA LYS FA 48 -64.24 37.00 30.27
C LYS FA 48 -65.65 37.26 29.75
N LYS FA 49 -66.34 38.21 30.38
CA LYS FA 49 -67.72 38.52 30.05
C LYS FA 49 -67.85 39.79 29.21
N GLU FA 50 -67.53 40.93 29.82
CA GLU FA 50 -67.47 42.25 29.20
C GLU FA 50 -67.18 43.26 30.29
N LEU FA 51 -66.75 44.46 29.89
CA LEU FA 51 -66.64 45.59 30.80
C LEU FA 51 -67.99 46.31 30.84
N PRO FA 52 -68.67 46.37 32.00
CA PRO FA 52 -70.09 46.79 32.01
C PRO FA 52 -70.35 48.19 31.49
N ALA FA 53 -69.83 49.22 32.15
CA ALA FA 53 -70.08 50.60 31.72
C ALA FA 53 -68.79 51.38 31.46
N LYS FA 54 -67.92 51.50 32.45
CA LYS FA 54 -66.79 52.42 32.40
C LYS FA 54 -65.87 52.08 33.58
N LYS FA 55 -64.94 52.98 33.88
CA LYS FA 55 -64.08 52.88 35.07
C LYS FA 55 -64.83 52.48 36.32
N MET GA 1 35.48 32.80 44.32
CA MET GA 1 35.80 32.44 45.69
C MET GA 1 37.27 32.67 45.98
N LYS GA 2 37.56 33.20 47.17
CA LYS GA 2 38.92 33.53 47.56
C LYS GA 2 39.55 32.38 48.33
N VAL GA 3 40.82 32.12 48.04
CA VAL GA 3 41.59 31.05 48.68
C VAL GA 3 42.95 31.62 49.08
N PRO GA 4 43.50 31.26 50.23
CA PRO GA 4 44.81 31.79 50.61
C PRO GA 4 45.93 31.25 49.75
N LYS GA 5 47.05 31.97 49.76
CA LYS GA 5 48.23 31.51 49.02
C LYS GA 5 48.96 30.38 49.74
N VAL GA 6 48.88 30.33 51.06
CA VAL GA 6 49.59 29.34 51.87
C VAL GA 6 48.60 28.62 52.76
N ILE GA 7 48.71 27.29 52.83
CA ILE GA 7 47.84 26.45 53.63
C ILE GA 7 48.68 25.43 54.37
N LYS GA 8 48.33 25.15 55.63
CA LYS GA 8 49.01 24.15 56.43
C LYS GA 8 48.22 22.84 56.40
N THR GA 9 48.72 21.86 55.65
CA THR GA 9 48.11 20.54 55.65
C THR GA 9 49.16 19.45 55.84
N TYR GA 10 48.73 18.20 55.74
CA TYR GA 10 49.59 17.05 55.96
C TYR GA 10 50.51 16.84 54.77
N CYS GA 11 51.82 16.81 55.03
CA CYS GA 11 52.79 16.40 54.03
C CYS GA 11 53.01 14.91 54.23
N PRO GA 12 52.55 14.04 53.32
CA PRO GA 12 52.74 12.60 53.53
C PRO GA 12 54.17 12.13 53.44
N LYS GA 13 55.05 12.87 52.77
CA LYS GA 13 56.46 12.52 52.79
C LYS GA 13 57.09 12.85 54.14
N CYS GA 14 56.81 14.05 54.67
CA CYS GA 14 57.34 14.46 55.96
C CYS GA 14 56.59 13.84 57.13
N LYS GA 15 55.38 13.35 56.90
CA LYS GA 15 54.55 12.72 57.93
C LYS GA 15 54.20 13.68 59.05
N THR GA 16 53.86 14.91 58.69
CA THR GA 16 53.38 15.91 59.63
C THR GA 16 52.76 17.06 58.84
N HIS GA 17 52.20 18.02 59.57
CA HIS GA 17 51.59 19.20 58.97
C HIS GA 17 52.63 20.28 58.75
N THR GA 18 52.75 20.72 57.51
CA THR GA 18 53.72 21.71 57.09
C THR GA 18 53.03 22.75 56.23
N GLU GA 19 53.76 23.81 55.90
CA GLU GA 19 53.23 24.83 55.02
C GLU GA 19 53.28 24.38 53.56
N HIS GA 20 52.30 24.82 52.80
CA HIS GA 20 52.19 24.50 51.39
C HIS GA 20 51.93 25.80 50.63
N SER GA 21 52.42 25.87 49.41
CA SER GA 21 52.13 26.99 48.52
C SER GA 21 51.08 26.54 47.51
N VAL GA 22 50.08 27.38 47.28
CA VAL GA 22 48.87 27.00 46.56
C VAL GA 22 48.90 27.61 45.17
N SER GA 23 48.58 26.79 44.17
CA SER GA 23 48.48 27.26 42.79
C SER GA 23 47.39 26.48 42.08
N LEU GA 24 46.92 27.03 40.96
CA LEU GA 24 45.91 26.39 40.12
C LEU GA 24 46.57 25.53 39.05
N TYR GA 25 45.89 24.44 38.70
CA TYR GA 25 46.44 23.49 37.74
C TYR GA 25 46.37 24.02 36.32
N LYS GA 26 47.43 23.76 35.55
CA LYS GA 26 47.46 24.11 34.14
C LYS GA 26 48.21 23.02 33.39
N GLY GA 27 47.66 22.57 32.28
CA GLY GA 27 48.23 21.46 31.55
C GLY GA 27 49.38 21.88 30.64
N GLY GA 28 50.11 20.87 30.16
CA GLY GA 28 51.30 21.09 29.36
C GLY GA 28 51.01 21.07 27.86
N LYS GA 29 52.10 20.98 27.10
CA LYS GA 29 52.03 20.91 25.65
C LYS GA 29 51.78 19.48 25.19
N ARG GA 30 51.09 19.36 24.05
CA ARG GA 30 50.55 18.06 23.61
C ARG GA 30 51.63 17.03 23.28
N ARG GA 31 52.85 17.44 22.98
CA ARG GA 31 53.98 16.51 22.88
C ARG GA 31 53.74 15.44 21.80
N SER GA 32 53.81 15.88 20.55
CA SER GA 32 54.03 14.96 19.44
C SER GA 32 55.13 13.98 19.81
N LEU GA 33 55.02 12.74 19.33
CA LEU GA 33 55.73 11.53 19.76
C LEU GA 33 55.05 10.80 20.91
N ALA GA 34 53.92 11.30 21.42
CA ALA GA 34 53.08 10.46 22.27
C ALA GA 34 52.41 9.38 21.42
N GLU GA 35 52.22 8.22 22.01
CA GLU GA 35 51.81 7.05 21.22
C GLU GA 35 50.46 7.28 20.55
N GLY GA 36 49.55 7.98 21.21
CA GLY GA 36 48.28 8.28 20.58
C GLY GA 36 48.32 9.43 19.61
N GLN GA 37 49.45 10.14 19.53
CA GLN GA 37 49.64 11.12 18.48
C GLN GA 37 50.38 10.55 17.29
N ARG GA 38 51.24 9.56 17.51
CA ARG GA 38 51.83 8.81 16.41
C ARG GA 38 50.77 8.02 15.66
N ARG GA 39 49.81 7.45 16.39
CA ARG GA 39 48.75 6.65 15.77
C ARG GA 39 47.77 7.51 14.99
N TYR GA 40 47.47 8.70 15.51
CA TYR GA 40 46.55 9.59 14.81
C TYR GA 40 47.13 10.06 13.49
N GLU GA 41 48.42 10.38 13.47
CA GLU GA 41 49.06 10.82 12.23
C GLU GA 41 49.19 9.69 11.22
N ARG GA 42 49.47 8.49 11.70
CA ARG GA 42 49.47 7.32 10.84
C ARG GA 42 48.10 7.04 10.24
N LYS GA 43 47.04 7.52 10.87
CA LYS GA 43 45.69 7.30 10.36
C LYS GA 43 45.25 8.35 9.36
N ASN GA 44 45.92 9.48 9.30
CA ASN GA 44 45.54 10.59 8.44
C ASN GA 44 46.27 10.58 7.11
N VAL GA 45 47.06 9.57 6.82
CA VAL GA 45 47.76 9.47 5.55
C VAL GA 45 46.89 8.69 4.57
N GLY GA 46 46.69 9.26 3.38
CA GLY GA 46 45.99 8.58 2.31
C GLY GA 46 44.70 9.30 1.96
N TYR GA 47 43.68 8.51 1.64
CA TYR GA 47 42.38 9.01 1.24
C TYR GA 47 41.31 8.48 2.19
N GLY GA 48 40.26 9.26 2.36
CA GLY GA 48 39.18 8.87 3.26
C GLY GA 48 38.42 10.09 3.70
N SER GA 49 37.48 9.86 4.60
CA SER GA 49 36.71 10.94 5.18
C SER GA 49 37.47 11.52 6.37
N LYS GA 50 36.83 12.40 7.13
CA LYS GA 50 37.32 12.75 8.45
C LYS GA 50 37.39 11.50 9.30
N ARG GA 51 38.55 11.24 9.90
CA ARG GA 51 38.85 9.93 10.41
C ARG GA 51 38.25 9.67 11.79
N LYS GA 52 38.09 10.71 12.60
CA LYS GA 52 37.79 10.59 14.01
C LYS GA 52 36.63 11.49 14.39
N PRO GA 53 35.86 11.11 15.41
CA PRO GA 53 34.79 11.98 15.90
C PRO GA 53 35.31 13.22 16.60
N GLU GA 54 34.63 14.34 16.38
CA GLU GA 54 34.98 15.61 16.98
C GLU GA 54 33.73 16.22 17.61
N GLN GA 55 33.85 16.63 18.87
CA GLN GA 55 32.70 17.13 19.62
C GLN GA 55 32.17 18.41 19.01
N LYS GA 56 30.84 18.56 19.01
CA LYS GA 56 30.19 19.75 18.48
C LYS GA 56 29.19 20.36 19.46
N ARG GA 57 28.49 19.55 20.24
CA ARG GA 57 27.52 20.04 21.22
C ARG GA 57 28.18 20.20 22.58
N PHE GA 58 28.03 21.39 23.17
CA PHE GA 58 28.63 21.71 24.47
C PHE GA 58 27.56 22.24 25.42
N ALA GA 59 27.59 21.74 26.65
CA ALA GA 59 26.59 22.07 27.66
C ALA GA 59 27.14 22.80 28.87
N LYS GA 60 28.27 22.35 29.41
CA LYS GA 60 28.86 22.99 30.58
C LYS GA 60 29.36 24.39 30.24
N THR GA 61 29.39 25.25 31.24
CA THR GA 61 29.94 26.59 31.10
C THR GA 61 31.13 26.86 32.00
N THR GA 62 31.26 26.13 33.11
CA THR GA 62 32.39 26.25 34.01
C THR GA 62 33.32 25.06 33.81
N LYS GA 63 34.41 25.05 34.56
CA LYS GA 63 35.33 23.93 34.61
C LYS GA 63 35.70 23.67 36.05
N LYS GA 64 36.05 22.42 36.34
CA LYS GA 64 36.48 22.06 37.68
C LYS GA 64 37.80 22.74 38.00
N GLN GA 65 37.85 23.44 39.13
CA GLN GA 65 39.03 24.17 39.56
C GLN GA 65 39.83 23.29 40.51
N THR GA 66 41.06 22.99 40.13
CA THR GA 66 41.94 22.11 40.90
C THR GA 66 43.01 22.92 41.60
N LEU GA 67 43.33 22.54 42.82
CA LEU GA 67 44.35 23.20 43.63
C LEU GA 67 45.59 22.33 43.68
N VAL GA 68 46.75 22.96 43.49
CA VAL GA 68 48.04 22.28 43.54
C VAL GA 68 48.79 22.82 44.75
N LEU GA 69 49.21 21.91 45.64
CA LEU GA 69 49.84 22.27 46.90
C LEU GA 69 51.23 21.66 46.96
N LYS GA 70 52.26 22.49 47.09
CA LYS GA 70 53.65 22.03 47.12
C LYS GA 70 54.22 22.21 48.52
N CYS GA 71 54.73 21.11 49.08
CA CYS GA 71 55.25 21.09 50.45
C CYS GA 71 56.55 21.89 50.48
N GLN GA 72 56.59 22.94 51.31
CA GLN GA 72 57.66 23.93 51.23
C GLN GA 72 58.98 23.43 51.81
N LYS GA 73 59.01 22.25 52.40
CA LYS GA 73 60.24 21.67 52.89
C LYS GA 73 60.83 20.60 51.98
N CYS GA 74 60.00 19.85 51.25
CA CYS GA 74 60.50 18.77 50.43
C CYS GA 74 59.98 18.77 49.00
N SER GA 75 59.21 19.78 48.60
CA SER GA 75 58.71 19.94 47.22
C SER GA 75 57.76 18.82 46.80
N TYR GA 76 57.28 18.02 47.75
CA TYR GA 76 56.26 17.03 47.44
C TYR GA 76 54.94 17.73 47.16
N THR GA 77 54.26 17.31 46.09
CA THR GA 77 53.04 17.97 45.62
C THR GA 77 51.85 17.04 45.76
N ILE GA 78 50.77 17.54 46.33
CA ILE GA 78 49.50 16.83 46.39
C ILE GA 78 48.49 17.59 45.53
N VAL GA 79 47.74 16.86 44.72
CA VAL GA 79 46.75 17.42 43.82
C VAL GA 79 45.37 17.02 44.32
N LYS GA 80 44.48 17.99 44.44
CA LYS GA 80 43.18 17.80 45.04
C LYS GA 80 42.11 17.61 43.98
N GLU GA 81 40.97 17.06 44.39
CA GLU GA 81 39.85 16.90 43.47
C GLU GA 81 39.25 18.25 43.11
N GLY GA 82 38.81 18.38 41.87
CA GLY GA 82 38.31 19.65 41.40
C GLY GA 82 36.89 19.92 41.82
N MET GA 83 36.47 21.16 41.60
CA MET GA 83 35.13 21.58 41.98
C MET GA 83 34.67 22.70 41.04
N ARG GA 84 33.43 22.60 40.57
CA ARG GA 84 32.92 23.49 39.54
C ARG GA 84 32.68 24.86 40.14
N LEU GA 85 33.46 25.85 39.71
CA LEU GA 85 33.34 27.21 40.17
C LEU GA 85 33.63 28.13 38.99
N LYS GA 86 33.54 29.43 39.21
CA LYS GA 86 33.72 30.36 38.10
C LYS GA 86 35.20 30.58 37.81
N LYS GA 87 35.94 31.11 38.78
CA LYS GA 87 37.37 31.31 38.63
C LYS GA 87 37.92 31.55 40.03
N LEU GA 88 38.78 30.65 40.48
CA LEU GA 88 39.22 30.64 41.86
C LEU GA 88 40.18 31.80 42.09
N GLU GA 89 39.74 32.78 42.86
CA GLU GA 89 40.55 33.98 43.10
C GLU GA 89 41.58 33.65 44.16
N LEU GA 90 42.79 33.33 43.72
CA LEU GA 90 43.81 32.74 44.59
C LEU GA 90 44.56 33.79 45.38
N VAL GA 91 44.21 35.08 45.22
CA VAL GA 91 44.91 36.14 45.93
C VAL GA 91 44.74 35.93 47.43
N GLU GA 92 45.81 36.12 48.18
CA GLU GA 92 45.80 35.92 49.62
C GLU GA 92 44.76 36.76 50.34
N PRO HA 1 86.27 14.97 -31.76
CA PRO HA 1 85.43 14.76 -30.58
C PRO HA 1 85.92 15.55 -29.37
N SER HA 2 85.92 14.93 -28.20
CA SER HA 2 86.31 15.59 -26.97
C SER HA 2 87.53 14.99 -26.31
N TYR HA 3 87.81 13.71 -26.52
CA TYR HA 3 89.00 13.09 -25.96
C TYR HA 3 90.23 13.32 -26.81
N VAL HA 4 90.10 13.99 -27.95
CA VAL HA 4 91.23 14.37 -28.77
C VAL HA 4 91.82 15.65 -28.20
N LYS HA 5 93.03 15.57 -27.67
CA LYS HA 5 93.60 16.67 -26.91
C LYS HA 5 94.33 17.67 -27.81
N PHE HA 6 95.10 17.18 -28.77
CA PHE HA 6 95.87 18.03 -29.67
C PHE HA 6 95.68 17.56 -31.10
N GLU HA 7 95.85 18.48 -32.04
CA GLU HA 7 95.74 18.16 -33.46
C GLU HA 7 97.01 17.48 -33.95
N VAL HA 8 96.84 16.45 -34.76
CA VAL HA 8 97.95 15.72 -35.37
C VAL HA 8 97.91 15.99 -36.88
N PRO HA 9 98.97 16.55 -37.46
CA PRO HA 9 99.00 16.72 -38.91
C PRO HA 9 99.03 15.38 -39.62
N GLN HA 10 98.44 15.36 -40.82
CA GLN HA 10 98.27 14.08 -41.52
C GLN HA 10 99.60 13.44 -41.88
N GLU HA 11 100.64 14.25 -42.11
CA GLU HA 11 101.93 13.67 -42.47
C GLU HA 11 102.55 12.90 -41.33
N LEU HA 12 102.30 13.32 -40.08
CA LEU HA 12 102.80 12.57 -38.93
C LEU HA 12 102.01 11.29 -38.69
N ALA HA 13 100.72 11.28 -39.03
CA ALA HA 13 99.90 10.11 -38.78
C ALA HA 13 100.37 8.91 -39.59
N ASP HA 14 100.78 9.14 -40.84
CA ASP HA 14 101.27 8.04 -41.66
C ASP HA 14 102.55 7.44 -41.11
N LYS HA 15 103.37 8.25 -40.43
CA LYS HA 15 104.54 7.71 -39.76
C LYS HA 15 104.14 6.76 -38.65
N VAL HA 16 103.08 7.09 -37.92
CA VAL HA 16 102.62 6.24 -36.82
C VAL HA 16 102.15 4.89 -37.35
N LEU HA 17 101.36 4.91 -38.43
CA LEU HA 17 100.87 3.66 -38.99
C LEU HA 17 102.01 2.81 -39.55
N GLU HA 18 103.07 3.46 -40.03
CA GLU HA 18 104.23 2.70 -40.51
C GLU HA 18 104.98 2.05 -39.34
N ALA HA 19 105.04 2.74 -38.20
CA ALA HA 19 105.70 2.18 -37.03
C ALA HA 19 104.98 0.94 -36.53
N VAL HA 20 103.64 0.94 -36.57
CA VAL HA 20 102.87 -0.20 -36.10
C VAL HA 20 103.16 -1.42 -36.98
N LYS HA 21 103.22 -1.23 -38.29
CA LYS HA 21 103.49 -2.34 -39.20
C LYS HA 21 104.86 -2.94 -38.95
N LYS HA 22 105.87 -2.09 -38.72
CA LYS HA 22 107.21 -2.59 -38.47
C LYS HA 22 107.31 -3.26 -37.10
N ALA HA 23 106.65 -2.69 -36.09
CA ALA HA 23 106.74 -3.25 -34.75
C ALA HA 23 106.07 -4.62 -34.68
N LYS HA 24 104.99 -4.82 -35.42
CA LYS HA 24 104.30 -6.09 -35.39
C LYS HA 24 105.17 -7.22 -35.94
N ASP HA 25 105.93 -6.93 -36.99
CA ASP HA 25 106.74 -7.97 -37.62
C ASP HA 25 107.92 -8.40 -36.75
N SER HA 26 108.52 -7.48 -36.02
CA SER HA 26 109.71 -7.77 -35.24
C SER HA 26 109.46 -7.77 -33.73
N GLY HA 27 108.87 -6.71 -33.20
CA GLY HA 27 108.66 -6.57 -31.77
C GLY HA 27 107.35 -7.18 -31.31
N LYS HA 28 106.78 -6.56 -30.27
CA LYS HA 28 105.49 -6.97 -29.71
C LYS HA 28 104.55 -5.79 -29.63
N ILE HA 29 103.26 -6.05 -29.84
CA ILE HA 29 102.22 -5.05 -29.72
C ILE HA 29 101.04 -5.64 -28.96
N LYS HA 30 100.18 -4.75 -28.46
CA LYS HA 30 98.92 -5.13 -27.84
C LYS HA 30 97.79 -4.51 -28.64
N LYS HA 31 96.83 -5.34 -29.04
CA LYS HA 31 95.72 -4.90 -29.88
C LYS HA 31 94.43 -4.88 -29.06
N GLY HA 32 93.72 -3.77 -29.10
CA GLY HA 32 92.47 -3.68 -28.38
C GLY HA 32 92.59 -2.85 -27.12
N THR HA 33 91.47 -2.27 -26.70
CA THR HA 33 91.49 -1.37 -25.55
C THR HA 33 91.61 -2.13 -24.23
N ASN HA 34 91.21 -3.39 -24.18
CA ASN HA 34 91.34 -4.14 -22.94
C ASN HA 34 92.79 -4.51 -22.68
N GLU HA 35 93.57 -4.76 -23.73
CA GLU HA 35 94.97 -5.10 -23.55
C GLU HA 35 95.84 -3.85 -23.48
N THR HA 36 95.39 -2.75 -24.05
CA THR HA 36 96.16 -1.51 -24.05
C THR HA 36 96.17 -0.88 -22.67
N THR HA 37 95.01 -0.80 -22.03
CA THR HA 37 94.94 -0.17 -20.71
C THR HA 37 95.70 -0.98 -19.67
N LYS HA 38 95.68 -2.31 -19.80
CA LYS HA 38 96.41 -3.14 -18.84
C LYS HA 38 97.91 -3.02 -19.04
N ALA HA 39 98.36 -2.66 -20.24
CA ALA HA 39 99.77 -2.35 -20.44
C ALA HA 39 100.13 -0.98 -19.90
N VAL HA 40 99.21 -0.02 -19.96
CA VAL HA 40 99.44 1.30 -19.38
C VAL HA 40 99.45 1.21 -17.86
N GLU HA 41 98.54 0.43 -17.28
CA GLU HA 41 98.50 0.29 -15.83
C GLU HA 41 99.78 -0.30 -15.28
N ARG HA 42 100.34 -1.29 -15.96
CA ARG HA 42 101.57 -1.92 -15.52
C ARG HA 42 102.81 -1.15 -15.92
N SER HA 43 102.66 0.02 -16.55
CA SER HA 43 103.79 0.85 -16.97
C SER HA 43 104.73 0.08 -17.90
N GLN HA 44 104.14 -0.67 -18.84
CA GLN HA 44 104.92 -1.47 -19.77
C GLN HA 44 104.89 -0.95 -21.20
N ALA HA 45 103.96 -0.07 -21.53
CA ALA HA 45 103.85 0.42 -22.90
C ALA HA 45 104.94 1.45 -23.19
N LYS HA 46 105.32 1.52 -24.47
CA LYS HA 46 106.27 2.52 -24.93
C LYS HA 46 105.64 3.61 -25.78
N LEU HA 47 104.56 3.29 -26.48
CA LEU HA 47 103.81 4.28 -27.24
C LEU HA 47 102.39 3.76 -27.40
N VAL HA 48 101.41 4.62 -27.13
CA VAL HA 48 100.00 4.26 -27.18
C VAL HA 48 99.35 4.99 -28.34
N VAL HA 49 98.71 4.24 -29.23
CA VAL HA 49 98.10 4.78 -30.44
C VAL HA 49 96.58 4.74 -30.28
N ILE HA 50 95.93 5.86 -30.52
CA ILE HA 50 94.51 6.03 -30.23
C ILE HA 50 93.81 6.48 -31.51
N ALA HA 51 92.70 5.82 -31.85
CA ALA HA 51 91.93 6.21 -33.01
C ALA HA 51 91.10 7.45 -32.70
N GLU HA 52 90.46 8.00 -33.73
CA GLU HA 52 89.76 9.28 -33.62
C GLU HA 52 88.29 9.20 -33.98
N ASP HA 53 87.76 8.01 -34.26
CA ASP HA 53 86.36 7.85 -34.65
C ASP HA 53 85.71 6.72 -33.87
N VAL HA 54 85.88 6.76 -32.56
CA VAL HA 54 85.32 5.74 -31.67
C VAL HA 54 83.95 6.20 -31.19
N GLN HA 55 82.95 5.32 -31.31
CA GLN HA 55 81.59 5.59 -30.84
C GLN HA 55 81.10 4.37 -30.07
N PRO HA 56 80.67 4.53 -28.82
CA PRO HA 56 80.64 5.79 -28.06
C PRO HA 56 82.02 6.24 -27.61
N GLU HA 57 82.15 7.51 -27.24
CA GLU HA 57 83.44 8.06 -26.88
C GLU HA 57 83.99 7.48 -25.59
N GLU HA 58 83.14 6.90 -24.75
CA GLU HA 58 83.56 6.41 -23.44
C GLU HA 58 84.55 5.25 -23.53
N ILE HA 59 84.68 4.61 -24.69
CA ILE HA 59 85.53 3.43 -24.81
C ILE HA 59 86.98 3.80 -24.56
N VAL HA 60 87.42 4.95 -25.07
CA VAL HA 60 88.82 5.34 -25.00
C VAL HA 60 89.01 6.69 -24.32
N ALA HA 61 87.99 7.21 -23.65
CA ALA HA 61 88.09 8.56 -23.09
C ALA HA 61 88.99 8.62 -21.87
N HIS HA 62 89.33 7.48 -21.28
CA HIS HA 62 90.18 7.45 -20.10
C HIS HA 62 91.66 7.30 -20.42
N LEU HA 63 92.00 6.91 -21.65
CA LEU HA 63 93.40 6.66 -21.99
C LEU HA 63 94.27 7.91 -21.93
N PRO HA 64 93.86 9.07 -22.48
CA PRO HA 64 94.76 10.23 -22.40
C PRO HA 64 95.14 10.62 -20.99
N LEU HA 65 94.21 10.57 -20.04
CA LEU HA 65 94.53 10.94 -18.67
C LEU HA 65 95.31 9.85 -17.96
N LEU HA 66 95.01 8.59 -18.26
CA LEU HA 66 95.66 7.49 -17.56
C LEU HA 66 97.16 7.43 -17.87
N CYS HA 67 97.54 7.67 -19.11
CA CYS HA 67 98.95 7.64 -19.46
C CYS HA 67 99.64 8.97 -19.24
N GLU HA 68 98.90 10.03 -18.97
CA GLU HA 68 99.52 11.29 -18.55
C GLU HA 68 100.23 11.12 -17.22
N GLU HA 69 99.60 10.43 -16.27
CA GLU HA 69 100.17 10.25 -14.94
C GLU HA 69 101.18 9.11 -14.90
N LYS HA 70 101.20 8.23 -15.89
CA LYS HA 70 102.20 7.17 -15.96
C LYS HA 70 103.40 7.54 -16.81
N LYS HA 71 103.41 8.75 -17.37
CA LYS HA 71 104.52 9.25 -18.17
C LYS HA 71 104.75 8.39 -19.41
N ILE HA 72 103.68 8.18 -20.18
CA ILE HA 72 103.72 7.38 -21.39
C ILE HA 72 103.24 8.25 -22.53
N PRO HA 73 103.98 8.35 -23.64
CA PRO HA 73 103.51 9.17 -24.76
C PRO HA 73 102.34 8.53 -25.48
N TYR HA 74 101.51 9.38 -26.10
CA TYR HA 74 100.37 8.89 -26.86
C TYR HA 74 100.14 9.80 -28.06
N VAL HA 75 99.64 9.21 -29.14
CA VAL HA 75 99.39 9.91 -30.39
C VAL HA 75 98.06 9.43 -30.96
N TYR HA 76 97.48 10.25 -31.84
CA TYR HA 76 96.17 9.99 -32.43
C TYR HA 76 96.31 9.54 -33.88
N VAL HA 77 95.32 8.77 -34.34
CA VAL HA 77 95.21 8.29 -35.71
C VAL HA 77 93.77 8.48 -36.18
N PRO HA 78 93.55 8.92 -37.43
CA PRO HA 78 92.17 9.24 -37.85
C PRO HA 78 91.21 8.06 -37.83
N SER HA 79 91.53 6.97 -38.52
CA SER HA 79 90.58 5.89 -38.77
C SER HA 79 90.98 4.64 -38.02
N LYS HA 80 90.02 4.02 -37.33
CA LYS HA 80 90.28 2.79 -36.59
C LYS HA 80 90.36 1.58 -37.51
N LYS HA 81 89.67 1.60 -38.64
CA LYS HA 81 89.79 0.48 -39.58
C LYS HA 81 91.20 0.39 -40.14
N SER HA 82 91.79 1.54 -40.47
CA SER HA 82 93.18 1.55 -40.92
C SER HA 82 94.13 1.11 -39.82
N LEU HA 83 93.86 1.53 -38.58
CA LEU HA 83 94.68 1.10 -37.45
C LEU HA 83 94.59 -0.39 -37.24
N GLY HA 84 93.40 -0.97 -37.42
CA GLY HA 84 93.27 -2.42 -37.31
C GLY HA 84 93.99 -3.15 -38.42
N GLU HA 85 93.99 -2.59 -39.63
CA GLU HA 85 94.71 -3.22 -40.74
C GLU HA 85 96.21 -3.25 -40.47
N ALA HA 86 96.75 -2.17 -39.91
CA ALA HA 86 98.18 -2.05 -39.70
C ALA HA 86 98.69 -3.16 -38.78
N CYS HA 87 97.92 -3.49 -37.74
CA CYS HA 87 98.30 -4.53 -36.79
C CYS HA 87 97.85 -5.92 -37.22
N GLY HA 88 97.61 -6.13 -38.50
CA GLY HA 88 97.33 -7.47 -39.01
C GLY HA 88 96.04 -8.09 -38.53
N LEU HA 89 94.94 -7.34 -38.53
CA LEU HA 89 93.65 -7.84 -38.12
C LEU HA 89 92.65 -7.71 -39.27
N GLN HA 90 91.64 -8.58 -39.24
CA GLN HA 90 90.54 -8.47 -40.19
C GLN HA 90 89.46 -7.49 -39.73
N VAL HA 91 89.57 -6.97 -38.52
CA VAL HA 91 88.60 -6.04 -37.96
C VAL HA 91 89.33 -4.78 -37.51
N ALA HA 92 88.55 -3.79 -37.09
CA ALA HA 92 89.13 -2.55 -36.62
C ALA HA 92 89.71 -2.71 -35.22
N ALA HA 93 90.53 -1.74 -34.83
CA ALA HA 93 91.07 -1.64 -33.48
C ALA HA 93 91.02 -0.19 -33.04
N ALA HA 94 90.65 0.04 -31.79
CA ALA HA 94 90.53 1.40 -31.29
C ALA HA 94 91.79 1.87 -30.59
N SER HA 95 92.67 0.97 -30.17
CA SER HA 95 93.89 1.36 -29.49
C SER HA 95 94.92 0.25 -29.65
N VAL HA 96 96.19 0.65 -29.76
CA VAL HA 96 97.32 -0.26 -29.84
C VAL HA 96 98.38 0.24 -28.88
N ALA HA 97 99.14 -0.69 -28.30
CA ALA HA 97 100.27 -0.36 -27.43
C ALA HA 97 101.50 -1.08 -27.94
N LEU HA 98 102.61 -0.36 -28.10
CA LEU HA 98 103.87 -0.94 -28.56
C LEU HA 98 104.65 -1.41 -27.35
N MET HA 99 104.78 -2.73 -27.21
CA MET HA 99 105.54 -3.29 -26.09
C MET HA 99 107.02 -3.01 -26.24
N ASP HA 100 107.56 -3.24 -27.45
CA ASP HA 100 108.94 -2.94 -27.77
C ASP HA 100 108.98 -2.69 -29.28
N PRO HA 101 109.48 -1.53 -29.71
CA PRO HA 101 109.44 -1.23 -31.15
C PRO HA 101 110.21 -2.20 -32.01
N GLY HA 102 111.27 -2.81 -31.48
CA GLY HA 102 112.07 -3.72 -32.27
C GLY HA 102 112.78 -3.03 -33.40
N GLU HA 103 112.40 -3.34 -34.64
CA GLU HA 103 113.03 -2.73 -35.81
C GLU HA 103 112.64 -1.28 -35.99
N ALA HA 104 111.67 -0.77 -35.24
CA ALA HA 104 111.18 0.59 -35.40
C ALA HA 104 111.57 1.47 -34.22
N LYS HA 105 112.65 1.14 -33.52
CA LYS HA 105 113.06 1.94 -32.37
C LYS HA 105 113.39 3.37 -32.79
N ASP HA 106 114.10 3.54 -33.90
CA ASP HA 106 114.41 4.88 -34.38
C ASP HA 106 113.17 5.61 -34.82
N LEU HA 107 112.26 4.92 -35.52
CA LEU HA 107 111.05 5.57 -36.02
C LEU HA 107 110.15 6.00 -34.87
N VAL HA 108 110.07 5.19 -33.81
CA VAL HA 108 109.28 5.57 -32.64
C VAL HA 108 109.89 6.80 -31.97
N ASP HA 109 111.21 6.81 -31.81
CA ASP HA 109 111.87 7.95 -31.16
C ASP HA 109 111.63 9.24 -31.92
N GLU HA 110 111.56 9.17 -33.25
CA GLU HA 110 111.25 10.35 -34.05
C GLU HA 110 109.84 10.85 -33.74
N ILE HA 111 108.89 9.93 -33.56
CA ILE HA 111 107.51 10.33 -33.34
C ILE HA 111 107.35 11.03 -31.99
N VAL HA 112 107.98 10.50 -30.94
CA VAL HA 112 107.81 11.05 -29.61
C VAL HA 112 108.27 12.51 -29.58
N LYS HA 113 109.39 12.81 -30.25
CA LYS HA 113 109.86 14.19 -30.30
C LYS HA 113 108.86 15.10 -31.00
N ARG HA 114 108.26 14.62 -32.10
CA ARG HA 114 107.28 15.42 -32.81
C ARG HA 114 106.05 15.69 -31.95
N VAL HA 115 105.59 14.68 -31.21
CA VAL HA 115 104.39 14.86 -30.39
C VAL HA 115 104.67 15.79 -29.21
N ASN HA 116 105.85 15.66 -28.60
CA ASN HA 116 106.15 16.43 -27.39
C ASN HA 116 106.13 17.93 -27.67
N GLU HA 117 106.62 18.35 -28.83
CA GLU HA 117 106.63 19.77 -29.16
C GLU HA 117 105.25 20.28 -29.52
N ILE HA 118 104.35 19.42 -30.02
CA ILE HA 118 103.00 19.86 -30.33
C ILE HA 118 102.24 20.19 -29.04
N LYS HA 119 102.40 19.36 -28.01
CA LYS HA 119 101.76 19.65 -26.74
C LYS HA 119 102.34 20.87 -26.06
N GLY HA 120 103.62 21.20 -26.33
CA GLY HA 120 104.21 22.39 -25.76
C GLY HA 120 103.58 23.68 -26.24
N LYS HA 121 103.13 23.73 -27.49
CA LYS HA 121 102.48 24.91 -28.04
C LYS HA 121 100.98 24.93 -27.80
N SER HA 122 100.42 23.85 -27.26
CA SER HA 122 98.99 23.75 -26.98
C SER HA 122 98.64 24.23 -25.57
N SER HA 123 99.64 24.62 -24.77
CA SER HA 123 99.44 25.11 -23.41
C SER HA 123 98.76 24.08 -22.50
N PRO IA 1 -13.03 -91.61 21.38
CA PRO IA 1 -14.43 -91.91 21.07
C PRO IA 1 -15.07 -92.80 22.12
N SER IA 2 -15.02 -92.36 23.38
CA SER IA 2 -15.55 -93.17 24.48
C SER IA 2 -17.05 -93.38 24.34
N TYR IA 3 -17.78 -92.34 23.97
CA TYR IA 3 -19.22 -92.47 23.77
C TYR IA 3 -19.55 -93.27 22.51
N VAL IA 4 -18.60 -93.42 21.59
CA VAL IA 4 -18.81 -94.26 20.41
C VAL IA 4 -18.64 -95.71 20.82
N LYS IA 5 -19.65 -96.53 20.48
CA LYS IA 5 -19.66 -97.92 20.90
C LYS IA 5 -19.11 -98.86 19.82
N PHE IA 6 -19.72 -98.85 18.64
CA PHE IA 6 -19.43 -99.83 17.61
C PHE IA 6 -18.99 -99.14 16.33
N GLU IA 7 -17.97 -99.71 15.68
CA GLU IA 7 -17.46 -99.17 14.44
C GLU IA 7 -18.47 -99.35 13.31
N VAL IA 8 -18.57 -98.34 12.45
CA VAL IA 8 -19.53 -98.34 11.35
C VAL IA 8 -18.78 -98.26 10.02
N PRO IA 9 -19.14 -99.06 9.03
CA PRO IA 9 -18.50 -98.94 7.71
C PRO IA 9 -18.79 -97.60 7.06
N GLN IA 10 -17.81 -97.11 6.30
CA GLN IA 10 -17.93 -95.80 5.69
C GLN IA 10 -18.98 -95.77 4.60
N GLU IA 11 -19.24 -96.91 3.95
CA GLU IA 11 -20.29 -96.95 2.94
C GLU IA 11 -21.67 -96.74 3.54
N LEU IA 12 -21.80 -96.86 4.85
CA LEU IA 12 -23.06 -96.58 5.53
C LEU IA 12 -23.18 -95.14 5.98
N ALA IA 13 -22.06 -94.51 6.33
CA ALA IA 13 -22.11 -93.14 6.86
C ALA IA 13 -22.63 -92.17 5.82
N ASP IA 14 -22.15 -92.27 4.59
CA ASP IA 14 -22.59 -91.35 3.54
C ASP IA 14 -24.06 -91.54 3.20
N LYS IA 15 -24.60 -92.74 3.43
CA LYS IA 15 -26.02 -92.94 3.22
C LYS IA 15 -26.84 -92.23 4.29
N VAL IA 16 -26.29 -92.09 5.50
CA VAL IA 16 -26.97 -91.31 6.53
C VAL IA 16 -27.05 -89.84 6.12
N LEU IA 17 -25.95 -89.30 5.57
CA LEU IA 17 -25.91 -87.89 5.23
C LEU IA 17 -26.94 -87.55 4.15
N GLU IA 18 -27.03 -88.37 3.11
CA GLU IA 18 -28.01 -88.12 2.07
C GLU IA 18 -29.43 -88.44 2.52
N ALA IA 19 -29.58 -89.24 3.58
CA ALA IA 19 -30.89 -89.41 4.19
C ALA IA 19 -31.34 -88.14 4.90
N VAL IA 20 -30.42 -87.48 5.61
CA VAL IA 20 -30.75 -86.24 6.30
C VAL IA 20 -31.06 -85.14 5.29
N LYS IA 21 -30.33 -85.12 4.17
CA LYS IA 21 -30.56 -84.08 3.17
C LYS IA 21 -31.97 -84.16 2.61
N LYS IA 22 -32.43 -85.37 2.29
CA LYS IA 22 -33.80 -85.52 1.81
C LYS IA 22 -34.81 -85.27 2.93
N ALA IA 23 -34.48 -85.69 4.16
CA ALA IA 23 -35.36 -85.43 5.29
C ALA IA 23 -35.49 -83.95 5.56
N LYS IA 24 -34.41 -83.19 5.39
CA LYS IA 24 -34.48 -81.74 5.55
C LYS IA 24 -35.42 -81.12 4.51
N ASP IA 25 -35.35 -81.61 3.28
CA ASP IA 25 -36.09 -81.01 2.17
C ASP IA 25 -37.54 -81.43 2.10
N SER IA 26 -37.93 -82.51 2.77
CA SER IA 26 -39.30 -83.00 2.67
C SER IA 26 -39.84 -83.49 4.00
N GLY IA 27 -39.39 -82.90 5.11
CA GLY IA 27 -39.84 -83.37 6.40
C GLY IA 27 -39.48 -82.40 7.50
N LYS IA 28 -39.62 -82.88 8.73
CA LYS IA 28 -39.34 -82.09 9.92
C LYS IA 28 -38.06 -82.59 10.57
N ILE IA 29 -37.14 -81.68 10.87
CA ILE IA 29 -35.82 -82.02 11.39
C ILE IA 29 -35.51 -81.12 12.58
N LYS IA 30 -34.87 -81.69 13.59
CA LYS IA 30 -34.40 -80.96 14.76
C LYS IA 30 -32.88 -80.99 14.80
N LYS IA 31 -32.25 -79.82 14.93
CA LYS IA 31 -30.80 -79.70 14.91
C LYS IA 31 -30.29 -79.25 16.28
N GLY IA 32 -29.17 -79.80 16.69
CA GLY IA 32 -28.53 -79.40 17.92
C GLY IA 32 -28.84 -80.35 19.07
N THR IA 33 -27.87 -80.48 19.98
CA THR IA 33 -28.03 -81.40 21.10
C THR IA 33 -29.17 -80.97 22.02
N ASN IA 34 -29.32 -79.66 22.25
CA ASN IA 34 -30.38 -79.20 23.13
C ASN IA 34 -31.77 -79.54 22.60
N GLU IA 35 -31.91 -79.74 21.30
CA GLU IA 35 -33.21 -80.07 20.72
C GLU IA 35 -33.38 -81.56 20.45
N THR IA 36 -32.30 -82.29 20.18
CA THR IA 36 -32.44 -83.73 19.99
C THR IA 36 -32.77 -84.42 21.30
N THR IA 37 -32.18 -83.95 22.41
CA THR IA 37 -32.47 -84.57 23.70
C THR IA 37 -33.93 -84.41 24.07
N LYS IA 38 -34.50 -83.21 23.83
CA LYS IA 38 -35.93 -83.03 24.04
C LYS IA 38 -36.75 -83.88 23.08
N ALA IA 39 -36.19 -84.22 21.91
CA ALA IA 39 -36.91 -85.09 20.99
C ALA IA 39 -37.04 -86.49 21.54
N VAL IA 40 -35.99 -87.00 22.19
CA VAL IA 40 -36.06 -88.33 22.78
C VAL IA 40 -36.98 -88.32 24.00
N GLU IA 41 -36.89 -87.28 24.84
CA GLU IA 41 -37.72 -87.23 26.04
C GLU IA 41 -39.20 -87.21 25.69
N ARG IA 42 -39.59 -86.44 24.67
CA ARG IA 42 -40.96 -86.43 24.21
C ARG IA 42 -41.27 -87.58 23.27
N SER IA 43 -40.27 -88.40 22.95
CA SER IA 43 -40.44 -89.58 22.10
C SER IA 43 -41.03 -89.21 20.75
N GLN IA 44 -40.63 -88.05 20.22
CA GLN IA 44 -41.09 -87.61 18.92
C GLN IA 44 -40.09 -87.90 17.80
N ALA IA 45 -38.85 -88.25 18.15
CA ALA IA 45 -37.83 -88.53 17.16
C ALA IA 45 -37.81 -90.01 16.81
N LYS IA 46 -37.32 -90.30 15.60
CA LYS IA 46 -37.20 -91.67 15.12
C LYS IA 46 -35.77 -92.06 14.76
N LEU IA 47 -34.94 -91.11 14.34
CA LEU IA 47 -33.53 -91.36 14.10
C LEU IA 47 -32.70 -90.32 14.84
N VAL IA 48 -31.60 -90.77 15.44
CA VAL IA 48 -30.64 -89.89 16.10
C VAL IA 48 -29.28 -90.13 15.47
N VAL IA 49 -28.67 -89.05 14.99
CA VAL IA 49 -27.40 -89.12 14.27
C VAL IA 49 -26.35 -88.40 15.11
N ILE IA 50 -25.26 -89.10 15.42
CA ILE IA 50 -24.24 -88.59 16.34
C ILE IA 50 -22.92 -88.49 15.59
N ALA IA 51 -22.24 -87.36 15.75
CA ALA IA 51 -20.91 -87.22 15.18
C ALA IA 51 -19.87 -87.90 16.04
N GLU IA 52 -18.73 -88.22 15.44
CA GLU IA 52 -17.67 -88.95 16.13
C GLU IA 52 -16.46 -88.09 16.44
N ASP IA 53 -16.56 -86.77 16.32
CA ASP IA 53 -15.40 -85.91 16.52
C ASP IA 53 -15.72 -84.73 17.43
N VAL IA 54 -16.73 -84.87 18.29
CA VAL IA 54 -17.07 -83.79 19.20
C VAL IA 54 -15.96 -83.66 20.24
N GLN IA 55 -15.74 -82.43 20.70
CA GLN IA 55 -14.73 -82.16 21.71
C GLN IA 55 -15.09 -80.89 22.47
N PRO IA 56 -15.33 -80.97 23.79
CA PRO IA 56 -15.27 -82.17 24.62
C PRO IA 56 -16.44 -83.12 24.38
N GLU IA 57 -16.39 -84.30 24.99
CA GLU IA 57 -17.32 -85.38 24.68
C GLU IA 57 -18.59 -85.36 25.52
N GLU IA 58 -18.63 -84.63 26.62
CA GLU IA 58 -19.78 -84.71 27.51
C GLU IA 58 -21.01 -83.99 26.96
N ILE IA 59 -20.89 -83.24 25.87
CA ILE IA 59 -22.07 -82.64 25.27
C ILE IA 59 -23.02 -83.70 24.74
N VAL IA 60 -22.48 -84.73 24.09
CA VAL IA 60 -23.29 -85.79 23.51
C VAL IA 60 -23.05 -87.13 24.18
N ALA IA 61 -22.38 -87.14 25.34
CA ALA IA 61 -22.13 -88.40 26.04
C ALA IA 61 -23.41 -89.01 26.59
N HIS IA 62 -24.38 -88.17 26.97
CA HIS IA 62 -25.60 -88.67 27.57
C HIS IA 62 -26.57 -89.27 26.56
N LEU IA 63 -26.45 -88.91 25.28
CA LEU IA 63 -27.40 -89.41 24.29
C LEU IA 63 -27.40 -90.93 24.15
N PRO IA 64 -26.26 -91.62 24.01
CA PRO IA 64 -26.33 -93.08 23.80
C PRO IA 64 -27.07 -93.82 24.91
N LEU IA 65 -26.89 -93.40 26.17
CA LEU IA 65 -27.61 -94.05 27.27
C LEU IA 65 -29.08 -93.64 27.29
N LEU IA 66 -29.36 -92.35 27.10
CA LEU IA 66 -30.73 -91.85 27.18
C LEU IA 66 -31.58 -92.29 26.01
N CYS IA 67 -30.95 -92.70 24.91
CA CYS IA 67 -31.70 -93.12 23.72
C CYS IA 67 -31.98 -94.61 23.71
N GLU IA 68 -30.99 -95.44 24.06
CA GLU IA 68 -31.20 -96.88 24.03
C GLU IA 68 -32.19 -97.34 25.10
N GLU IA 69 -32.25 -96.65 26.24
CA GLU IA 69 -33.19 -97.03 27.28
C GLU IA 69 -34.63 -96.85 26.84
N LYS IA 70 -34.89 -96.02 25.83
CA LYS IA 70 -36.22 -95.81 25.30
C LYS IA 70 -36.43 -96.53 23.98
N LYS IA 71 -35.48 -97.37 23.57
CA LYS IA 71 -35.58 -98.19 22.36
C LYS IA 71 -35.77 -97.31 21.12
N ILE IA 72 -34.77 -96.49 20.84
CA ILE IA 72 -34.77 -95.68 19.63
C ILE IA 72 -33.44 -95.89 18.91
N PRO IA 73 -33.45 -96.15 17.61
CA PRO IA 73 -32.19 -96.39 16.90
C PRO IA 73 -31.35 -95.13 16.79
N TYR IA 74 -30.04 -95.32 16.72
CA TYR IA 74 -29.12 -94.20 16.55
C TYR IA 74 -27.93 -94.65 15.72
N VAL IA 75 -27.34 -93.71 14.99
CA VAL IA 75 -26.26 -93.98 14.05
C VAL IA 75 -25.18 -92.92 14.22
N TYR IA 76 -23.96 -93.27 13.81
CA TYR IA 76 -22.80 -92.41 13.93
C TYR IA 76 -22.37 -91.88 12.57
N VAL IA 77 -21.65 -90.77 12.57
CA VAL IA 77 -21.03 -90.21 11.37
C VAL IA 77 -19.61 -89.76 11.72
N PRO IA 78 -18.66 -89.82 10.76
CA PRO IA 78 -17.28 -89.47 11.08
C PRO IA 78 -17.07 -88.03 11.50
N SER IA 79 -17.76 -87.07 10.87
CA SER IA 79 -17.47 -85.66 11.05
C SER IA 79 -18.74 -84.88 11.31
N LYS IA 80 -18.61 -83.84 12.13
CA LYS IA 80 -19.73 -82.95 12.44
C LYS IA 80 -19.90 -81.82 11.45
N LYS IA 81 -18.80 -81.39 10.80
CA LYS IA 81 -18.90 -80.30 9.85
C LYS IA 81 -19.78 -80.68 8.66
N SER IA 82 -19.62 -81.90 8.16
CA SER IA 82 -20.48 -82.38 7.08
C SER IA 82 -21.90 -82.59 7.58
N LEU IA 83 -22.05 -83.08 8.82
CA LEU IA 83 -23.38 -83.30 9.37
C LEU IA 83 -24.15 -81.99 9.50
N GLY IA 84 -23.47 -80.91 9.89
CA GLY IA 84 -24.13 -79.63 9.96
C GLY IA 84 -24.54 -79.09 8.60
N GLU IA 85 -23.69 -79.29 7.59
CA GLU IA 85 -23.97 -78.71 6.29
C GLU IA 85 -25.06 -79.48 5.55
N ALA IA 86 -25.19 -80.78 5.83
CA ALA IA 86 -26.28 -81.55 5.24
C ALA IA 86 -27.65 -81.07 5.70
N CYS IA 87 -27.73 -80.42 6.85
CA CYS IA 87 -28.98 -79.93 7.41
C CYS IA 87 -29.34 -78.54 6.94
N GLY IA 88 -28.52 -77.93 6.08
CA GLY IA 88 -28.76 -76.58 5.64
C GLY IA 88 -28.13 -75.50 6.48
N LEU IA 89 -27.22 -75.85 7.38
CA LEU IA 89 -26.53 -74.88 8.22
C LEU IA 89 -25.18 -74.52 7.60
N GLN IA 90 -24.70 -73.34 7.96
CA GLN IA 90 -23.34 -72.92 7.62
C GLN IA 90 -22.35 -73.27 8.73
N VAL IA 91 -22.80 -73.97 9.77
CA VAL IA 91 -22.00 -74.27 10.93
C VAL IA 91 -22.16 -75.75 11.25
N ALA IA 92 -21.21 -76.28 12.01
CA ALA IA 92 -21.28 -77.68 12.42
C ALA IA 92 -22.43 -77.92 13.40
N ALA IA 93 -22.99 -79.12 13.33
CA ALA IA 93 -24.01 -79.58 14.27
C ALA IA 93 -23.56 -80.89 14.90
N ALA IA 94 -23.64 -80.96 16.23
CA ALA IA 94 -23.12 -82.13 16.93
C ALA IA 94 -24.07 -83.32 16.79
N SER IA 95 -25.37 -83.07 16.83
CA SER IA 95 -26.35 -84.15 16.74
C SER IA 95 -27.58 -83.66 15.99
N VAL IA 96 -28.29 -84.60 15.37
CA VAL IA 96 -29.49 -84.32 14.60
C VAL IA 96 -30.52 -85.40 14.89
N ALA IA 97 -31.79 -85.00 14.96
CA ALA IA 97 -32.90 -85.93 15.12
C ALA IA 97 -33.92 -85.70 14.03
N LEU IA 98 -34.53 -86.79 13.54
CA LEU IA 98 -35.49 -86.75 12.45
C LEU IA 98 -36.89 -86.94 13.01
N MET IA 99 -37.79 -85.99 12.71
CA MET IA 99 -39.17 -86.10 13.15
C MET IA 99 -39.96 -87.04 12.23
N ASP IA 100 -40.08 -86.68 10.96
CA ASP IA 100 -40.73 -87.50 9.96
C ASP IA 100 -40.02 -87.35 8.63
N PRO IA 101 -39.39 -88.41 8.12
CA PRO IA 101 -38.62 -88.27 6.87
C PRO IA 101 -39.45 -87.84 5.68
N GLY IA 102 -40.74 -88.19 5.64
CA GLY IA 102 -41.57 -87.84 4.52
C GLY IA 102 -41.37 -88.76 3.33
N GLU IA 103 -40.71 -88.27 2.29
CA GLU IA 103 -40.37 -89.12 1.15
C GLU IA 103 -39.06 -89.86 1.37
N ALA IA 104 -38.40 -89.67 2.50
CA ALA IA 104 -37.19 -90.40 2.84
C ALA IA 104 -37.47 -91.58 3.76
N LYS IA 105 -38.74 -91.94 3.95
CA LYS IA 105 -39.07 -93.11 4.77
C LYS IA 105 -38.50 -94.39 4.17
N ASP IA 106 -38.42 -94.46 2.84
CA ASP IA 106 -38.06 -95.69 2.15
C ASP IA 106 -36.63 -96.14 2.45
N LEU IA 107 -35.74 -95.24 2.86
CA LEU IA 107 -34.36 -95.60 3.12
C LEU IA 107 -33.91 -95.41 4.56
N VAL IA 108 -34.65 -94.67 5.38
CA VAL IA 108 -34.28 -94.55 6.78
C VAL IA 108 -34.45 -95.89 7.48
N ASP IA 109 -35.54 -96.61 7.17
CA ASP IA 109 -35.74 -97.94 7.74
C ASP IA 109 -34.69 -98.92 7.22
N GLU IA 110 -34.16 -98.69 6.02
CA GLU IA 110 -33.02 -99.47 5.56
C GLU IA 110 -31.81 -99.25 6.46
N ILE IA 111 -31.59 -98.00 6.89
CA ILE IA 111 -30.51 -97.73 7.84
C ILE IA 111 -30.76 -98.47 9.15
N VAL IA 112 -32.02 -98.46 9.61
CA VAL IA 112 -32.35 -99.12 10.87
C VAL IA 112 -32.03 -100.61 10.81
N LYS IA 113 -32.37 -101.25 9.70
CA LYS IA 113 -32.14 -102.69 9.58
C LYS IA 113 -30.65 -103.02 9.53
N ARG IA 114 -29.88 -102.25 8.77
CA ARG IA 114 -28.47 -102.59 8.57
C ARG IA 114 -27.67 -102.43 9.86
N VAL IA 115 -27.96 -101.40 10.64
CA VAL IA 115 -27.20 -101.16 11.87
C VAL IA 115 -27.49 -102.24 12.91
N ASN IA 116 -28.58 -103.00 12.75
CA ASN IA 116 -28.90 -104.03 13.73
C ASN IA 116 -27.83 -105.11 13.77
N GLU IA 117 -27.26 -105.47 12.62
CA GLU IA 117 -26.23 -106.51 12.60
C GLU IA 117 -25.01 -106.09 13.42
N ILE IA 118 -24.61 -104.82 13.31
CA ILE IA 118 -23.44 -104.36 14.06
C ILE IA 118 -23.74 -104.33 15.56
N LYS IA 119 -24.93 -103.84 15.93
CA LYS IA 119 -25.30 -103.78 17.34
C LYS IA 119 -25.93 -105.06 17.85
N GLY IA 120 -26.27 -106.01 16.97
CA GLY IA 120 -26.83 -107.26 17.43
C GLY IA 120 -25.82 -108.20 18.06
N LYS IA 121 -24.58 -108.18 17.56
CA LYS IA 121 -23.50 -109.00 18.09
C LYS IA 121 -22.68 -108.31 19.17
N SER IA 122 -23.08 -107.10 19.58
CA SER IA 122 -22.32 -106.34 20.57
C SER IA 122 -22.57 -106.80 21.99
N SER IA 123 -23.59 -107.63 22.22
CA SER IA 123 -23.89 -108.19 23.55
C SER IA 123 -24.24 -107.11 24.58
N MET JA 39 27.81 -4.60 25.08
CA MET JA 39 28.10 -3.30 24.50
C MET JA 39 27.75 -2.16 25.44
N HIS JA 40 27.67 -0.94 24.92
CA HIS JA 40 27.25 0.23 25.68
C HIS JA 40 25.86 0.74 25.42
N LYS JA 41 25.08 0.16 24.52
CA LYS JA 41 23.77 0.75 24.30
C LYS JA 41 22.65 -0.03 24.98
N GLU JA 42 22.37 -1.25 24.57
CA GLU JA 42 21.26 -1.95 25.16
C GLU JA 42 21.66 -3.23 25.87
N LYS JA 43 22.84 -3.76 25.60
CA LYS JA 43 23.36 -4.91 26.33
C LYS JA 43 24.30 -4.49 27.44
N TRP JA 44 24.31 -3.21 27.81
CA TRP JA 44 25.22 -2.77 28.85
C TRP JA 44 24.77 -3.21 30.22
N SER JA 45 23.57 -3.77 30.34
CA SER JA 45 23.14 -4.43 31.56
C SER JA 45 23.90 -5.74 31.77
N TRP JA 46 24.29 -6.39 30.69
CA TRP JA 46 25.15 -7.55 30.80
C TRP JA 46 26.59 -7.12 31.10
N THR JA 47 27.03 -6.02 30.49
CA THR JA 47 28.43 -5.63 30.58
C THR JA 47 28.82 -5.25 31.99
N VAL JA 48 27.98 -4.49 32.69
CA VAL JA 48 28.36 -4.03 34.02
C VAL JA 48 28.36 -5.16 35.04
N LYS JA 49 27.79 -6.31 34.71
CA LYS JA 49 27.69 -7.42 35.64
C LYS JA 49 28.51 -8.63 35.25
N PHE JA 50 28.54 -9.01 33.99
CA PHE JA 50 29.29 -10.16 33.52
C PHE JA 50 30.43 -9.81 32.58
N GLY JA 51 30.69 -8.53 32.33
CA GLY JA 51 31.63 -8.18 31.29
C GLY JA 51 32.77 -7.29 31.72
N GLU JA 52 33.35 -7.56 32.89
CA GLU JA 52 34.52 -6.82 33.33
C GLU JA 52 35.71 -7.16 32.43
N GLY JA 53 36.40 -6.13 31.94
CA GLY JA 53 37.49 -6.35 31.03
C GLY JA 53 37.10 -6.52 29.59
N TRP JA 54 35.81 -6.41 29.26
CA TRP JA 54 35.38 -6.45 27.87
C TRP JA 54 35.94 -5.26 27.10
N TYR JA 55 35.89 -4.07 27.68
CA TYR JA 55 36.32 -2.84 27.02
C TYR JA 55 37.60 -2.33 27.68
N GLY JA 56 38.57 -1.95 26.86
CA GLY JA 56 39.72 -1.18 27.32
C GLY JA 56 41.01 -1.96 27.31
N LYS JA 57 42.08 -1.26 27.69
CA LYS JA 57 43.44 -1.78 27.74
C LYS JA 57 43.96 -1.80 29.16
N HIS JA 58 44.82 -2.76 29.48
CA HIS JA 58 45.40 -2.81 30.81
C HIS JA 58 46.76 -3.52 30.76
N GLY JA 59 47.83 -2.75 30.83
CA GLY JA 59 49.16 -3.30 31.01
C GLY JA 59 49.97 -3.41 29.74
N PHE JA 60 50.93 -4.32 29.78
CA PHE JA 60 51.80 -4.60 28.65
C PHE JA 60 52.34 -6.01 28.81
N ARG JA 61 52.89 -6.55 27.72
CA ARG JA 61 53.50 -7.86 27.73
C ARG JA 61 55.01 -7.71 27.62
N ASN JA 62 55.73 -8.48 28.41
CA ASN JA 62 57.18 -8.45 28.36
C ASN JA 62 57.67 -9.29 27.19
N PRO JA 63 58.46 -8.75 26.27
CA PRO JA 63 58.96 -9.56 25.16
C PRO JA 63 60.00 -10.57 25.57
N THR JA 64 60.60 -10.44 26.75
CA THR JA 64 61.76 -11.23 27.14
C THR JA 64 61.51 -11.95 28.47
N SER JA 65 60.27 -12.36 28.72
CA SER JA 65 59.98 -13.07 29.96
C SER JA 65 60.70 -14.41 29.99
N LYS JA 66 61.33 -14.71 31.12
CA LYS JA 66 62.03 -15.97 31.28
C LYS JA 66 61.01 -17.10 31.44
N LEU JA 67 61.23 -18.18 30.71
CA LEU JA 67 60.37 -19.36 30.80
C LEU JA 67 60.91 -20.28 31.88
N VAL JA 68 60.11 -20.55 32.90
CA VAL JA 68 60.51 -21.36 34.04
C VAL JA 68 59.59 -22.56 34.12
N ASN JA 69 60.18 -23.74 34.27
CA ASN JA 69 59.43 -24.98 34.43
C ASN JA 69 59.59 -25.43 35.88
N ALA JA 70 58.50 -25.38 36.63
CA ALA JA 70 58.54 -25.59 38.08
C ALA JA 70 57.99 -26.95 38.45
N ILE JA 71 58.61 -27.56 39.46
CA ILE JA 71 58.20 -28.86 39.99
C ILE JA 71 58.09 -28.75 41.50
N GLY JA 72 57.02 -29.29 42.06
CA GLY JA 72 56.84 -29.26 43.49
C GLY JA 72 57.36 -30.50 44.18
N LEU JA 73 57.47 -30.42 45.50
CA LEU JA 73 57.95 -31.58 46.26
C LEU JA 73 56.97 -32.74 46.18
N ARG JA 74 55.67 -32.44 46.24
CA ARG JA 74 54.66 -33.49 46.17
C ARG JA 74 54.71 -34.22 44.85
N LYS JA 75 54.96 -33.51 43.75
CA LYS JA 75 55.05 -34.12 42.44
C LYS JA 75 56.43 -34.69 42.14
N LEU JA 76 57.45 -34.30 42.89
CA LEU JA 76 58.81 -34.75 42.62
C LEU JA 76 59.01 -36.23 42.91
N GLN JA 77 58.08 -36.89 43.57
CA GLN JA 77 58.32 -38.28 43.94
C GLN JA 77 58.10 -39.25 42.78
N GLU JA 78 58.60 -38.91 41.58
CA GLU JA 78 58.42 -39.67 40.34
C GLU JA 78 59.35 -39.15 39.25
N TYR JA 79 60.35 -39.93 38.75
CA TYR JA 79 61.12 -39.46 37.57
C TYR JA 79 61.35 -40.58 36.54
N ILE JA 80 60.39 -40.80 35.65
CA ILE JA 80 59.00 -40.65 35.97
C ILE JA 80 58.62 -42.09 36.29
N ASP JA 81 58.84 -42.46 37.56
CA ASP JA 81 58.79 -43.86 37.99
C ASP JA 81 59.74 -44.70 37.17
N LYS JA 94 72.07 -40.67 47.30
CA LYS JA 94 71.28 -40.60 46.09
C LYS JA 94 71.05 -39.15 45.66
N VAL JA 95 71.46 -38.84 44.44
CA VAL JA 95 71.39 -37.49 43.91
C VAL JA 95 70.38 -37.46 42.76
N VAL JA 96 69.55 -36.42 42.74
CA VAL JA 96 68.63 -36.17 41.63
C VAL JA 96 69.07 -34.89 40.95
N ASP JA 97 69.27 -34.96 39.64
CA ASP JA 97 69.66 -33.81 38.83
C ASP JA 97 68.46 -33.38 38.01
N LEU JA 98 67.77 -32.34 38.45
CA LEU JA 98 66.52 -31.94 37.79
C LEU JA 98 66.76 -31.13 36.53
N ALA JA 99 67.96 -30.59 36.33
CA ALA JA 99 68.23 -29.83 35.12
C ALA JA 99 68.19 -30.72 33.88
N LYS JA 100 68.45 -32.01 34.05
CA LYS JA 100 68.43 -32.94 32.93
C LYS JA 100 67.03 -33.08 32.33
N TYR JA 101 66.00 -33.01 33.16
CA TYR JA 101 64.63 -33.19 32.70
C TYR JA 101 63.93 -31.89 32.35
N GLY JA 102 64.65 -30.77 32.37
CA GLY JA 102 64.07 -29.51 31.96
C GLY JA 102 63.35 -28.73 33.04
N TYR JA 103 63.68 -28.95 34.31
CA TYR JA 103 63.02 -28.28 35.42
C TYR JA 103 63.95 -27.23 36.01
N ASP JA 104 63.41 -26.05 36.29
CA ASP JA 104 64.18 -24.89 36.71
C ASP JA 104 64.10 -24.64 38.21
N LYS JA 105 62.88 -24.52 38.76
CA LYS JA 105 62.68 -24.19 40.15
C LYS JA 105 62.02 -25.36 40.86
N LEU JA 106 62.27 -25.47 42.16
CA LEU JA 106 61.64 -26.48 43.01
C LEU JA 106 60.77 -25.76 44.02
N LEU JA 107 59.49 -26.14 44.09
CA LEU JA 107 58.51 -25.44 44.90
C LEU JA 107 58.22 -26.19 46.19
N GLY JA 108 57.52 -25.52 47.10
CA GLY JA 108 57.30 -26.08 48.42
C GLY JA 108 56.47 -27.33 48.41
N GLY JA 109 55.35 -27.31 47.69
CA GLY JA 109 54.55 -28.51 47.49
C GLY JA 109 54.13 -29.14 48.79
N GLY JA 110 54.20 -30.46 48.87
CA GLY JA 110 53.97 -31.15 50.12
C GLY JA 110 55.28 -31.43 50.83
N ASN JA 111 55.71 -32.68 50.84
CA ASN JA 111 57.05 -33.01 51.31
C ASN JA 111 57.45 -34.38 50.80
N LEU JA 112 58.75 -34.67 50.90
CA LEU JA 112 59.31 -35.90 50.40
C LEU JA 112 59.13 -37.02 51.42
N ARG JA 113 59.75 -38.17 51.15
CA ARG JA 113 59.75 -39.28 52.08
C ARG JA 113 61.14 -39.85 52.32
N LEU JA 114 62.13 -39.51 51.52
CA LEU JA 114 63.49 -40.00 51.69
C LEU JA 114 64.48 -38.85 51.58
N PRO JA 115 65.64 -38.96 52.23
CA PRO JA 115 66.68 -37.94 52.08
C PRO JA 115 67.30 -38.02 50.70
N LEU JA 116 67.31 -36.89 50.00
CA LEU JA 116 67.82 -36.82 48.63
C LEU JA 116 68.65 -35.56 48.47
N VAL JA 117 69.53 -35.59 47.47
CA VAL JA 117 70.29 -34.41 47.05
C VAL JA 117 69.71 -33.94 45.72
N ILE JA 118 69.29 -32.69 45.66
CA ILE JA 118 68.63 -32.13 44.50
C ILE JA 118 69.50 -31.03 43.92
N LYS JA 119 69.70 -31.06 42.61
CA LYS JA 119 70.42 -30.02 41.89
C LYS JA 119 69.44 -29.27 41.00
N VAL JA 120 69.13 -28.04 41.37
CA VAL JA 120 68.25 -27.16 40.60
C VAL JA 120 68.87 -25.78 40.54
N ALA JA 121 68.44 -25.01 39.54
CA ALA JA 121 68.86 -23.62 39.44
C ALA JA 121 68.35 -22.80 40.62
N LYS JA 122 67.09 -23.00 41.01
CA LYS JA 122 66.47 -22.18 42.04
C LYS JA 122 65.53 -23.03 42.89
N ALA JA 123 65.19 -22.52 44.06
CA ALA JA 123 64.26 -23.20 44.95
C ALA JA 123 63.56 -22.16 45.81
N THR JA 124 62.44 -22.56 46.40
CA THR JA 124 61.70 -21.69 47.30
C THR JA 124 62.20 -21.87 48.73
N GLU JA 125 61.82 -20.92 49.59
CA GLU JA 125 62.28 -20.96 50.97
C GLU JA 125 61.71 -22.16 51.72
N LYS JA 126 60.43 -22.48 51.50
CA LYS JA 126 59.83 -23.63 52.17
C LYS JA 126 60.45 -24.94 51.70
N ALA JA 127 60.78 -25.04 50.42
CA ALA JA 127 61.40 -26.26 49.92
C ALA JA 127 62.78 -26.46 50.52
N LYS JA 128 63.54 -25.37 50.68
CA LYS JA 128 64.87 -25.48 51.26
C LYS JA 128 64.81 -25.99 52.69
N GLU JA 129 63.86 -25.51 53.48
CA GLU JA 129 63.79 -25.93 54.87
C GLU JA 129 63.21 -27.32 55.03
N ARG JA 130 62.30 -27.74 54.14
CA ARG JA 130 61.68 -29.05 54.28
C ARG JA 130 62.60 -30.18 53.82
N VAL JA 131 63.52 -29.89 52.90
CA VAL JA 131 64.48 -30.91 52.49
C VAL JA 131 65.47 -31.19 53.61
N LYS JA 132 65.87 -30.16 54.36
CA LYS JA 132 66.78 -30.35 55.48
C LYS JA 132 66.15 -31.23 56.56
N GLU JA 133 64.84 -31.06 56.80
CA GLU JA 133 64.19 -31.80 57.87
C GLU JA 133 64.24 -33.31 57.61
N ILE JA 134 63.99 -33.73 56.37
CA ILE JA 134 64.09 -35.15 56.05
C ILE JA 134 65.53 -35.61 56.15
N GLY JA 135 66.48 -34.75 55.78
CA GLY JA 135 67.88 -35.09 55.87
C GLY JA 135 68.62 -34.83 54.58
N GLY JA 136 67.92 -34.26 53.60
CA GLY JA 136 68.51 -34.00 52.30
C GLY JA 136 69.26 -32.69 52.27
N GLU JA 137 69.61 -32.27 51.07
CA GLU JA 137 70.40 -31.06 50.89
C GLU JA 137 70.19 -30.56 49.46
N ILE JA 138 70.09 -29.24 49.30
CA ILE JA 138 69.79 -28.62 48.02
C ILE JA 138 71.05 -27.92 47.53
N ILE JA 139 71.47 -28.23 46.30
CA ILE JA 139 72.60 -27.58 45.66
C ILE JA 139 72.05 -26.71 44.54
N LEU JA 140 72.33 -25.41 44.61
CA LEU JA 140 71.81 -24.45 43.64
C LEU JA 140 72.81 -24.29 42.51
N THR JA 141 72.75 -25.20 41.54
CA THR JA 141 73.57 -25.14 40.34
C THR JA 141 72.69 -24.72 39.18
N SER JA 142 72.94 -23.54 38.64
CA SER JA 142 72.07 -23.01 37.59
C SER JA 142 72.09 -23.90 36.34
N SER JA 143 73.19 -24.60 36.10
CA SER JA 143 73.25 -25.56 35.00
C SER JA 143 74.27 -26.64 35.32
N GLU JA 144 73.94 -27.87 34.94
CA GLU JA 144 74.81 -29.01 35.18
C GLU JA 144 75.99 -29.03 34.20
N VAL KA 1 3.90 13.32 36.20
CA VAL KA 1 5.32 13.48 36.44
C VAL KA 1 5.74 12.45 37.47
N ALA KA 2 6.87 11.78 37.25
CA ALA KA 2 7.38 10.84 38.23
C ALA KA 2 8.09 11.58 39.36
N ARG KA 3 8.12 10.93 40.52
CA ARG KA 3 8.54 11.53 41.77
C ARG KA 3 10.05 11.58 41.90
N SER KA 4 10.56 12.65 42.52
CA SER KA 4 11.98 12.74 42.82
C SER KA 4 12.35 11.76 43.93
N LYS KA 5 13.39 10.98 43.72
CA LYS KA 5 13.80 10.00 44.72
C LYS KA 5 15.03 10.46 45.49
N GLY KA 6 14.88 11.56 46.22
CA GLY KA 6 15.91 11.99 47.13
C GLY KA 6 15.95 11.10 48.36
N TYR KA 7 16.82 11.45 49.29
CA TYR KA 7 16.92 10.62 50.50
C TYR KA 7 15.77 10.86 51.44
N ARG KA 8 15.24 12.07 51.47
CA ARG KA 8 14.16 12.42 52.40
C ARG KA 8 12.93 12.89 51.63
N SER KA 9 12.54 12.14 50.61
CA SER KA 9 11.37 12.44 49.82
C SER KA 9 10.16 11.69 50.35
N LYS KA 10 9.00 12.33 50.31
CA LYS KA 10 7.77 11.79 50.88
C LYS KA 10 7.95 11.50 52.37
N THR KA 11 8.49 12.49 53.09
CA THR KA 11 8.71 12.40 54.52
C THR KA 11 8.23 13.66 55.23
N ARG KA 12 7.24 14.35 54.67
CA ARG KA 12 6.76 15.58 55.30
C ARG KA 12 6.18 15.29 56.66
N LYS KA 13 5.53 14.14 56.83
CA LYS KA 13 4.85 13.82 58.06
C LYS KA 13 5.47 12.67 58.83
N LEU KA 14 6.22 11.80 58.18
CA LEU KA 14 6.97 10.79 58.92
C LEU KA 14 8.03 11.43 59.79
N LEU KA 15 8.65 12.50 59.31
CA LEU KA 15 9.69 13.20 60.04
C LEU KA 15 9.17 14.42 60.78
N GLU KA 16 7.86 14.51 61.00
CA GLU KA 16 7.35 15.47 61.96
C GLU KA 16 7.77 15.10 63.36
N LYS KA 17 7.62 16.07 64.25
CA LYS KA 17 7.85 15.90 65.67
C LYS KA 17 6.68 16.54 66.38
N LYS KA 18 6.10 15.82 67.35
CA LYS KA 18 4.96 16.38 68.06
C LYS KA 18 5.40 17.48 69.02
N VAL KA 19 4.45 18.33 69.39
CA VAL KA 19 4.77 19.58 70.08
C VAL KA 19 5.49 19.33 71.40
N ARG KA 20 5.29 18.17 72.01
CA ARG KA 20 5.88 17.85 73.29
C ARG KA 20 7.09 16.93 73.17
N GLU KA 21 7.65 16.76 71.98
CA GLU KA 21 8.89 16.03 71.81
C GLU KA 21 9.98 16.86 71.18
N LYS KA 22 9.72 18.13 70.87
CA LYS KA 22 10.70 18.97 70.22
C LYS KA 22 11.83 19.32 71.18
N GLY KA 23 12.96 19.69 70.60
CA GLY KA 23 14.14 20.12 71.32
C GLY KA 23 15.27 19.11 71.20
N ALA KA 24 16.49 19.61 71.42
CA ALA KA 24 17.68 18.77 71.33
C ALA KA 24 17.63 17.67 72.40
N ILE KA 25 18.15 16.50 72.05
CA ILE KA 25 17.62 15.20 72.49
C ILE KA 25 17.12 15.22 73.92
N PRO KA 26 15.84 14.89 74.13
CA PRO KA 26 15.30 14.87 75.49
C PRO KA 26 15.65 13.65 76.33
N LYS KA 27 15.59 12.45 75.75
CA LYS KA 27 15.66 11.22 76.53
C LYS KA 27 17.08 10.69 76.56
N LEU KA 28 17.73 10.81 77.71
CA LEU KA 28 19.07 10.29 77.91
C LEU KA 28 19.09 8.92 78.53
N SER KA 29 17.98 8.50 79.18
CA SER KA 29 17.98 7.21 79.86
C SER KA 29 18.00 6.04 78.88
N LEU KA 30 17.59 6.26 77.64
CA LEU KA 30 17.70 5.19 76.64
C LEU KA 30 19.15 5.04 76.17
N LEU KA 31 19.94 6.11 76.25
CA LEU KA 31 21.33 6.08 75.82
C LEU KA 31 22.26 5.48 76.86
N MET KA 32 21.79 5.17 78.06
CA MET KA 32 22.62 4.60 79.10
C MET KA 32 22.71 3.09 79.03
N HIS KA 33 22.06 2.47 78.06
CA HIS KA 33 22.11 1.02 77.89
C HIS KA 33 23.00 0.67 76.70
N ASP KA 34 23.86 -0.32 76.88
CA ASP KA 34 24.78 -0.77 75.84
C ASP KA 34 24.26 -2.08 75.27
N TYR KA 35 23.75 -2.05 74.05
CA TYR KA 35 23.19 -3.25 73.44
C TYR KA 35 24.29 -4.28 73.20
N SER KA 36 24.02 -5.52 73.57
CA SER KA 36 24.93 -6.62 73.32
C SER KA 36 24.44 -7.41 72.11
N GLN KA 37 25.33 -8.27 71.60
CA GLN KA 37 24.98 -9.05 70.43
C GLN KA 37 23.85 -10.01 70.74
N GLY KA 38 22.85 -10.06 69.87
CA GLY KA 38 21.69 -10.89 70.07
C GLY KA 38 20.47 -10.18 70.59
N GLU KA 39 20.55 -8.87 70.83
CA GLU KA 39 19.41 -8.11 71.33
C GLU KA 39 18.55 -7.63 70.18
N TYR KA 40 17.31 -7.30 70.52
CA TYR KA 40 16.32 -6.84 69.56
C TYR KA 40 16.04 -5.37 69.77
N VAL KA 41 15.98 -4.61 68.67
CA VAL KA 41 15.77 -3.17 68.73
C VAL KA 41 14.74 -2.80 67.68
N VAL KA 42 14.27 -1.56 67.77
CA VAL KA 42 13.31 -1.00 66.82
C VAL KA 42 13.95 0.23 66.21
N VAL KA 43 13.97 0.30 64.88
CA VAL KA 43 14.56 1.44 64.19
C VAL KA 43 13.54 2.57 64.20
N LYS KA 44 13.76 3.57 65.04
CA LYS KA 44 12.89 4.73 65.14
C LYS KA 44 13.71 5.97 64.85
N ILE KA 45 13.48 6.61 63.72
CA ILE KA 45 14.25 7.77 63.32
C ILE KA 45 13.93 8.94 64.21
N ASN KA 46 14.96 9.65 64.66
CA ASN KA 46 14.81 10.87 65.42
C ASN KA 46 15.04 12.05 64.48
N PRO KA 47 14.02 12.83 64.13
CA PRO KA 47 14.19 13.84 63.08
C PRO KA 47 15.19 14.93 63.40
N SER KA 48 15.50 15.17 64.67
CA SER KA 48 16.35 16.28 65.04
C SER KA 48 17.82 15.91 65.21
N ILE KA 49 18.16 14.63 65.22
CA ILE KA 49 19.54 14.17 65.24
C ILE KA 49 19.89 13.75 63.82
N HIS KA 50 20.77 14.51 63.16
CA HIS KA 50 21.01 14.36 61.73
C HIS KA 50 22.21 13.50 61.39
N LYS KA 51 22.81 12.81 62.37
CA LYS KA 51 23.97 11.97 62.13
C LYS KA 51 23.57 10.51 62.29
N GLY KA 52 24.00 9.68 61.35
CA GLY KA 52 23.73 8.26 61.40
C GLY KA 52 22.27 7.90 61.29
N MET KA 53 21.52 8.66 60.49
CA MET KA 53 20.07 8.59 60.38
C MET KA 53 19.68 7.61 59.28
N PRO KA 54 18.83 6.60 59.59
CA PRO KA 54 18.47 5.61 58.57
C PRO KA 54 17.48 6.14 57.54
N HIS KA 55 17.08 5.28 56.61
CA HIS KA 55 16.18 5.66 55.54
C HIS KA 55 14.72 5.42 55.95
N ARG KA 56 13.82 6.17 55.30
CA ARG KA 56 12.40 6.11 55.62
C ARG KA 56 11.86 4.69 55.56
N ARG KA 57 12.38 3.88 54.66
CA ARG KA 57 11.87 2.53 54.44
C ARG KA 57 12.13 1.60 55.62
N TYR KA 58 12.95 2.00 56.59
CA TYR KA 58 13.25 1.15 57.74
C TYR KA 58 12.63 1.63 59.04
N HIS KA 59 11.89 2.73 59.01
CA HIS KA 59 11.28 3.25 60.23
C HIS KA 59 10.24 2.27 60.74
N GLY KA 60 10.32 1.95 62.03
CA GLY KA 60 9.38 1.05 62.66
C GLY KA 60 9.67 -0.42 62.50
N LYS KA 61 10.81 -0.78 61.92
CA LYS KA 61 11.17 -2.17 61.73
C LYS KA 61 11.95 -2.67 62.95
N VAL KA 62 11.97 -3.99 63.10
CA VAL KA 62 12.64 -4.64 64.22
C VAL KA 62 13.89 -5.33 63.69
N GLY KA 63 15.04 -4.98 64.27
CA GLY KA 63 16.30 -5.57 63.87
C GLY KA 63 16.96 -6.32 65.02
N LEU KA 64 18.02 -7.02 64.67
CA LEU KA 64 18.82 -7.79 65.61
C LEU KA 64 20.24 -7.23 65.62
N VAL KA 65 20.78 -6.97 66.80
CA VAL KA 65 22.12 -6.41 66.92
C VAL KA 65 23.14 -7.50 66.66
N VAL KA 66 24.10 -7.21 65.79
CA VAL KA 66 25.13 -8.19 65.43
C VAL KA 66 26.54 -7.69 65.67
N GLY KA 67 26.74 -6.41 65.97
CA GLY KA 67 28.07 -5.93 66.23
C GLY KA 67 28.07 -4.44 66.52
N LYS KA 68 29.27 -3.89 66.61
CA LYS KA 68 29.44 -2.48 66.95
C LYS KA 68 30.68 -1.96 66.22
N ARG KA 69 30.56 -0.76 65.66
CA ARG KA 69 31.67 -0.11 64.97
C ARG KA 69 31.72 1.33 65.45
N GLY KA 70 32.64 1.62 66.37
CA GLY KA 70 32.70 2.95 66.94
C GLY KA 70 31.62 3.12 67.98
N LYS KA 71 30.84 4.19 67.85
CA LYS KA 71 29.69 4.41 68.70
C LYS KA 71 28.38 3.97 68.06
N ALA KA 72 28.43 3.43 66.85
CA ALA KA 72 27.24 2.99 66.13
C ALA KA 72 27.20 1.48 66.07
N TYR KA 73 26.00 0.96 65.82
CA TYR KA 73 25.72 -0.47 65.90
C TYR KA 73 25.41 -1.04 64.54
N GLU KA 74 25.76 -2.31 64.34
CA GLU KA 74 25.37 -3.04 63.14
C GLU KA 74 24.11 -3.83 63.43
N VAL KA 75 23.03 -3.51 62.72
CA VAL KA 75 21.72 -4.08 62.95
C VAL KA 75 21.29 -4.82 61.69
N LYS KA 76 20.85 -6.06 61.84
CA LYS KA 76 20.39 -6.87 60.72
C LYS KA 76 18.86 -6.84 60.68
N VAL KA 77 18.31 -6.40 59.56
CA VAL KA 77 16.87 -6.21 59.39
C VAL KA 77 16.40 -6.98 58.17
N ASN KA 78 15.14 -7.41 58.20
CA ASN KA 78 14.50 -8.05 57.05
C ASN KA 78 13.56 -7.05 56.37
N ILE KA 79 13.65 -6.97 55.05
CA ILE KA 79 12.78 -6.10 54.26
C ILE KA 79 11.70 -6.90 53.54
N GLY KA 80 12.11 -7.77 52.63
CA GLY KA 80 11.19 -8.75 52.12
C GLY KA 80 11.69 -10.12 52.50
N ASP KA 81 12.34 -10.79 51.56
CA ASP KA 81 13.09 -11.99 51.84
C ASP KA 81 14.58 -11.73 51.99
N LYS KA 82 14.98 -10.46 52.00
CA LYS KA 82 16.39 -10.09 52.01
C LYS KA 82 16.82 -9.62 53.39
N GLU KA 83 18.05 -9.99 53.76
CA GLU KA 83 18.71 -9.51 54.96
C GLU KA 83 19.48 -8.25 54.62
N ARG KA 84 19.34 -7.22 55.42
CA ARG KA 84 20.09 -5.99 55.23
C ARG KA 84 20.74 -5.58 56.54
N VAL KA 85 21.98 -5.11 56.46
CA VAL KA 85 22.74 -4.68 57.62
C VAL KA 85 22.85 -3.17 57.60
N LEU KA 86 22.48 -2.54 58.71
CA LEU KA 86 22.56 -1.10 58.86
C LEU KA 86 23.55 -0.76 59.96
N ILE KA 87 24.17 0.41 59.86
CA ILE KA 87 24.97 0.98 60.92
C ILE KA 87 24.22 2.20 61.45
N VAL KA 88 23.69 2.10 62.66
CA VAL KA 88 22.77 3.08 63.22
C VAL KA 88 23.36 3.63 64.51
N ARG KA 89 23.29 4.95 64.68
CA ARG KA 89 23.65 5.56 65.94
C ARG KA 89 22.55 5.31 66.98
N PRO KA 90 22.90 5.17 68.25
CA PRO KA 90 21.92 4.72 69.25
C PRO KA 90 20.78 5.69 69.50
N GLU KA 91 20.89 6.95 69.05
CA GLU KA 91 19.78 7.88 69.17
C GLU KA 91 18.62 7.51 68.27
N HIS KA 92 18.82 6.57 67.35
CA HIS KA 92 17.79 6.12 66.43
C HIS KA 92 17.36 4.69 66.72
N LEU KA 93 17.42 4.27 67.97
CA LEU KA 93 17.05 2.92 68.37
C LEU KA 93 16.31 2.94 69.69
N ILE KA 94 15.38 2.01 69.86
CA ILE KA 94 14.74 1.74 71.14
C ILE KA 94 14.73 0.23 71.33
N PRO KA 95 14.81 -0.28 72.54
CA PRO KA 95 14.73 -1.73 72.74
C PRO KA 95 13.31 -2.26 72.48
N PHE KA 96 13.24 -3.52 72.09
CA PHE KA 96 11.99 -4.14 71.69
C PHE KA 96 11.39 -4.94 72.84
N ASN KA 97 10.06 -4.90 72.94
CA ASN KA 97 9.30 -5.48 74.03
C ASN KA 97 9.71 -4.82 75.33
N GLU LA 1 -37.60 61.83 24.17
CA GLU LA 1 -37.41 60.47 23.67
C GLU LA 1 -35.93 60.13 23.54
N VAL LA 2 -35.64 58.84 23.43
CA VAL LA 2 -34.30 58.32 23.22
C VAL LA 2 -34.37 57.23 22.17
N PHE LA 3 -33.44 57.25 21.22
CA PHE LA 3 -33.32 56.21 20.21
C PHE LA 3 -31.97 55.53 20.37
N GLY LA 4 -31.98 54.20 20.39
CA GLY LA 4 -30.73 53.46 20.47
C GLY LA 4 -30.07 53.34 19.10
N LEU LA 5 -28.74 53.45 19.10
CA LEU LA 5 -27.95 53.33 17.88
C LEU LA 5 -26.86 52.29 18.12
N VAL LA 6 -26.78 51.30 17.23
CA VAL LA 6 -25.76 50.26 17.28
C VAL LA 6 -25.18 50.09 15.89
N ILE LA 7 -23.86 50.12 15.79
CA ILE LA 7 -23.15 49.75 14.57
C ILE LA 7 -22.22 48.59 14.92
N VAL LA 8 -22.34 47.50 14.18
CA VAL LA 8 -21.60 46.28 14.48
C VAL LA 8 -20.86 45.83 13.23
N GLU LA 9 -19.59 45.48 13.38
CA GLU LA 9 -18.76 44.90 12.34
C GLU LA 9 -18.31 43.51 12.79
N ARG LA 10 -17.41 42.91 12.03
CA ARG LA 10 -16.89 41.61 12.40
C ARG LA 10 -15.92 41.69 13.58
N ASP LA 11 -15.31 42.85 13.83
CA ASP LA 11 -14.39 42.98 14.96
C ASP LA 11 -14.49 44.32 15.68
N TYR LA 12 -15.47 45.16 15.35
CA TYR LA 12 -15.59 46.47 15.97
C TYR LA 12 -17.06 46.81 16.14
N ALA LA 13 -17.40 47.42 17.27
CA ALA LA 13 -18.78 47.79 17.56
C ALA LA 13 -18.82 49.17 18.18
N THR LA 14 -19.95 49.86 18.00
CA THR LA 14 -20.16 51.18 18.56
C THR LA 14 -21.59 51.27 19.09
N ILE LA 15 -21.76 51.83 20.27
CA ILE LA 15 -23.06 51.95 20.92
C ILE LA 15 -23.31 53.42 21.22
N GLY LA 16 -24.49 53.90 20.84
CA GLY LA 16 -24.83 55.30 21.04
C GLY LA 16 -26.31 55.50 21.27
N VAL LA 17 -26.65 56.71 21.67
CA VAL LA 17 -28.04 57.10 21.93
C VAL LA 17 -28.33 58.40 21.22
N LEU LA 18 -29.55 58.53 20.71
CA LEU LA 18 -30.01 59.74 20.02
C LEU LA 18 -31.00 60.44 20.93
N LYS LA 19 -30.54 61.51 21.58
CA LYS LA 19 -31.38 62.32 22.47
C LYS LA 19 -31.79 63.57 21.73
N GLY LA 20 -32.96 63.53 21.09
CA GLY LA 20 -33.40 64.65 20.29
C GLY LA 20 -32.60 64.78 19.01
N THR LA 21 -31.74 65.79 18.95
CA THR LA 21 -30.83 65.99 17.82
C THR LA 21 -29.37 65.82 18.21
N LYS LA 22 -29.11 65.20 19.36
CA LYS LA 22 -27.77 65.02 19.87
C LYS LA 22 -27.37 63.55 19.76
N VAL LA 23 -26.11 63.31 19.40
CA VAL LA 23 -25.58 61.96 19.23
C VAL LA 23 -24.47 61.76 20.26
N GLU LA 24 -24.60 60.74 21.07
CA GLU LA 24 -23.67 60.48 22.17
C GLU LA 24 -23.19 59.04 22.12
N VAL LA 25 -21.88 58.85 22.10
CA VAL LA 25 -21.28 57.52 22.03
C VAL LA 25 -21.14 56.97 23.43
N LEU LA 26 -21.50 55.69 23.61
CA LEU LA 26 -21.46 55.05 24.92
C LEU LA 26 -20.26 54.12 25.08
N ASP LA 27 -19.93 53.32 24.08
CA ASP LA 27 -18.80 52.41 24.18
C ASP LA 27 -18.33 52.02 22.79
N GLU LA 28 -17.01 52.07 22.58
CA GLU LA 28 -16.38 51.55 21.38
C GLU LA 28 -15.31 50.55 21.80
N PHE LA 29 -15.37 49.34 21.25
CA PHE LA 29 -14.45 48.31 21.68
C PHE LA 29 -14.13 47.38 20.52
N GLU LA 30 -12.94 46.80 20.57
CA GLU LA 30 -12.48 45.85 19.57
C GLU LA 30 -12.62 44.42 20.10
N GLY LA 31 -12.46 43.45 19.20
CA GLY LA 31 -12.72 42.09 19.57
C GLY LA 31 -11.59 41.11 19.30
N PHE LA 32 -10.65 41.49 18.44
CA PHE LA 32 -9.54 40.63 18.02
C PHE LA 32 -10.06 39.32 17.43
N VAL LA 33 -10.68 39.46 16.26
CA VAL LA 33 -11.04 38.32 15.42
C VAL LA 33 -9.95 38.18 14.35
N PRO LA 34 -9.07 37.19 14.43
CA PRO LA 34 -7.96 37.09 13.49
C PRO LA 34 -8.38 36.51 12.16
N GLY LA 35 -7.41 36.26 11.28
CA GLY LA 35 -7.71 35.70 9.98
C GLY LA 35 -7.11 34.33 9.77
N LYS LA 36 -7.00 33.90 8.52
CA LYS LA 36 -6.47 32.59 8.19
C LYS LA 36 -4.96 32.55 8.12
N HIS LA 37 -4.29 33.70 8.13
CA HIS LA 37 -2.86 33.79 7.84
C HIS LA 37 -1.98 33.80 9.08
N MET LA 38 -2.40 34.49 10.15
CA MET LA 38 -1.66 34.41 11.40
C MET LA 38 -1.83 33.06 12.10
N MET LA 39 -2.71 32.21 11.59
CA MET LA 39 -2.80 30.83 12.04
C MET LA 39 -1.52 30.08 11.72
N GLY LA 40 -1.23 29.05 12.51
CA GLY LA 40 -2.12 28.56 13.55
C GLY LA 40 -2.22 27.06 13.46
N GLY LA 41 -3.42 26.56 13.13
CA GLY LA 41 -3.63 25.14 12.96
C GLY LA 41 -3.04 24.53 11.72
N GLN LA 42 -2.89 25.32 10.66
CA GLN LA 42 -2.44 24.82 9.36
C GLN LA 42 -3.28 23.63 8.91
N SER LA 43 -4.54 23.59 9.34
CA SER LA 43 -5.51 22.60 8.89
C SER LA 43 -6.80 23.31 8.54
N GLN LA 44 -7.33 23.02 7.36
CA GLN LA 44 -8.52 23.74 6.88
C GLN LA 44 -9.72 23.50 7.79
N ARG LA 45 -9.90 22.27 8.25
CA ARG LA 45 -11.10 21.92 9.01
C ARG LA 45 -11.21 22.72 10.31
N ARG LA 46 -10.10 22.89 11.02
CA ARG LA 46 -10.16 23.50 12.34
C ARG LA 46 -9.68 24.93 12.39
N ILE LA 47 -9.01 25.43 11.35
CA ILE LA 47 -8.78 26.88 11.27
C ILE LA 47 -10.11 27.61 11.16
N GLU LA 48 -11.03 27.09 10.36
CA GLU LA 48 -12.35 27.71 10.21
C GLU LA 48 -13.16 27.68 11.50
N ARG LA 49 -12.80 26.82 12.45
CA ARG LA 49 -13.46 26.84 13.75
C ARG LA 49 -13.19 28.14 14.49
N ILE LA 50 -11.93 28.52 14.61
CA ILE LA 50 -11.59 29.73 15.38
C ILE LA 50 -12.22 30.96 14.73
N ILE LA 51 -12.09 31.08 13.41
CA ILE LA 51 -12.59 32.26 12.73
C ILE LA 51 -14.10 32.37 12.89
N GLU LA 52 -14.78 31.24 13.05
CA GLU LA 52 -16.22 31.23 13.28
C GLU LA 52 -16.57 31.11 14.75
N GLU LA 53 -15.60 31.12 15.66
CA GLU LA 53 -15.88 30.95 17.07
C GLU LA 53 -15.57 32.19 17.90
N MET LA 54 -14.38 32.77 17.76
CA MET LA 54 -14.25 34.07 18.41
C MET LA 54 -14.93 35.18 17.60
N TYR LA 55 -15.41 34.88 16.39
CA TYR LA 55 -16.44 35.74 15.81
C TYR LA 55 -17.69 35.73 16.68
N HIS LA 56 -18.11 34.55 17.13
CA HIS LA 56 -19.28 34.45 18.00
C HIS LA 56 -18.98 34.98 19.40
N ASN LA 57 -17.76 34.75 19.91
CA ASN LA 57 -17.40 35.28 21.21
C ASN LA 57 -17.44 36.81 21.20
N PHE LA 58 -17.04 37.43 20.09
CA PHE LA 58 -17.15 38.87 19.98
C PHE LA 58 -18.60 39.32 19.97
N LEU LA 59 -19.46 38.60 19.25
CA LEU LA 59 -20.87 38.96 19.20
C LEU LA 59 -21.52 38.80 20.57
N LYS LA 60 -21.02 37.88 21.39
CA LYS LA 60 -21.57 37.70 22.72
C LYS LA 60 -21.36 38.95 23.59
N GLU LA 61 -20.17 39.55 23.54
CA GLU LA 61 -19.93 40.73 24.35
C GLU LA 61 -20.61 41.96 23.78
N VAL LA 62 -20.89 41.98 22.48
CA VAL LA 62 -21.66 43.09 21.90
C VAL LA 62 -23.08 43.07 22.45
N GLY LA 63 -23.69 41.89 22.46
CA GLY LA 63 -25.03 41.77 23.03
C GLY LA 63 -25.06 42.07 24.52
N GLU LA 64 -24.06 41.57 25.25
CA GLU LA 64 -24.00 41.83 26.69
C GLU LA 64 -23.82 43.31 26.98
N LYS LA 65 -22.97 43.99 26.20
CA LYS LA 65 -22.77 45.42 26.42
C LYS LA 65 -23.98 46.23 25.99
N VAL LA 66 -24.71 45.78 24.97
CA VAL LA 66 -25.93 46.45 24.58
C VAL LA 66 -26.98 46.35 25.69
N ASN LA 67 -27.07 45.19 26.33
CA ASN LA 67 -28.04 45.02 27.41
C ASN LA 67 -27.77 45.97 28.56
N GLN LA 68 -26.50 46.14 28.93
CA GLN LA 68 -26.17 46.96 30.08
C GLN LA 68 -26.51 48.43 29.86
N TYR LA 69 -26.32 48.93 28.64
CA TYR LA 69 -26.52 50.35 28.37
C TYR LA 69 -27.96 50.69 28.00
N PHE LA 70 -28.75 49.73 27.53
CA PHE LA 70 -30.09 50.00 27.04
C PHE LA 70 -31.19 49.59 28.00
N LEU LA 71 -30.98 48.54 28.80
CA LEU LA 71 -32.02 48.10 29.72
C LEU LA 71 -32.41 49.16 30.75
N PRO LA 72 -31.49 49.91 31.37
CA PRO LA 72 -31.92 50.99 32.25
C PRO LA 72 -32.88 51.97 31.59
N TYR LA 73 -32.63 52.36 30.35
CA TYR LA 73 -33.52 53.29 29.66
C TYR LA 73 -34.90 52.69 29.45
N ILE LA 74 -34.96 51.37 29.23
CA ILE LA 74 -36.25 50.73 28.98
C ILE LA 74 -37.10 50.71 30.25
N GLU LA 75 -36.48 50.50 31.40
CA GLU LA 75 -37.24 50.38 32.65
C GLU LA 75 -37.91 51.68 33.04
N MET LA 76 -37.35 52.83 32.66
CA MET LA 76 -38.04 54.09 32.78
C MET LA 76 -38.85 54.43 31.54
N LYS LA 77 -38.92 53.53 30.56
CA LYS LA 77 -39.75 53.69 29.37
C LYS LA 77 -39.38 54.95 28.60
N LYS LA 78 -38.08 55.14 28.37
CA LYS LA 78 -37.59 56.30 27.66
C LYS LA 78 -37.13 56.02 26.25
N MET LA 79 -36.89 54.76 25.89
CA MET LA 79 -36.53 54.42 24.52
C MET LA 79 -37.77 54.09 23.72
N LYS LA 80 -37.80 54.57 22.47
CA LYS LA 80 -38.91 54.32 21.57
C LYS LA 80 -38.56 53.39 20.41
N GLY LA 81 -37.28 53.15 20.17
CA GLY LA 81 -36.86 52.24 19.11
C GLY LA 81 -35.37 52.10 19.09
N ILE LA 82 -34.91 51.05 18.41
CA ILE LA 82 -33.50 50.74 18.29
C ILE LA 82 -33.17 50.54 16.81
N LEU LA 83 -32.15 51.26 16.33
CA LEU LA 83 -31.69 51.15 14.95
C LEU LA 83 -30.34 50.46 14.92
N ILE LA 84 -30.22 49.41 14.12
CA ILE LA 84 -29.01 48.62 14.01
C ILE LA 84 -28.50 48.73 12.57
N GLY LA 85 -27.20 49.00 12.42
CA GLY LA 85 -26.57 49.08 11.13
C GLY LA 85 -25.20 48.43 11.14
N GLY LA 86 -24.59 48.37 9.97
CA GLY LA 86 -23.25 47.83 9.83
C GLY LA 86 -23.01 47.14 8.52
N PRO LA 87 -21.74 47.03 8.13
CA PRO LA 87 -21.41 46.36 6.87
C PRO LA 87 -21.28 44.86 7.03
N GLY LA 88 -21.75 44.14 6.01
CA GLY LA 88 -21.71 42.70 6.03
C GLY LA 88 -22.93 42.08 6.69
N PHE LA 89 -22.75 40.84 7.14
CA PHE LA 89 -23.80 40.08 7.80
C PHE LA 89 -23.67 40.10 9.31
N ALA LA 90 -22.85 40.98 9.86
CA ALA LA 90 -22.71 41.05 11.31
C ALA LA 90 -24.00 41.47 11.98
N LYS LA 91 -24.70 42.45 11.39
CA LYS LA 91 -25.95 42.92 11.98
C LYS LA 91 -27.02 41.86 11.94
N LYS LA 92 -27.07 41.07 10.86
CA LYS LA 92 -28.06 40.00 10.77
C LYS LA 92 -27.82 38.92 11.81
N ASP LA 93 -26.57 38.53 12.02
CA ASP LA 93 -26.27 37.48 12.98
C ASP LA 93 -26.58 37.91 14.40
N LEU LA 94 -26.34 39.18 14.72
CA LEU LA 94 -26.63 39.67 16.07
C LEU LA 94 -28.13 39.76 16.31
N TYR LA 95 -28.89 40.25 15.33
CA TYR LA 95 -30.30 40.50 15.55
C TYR LA 95 -31.11 39.21 15.64
N GLU LA 96 -30.72 38.19 14.87
CA GLU LA 96 -31.49 36.97 14.80
C GLU LA 96 -31.05 35.91 15.78
N SER LA 97 -30.10 36.21 16.67
CA SER LA 97 -29.65 35.27 17.67
C SER LA 97 -30.29 35.58 19.02
N ASP LA 98 -29.86 34.85 20.05
CA ASP LA 98 -30.38 35.01 21.41
C ASP LA 98 -29.53 35.95 22.24
N LEU LA 99 -28.56 36.64 21.64
CA LEU LA 99 -27.64 37.47 22.39
C LEU LA 99 -28.24 38.81 22.81
N LEU LA 100 -29.41 39.17 22.28
CA LEU LA 100 -30.11 40.37 22.71
C LEU LA 100 -31.27 40.00 23.62
N ASP LA 101 -31.54 40.85 24.60
CA ASP LA 101 -32.69 40.64 25.47
C ASP LA 101 -33.98 40.88 24.71
N TYR LA 102 -35.01 40.12 25.06
CA TYR LA 102 -36.29 40.23 24.35
C TYR LA 102 -36.88 41.62 24.47
N ARG LA 103 -36.62 42.31 25.58
CA ARG LA 103 -37.06 43.69 25.71
C ARG LA 103 -36.36 44.59 24.72
N VAL LA 104 -35.05 44.39 24.53
CA VAL LA 104 -34.31 45.15 23.52
C VAL LA 104 -34.68 44.70 22.12
N LYS LA 105 -34.77 43.38 21.90
CA LYS LA 105 -35.02 42.86 20.57
C LYS LA 105 -36.38 43.27 20.04
N LYS LA 106 -37.33 43.55 20.93
CA LYS LA 106 -38.67 43.97 20.52
C LYS LA 106 -38.71 45.42 20.04
N LEU LA 107 -37.70 46.21 20.36
CA LEU LA 107 -37.67 47.63 20.00
C LEU LA 107 -36.86 47.92 18.76
N VAL LA 108 -36.32 46.89 18.10
CA VAL LA 108 -35.48 47.12 16.93
C VAL LA 108 -36.36 47.42 15.73
N LEU LA 109 -36.14 48.57 15.11
CA LEU LA 109 -36.94 49.02 13.99
C LEU LA 109 -36.37 48.46 12.70
N GLN LA 110 -37.17 47.73 11.95
CA GLN LA 110 -36.77 47.20 10.65
C GLN LA 110 -36.80 48.31 9.60
N PRO LA 111 -35.94 48.22 8.57
CA PRO LA 111 -34.95 47.17 8.33
C PRO LA 111 -33.56 47.55 8.82
N LEU LA 112 -32.63 46.61 8.75
CA LEU LA 112 -31.24 46.90 9.09
C LEU LA 112 -30.59 47.71 7.98
N PHE LA 113 -29.58 48.49 8.34
CA PHE LA 113 -28.97 49.45 7.43
C PHE LA 113 -27.51 49.11 7.15
N ASP LA 114 -27.04 49.53 5.98
CA ASP LA 114 -25.64 49.37 5.58
C ASP LA 114 -24.89 50.67 5.85
N ILE LA 115 -23.97 50.62 6.80
CA ILE LA 115 -23.16 51.77 7.19
C ILE LA 115 -21.69 51.39 6.99
N PRO LA 116 -20.89 52.20 6.32
CA PRO LA 116 -19.50 51.81 6.07
C PRO LA 116 -18.54 52.13 7.21
N ASP LA 117 -18.84 53.14 8.01
CA ASP LA 117 -17.90 53.66 8.99
C ASP LA 117 -18.33 53.32 10.41
N GLN LA 118 -17.40 53.49 11.33
CA GLN LA 118 -17.62 53.32 12.76
C GLN LA 118 -17.55 54.68 13.45
N GLY LA 119 -17.70 54.67 14.76
CA GLY LA 119 -17.53 55.87 15.56
C GLY LA 119 -18.65 56.88 15.38
N GLU LA 120 -18.39 58.08 15.90
CA GLU LA 120 -19.37 59.16 15.81
C GLU LA 120 -19.76 59.51 14.37
N PRO LA 121 -18.83 59.62 13.40
CA PRO LA 121 -19.28 59.83 12.01
C PRO LA 121 -20.18 58.71 11.50
N GLY LA 122 -19.91 57.47 11.90
CA GLY LA 122 -20.78 56.38 11.50
C GLY LA 122 -22.15 56.47 12.12
N LEU LA 123 -22.24 56.93 13.36
CA LEU LA 123 -23.53 57.09 14.02
C LEU LA 123 -24.39 58.12 13.31
N LYS LA 124 -23.79 59.23 12.87
CA LYS LA 124 -24.55 60.25 12.15
C LYS LA 124 -25.00 59.75 10.79
N GLU LA 125 -24.24 58.84 10.18
CA GLU LA 125 -24.69 58.25 8.92
C GLU LA 125 -25.94 57.41 9.11
N LEU LA 126 -26.00 56.66 10.22
CA LEU LA 126 -27.14 55.80 10.48
C LEU LA 126 -28.42 56.60 10.67
N ILE LA 127 -28.32 57.75 11.36
CA ILE LA 127 -29.48 58.60 11.57
C ILE LA 127 -29.97 59.18 10.24
N MET LA 128 -29.06 59.61 9.38
CA MET LA 128 -29.45 60.18 8.10
C MET LA 128 -30.17 59.16 7.23
N LYS LA 129 -29.69 57.91 7.23
CA LYS LA 129 -30.32 56.88 6.41
C LYS LA 129 -31.74 56.54 6.87
N ALA LA 130 -32.05 56.73 8.15
CA ALA LA 130 -33.33 56.30 8.71
C ALA LA 130 -34.26 57.47 9.00
N GLN LA 131 -34.08 58.59 8.29
CA GLN LA 131 -34.97 59.73 8.50
C GLN LA 131 -36.41 59.40 8.13
N ASP LA 132 -36.61 58.49 7.17
CA ASP LA 132 -37.97 58.10 6.79
C ASP LA 132 -38.66 57.36 7.92
N ILE LA 133 -37.95 56.46 8.61
CA ILE LA 133 -38.56 55.68 9.69
C ILE LA 133 -38.94 56.58 10.85
N LEU LA 134 -38.03 57.47 11.27
CA LEU LA 134 -38.30 58.34 12.40
C LEU LA 134 -39.44 59.31 12.15
N LYS LA 135 -39.79 59.57 10.89
CA LYS LA 135 -40.97 60.38 10.62
C LYS LA 135 -42.24 59.68 11.07
N ASN LA 136 -42.35 58.37 10.82
CA ASN LA 136 -43.52 57.63 11.25
C ASN LA 136 -43.51 57.34 12.74
N GLN LA 137 -42.33 57.13 13.31
CA GLN LA 137 -42.19 56.76 14.71
C GLN LA 137 -42.35 57.94 15.66
N LYS LA 138 -42.30 59.17 15.16
CA LYS LA 138 -42.33 60.34 16.05
C LYS LA 138 -43.74 60.76 16.43
N TYR LA 139 -44.73 60.48 15.61
CA TYR LA 139 -46.13 60.80 15.93
C TYR LA 139 -46.95 59.52 15.77
N ILE LA 140 -47.24 58.88 16.91
CA ILE LA 140 -48.08 57.69 16.96
C ILE LA 140 -49.27 57.89 17.89
N GLU LA 141 -49.02 58.41 19.09
CA GLU LA 141 -50.11 58.72 20.00
C GLU LA 141 -51.06 59.73 19.40
N VAL LA 142 -50.52 60.73 18.70
CA VAL LA 142 -51.35 61.73 18.04
C VAL LA 142 -52.24 61.08 16.99
N GLU LA 143 -51.67 60.19 16.18
CA GLU LA 143 -52.46 59.49 15.17
C GLU LA 143 -53.45 58.53 15.81
N ASN LA 144 -53.07 57.89 16.91
CA ASN LA 144 -54.01 57.01 17.61
C ASN LA 144 -55.12 57.83 18.27
N LEU LA 145 -54.77 58.98 18.84
CA LEU LA 145 -55.77 59.77 19.55
C LEU LA 145 -56.82 60.33 18.60
N MET LA 146 -56.42 60.76 17.40
CA MET LA 146 -57.38 61.33 16.47
C MET LA 146 -58.39 60.28 16.00
N GLU LA 147 -57.95 59.05 15.79
CA GLU LA 147 -58.89 57.98 15.45
C GLU LA 147 -59.86 57.72 16.60
N GLU LA 148 -59.34 57.65 17.82
CA GLU LA 148 -60.20 57.43 18.99
C GLU LA 148 -61.15 58.61 19.18
N ILE LA 149 -60.66 59.83 18.95
CA ILE LA 149 -61.52 61.01 19.05
C ILE LA 149 -62.62 60.95 17.99
N LYS LA 150 -62.26 60.57 16.76
CA LYS LA 150 -63.25 60.49 15.69
C LYS LA 150 -64.31 59.45 15.98
N TYR LA 151 -63.91 58.32 16.57
CA TYR LA 151 -64.88 57.29 16.93
C TYR LA 151 -65.86 57.81 17.98
N HIS LA 152 -65.36 58.53 18.98
CA HIS LA 152 -66.24 59.03 20.04
C HIS LA 152 -67.18 60.10 19.55
N LEU LA 153 -66.74 60.94 18.60
CA LEU LA 153 -67.61 62.01 18.09
C LEU LA 153 -68.84 61.44 17.41
N ALA LA 154 -68.66 60.41 16.57
CA ALA LA 154 -69.79 59.83 15.86
C ALA LA 154 -70.78 59.18 16.81
N LYS LA 155 -70.28 58.50 17.85
CA LYS LA 155 -71.16 57.84 18.81
C LYS LA 155 -71.98 58.84 19.62
N ASP LA 156 -71.58 60.11 19.65
CA ASP LA 156 -72.31 61.15 20.37
C ASP LA 156 -72.46 60.81 21.85
N ASP LA 157 -71.43 60.22 22.43
CA ASP LA 157 -71.44 59.81 23.82
C ASP LA 157 -70.90 60.89 24.76
N GLY LA 158 -70.50 62.05 24.24
CA GLY LA 158 -70.02 63.11 25.09
C GLY LA 158 -68.67 62.87 25.74
N MET LA 159 -67.85 62.01 25.16
CA MET LA 159 -66.53 61.72 25.70
C MET LA 159 -65.46 62.69 25.21
N VAL LA 160 -65.80 63.55 24.24
CA VAL LA 160 -64.86 64.50 23.65
C VAL LA 160 -65.39 65.90 23.91
N VAL LA 161 -64.53 66.78 24.40
CA VAL LA 161 -64.89 68.16 24.72
C VAL LA 161 -64.15 69.10 23.78
N TYR LA 162 -64.85 70.11 23.29
CA TYR LA 162 -64.27 71.10 22.39
C TYR LA 162 -64.77 72.49 22.78
N GLY LA 163 -63.98 73.49 22.40
CA GLY LA 163 -64.32 74.86 22.71
C GLY LA 163 -63.50 75.43 23.86
N LEU LA 164 -62.99 76.66 23.69
CA LEU LA 164 -62.12 77.25 24.70
C LEU LA 164 -62.86 77.43 26.02
N GLU LA 165 -64.12 77.86 25.97
CA GLU LA 165 -64.87 78.11 27.19
C GLU LA 165 -65.21 76.81 27.92
N GLU LA 166 -65.58 75.78 27.17
CA GLU LA 166 -65.97 74.51 27.80
C GLU LA 166 -64.75 73.73 28.28
N ILE LA 167 -63.61 73.86 27.59
CA ILE LA 167 -62.39 73.18 28.02
C ILE LA 167 -61.95 73.69 29.38
N ARG LA 168 -62.01 75.01 29.59
CA ARG LA 168 -61.63 75.57 30.88
C ARG LA 168 -62.53 75.07 32.00
N LYS LA 169 -63.80 74.79 31.69
CA LYS LA 169 -64.70 74.22 32.68
C LYS LA 169 -64.25 72.82 33.09
N ALA LA 170 -63.89 71.98 32.11
CA ALA LA 170 -63.48 70.62 32.40
C ALA LA 170 -62.05 70.54 32.95
N LEU LA 171 -61.20 71.51 32.61
CA LEU LA 171 -59.85 71.53 33.14
C LEU LA 171 -59.85 71.69 34.65
N GLN LA 172 -60.74 72.54 35.17
CA GLN LA 172 -60.78 72.78 36.60
C GLN LA 172 -61.21 71.54 37.37
N LEU LA 173 -62.02 70.67 36.77
CA LEU LA 173 -62.42 69.43 37.40
C LEU LA 173 -61.45 68.29 37.15
N GLY LA 174 -60.42 68.50 36.31
CA GLY LA 174 -59.48 67.44 36.02
C GLY LA 174 -60.10 66.27 35.29
N ALA LA 175 -60.99 66.53 34.35
CA ALA LA 175 -61.67 65.47 33.60
C ALA LA 175 -61.12 65.28 32.20
N ILE LA 176 -60.23 66.15 31.73
CA ILE LA 176 -59.66 66.05 30.39
C ILE LA 176 -58.42 65.17 30.48
N ASP LA 177 -58.50 63.97 29.88
CA ASP LA 177 -57.37 63.05 29.93
C ASP LA 177 -56.23 63.52 29.03
N ALA LA 178 -56.56 63.94 27.82
CA ALA LA 178 -55.56 64.43 26.86
C ALA LA 178 -56.16 65.60 26.12
N LEU LA 179 -55.38 66.68 25.99
CA LEU LA 179 -55.81 67.88 25.30
C LEU LA 179 -54.86 68.15 24.14
N ILE LA 180 -55.40 68.11 22.93
CA ILE LA 180 -54.63 68.41 21.72
C ILE LA 180 -54.77 69.89 21.45
N VAL LA 181 -53.65 70.60 21.43
CA VAL LA 181 -53.62 72.04 21.24
C VAL LA 181 -52.92 72.33 19.92
N TYR LA 182 -53.59 73.08 19.06
CA TYR LA 182 -52.96 73.53 17.82
C TYR LA 182 -51.88 74.55 18.14
N GLU LA 183 -50.82 74.52 17.34
CA GLU LA 183 -49.67 75.40 17.57
C GLU LA 183 -50.01 76.80 17.06
N GLU LA 184 -50.16 77.74 18.00
CA GLU LA 184 -50.47 79.13 17.65
C GLU LA 184 -49.83 80.03 18.70
N PRO LA 185 -48.59 80.46 18.47
CA PRO LA 185 -47.91 81.31 19.45
C PRO LA 185 -48.63 82.65 19.62
N GLY LA 186 -48.65 83.13 20.86
CA GLY LA 186 -49.26 84.40 21.18
C GLY LA 186 -50.77 84.39 21.27
N SER LA 187 -51.40 83.23 21.14
CA SER LA 187 -52.85 83.11 21.19
C SER LA 187 -53.28 82.43 22.50
N GLU LA 188 -54.59 82.33 22.68
CA GLU LA 188 -55.13 81.66 23.87
C GLU LA 188 -54.80 80.17 23.90
N LEU LA 189 -54.57 79.56 22.72
CA LEU LA 189 -54.30 78.13 22.67
C LEU LA 189 -53.02 77.79 23.41
N GLU LA 190 -51.94 78.55 23.18
CA GLU LA 190 -50.69 78.28 23.86
C GLU LA 190 -50.80 78.54 25.36
N LYS LA 191 -51.48 79.63 25.74
CA LYS LA 191 -51.69 79.91 27.16
C LYS LA 191 -52.54 78.82 27.81
N LEU LA 192 -53.57 78.35 27.11
CA LEU LA 192 -54.40 77.27 27.63
C LEU LA 192 -53.58 75.98 27.82
N SER LA 193 -52.67 75.70 26.88
CA SER LA 193 -51.83 74.51 27.00
C SER LA 193 -50.96 74.56 28.25
N GLN LA 194 -50.36 75.72 28.53
CA GLN LA 194 -49.49 75.84 29.69
C GLN LA 194 -50.26 75.62 30.99
N GLU LA 195 -51.47 76.17 31.08
CA GLU LA 195 -52.30 75.95 32.26
C GLU LA 195 -52.74 74.50 32.37
N ALA LA 196 -53.07 73.87 31.25
CA ALA LA 196 -53.66 72.54 31.27
C ALA LA 196 -52.73 71.51 31.90
N GLU LA 197 -51.42 71.71 31.78
CA GLU LA 197 -50.47 70.75 32.32
C GLU LA 197 -50.52 70.66 33.84
N ASN LA 198 -51.08 71.68 34.50
CA ASN LA 198 -51.11 71.70 35.97
C ASN LA 198 -52.11 70.70 36.55
N TYR LA 199 -53.10 70.28 35.77
CA TYR LA 199 -54.17 69.41 36.27
C TYR LA 199 -53.92 67.94 35.95
N GLY LA 200 -52.74 67.59 35.44
CA GLY LA 200 -52.46 66.22 35.07
C GLY LA 200 -52.89 65.84 33.67
N THR LA 201 -53.36 66.78 32.87
CA THR LA 201 -53.80 66.51 31.51
C THR LA 201 -52.60 66.50 30.58
N LYS LA 202 -52.35 65.36 29.92
CA LYS LA 202 -51.32 65.30 28.90
C LYS LA 202 -51.70 66.17 27.72
N VAL LA 203 -50.74 66.94 27.21
CA VAL LA 203 -50.99 67.93 26.17
C VAL LA 203 -50.14 67.57 24.96
N TYR LA 204 -50.77 67.54 23.79
CA TYR LA 204 -50.11 67.30 22.52
C TYR LA 204 -50.18 68.58 21.69
N VAL LA 205 -49.02 69.09 21.28
CA VAL LA 205 -48.94 70.33 20.52
C VAL LA 205 -48.67 69.97 19.07
N ILE LA 206 -49.62 70.32 18.20
CA ILE LA 206 -49.53 70.02 16.78
C ILE LA 206 -49.77 71.30 15.99
N GLY LA 207 -49.35 71.27 14.72
CA GLY LA 207 -49.53 72.41 13.85
C GLY LA 207 -49.95 72.02 12.44
N ASP LA 208 -49.43 72.73 11.44
CA ASP LA 208 -49.73 72.42 10.05
C ASP LA 208 -48.97 71.22 9.52
N GLU LA 209 -47.99 70.70 10.28
CA GLU LA 209 -47.22 69.55 9.82
C GLU LA 209 -48.09 68.31 9.68
N LEU LA 210 -49.25 68.27 10.34
CA LEU LA 210 -50.15 67.14 10.30
C LEU LA 210 -51.40 67.49 9.51
N PRO LA 211 -51.83 66.63 8.57
CA PRO LA 211 -53.08 66.91 7.85
C PRO LA 211 -54.29 66.99 8.75
N ASP LA 212 -54.28 66.30 9.89
CA ASP LA 212 -55.40 66.36 10.81
C ASP LA 212 -55.45 67.67 11.58
N GLY LA 213 -54.33 68.41 11.63
CA GLY LA 213 -54.33 69.70 12.31
C GLY LA 213 -55.27 70.69 11.67
N GLU LA 214 -55.33 70.68 10.33
CA GLU LA 214 -56.26 71.58 9.63
C GLU LA 214 -57.71 71.24 10.00
N TRP LA 215 -58.03 69.95 10.09
CA TRP LA 215 -59.38 69.55 10.46
C TRP LA 215 -59.75 70.05 11.85
N VAL LA 216 -58.81 69.97 12.79
CA VAL LA 216 -59.07 70.44 14.15
C VAL LA 216 -59.28 71.95 14.15
N LYS LA 217 -58.41 72.69 13.46
CA LYS LA 217 -58.51 74.14 13.47
C LYS LA 217 -59.76 74.63 12.77
N LYS LA 218 -60.12 74.00 11.64
CA LYS LA 218 -61.29 74.44 10.89
C LYS LA 218 -62.58 74.17 11.65
N THR LA 219 -62.69 73.02 12.30
CA THR LA 219 -63.93 72.63 12.97
C THR LA 219 -64.02 73.18 14.38
N PHE LA 220 -63.06 72.82 15.24
CA PHE LA 220 -63.12 73.14 16.66
C PHE LA 220 -62.34 74.39 17.04
N GLY LA 221 -61.77 75.09 16.06
CA GLY LA 221 -60.94 76.24 16.37
C GLY LA 221 -59.55 75.92 16.86
N GLY LA 222 -59.13 74.66 16.77
CA GLY LA 222 -57.81 74.26 17.20
C GLY LA 222 -57.72 73.70 18.61
N ALA LA 223 -58.84 73.61 19.32
CA ALA LA 223 -58.86 73.11 20.69
C ALA LA 223 -59.84 71.95 20.79
N ILE LA 224 -59.37 70.81 21.30
CA ILE LA 224 -60.19 69.62 21.43
C ILE LA 224 -59.50 68.68 22.41
N GLY LA 225 -60.31 68.05 23.28
CA GLY LA 225 -59.77 67.19 24.31
C GLY LA 225 -60.67 66.01 24.56
N LYS LA 226 -60.07 64.98 25.17
CA LYS LA 226 -60.76 63.74 25.52
C LYS LA 226 -61.05 63.73 27.01
N LEU LA 227 -62.28 63.34 27.37
CA LEU LA 227 -62.74 63.41 28.75
C LEU LA 227 -62.49 62.10 29.49
N ARG LA 228 -62.00 62.21 30.72
CA ARG LA 228 -61.81 61.02 31.56
C ARG LA 228 -63.14 60.38 31.91
N PHE LA 229 -64.16 61.19 32.16
CA PHE LA 229 -65.49 60.70 32.49
C PHE LA 229 -66.53 61.65 31.93
N LYS LA 230 -67.76 61.17 31.84
CA LYS LA 230 -68.87 62.01 31.39
C LYS LA 230 -69.15 63.11 32.41
N ILE LA 231 -69.43 64.31 31.90
CA ILE LA 231 -69.67 65.48 32.75
C ILE LA 231 -71.16 65.81 32.86
N TYR LA 232 -71.84 65.92 31.72
CA TYR LA 232 -73.24 66.31 31.71
C TYR LA 232 -74.14 65.13 31.32
N MET MA 1 -1.58 -4.40 -93.65
CA MET MA 1 -0.46 -3.64 -94.17
C MET MA 1 -0.89 -2.23 -94.46
N LYS MA 2 -0.04 -1.48 -95.16
CA LYS MA 2 -0.36 -0.13 -95.59
C LYS MA 2 -1.08 -0.17 -96.92
N VAL MA 3 -2.19 0.53 -97.01
CA VAL MA 3 -2.88 0.78 -98.26
C VAL MA 3 -2.72 2.27 -98.54
N VAL MA 4 -2.88 2.64 -99.81
CA VAL MA 4 -2.66 3.96 -100.41
C VAL MA 4 -1.29 4.54 -100.09
N LYS MA 5 -0.73 5.29 -101.03
CA LYS MA 5 0.53 5.99 -100.84
C LYS MA 5 0.55 7.16 -101.81
N TYR MA 6 1.05 8.31 -101.37
CA TYR MA 6 1.05 9.52 -102.16
C TYR MA 6 2.47 9.82 -102.59
N VAL MA 7 2.68 9.95 -103.90
CA VAL MA 7 4.01 10.11 -104.47
C VAL MA 7 4.10 11.50 -105.08
N LEU MA 8 5.06 12.28 -104.62
CA LEU MA 8 5.29 13.63 -105.11
C LEU MA 8 6.50 13.65 -106.04
N THR MA 9 6.39 14.42 -107.12
CA THR MA 9 7.46 14.61 -108.07
C THR MA 9 7.66 16.09 -108.30
N ALA MA 10 8.90 16.55 -108.15
CA ALA MA 10 9.25 17.93 -108.40
C ALA MA 10 10.29 17.98 -109.51
N LYS MA 11 10.02 18.77 -110.53
CA LYS MA 11 10.93 18.95 -111.65
C LYS MA 11 11.65 20.28 -111.44
N ILE MA 12 12.88 20.20 -110.94
CA ILE MA 12 13.66 21.39 -110.63
C ILE MA 12 14.18 21.97 -111.94
N ASP MA 13 13.93 23.26 -112.16
CA ASP MA 13 14.26 23.89 -113.43
C ASP MA 13 15.10 25.15 -113.16
N TYR MA 14 16.40 24.96 -113.05
CA TYR MA 14 17.34 26.08 -113.08
C TYR MA 14 18.04 26.08 -114.43
N ASP MA 15 18.92 27.06 -114.62
CA ASP MA 15 19.45 27.35 -115.94
C ASP MA 15 20.08 26.14 -116.61
N GLY MA 16 19.63 25.85 -117.84
CA GLY MA 16 20.15 24.75 -118.60
C GLY MA 16 19.74 23.38 -118.10
N LYS MA 17 20.06 23.08 -116.84
CA LYS MA 17 19.92 21.74 -116.31
C LYS MA 17 18.48 21.47 -115.87
N GLU MA 18 18.25 20.27 -115.35
CA GLU MA 18 16.92 19.82 -114.97
C GLU MA 18 17.06 18.65 -114.01
N ILE MA 19 16.45 18.76 -112.83
CA ILE MA 19 16.57 17.74 -111.79
C ILE MA 19 15.16 17.31 -111.38
N GLU MA 20 14.95 16.00 -111.27
CA GLU MA 20 13.67 15.44 -110.85
C GLU MA 20 13.85 14.71 -109.54
N ILE MA 21 12.97 15.01 -108.58
CA ILE MA 21 13.07 14.50 -107.22
C ILE MA 21 11.76 13.82 -106.85
N LYS MA 22 11.85 12.66 -106.21
CA LYS MA 22 10.69 11.91 -105.76
C LYS MA 22 10.56 11.99 -104.24
N ARG MA 23 9.35 11.76 -103.75
CA ARG MA 23 9.05 11.86 -102.33
C ARG MA 23 7.70 11.22 -102.08
N SER MA 24 7.64 10.27 -101.15
CA SER MA 24 6.41 9.59 -100.78
C SER MA 24 5.84 10.15 -99.49
N PHE MA 25 4.56 9.90 -99.28
CA PHE MA 25 3.87 10.27 -98.06
C PHE MA 25 2.98 9.11 -97.63
N ARG MA 26 2.22 9.33 -96.58
CA ARG MA 26 1.38 8.25 -96.06
C ARG MA 26 -0.03 8.67 -95.67
N HIS MA 27 -0.35 9.96 -95.53
CA HIS MA 27 -1.67 10.29 -95.00
C HIS MA 27 -2.34 11.53 -95.61
N ARG MA 28 -1.77 12.14 -96.64
CA ARG MA 28 -2.44 13.19 -97.42
C ARG MA 28 -2.61 14.51 -96.67
N LYS MA 29 -2.42 14.51 -95.37
CA LYS MA 29 -2.34 15.76 -94.66
C LYS MA 29 -0.91 16.21 -94.48
N ASN MA 30 0.02 15.27 -94.62
CA ASN MA 30 1.44 15.57 -94.65
C ASN MA 30 1.86 16.22 -95.95
N ILE MA 31 1.10 16.04 -97.03
CA ILE MA 31 1.47 16.67 -98.30
C ILE MA 31 1.48 18.17 -98.16
N PHE MA 32 0.46 18.73 -97.51
CA PHE MA 32 0.38 20.17 -97.33
C PHE MA 32 1.33 20.67 -96.26
N GLU MA 33 1.71 19.81 -95.32
CA GLU MA 33 2.73 20.17 -94.33
C GLU MA 33 4.10 20.27 -94.97
N PHE MA 34 4.42 19.33 -95.88
CA PHE MA 34 5.67 19.39 -96.63
C PHE MA 34 5.71 20.66 -97.46
N LEU MA 35 4.62 21.01 -98.11
CA LEU MA 35 4.54 22.19 -98.98
C LEU MA 35 4.25 23.47 -98.22
N LYS MA 36 4.00 23.39 -96.90
CA LYS MA 36 3.74 24.60 -96.13
C LYS MA 36 4.92 25.55 -96.18
N ASN MA 37 6.12 25.01 -96.28
CA ASN MA 37 7.33 25.81 -96.43
C ASN MA 37 8.04 25.56 -97.76
N ALA MA 38 8.30 24.30 -98.11
CA ALA MA 38 8.73 23.91 -99.45
C ALA MA 38 10.05 24.53 -99.85
N ASP MA 39 10.61 25.36 -98.98
CA ASP MA 39 11.94 25.92 -99.19
C ASP MA 39 12.99 25.16 -98.39
N SER MA 40 12.70 24.91 -97.12
CA SER MA 40 13.56 24.04 -96.32
C SER MA 40 13.52 22.62 -96.84
N ASN MA 41 12.33 22.12 -97.20
CA ASN MA 41 12.19 20.72 -97.53
C ASN MA 41 12.77 20.40 -98.90
N LEU MA 42 12.61 21.30 -99.86
CA LEU MA 42 13.16 21.06 -101.19
C LEU MA 42 14.67 21.16 -101.19
N LYS MA 43 15.22 22.14 -100.47
CA LYS MA 43 16.67 22.25 -100.37
C LYS MA 43 17.27 21.03 -99.68
N GLY MA 44 16.61 20.52 -98.65
CA GLY MA 44 17.06 19.31 -97.99
C GLY MA 44 16.86 18.07 -98.82
N ALA MA 45 15.96 18.11 -99.81
CA ALA MA 45 15.83 17.01 -100.76
C ALA MA 45 16.92 17.05 -101.82
N LEU MA 46 17.40 18.25 -102.18
CA LEU MA 46 18.50 18.36 -103.12
C LEU MA 46 19.80 17.87 -102.52
N SER MA 47 19.95 17.97 -101.20
CA SER MA 47 21.15 17.43 -100.55
C SER MA 47 21.22 15.92 -100.71
N GLU MA 48 20.11 15.22 -100.46
CA GLU MA 48 20.10 13.77 -100.65
C GLU MA 48 20.31 13.41 -102.10
N TYR MA 49 19.85 14.26 -103.02
CA TYR MA 49 20.09 14.03 -104.44
C TYR MA 49 21.58 14.08 -104.75
N ALA MA 50 22.28 15.10 -104.24
CA ALA MA 50 23.70 15.25 -104.53
C ALA MA 50 24.52 14.15 -103.88
N LYS MA 51 24.16 13.76 -102.65
CA LYS MA 51 24.94 12.73 -101.97
C LYS MA 51 24.91 11.41 -102.71
N GLN MA 52 23.79 11.10 -103.37
CA GLN MA 52 23.67 9.82 -104.05
C GLN MA 52 24.37 9.83 -105.40
N ASN MA 53 23.89 10.66 -106.33
CA ASN MA 53 24.44 10.61 -107.67
C ASN MA 53 25.89 11.04 -107.72
N LYS MA 54 26.14 12.36 -107.60
CA LYS MA 54 27.42 13.08 -107.54
C LYS MA 54 27.18 14.58 -107.47
N VAL MA 55 28.29 15.34 -107.36
CA VAL MA 55 28.47 16.77 -107.63
C VAL MA 55 27.57 17.67 -106.77
N LYS MA 56 28.11 18.82 -106.38
CA LYS MA 56 27.42 19.81 -105.55
C LYS MA 56 27.50 21.16 -106.25
N SER MA 57 26.89 22.17 -105.63
CA SER MA 57 26.85 23.55 -106.15
C SER MA 57 26.07 23.62 -107.47
N SER MA 58 24.81 23.19 -107.40
CA SER MA 58 23.95 23.23 -108.59
C SER MA 58 23.08 24.49 -108.64
N ASP MA 59 22.14 24.63 -107.70
CA ASP MA 59 21.28 25.81 -107.62
C ASP MA 59 20.95 26.13 -106.18
N LEU MA 60 21.82 25.74 -105.26
CA LEU MA 60 21.58 25.87 -103.83
C LEU MA 60 21.46 27.31 -103.34
N PRO MA 61 22.37 28.24 -103.70
CA PRO MA 61 22.42 29.52 -102.99
C PRO MA 61 21.31 30.48 -103.37
N LEU MA 62 20.27 29.97 -104.05
CA LEU MA 62 19.13 30.82 -104.39
C LEU MA 62 18.50 31.40 -103.13
N ASN MA 63 17.97 32.61 -103.27
CA ASN MA 63 17.31 33.27 -102.15
C ASN MA 63 15.96 32.60 -101.91
N GLU MA 64 15.15 33.21 -101.04
CA GLU MA 64 13.94 32.58 -100.54
C GLU MA 64 13.08 32.05 -101.67
N PHE MA 65 12.92 30.74 -101.70
CA PHE MA 65 12.11 30.05 -102.69
C PHE MA 65 10.65 30.19 -102.31
N ILE MA 66 9.90 31.03 -103.02
CA ILE MA 66 8.59 31.45 -102.57
C ILE MA 66 7.65 30.25 -102.56
N THR MA 67 7.38 29.76 -101.35
CA THR MA 67 6.56 28.58 -101.03
C THR MA 67 5.98 27.90 -102.25
N CYS MA 68 4.71 28.16 -102.53
CA CYS MA 68 4.04 27.59 -103.69
C CYS MA 68 2.88 28.52 -104.05
N GLY MA 69 2.16 28.14 -105.09
CA GLY MA 69 0.92 28.83 -105.40
C GLY MA 69 -0.22 28.18 -104.67
N GLU MA 70 -1.29 27.87 -105.39
CA GLU MA 70 -2.44 27.17 -104.83
C GLU MA 70 -2.49 25.77 -105.41
N ILE MA 71 -2.76 24.79 -104.56
CA ILE MA 71 -2.93 23.43 -105.02
C ILE MA 71 -4.29 23.28 -105.69
N GLU MA 72 -4.31 22.72 -106.90
CA GLU MA 72 -5.56 22.36 -107.57
C GLU MA 72 -5.54 20.87 -107.88
N GLU MA 73 -6.67 20.21 -107.65
CA GLU MA 73 -6.81 18.77 -107.80
C GLU MA 73 -7.90 18.50 -108.84
N GLU MA 74 -7.52 18.01 -110.02
CA GLU MA 74 -8.51 17.79 -111.09
C GLU MA 74 -9.02 16.36 -111.11
N GLN MA 75 -8.15 15.41 -111.46
CA GLN MA 75 -8.53 13.99 -111.41
C GLN MA 75 -7.93 13.32 -110.17
N GLY MA 76 -8.19 13.90 -109.01
CA GLY MA 76 -7.50 13.45 -107.82
C GLY MA 76 -5.99 13.57 -107.91
N VAL MA 77 -5.49 14.43 -108.80
CA VAL MA 77 -4.07 14.66 -109.00
C VAL MA 77 -3.78 16.11 -108.61
N MET MA 78 -2.99 16.30 -107.56
CA MET MA 78 -2.67 17.63 -107.09
C MET MA 78 -1.55 18.22 -107.94
N ARG MA 79 -1.66 19.51 -108.25
CA ARG MA 79 -0.68 20.17 -109.10
C ARG MA 79 -0.47 21.59 -108.60
N THR MA 80 0.76 22.06 -108.67
CA THR MA 80 1.08 23.43 -108.31
C THR MA 80 2.41 23.82 -108.93
N GLU MA 81 2.63 25.12 -109.04
CA GLU MA 81 3.87 25.68 -109.56
C GLU MA 81 4.45 26.62 -108.52
N CYS MA 82 5.75 26.48 -108.26
CA CYS MA 82 6.44 27.35 -107.33
C CYS MA 82 7.72 27.85 -107.95
N LYS MA 83 8.01 29.13 -107.75
CA LYS MA 83 9.19 29.80 -108.28
C LYS MA 83 9.92 30.47 -107.14
N GLY MA 84 11.09 31.02 -107.45
CA GLY MA 84 11.83 31.78 -106.48
C GLY MA 84 12.84 32.69 -107.13
N LYS MA 85 12.79 33.98 -106.78
CA LYS MA 85 13.62 35.00 -107.40
C LYS MA 85 13.62 34.87 -108.92
N GLU MA 86 14.73 34.41 -109.48
CA GLU MA 86 14.85 34.22 -110.92
C GLU MA 86 15.60 32.94 -111.20
N LYS MA 87 15.56 32.51 -112.46
CA LYS MA 87 16.29 31.38 -113.02
C LYS MA 87 16.08 30.09 -112.23
N VAL MA 88 15.05 30.02 -111.37
CA VAL MA 88 14.70 28.79 -110.66
C VAL MA 88 13.19 28.64 -110.71
N SER MA 89 12.73 27.49 -111.21
CA SER MA 89 11.31 27.18 -111.27
C SER MA 89 11.12 25.71 -110.94
N VAL MA 90 9.99 25.39 -110.31
CA VAL MA 90 9.67 24.03 -109.90
C VAL MA 90 8.23 23.74 -110.26
N LYS MA 91 7.99 22.53 -110.77
CA LYS MA 91 6.65 22.04 -111.05
C LYS MA 91 6.41 20.80 -110.20
N ILE MA 92 5.31 20.80 -109.46
CA ILE MA 92 5.01 19.76 -108.48
C ILE MA 92 3.74 19.04 -108.90
N GLU MA 93 3.75 17.71 -108.76
CA GLU MA 93 2.62 16.88 -109.18
C GLU MA 93 2.55 15.68 -108.24
N VAL MA 94 1.42 15.53 -107.56
CA VAL MA 94 1.26 14.50 -106.52
C VAL MA 94 0.29 13.45 -107.02
N GLN MA 95 0.68 12.18 -106.92
CA GLN MA 95 -0.07 11.05 -107.43
C GLN MA 95 -0.52 10.15 -106.29
N THR MA 96 -1.81 9.84 -106.25
CA THR MA 96 -2.37 8.90 -105.28
C THR MA 96 -2.40 7.52 -105.91
N GLN MA 97 -1.88 6.52 -105.20
CA GLN MA 97 -1.90 5.18 -105.74
C GLN MA 97 -2.27 4.16 -104.68
N LYS MA 98 -3.32 3.40 -104.95
CA LYS MA 98 -3.72 2.30 -104.09
C LYS MA 98 -2.71 1.17 -104.20
N ILE MA 99 -2.34 0.60 -103.05
CA ILE MA 99 -1.30 -0.42 -103.04
C ILE MA 99 -1.84 -1.75 -103.56
N ALA MA 100 -2.78 -2.34 -102.85
CA ALA MA 100 -3.42 -3.61 -103.21
C ALA MA 100 -2.44 -4.77 -103.20
N LYS MA 101 -2.95 -5.98 -102.97
CA LYS MA 101 -2.10 -7.14 -102.83
C LYS MA 101 -1.93 -7.86 -104.16
N MET NA 1 -7.10 -62.48 -12.91
CA MET NA 1 -6.50 -63.71 -12.39
C MET NA 1 -7.27 -64.90 -12.92
N LEU NA 2 -8.59 -64.75 -13.03
CA LEU NA 2 -9.42 -65.79 -13.61
C LEU NA 2 -9.34 -65.81 -15.13
N LYS NA 3 -8.76 -64.79 -15.75
CA LYS NA 3 -8.61 -64.78 -17.20
C LYS NA 3 -7.56 -65.77 -17.68
N HIS NA 4 -6.73 -66.29 -16.79
CA HIS NA 4 -5.78 -67.34 -17.16
C HIS NA 4 -6.40 -68.72 -17.08
N GLN NA 5 -7.61 -68.84 -16.53
CA GLN NA 5 -8.39 -70.07 -16.53
C GLN NA 5 -7.72 -71.20 -15.76
N LYS NA 6 -6.89 -70.86 -14.78
CA LYS NA 6 -6.39 -71.87 -13.85
C LYS NA 6 -7.39 -72.15 -12.75
N TYR NA 7 -8.36 -71.26 -12.54
CA TYR NA 7 -9.45 -71.46 -11.60
C TYR NA 7 -10.77 -71.48 -12.36
N VAL NA 8 -11.63 -72.44 -12.02
CA VAL NA 8 -12.87 -72.68 -12.74
C VAL NA 8 -14.02 -72.63 -11.74
N TYR NA 9 -15.09 -71.95 -12.12
CA TYR NA 9 -16.30 -71.85 -11.29
C TYR NA 9 -17.30 -72.90 -11.70
N VAL NA 10 -17.79 -73.66 -10.73
CA VAL NA 10 -18.73 -74.75 -10.96
C VAL NA 10 -20.14 -74.25 -10.71
N ASP NA 11 -21.02 -74.45 -11.69
CA ASP NA 11 -22.41 -74.03 -11.59
C ASP NA 11 -23.20 -75.15 -10.91
N ILE NA 12 -23.61 -74.91 -9.67
CA ILE NA 12 -24.35 -75.91 -8.89
C ILE NA 12 -25.83 -75.61 -9.09
N GLY NA 13 -26.42 -76.25 -10.10
CA GLY NA 13 -27.86 -76.22 -10.28
C GLY NA 13 -28.46 -74.86 -10.52
N ASP NA 14 -27.83 -74.04 -11.36
CA ASP NA 14 -28.37 -72.76 -11.82
C ASP NA 14 -28.61 -71.78 -10.67
N GLN NA 15 -28.23 -72.14 -9.46
CA GLN NA 15 -28.50 -71.32 -8.30
C GLN NA 15 -27.60 -70.09 -8.31
N LYS NA 16 -27.95 -69.10 -7.48
CA LYS NA 16 -27.10 -67.94 -7.22
C LYS NA 16 -25.97 -68.35 -6.28
N LYS NA 17 -25.21 -69.34 -6.74
CA LYS NA 17 -24.18 -70.00 -5.93
C LYS NA 17 -23.22 -70.70 -6.89
N PHE NA 18 -21.96 -70.27 -6.90
CA PHE NA 18 -20.95 -70.87 -7.74
C PHE NA 18 -19.78 -71.30 -6.86
N LEU NA 19 -19.30 -72.52 -7.04
CA LEU NA 19 -18.19 -73.05 -6.25
C LEU NA 19 -16.89 -72.94 -7.05
N LYS NA 20 -15.87 -72.38 -6.41
CA LYS NA 20 -14.59 -72.13 -7.05
C LYS NA 20 -13.64 -73.29 -6.80
N VAL NA 21 -13.00 -73.78 -7.86
CA VAL NA 21 -12.06 -74.89 -7.76
C VAL NA 21 -10.78 -74.54 -8.52
N ARG NA 22 -9.72 -75.27 -8.20
CA ARG NA 22 -8.45 -75.16 -8.91
C ARG NA 22 -8.37 -76.30 -9.92
N PHE NA 23 -8.22 -75.95 -11.18
CA PHE NA 23 -8.25 -76.93 -12.27
C PHE NA 23 -6.83 -77.07 -12.83
N LEU NA 24 -6.25 -78.25 -12.68
CA LEU NA 24 -4.93 -78.52 -13.23
C LEU NA 24 -5.10 -78.88 -14.69
N LYS NA 25 -4.90 -77.88 -15.57
CA LYS NA 25 -5.15 -78.07 -17.00
C LYS NA 25 -4.16 -79.01 -17.65
N SER NA 26 -3.11 -79.41 -16.94
CA SER NA 26 -2.24 -80.50 -17.35
C SER NA 26 -2.94 -81.83 -17.03
N ARG NA 27 -2.16 -82.90 -16.96
CA ARG NA 27 -2.54 -84.29 -16.74
C ARG NA 27 -3.09 -84.93 -18.01
N SER NA 28 -3.36 -84.16 -19.06
CA SER NA 28 -3.59 -84.67 -20.41
C SER NA 28 -4.77 -85.64 -20.51
N GLU NA 29 -5.45 -85.91 -19.41
CA GLU NA 29 -6.53 -86.88 -19.41
C GLU NA 29 -7.82 -86.23 -19.90
N ASN NA 30 -8.93 -86.96 -19.78
CA ASN NA 30 -10.23 -86.45 -20.17
C ASN NA 30 -11.32 -86.67 -19.14
N ASN NA 31 -11.16 -87.61 -18.21
CA ASN NA 31 -12.18 -87.83 -17.19
C ASN NA 31 -11.56 -88.16 -15.83
N ASN NA 32 -10.34 -87.70 -15.58
CA ASN NA 32 -9.70 -88.03 -14.32
C ASN NA 32 -10.21 -87.16 -13.18
N PRO NA 33 -10.17 -87.66 -11.95
CA PRO NA 33 -10.63 -86.86 -10.80
C PRO NA 33 -9.58 -85.94 -10.21
N GLU NA 34 -8.30 -86.21 -10.46
CA GLU NA 34 -7.24 -85.41 -9.85
C GLU NA 34 -7.06 -84.03 -10.47
N ALA NA 35 -7.71 -83.75 -11.60
CA ALA NA 35 -7.61 -82.43 -12.20
C ALA NA 35 -8.34 -81.37 -11.40
N TYR NA 36 -9.10 -81.76 -10.38
CA TYR NA 36 -9.95 -80.83 -9.63
C TYR NA 36 -9.53 -80.82 -8.18
N VAL NA 37 -9.01 -79.69 -7.73
CA VAL NA 37 -8.68 -79.46 -6.33
C VAL NA 37 -9.79 -78.60 -5.74
N ILE NA 38 -10.55 -79.17 -4.81
CA ILE NA 38 -11.77 -78.54 -4.34
C ILE NA 38 -11.42 -77.54 -3.24
N LEU NA 39 -11.74 -76.28 -3.46
CA LEU NA 39 -11.72 -75.25 -2.43
C LEU NA 39 -13.10 -75.18 -1.79
N ASP NA 40 -13.18 -74.40 -0.71
CA ASP NA 40 -14.46 -74.14 -0.03
C ASP NA 40 -14.75 -72.65 -0.14
N LYS NA 41 -15.32 -72.25 -1.27
CA LYS NA 41 -15.48 -70.82 -1.56
C LYS NA 41 -16.72 -70.65 -2.42
N ILE NA 42 -17.83 -70.30 -1.79
CA ILE NA 42 -19.12 -70.16 -2.45
C ILE NA 42 -19.27 -68.71 -2.91
N SER NA 43 -19.11 -68.48 -4.20
CA SER NA 43 -19.31 -67.15 -4.76
C SER NA 43 -20.78 -66.79 -4.82
N ILE NA 44 -21.08 -65.51 -4.62
CA ILE NA 44 -22.44 -65.02 -4.70
C ILE NA 44 -22.77 -64.46 -6.08
N LYS NA 45 -21.75 -64.13 -6.88
CA LYS NA 45 -21.93 -63.68 -8.25
C LYS NA 45 -20.85 -64.30 -9.12
N LEU NA 46 -21.05 -64.21 -10.43
CA LEU NA 46 -20.09 -64.75 -11.39
C LEU NA 46 -19.26 -63.61 -11.96
N PRO NA 47 -17.95 -63.61 -11.76
CA PRO NA 47 -17.11 -62.58 -12.38
C PRO NA 47 -17.08 -62.70 -13.89
N ARG NA 48 -16.79 -61.57 -14.55
CA ARG NA 48 -16.84 -61.52 -16.01
C ARG NA 48 -15.89 -62.51 -16.66
N ASN NA 49 -14.66 -62.58 -16.16
CA ASN NA 49 -13.63 -63.39 -16.80
C ASN NA 49 -13.67 -64.83 -16.36
N ALA NA 50 -14.60 -65.21 -15.50
CA ALA NA 50 -14.64 -66.57 -14.99
C ALA NA 50 -15.07 -67.55 -16.07
N LYS NA 51 -14.50 -68.75 -16.00
CA LYS NA 51 -14.87 -69.84 -16.88
C LYS NA 51 -15.73 -70.82 -16.09
N VAL NA 52 -16.89 -71.16 -16.64
CA VAL NA 52 -17.92 -71.91 -15.93
C VAL NA 52 -17.99 -73.33 -16.47
N ILE NA 53 -18.13 -74.29 -15.58
CA ILE NA 53 -18.39 -75.68 -15.92
C ILE NA 53 -19.67 -76.11 -15.22
N LYS NA 54 -20.52 -76.83 -15.96
CA LYS NA 54 -21.78 -77.29 -15.39
C LYS NA 54 -21.54 -78.47 -14.45
N TYR NA 55 -22.44 -78.62 -13.48
CA TYR NA 55 -22.27 -79.67 -12.48
C TYR NA 55 -22.38 -81.05 -13.10
N GLU NA 56 -23.17 -81.21 -14.16
CA GLU NA 56 -23.35 -82.51 -14.78
C GLU NA 56 -22.15 -82.92 -15.62
N ASP NA 57 -21.32 -81.98 -16.05
CA ASP NA 57 -20.17 -82.29 -16.89
C ASP NA 57 -18.97 -82.79 -16.11
N LEU NA 58 -18.98 -82.67 -14.79
CA LEU NA 58 -17.85 -83.13 -14.00
C LEU NA 58 -17.74 -84.65 -14.06
N PRO NA 59 -16.55 -85.20 -13.80
CA PRO NA 59 -16.44 -86.65 -13.65
C PRO NA 59 -17.28 -87.12 -12.48
N ALA NA 60 -17.88 -88.30 -12.64
CA ALA NA 60 -18.80 -88.81 -11.63
C ALA NA 60 -18.12 -89.07 -10.29
N GLU NA 61 -16.81 -89.31 -10.30
CA GLU NA 61 -16.08 -89.60 -9.07
C GLU NA 61 -15.62 -88.35 -8.33
N VAL NA 62 -15.90 -87.16 -8.85
CA VAL NA 62 -15.74 -85.94 -8.07
C VAL NA 62 -17.09 -85.34 -7.70
N LYS NA 63 -18.17 -85.69 -8.42
CA LYS NA 63 -19.50 -85.19 -8.08
C LYS NA 63 -19.89 -85.58 -6.66
N ASP NA 64 -19.44 -86.74 -6.20
CA ASP NA 64 -19.78 -87.17 -4.84
C ASP NA 64 -19.18 -86.23 -3.80
N LYS NA 65 -17.95 -85.77 -4.02
CA LYS NA 65 -17.34 -84.86 -3.05
C LYS NA 65 -18.09 -83.53 -2.97
N LEU NA 66 -18.82 -83.16 -4.01
CA LEU NA 66 -19.54 -81.89 -4.00
C LEU NA 66 -21.01 -82.06 -3.64
N LYS NA 67 -21.63 -83.20 -3.95
CA LYS NA 67 -23.05 -83.34 -3.66
C LYS NA 67 -23.30 -83.57 -2.17
N LEU NA 68 -22.36 -84.21 -1.48
CA LEU NA 68 -22.41 -84.20 -0.01
C LEU NA 68 -22.33 -82.78 0.52
N LYS NA 69 -21.43 -81.98 -0.05
CA LYS NA 69 -21.33 -80.58 0.35
C LYS NA 69 -22.62 -79.83 0.06
N LEU NA 70 -23.17 -80.00 -1.13
CA LEU NA 70 -24.45 -79.39 -1.46
C LEU NA 70 -25.53 -79.96 -0.55
N MET OA 1 -58.60 -17.65 -63.17
CA MET OA 1 -59.29 -18.85 -63.63
C MET OA 1 -58.29 -19.88 -64.14
N LYS OA 2 -58.80 -20.93 -64.79
CA LYS OA 2 -57.95 -21.95 -65.38
C LYS OA 2 -57.91 -21.75 -66.89
N ILE OA 3 -56.70 -21.87 -67.46
CA ILE OA 3 -56.52 -21.62 -68.88
C ILE OA 3 -57.07 -22.80 -69.68
N SER OA 4 -57.90 -22.49 -70.66
CA SER OA 4 -58.58 -23.50 -71.46
C SER OA 4 -57.86 -23.84 -72.75
N ASN OA 5 -57.52 -22.84 -73.55
CA ASN OA 5 -56.91 -23.07 -74.86
C ASN OA 5 -55.79 -22.08 -75.10
N VAL OA 6 -54.78 -22.51 -75.84
CA VAL OA 6 -53.66 -21.66 -76.24
C VAL OA 6 -53.82 -21.36 -77.72
N GLU OA 7 -53.92 -20.08 -78.06
CA GLU OA 7 -54.21 -19.70 -79.44
C GLU OA 7 -52.98 -19.75 -80.31
N SER OA 8 -51.95 -18.98 -79.97
CA SER OA 8 -50.73 -18.90 -80.76
C SER OA 8 -49.51 -19.05 -79.86
N LYS OA 9 -48.47 -19.67 -80.41
CA LYS OA 9 -47.20 -19.86 -79.72
C LYS OA 9 -46.06 -19.42 -80.63
N TYR OA 10 -45.11 -18.67 -80.07
CA TYR OA 10 -44.03 -18.10 -80.84
C TYR OA 10 -42.68 -18.51 -80.24
N SER OA 11 -41.61 -18.08 -80.90
CA SER OA 11 -40.26 -18.35 -80.43
C SER OA 11 -39.36 -17.25 -80.96
N MET OA 12 -38.78 -16.46 -80.06
CA MET OA 12 -37.97 -15.31 -80.43
C MET OA 12 -36.66 -15.36 -79.64
N LYS OA 13 -35.60 -14.85 -80.26
CA LYS OA 13 -34.26 -14.85 -79.67
C LYS OA 13 -33.84 -13.43 -79.34
N VAL OA 14 -33.45 -13.21 -78.09
CA VAL OA 14 -33.11 -11.88 -77.58
C VAL OA 14 -31.68 -11.95 -77.03
N ARG OA 15 -30.75 -11.28 -77.72
CA ARG OA 15 -29.37 -11.19 -77.28
C ARG OA 15 -28.77 -12.56 -76.99
N GLY OA 16 -29.06 -13.52 -77.85
CA GLY OA 16 -28.57 -14.87 -77.67
C GLY OA 16 -29.37 -15.72 -76.71
N GLN OA 17 -30.45 -15.19 -76.13
CA GLN OA 17 -31.32 -15.93 -75.23
C GLN OA 17 -32.61 -16.29 -75.94
N GLU OA 18 -33.22 -17.38 -75.50
CA GLU OA 18 -34.43 -17.92 -76.13
C GLU OA 18 -35.67 -17.54 -75.34
N LEU OA 19 -36.73 -17.14 -76.07
CA LEU OA 19 -38.02 -16.81 -75.49
C LEU OA 19 -39.12 -17.66 -76.09
N LEU OA 20 -40.14 -17.93 -75.27
CA LEU OA 20 -41.39 -18.52 -75.71
C LEU OA 20 -42.54 -17.61 -75.28
N ILE OA 21 -43.38 -17.23 -76.23
CA ILE OA 21 -44.54 -16.41 -75.97
C ILE OA 21 -45.78 -17.18 -76.39
N GLU OA 22 -46.76 -17.25 -75.50
CA GLU OA 22 -48.01 -17.96 -75.75
C GLU OA 22 -49.19 -17.01 -75.59
N GLU OA 23 -50.15 -17.13 -76.49
CA GLU OA 23 -51.43 -16.43 -76.39
C GLU OA 23 -52.49 -17.43 -75.96
N ALA OA 24 -53.23 -17.10 -74.91
CA ALA OA 24 -54.21 -18.00 -74.35
C ALA OA 24 -55.44 -17.22 -73.94
N ARG OA 25 -56.48 -17.95 -73.56
CA ARG OA 25 -57.70 -17.35 -73.03
C ARG OA 25 -58.17 -18.14 -71.81
N ASN OA 26 -58.69 -17.41 -70.82
CA ASN OA 26 -59.21 -18.02 -69.61
C ASN OA 26 -60.64 -18.53 -69.84
N GLU OA 27 -61.29 -18.96 -68.76
CA GLU OA 27 -62.69 -19.35 -68.85
C GLU OA 27 -63.58 -18.14 -69.14
N LYS OA 28 -63.25 -16.99 -68.55
CA LYS OA 28 -64.00 -15.77 -68.82
C LYS OA 28 -63.85 -15.32 -70.27
N GLY OA 29 -62.83 -15.79 -70.97
CA GLY OA 29 -62.58 -15.37 -72.33
C GLY OA 29 -61.61 -14.21 -72.46
N GLU OA 30 -60.93 -13.83 -71.39
CA GLU OA 30 -59.96 -12.75 -71.45
C GLU OA 30 -58.63 -13.27 -72.00
N LYS OA 31 -57.95 -12.41 -72.76
CA LYS OA 31 -56.68 -12.76 -73.38
C LYS OA 31 -55.53 -12.47 -72.42
N ILE OA 32 -54.69 -13.47 -72.19
CA ILE OA 32 -53.51 -13.31 -71.35
C ILE OA 32 -52.28 -13.72 -72.16
N ILE OA 33 -51.16 -13.08 -71.85
CA ILE OA 33 -49.88 -13.33 -72.51
C ILE OA 33 -48.96 -13.97 -71.48
N ILE OA 34 -48.37 -15.10 -71.84
CA ILE OA 34 -47.52 -15.87 -70.94
C ILE OA 34 -46.10 -15.85 -71.48
N PHE OA 35 -45.16 -15.40 -70.67
CA PHE OA 35 -43.76 -15.28 -71.04
C PHE OA 35 -42.96 -16.37 -70.35
N GLN OA 36 -42.27 -17.20 -71.13
CA GLN OA 36 -41.45 -18.27 -70.59
C GLN OA 36 -40.06 -18.20 -71.21
N SER OA 37 -39.03 -18.20 -70.37
CA SER OA 37 -37.66 -18.36 -70.84
C SER OA 37 -37.02 -19.48 -70.03
N LEU OA 38 -37.36 -20.71 -70.38
CA LEU OA 38 -36.83 -21.91 -69.75
C LEU OA 38 -37.25 -23.10 -70.59
N THR OA 39 -36.30 -23.96 -70.95
CA THR OA 39 -36.61 -25.09 -71.81
C THR OA 39 -36.41 -26.43 -71.12
N SER OA 40 -35.43 -26.55 -70.24
CA SER OA 40 -35.13 -27.79 -69.56
C SER OA 40 -34.93 -27.52 -68.07
N ALA OA 41 -35.36 -28.48 -67.25
CA ALA OA 41 -35.20 -28.38 -65.81
C ALA OA 41 -35.31 -29.77 -65.20
N LYS OA 42 -34.87 -29.87 -63.95
CA LYS OA 42 -34.98 -31.12 -63.20
C LYS OA 42 -36.42 -31.36 -62.79
N LEU OA 43 -36.68 -32.60 -62.37
CA LEU OA 43 -37.98 -32.97 -61.80
C LEU OA 43 -37.77 -33.36 -60.35
N LEU OA 44 -38.87 -33.69 -59.68
CA LEU OA 44 -38.80 -34.01 -58.25
C LEU OA 44 -37.93 -35.23 -58.01
N ASN OA 45 -38.29 -36.37 -58.58
CA ASN OA 45 -37.54 -37.61 -58.39
C ASN OA 45 -37.78 -38.52 -59.57
N ASN OA 46 -36.79 -38.68 -60.45
CA ASN OA 46 -35.59 -37.83 -60.55
C ASN OA 46 -35.10 -37.91 -61.99
N GLU OA 47 -35.50 -36.95 -62.82
CA GLU OA 47 -35.20 -37.05 -64.23
C GLU OA 47 -35.24 -35.66 -64.84
N GLU OA 48 -35.22 -35.60 -66.17
CA GLU OA 48 -35.08 -34.36 -66.92
C GLU OA 48 -36.35 -34.10 -67.71
N TRP OA 49 -36.80 -32.85 -67.69
CA TRP OA 49 -37.96 -32.43 -68.46
C TRP OA 49 -37.54 -31.45 -69.54
N LYS OA 50 -38.11 -31.60 -70.73
CA LYS OA 50 -37.78 -30.74 -71.85
C LYS OA 50 -39.05 -30.18 -72.46
N GLU OA 51 -39.11 -28.86 -72.60
CA GLU OA 51 -40.24 -28.22 -73.27
C GLU OA 51 -40.25 -28.58 -74.74
N ASN OA 52 -41.45 -28.82 -75.27
CA ASN OA 52 -41.61 -29.16 -76.68
C ASN OA 52 -41.78 -27.87 -77.49
N THR OA 53 -40.93 -27.68 -78.49
CA THR OA 53 -40.93 -26.48 -79.31
C THR OA 53 -41.32 -26.76 -80.76
N THR OA 54 -41.94 -27.92 -81.02
CA THR OA 54 -42.32 -28.26 -82.39
C THR OA 54 -43.39 -27.30 -82.90
N ASP OA 55 -44.35 -26.94 -82.06
CA ASP OA 55 -45.45 -26.07 -82.47
C ASP OA 55 -45.08 -24.60 -82.45
N ALA OA 56 -43.87 -24.25 -82.03
CA ALA OA 56 -43.47 -22.85 -81.98
C ALA OA 56 -43.20 -22.29 -83.37
N LYS OA 57 -43.56 -21.03 -83.57
CA LYS OA 57 -43.32 -20.33 -84.82
C LYS OA 57 -42.10 -19.43 -84.66
N ASN OA 58 -41.05 -19.71 -85.42
CA ASN OA 58 -39.82 -18.92 -85.33
C ASN OA 58 -40.07 -17.51 -85.84
N VAL OA 59 -39.45 -16.53 -85.17
CA VAL OA 59 -39.62 -15.12 -85.48
C VAL OA 59 -38.25 -14.53 -85.84
N GLU OA 60 -38.19 -13.84 -86.97
CA GLU OA 60 -36.97 -13.21 -87.44
C GLU OA 60 -37.11 -11.71 -87.63
N LYS OA 61 -38.27 -11.22 -88.05
CA LYS OA 61 -38.51 -9.81 -88.24
C LYS OA 61 -39.34 -9.28 -87.09
N ARG OA 62 -39.04 -8.04 -86.66
CA ARG OA 62 -39.61 -7.53 -85.42
C ARG OA 62 -41.10 -7.25 -85.53
N GLU OA 63 -41.61 -6.93 -86.72
CA GLU OA 63 -43.05 -6.76 -86.91
C GLU OA 63 -43.72 -8.04 -87.39
N ASP OA 64 -43.10 -9.20 -87.16
CA ASP OA 64 -43.74 -10.48 -87.38
C ASP OA 64 -44.72 -10.86 -86.28
N LEU OA 65 -44.61 -10.23 -85.12
CA LEU OA 65 -45.45 -10.45 -83.95
C LEU OA 65 -46.73 -9.64 -84.04
N PRO OA 66 -47.81 -10.10 -83.42
CA PRO OA 66 -49.06 -9.34 -83.44
C PRO OA 66 -48.90 -8.00 -82.72
N GLN OA 67 -49.75 -7.05 -83.09
CA GLN OA 67 -49.67 -5.71 -82.50
C GLN OA 67 -49.89 -5.77 -80.99
N ASP OA 68 -50.82 -6.61 -80.53
CA ASP OA 68 -51.07 -6.72 -79.11
C ASP OA 68 -49.85 -7.23 -78.36
N VAL OA 69 -49.20 -8.26 -78.90
CA VAL OA 69 -47.99 -8.78 -78.26
C VAL OA 69 -46.84 -7.79 -78.38
N ARG OA 70 -46.71 -7.15 -79.54
CA ARG OA 70 -45.59 -6.25 -79.77
C ARG OA 70 -45.67 -5.02 -78.88
N LYS OA 71 -46.87 -4.60 -78.49
CA LYS OA 71 -47.04 -3.43 -77.63
C LYS OA 71 -46.94 -3.75 -76.15
N ILE OA 72 -46.82 -5.03 -75.80
CA ILE OA 72 -46.65 -5.43 -74.41
C ILE OA 72 -45.23 -5.93 -74.13
N THR OA 73 -44.58 -6.54 -75.12
CA THR OA 73 -43.27 -7.16 -74.92
C THR OA 73 -42.20 -6.15 -74.56
N GLY OA 74 -42.43 -4.87 -74.81
CA GLY OA 74 -41.38 -3.87 -74.61
C GLY OA 74 -40.86 -3.80 -73.19
N LYS OA 75 -41.76 -3.91 -72.20
CA LYS OA 75 -41.33 -3.81 -70.81
C LYS OA 75 -40.55 -5.05 -70.38
N ILE OA 76 -41.02 -6.23 -70.75
CA ILE OA 76 -40.36 -7.47 -70.35
C ILE OA 76 -39.00 -7.61 -71.01
N LEU OA 77 -38.88 -7.18 -72.27
CA LEU OA 77 -37.66 -7.39 -73.03
C LEU OA 77 -36.45 -6.70 -72.41
N SER OA 78 -36.66 -5.62 -71.65
CA SER OA 78 -35.54 -4.98 -70.97
C SER OA 78 -34.92 -5.91 -69.93
N LEU OA 79 -35.75 -6.62 -69.19
CA LEU OA 79 -35.30 -7.48 -68.09
C LEU OA 79 -35.07 -8.93 -68.54
N ILE OA 80 -34.30 -9.10 -69.61
CA ILE OA 80 -34.01 -10.45 -70.12
C ILE OA 80 -32.61 -10.88 -69.68
#